data_5UQH
#
_entry.id   5UQH
#
_cell.length_a   98.441
_cell.length_b   141.281
_cell.length_c   121.061
_cell.angle_alpha   90.00
_cell.angle_beta   94.36
_cell.angle_gamma   90.00
#
_symmetry.space_group_name_H-M   'P 1 21 1'
#
loop_
_entity.id
_entity.type
_entity.pdbx_description
1 polymer "Inosine-5'-monophosphate dehydrogenase,Inosine-5'-monophosphate dehydrogenase"
2 non-polymer 'INOSINIC ACID'
3 non-polymer 'POTASSIUM ION'
4 non-polymer "N-{4-chloro-3-[4-(trifluoromethyl)-1,3-thiazol-2-yl]phenyl}-N'-(2-{3-[(1E)-N-hydroxyethanimidoyl]phenyl}propan-2-yl)urea"
5 non-polymer 1,2-ETHANEDIOL
6 non-polymer 'ISOPROPYL ALCOHOL'
7 water water
#
_entity_poly.entity_id   1
_entity_poly.type   'polypeptide(L)'
_entity_poly.pdbx_seq_one_letter_code
;MHHHHHHSSGVDLGTENLYFQSNAMKIVKRALTFEDVLLRPGYSEVLPKEVKIHTKLTKNITLNMPLISAAMDTVTEHRA
AIMMARLGGLGVIHKNMDIASQVREVKRVKKSESGGIKDLKKRKEYPDANKDNFGRLRVGAAIGVGQMDRVDALVEAGVD
VVVLDSAHGHSKGIIDTVKAIKAKYPNLDLIAGNIATAAAAKALCEAGVDAVKVGIGPGSICTTRIVSGVGVPQISAIDE
CVEEANKFGVPVIADGGIKYSGDIAKALAVGASSVMIGSLLAGTDESPGELFTYQGRQYKSYRGMGSLGAMQKGSSDRYF
QQGTAQDKLVPEGIEGRVPYVGSIRSVVHQLLGGLRSSMGYVGAKDIEDFQKRAEFVEITTAGLKESHVHDVTITHEAPN
YKVNHQ
;
_entity_poly.pdbx_strand_id   A,B,C,D,E,F,G,H
#
# COMPACT_ATOMS: atom_id res chain seq x y z
N ALA A 24 -22.72 28.81 28.03
CA ALA A 24 -22.93 30.21 27.72
C ALA A 24 -21.97 30.67 26.61
N MET A 25 -21.55 29.74 25.77
CA MET A 25 -20.69 30.10 24.64
C MET A 25 -21.49 30.90 23.61
N LYS A 26 -20.77 31.71 22.85
CA LYS A 26 -21.36 32.73 21.97
C LYS A 26 -21.27 32.27 20.52
N ILE A 27 -22.40 31.85 19.96
CA ILE A 27 -22.49 31.43 18.57
C ILE A 27 -23.21 32.54 17.80
N VAL A 28 -22.45 33.26 16.97
CA VAL A 28 -22.96 34.47 16.33
C VAL A 28 -24.01 34.12 15.27
N LYS A 29 -23.74 33.11 14.45
CA LYS A 29 -24.63 32.77 13.35
C LYS A 29 -24.28 31.39 12.84
N ARG A 30 -25.11 30.90 11.92
CA ARG A 30 -24.85 29.67 11.17
C ARG A 30 -24.35 30.07 9.79
N ALA A 31 -23.08 29.78 9.51
CA ALA A 31 -22.41 30.28 8.32
C ALA A 31 -22.35 29.21 7.24
N LEU A 32 -22.47 29.66 5.98
CA LEU A 32 -22.56 28.78 4.83
C LEU A 32 -21.39 29.02 3.88
N THR A 33 -21.09 28.01 3.06
CA THR A 33 -20.10 28.10 1.99
C THR A 33 -20.78 27.87 0.64
N PHE A 34 -19.95 27.82 -0.40
CA PHE A 34 -20.43 27.70 -1.77
C PHE A 34 -21.36 26.49 -1.93
N GLU A 35 -20.91 25.32 -1.49
CA GLU A 35 -21.69 24.10 -1.71
C GLU A 35 -23.03 24.09 -0.99
N ASP A 36 -23.28 25.06 -0.10
CA ASP A 36 -24.54 25.12 0.63
C ASP A 36 -25.65 25.85 -0.12
N VAL A 37 -25.34 26.55 -1.20
CA VAL A 37 -26.30 27.41 -1.88
C VAL A 37 -26.24 27.21 -3.37
N LEU A 38 -27.35 27.56 -4.03
CA LEU A 38 -27.44 27.62 -5.48
C LEU A 38 -28.22 28.85 -5.87
N LEU A 39 -27.86 29.44 -7.01
CA LEU A 39 -28.62 30.54 -7.58
C LEU A 39 -29.88 30.02 -8.23
N ARG A 40 -31.00 30.71 -7.97
CA ARG A 40 -32.24 30.41 -8.68
C ARG A 40 -32.21 31.05 -10.07
N PRO A 41 -32.72 30.36 -11.08
CA PRO A 41 -32.83 31.00 -12.40
C PRO A 41 -33.93 32.06 -12.41
N GLY A 42 -33.75 33.05 -13.28
CA GLY A 42 -34.71 34.11 -13.44
C GLY A 42 -35.03 34.34 -14.91
N TYR A 43 -36.07 35.14 -15.15
CA TYR A 43 -36.43 35.49 -16.51
C TYR A 43 -35.26 36.22 -17.19
N SER A 44 -34.95 35.80 -18.41
CA SER A 44 -33.73 36.24 -19.08
C SER A 44 -34.04 36.67 -20.50
N GLU A 45 -33.58 37.87 -20.86
CA GLU A 45 -33.57 38.34 -22.25
C GLU A 45 -32.16 38.49 -22.78
N VAL A 46 -31.17 37.96 -22.09
CA VAL A 46 -29.76 38.12 -22.43
C VAL A 46 -29.19 36.77 -22.82
N LEU A 47 -28.18 36.81 -23.68
CA LEU A 47 -27.47 35.59 -24.01
C LEU A 47 -26.12 35.56 -23.33
N PRO A 48 -25.65 34.40 -22.88
CA PRO A 48 -24.35 34.32 -22.19
C PRO A 48 -23.21 35.01 -22.94
N LYS A 49 -23.18 34.89 -24.27
CA LYS A 49 -22.12 35.51 -25.04
C LYS A 49 -22.21 37.03 -25.09
N GLU A 50 -23.34 37.61 -24.66
CA GLU A 50 -23.54 39.05 -24.73
C GLU A 50 -23.30 39.80 -23.43
N VAL A 51 -23.36 39.10 -22.29
CA VAL A 51 -23.24 39.81 -21.01
C VAL A 51 -21.85 40.44 -20.87
N LYS A 52 -21.78 41.49 -20.06
CA LYS A 52 -20.53 42.18 -19.78
C LYS A 52 -20.01 41.73 -18.43
N ILE A 53 -18.71 41.44 -18.37
CA ILE A 53 -18.10 40.93 -17.15
C ILE A 53 -16.94 41.81 -16.67
N HIS A 54 -16.93 43.08 -17.09
CA HIS A 54 -16.00 44.03 -16.50
C HIS A 54 -16.39 44.27 -15.04
N THR A 55 -15.42 44.70 -14.24
CA THR A 55 -15.64 44.88 -12.81
C THR A 55 -14.55 45.80 -12.27
N LYS A 56 -14.59 46.02 -10.96
CA LYS A 56 -13.63 46.87 -10.26
C LYS A 56 -12.69 46.00 -9.44
N LEU A 57 -11.39 46.24 -9.58
CA LEU A 57 -10.43 45.61 -8.66
C LEU A 57 -10.29 46.43 -7.40
N THR A 58 -10.07 47.74 -7.54
CA THR A 58 -10.04 48.70 -6.45
C THR A 58 -10.95 49.87 -6.83
N LYS A 59 -11.03 50.86 -5.94
CA LYS A 59 -11.84 52.04 -6.22
C LYS A 59 -11.39 52.75 -7.50
N ASN A 60 -10.13 52.58 -7.91
CA ASN A 60 -9.57 53.33 -9.02
C ASN A 60 -9.03 52.47 -10.17
N ILE A 61 -8.97 51.15 -10.02
CA ILE A 61 -8.52 50.26 -11.08
C ILE A 61 -9.65 49.33 -11.45
N THR A 62 -9.93 49.21 -12.75
CA THR A 62 -10.92 48.30 -13.28
C THR A 62 -10.27 47.04 -13.79
N LEU A 63 -11.06 45.98 -13.86
CA LEU A 63 -10.72 44.77 -14.60
C LEU A 63 -11.73 44.60 -15.72
N ASN A 64 -11.32 43.92 -16.79
CA ASN A 64 -12.24 43.60 -17.87
C ASN A 64 -12.84 42.20 -17.73
N MET A 65 -12.29 41.39 -16.83
CA MET A 65 -12.90 40.16 -16.36
C MET A 65 -12.47 39.95 -14.92
N PRO A 66 -13.24 39.20 -14.12
CA PRO A 66 -13.08 39.29 -12.66
C PRO A 66 -12.09 38.32 -12.02
N LEU A 67 -11.07 37.85 -12.73
CA LEU A 67 -10.18 36.82 -12.21
C LEU A 67 -8.81 37.39 -11.88
N ILE A 68 -8.29 37.01 -10.71
CA ILE A 68 -6.94 37.35 -10.26
C ILE A 68 -6.22 36.07 -9.87
N SER A 69 -4.99 35.91 -10.33
CA SER A 69 -4.19 34.76 -9.94
C SER A 69 -3.52 35.02 -8.60
N ALA A 70 -3.42 33.97 -7.79
CA ALA A 70 -3.01 34.11 -6.40
C ALA A 70 -1.53 34.46 -6.27
N ALA A 71 -1.20 35.18 -5.19
CA ALA A 71 0.17 35.59 -4.91
C ALA A 71 0.92 34.45 -4.21
N MET A 72 1.15 33.38 -4.98
CA MET A 72 1.81 32.18 -4.49
C MET A 72 2.94 31.79 -5.42
N ASP A 73 3.97 31.18 -4.85
CA ASP A 73 5.17 30.83 -5.63
C ASP A 73 5.00 29.58 -6.48
N THR A 74 3.83 28.96 -6.47
CA THR A 74 3.49 27.93 -7.44
C THR A 74 2.42 28.40 -8.41
N VAL A 75 2.04 29.68 -8.36
CA VAL A 75 0.95 30.19 -9.19
C VAL A 75 1.40 31.34 -10.09
N THR A 76 1.80 32.48 -9.49
CA THR A 76 1.97 33.71 -10.26
C THR A 76 3.41 34.21 -10.21
N GLU A 77 4.08 34.16 -11.35
CA GLU A 77 5.25 35.00 -11.61
C GLU A 77 4.91 35.77 -12.90
N HIS A 78 5.93 36.26 -13.60
CA HIS A 78 5.69 37.20 -14.69
C HIS A 78 4.93 36.55 -15.84
N ARG A 79 5.21 35.28 -16.13
CA ARG A 79 4.49 34.59 -17.21
C ARG A 79 3.00 34.54 -16.92
N ALA A 80 2.62 34.03 -15.75
CA ALA A 80 1.21 33.96 -15.38
C ALA A 80 0.58 35.35 -15.33
N ALA A 81 1.30 36.31 -14.76
CA ALA A 81 0.74 37.65 -14.62
C ALA A 81 0.51 38.31 -15.98
N ILE A 82 1.43 38.11 -16.93
CA ILE A 82 1.24 38.64 -18.27
C ILE A 82 -0.05 38.10 -18.88
N MET A 83 -0.23 36.78 -18.82
CA MET A 83 -1.40 36.16 -19.45
C MET A 83 -2.69 36.61 -18.78
N MET A 84 -2.69 36.73 -17.45
CA MET A 84 -3.90 37.15 -16.76
C MET A 84 -4.29 38.57 -17.16
N ALA A 85 -3.32 39.47 -17.29
CA ALA A 85 -3.63 40.83 -17.72
C ALA A 85 -4.06 40.86 -19.18
N ARG A 86 -3.39 40.08 -20.03
CA ARG A 86 -3.77 40.01 -21.44
C ARG A 86 -5.21 39.57 -21.63
N LEU A 87 -5.70 38.71 -20.73
CA LEU A 87 -7.07 38.23 -20.81
C LEU A 87 -8.05 39.13 -20.07
N GLY A 88 -7.57 40.22 -19.46
CA GLY A 88 -8.44 41.20 -18.83
C GLY A 88 -8.45 41.17 -17.32
N GLY A 89 -7.78 40.22 -16.70
CA GLY A 89 -7.70 40.11 -15.25
C GLY A 89 -6.43 40.72 -14.70
N LEU A 90 -5.86 40.05 -13.69
CA LEU A 90 -4.68 40.58 -13.04
C LEU A 90 -3.91 39.44 -12.37
N GLY A 91 -2.59 39.56 -12.35
CA GLY A 91 -1.73 38.64 -11.63
C GLY A 91 -1.00 39.38 -10.53
N VAL A 92 -0.81 38.72 -9.40
CA VAL A 92 -0.14 39.29 -8.24
C VAL A 92 1.16 38.51 -8.03
N ILE A 93 2.29 39.17 -8.30
CA ILE A 93 3.59 38.54 -8.06
C ILE A 93 3.72 38.24 -6.57
N HIS A 94 4.13 37.01 -6.26
CA HIS A 94 4.28 36.63 -4.87
C HIS A 94 5.52 37.30 -4.27
N LYS A 95 5.58 37.29 -2.94
CA LYS A 95 6.61 38.00 -2.19
C LYS A 95 7.70 37.08 -1.64
N ASN A 96 7.68 35.78 -2.00
CA ASN A 96 8.67 34.82 -1.53
C ASN A 96 9.94 34.88 -2.39
N MET A 97 10.53 36.08 -2.42
CA MET A 97 11.75 36.37 -3.16
C MET A 97 12.27 37.71 -2.65
N ASP A 98 13.53 38.00 -2.95
CA ASP A 98 14.07 39.27 -2.48
C ASP A 98 13.50 40.41 -3.33
N ILE A 99 13.69 41.63 -2.84
CA ILE A 99 13.06 42.80 -3.46
C ILE A 99 13.46 42.92 -4.92
N ALA A 100 14.75 42.76 -5.21
CA ALA A 100 15.24 42.93 -6.57
C ALA A 100 14.58 41.94 -7.53
N SER A 101 14.33 40.72 -7.06
CA SER A 101 13.69 39.73 -7.93
C SER A 101 12.23 40.09 -8.20
N GLN A 102 11.51 40.56 -7.17
CA GLN A 102 10.13 40.97 -7.38
C GLN A 102 10.04 42.19 -8.29
N VAL A 103 10.97 43.13 -8.14
CA VAL A 103 11.02 44.28 -9.04
C VAL A 103 11.22 43.81 -10.48
N ARG A 104 12.14 42.86 -10.68
CA ARG A 104 12.40 42.34 -12.02
C ARG A 104 11.15 41.69 -12.62
N GLU A 105 10.40 40.96 -11.80
CA GLU A 105 9.17 40.34 -12.29
C GLU A 105 8.13 41.37 -12.68
N VAL A 106 8.00 42.44 -11.89
CA VAL A 106 7.06 43.51 -12.21
C VAL A 106 7.43 44.16 -13.53
N LYS A 107 8.72 44.47 -13.72
CA LYS A 107 9.16 45.15 -14.93
C LYS A 107 8.99 44.27 -16.16
N ARG A 108 9.14 42.94 -16.01
CA ARG A 108 8.92 42.04 -17.13
C ARG A 108 7.48 42.13 -17.61
N VAL A 109 6.54 42.32 -16.68
CA VAL A 109 5.13 42.44 -17.07
C VAL A 109 4.86 43.81 -17.68
N LYS A 110 5.41 44.86 -17.08
CA LYS A 110 5.20 46.21 -17.60
C LYS A 110 5.83 46.39 -18.98
N LYS A 111 6.91 45.69 -19.21
CA LYS A 111 7.63 45.68 -20.48
C LYS A 111 6.89 44.99 -21.62
N SER A 112 6.10 44.00 -21.27
CA SER A 112 5.46 43.10 -22.25
C SER A 112 4.58 43.87 -23.22
N LYS A 124 -3.82 42.43 -31.81
CA LYS A 124 -5.18 42.32 -31.31
C LYS A 124 -5.59 40.87 -31.17
N GLU A 125 -4.65 40.03 -30.72
CA GLU A 125 -4.96 38.70 -30.23
C GLU A 125 -5.52 38.75 -28.81
N TYR A 126 -5.27 39.84 -28.09
CA TYR A 126 -5.76 40.04 -26.73
C TYR A 126 -6.54 41.35 -26.69
N PRO A 127 -7.76 41.36 -27.24
CA PRO A 127 -8.52 42.63 -27.33
C PRO A 127 -9.07 43.12 -26.01
N ASP A 128 -9.05 42.30 -24.95
CA ASP A 128 -9.56 42.69 -23.64
C ASP A 128 -8.44 42.93 -22.65
N ALA A 129 -7.20 43.09 -23.12
CA ALA A 129 -6.05 43.24 -22.23
C ALA A 129 -6.26 44.39 -21.25
N ASN A 130 -5.76 44.20 -20.03
CA ASN A 130 -5.95 45.16 -18.94
C ASN A 130 -4.70 46.02 -18.83
N LYS A 131 -4.78 47.26 -19.29
CA LYS A 131 -3.63 48.14 -19.40
C LYS A 131 -3.82 49.40 -18.55
N ASP A 132 -2.70 50.06 -18.27
CA ASP A 132 -2.70 51.33 -17.57
C ASP A 132 -2.78 52.49 -18.58
N ASN A 133 -2.66 53.71 -18.07
CA ASN A 133 -2.74 54.90 -18.91
C ASN A 133 -1.68 54.92 -20.00
N PHE A 134 -0.57 54.23 -19.80
CA PHE A 134 0.54 54.25 -20.74
C PHE A 134 0.55 53.04 -21.67
N GLY A 135 -0.52 52.25 -21.69
CA GLY A 135 -0.61 51.09 -22.55
C GLY A 135 0.15 49.87 -22.07
N ARG A 136 0.62 49.87 -20.83
CA ARG A 136 1.35 48.74 -20.26
C ARG A 136 0.40 47.84 -19.48
N LEU A 137 0.68 46.54 -19.53
CA LEU A 137 -0.12 45.57 -18.79
C LEU A 137 -0.09 45.87 -17.31
N ARG A 138 -1.27 45.80 -16.68
CA ARG A 138 -1.37 46.00 -15.25
C ARG A 138 -0.86 44.78 -14.49
N VAL A 139 -0.26 45.02 -13.32
CA VAL A 139 0.28 43.94 -12.51
C VAL A 139 0.20 44.34 -11.04
N GLY A 140 0.00 43.35 -10.17
CA GLY A 140 0.05 43.56 -8.74
C GLY A 140 1.26 42.88 -8.12
N ALA A 141 1.57 43.22 -6.88
CA ALA A 141 2.69 42.60 -6.18
C ALA A 141 2.39 42.56 -4.70
N ALA A 142 2.66 41.41 -4.08
CA ALA A 142 2.36 41.21 -2.68
C ALA A 142 3.44 41.82 -1.80
N ILE A 143 3.03 42.28 -0.62
CA ILE A 143 3.94 42.76 0.41
C ILE A 143 3.44 42.28 1.76
N GLY A 144 4.33 42.36 2.76
CA GLY A 144 4.03 41.98 4.11
C GLY A 144 4.01 43.18 5.06
N VAL A 145 3.70 42.87 6.32
CA VAL A 145 3.68 43.89 7.36
C VAL A 145 5.05 44.54 7.46
N GLY A 146 5.08 45.88 7.43
CA GLY A 146 6.30 46.62 7.67
C GLY A 146 7.33 46.60 6.56
N GLN A 147 6.92 46.22 5.34
CA GLN A 147 7.85 46.14 4.22
C GLN A 147 7.78 47.39 3.35
N MET A 148 8.11 48.53 3.98
CA MET A 148 8.10 49.79 3.25
C MET A 148 9.18 49.83 2.17
N ASP A 149 10.36 49.28 2.47
CA ASP A 149 11.43 49.24 1.49
C ASP A 149 11.02 48.47 0.24
N ARG A 150 10.29 47.37 0.43
CA ARG A 150 9.74 46.65 -0.72
C ARG A 150 8.76 47.52 -1.50
N VAL A 151 7.94 48.29 -0.79
CA VAL A 151 6.93 49.12 -1.48
C VAL A 151 7.59 50.20 -2.32
N ASP A 152 8.61 50.85 -1.77
CA ASP A 152 9.31 51.91 -2.50
C ASP A 152 9.88 51.40 -3.81
N ALA A 153 10.46 50.19 -3.79
CA ALA A 153 11.03 49.62 -4.99
C ALA A 153 9.95 49.20 -5.99
N LEU A 154 8.82 48.69 -5.50
CA LEU A 154 7.75 48.28 -6.39
C LEU A 154 7.10 49.47 -7.07
N VAL A 155 6.89 50.55 -6.32
CA VAL A 155 6.34 51.78 -6.90
C VAL A 155 7.25 52.29 -8.01
N GLU A 156 8.56 52.34 -7.72
CA GLU A 156 9.53 52.80 -8.71
C GLU A 156 9.48 51.97 -9.98
N ALA A 157 9.21 50.67 -9.85
CA ALA A 157 9.11 49.78 -10.99
C ALA A 157 7.81 49.92 -11.76
N GLY A 158 6.88 50.76 -11.27
CA GLY A 158 5.63 50.98 -11.95
C GLY A 158 4.52 50.02 -11.59
N VAL A 159 4.61 49.36 -10.43
CA VAL A 159 3.55 48.46 -10.02
C VAL A 159 2.23 49.20 -9.94
N ASP A 160 1.15 48.54 -10.38
CA ASP A 160 -0.16 49.18 -10.44
C ASP A 160 -0.91 49.08 -9.14
N VAL A 161 -0.69 48.02 -8.37
CA VAL A 161 -1.37 47.83 -7.10
C VAL A 161 -0.48 46.96 -6.21
N VAL A 162 -0.40 47.35 -4.95
CA VAL A 162 0.33 46.59 -3.94
C VAL A 162 -0.69 45.84 -3.09
N VAL A 163 -0.40 44.57 -2.81
CA VAL A 163 -1.34 43.68 -2.13
C VAL A 163 -0.73 43.32 -0.79
N LEU A 164 -1.23 43.94 0.28
CA LEU A 164 -0.69 43.74 1.62
C LEU A 164 -1.36 42.52 2.25
N ASP A 165 -0.59 41.45 2.41
CA ASP A 165 -1.13 40.16 2.82
C ASP A 165 -0.62 39.77 4.20
N SER A 166 -1.54 39.28 5.03
CA SER A 166 -1.19 38.69 6.32
C SER A 166 -2.19 37.56 6.59
N ALA A 167 -1.74 36.57 7.36
CA ALA A 167 -2.65 35.54 7.82
C ALA A 167 -3.86 36.17 8.51
N HIS A 168 -3.66 37.28 9.21
CA HIS A 168 -4.71 37.99 9.94
C HIS A 168 -4.69 39.46 9.56
N GLY A 169 -5.53 39.85 8.60
CA GLY A 169 -5.56 41.23 8.17
C GLY A 169 -6.12 42.17 9.22
N HIS A 170 -6.97 41.68 10.10
CA HIS A 170 -7.60 42.51 11.14
C HIS A 170 -6.68 42.66 12.35
N SER A 171 -5.53 43.30 12.11
CA SER A 171 -4.47 43.36 13.11
C SER A 171 -3.80 44.73 13.07
N LYS A 172 -3.21 45.09 14.21
CA LYS A 172 -2.54 46.39 14.33
C LYS A 172 -1.40 46.52 13.33
N GLY A 173 -0.63 45.44 13.14
CA GLY A 173 0.48 45.50 12.19
C GLY A 173 0.01 45.83 10.78
N ILE A 174 -1.08 45.20 10.35
CA ILE A 174 -1.62 45.47 9.02
C ILE A 174 -2.13 46.91 8.93
N ILE A 175 -2.93 47.31 9.92
CA ILE A 175 -3.55 48.64 9.90
C ILE A 175 -2.50 49.74 9.93
N ASP A 176 -1.45 49.55 10.74
CA ASP A 176 -0.37 50.53 10.78
C ASP A 176 0.37 50.59 9.44
N THR A 177 0.55 49.44 8.79
CA THR A 177 1.23 49.42 7.50
C THR A 177 0.38 50.11 6.43
N VAL A 178 -0.93 49.86 6.44
CA VAL A 178 -1.83 50.53 5.51
C VAL A 178 -1.74 52.05 5.67
N LYS A 179 -1.69 52.52 6.91
CA LYS A 179 -1.64 53.96 7.16
C LYS A 179 -0.32 54.57 6.72
N ALA A 180 0.78 53.84 6.90
CA ALA A 180 2.08 54.37 6.52
C ALA A 180 2.26 54.39 5.00
N ILE A 181 1.77 53.36 4.31
CA ILE A 181 1.83 53.35 2.86
C ILE A 181 0.97 54.46 2.28
N LYS A 182 -0.24 54.63 2.80
CA LYS A 182 -1.15 55.64 2.25
C LYS A 182 -0.62 57.04 2.49
N ALA A 183 0.05 57.27 3.62
CA ALA A 183 0.63 58.58 3.88
C ALA A 183 1.81 58.86 2.95
N LYS A 184 2.62 57.85 2.68
CA LYS A 184 3.80 58.04 1.83
C LYS A 184 3.43 58.06 0.36
N TYR A 185 2.53 57.18 -0.07
CA TYR A 185 2.14 57.04 -1.47
C TYR A 185 0.64 57.21 -1.60
N PRO A 186 0.15 58.45 -1.56
CA PRO A 186 -1.31 58.67 -1.61
C PRO A 186 -1.97 58.15 -2.88
N ASN A 187 -1.25 58.11 -4.00
CA ASN A 187 -1.84 57.70 -5.27
C ASN A 187 -1.71 56.20 -5.54
N LEU A 188 -1.05 55.46 -4.66
CA LEU A 188 -0.82 54.03 -4.88
C LEU A 188 -2.03 53.23 -4.40
N ASP A 189 -2.62 52.45 -5.30
CA ASP A 189 -3.74 51.60 -4.93
C ASP A 189 -3.28 50.46 -4.03
N LEU A 190 -3.99 50.24 -2.91
CA LEU A 190 -3.58 49.29 -1.88
C LEU A 190 -4.72 48.33 -1.57
N ILE A 191 -4.44 47.04 -1.69
CA ILE A 191 -5.32 45.96 -1.26
C ILE A 191 -4.76 45.38 0.03
N ALA A 192 -5.64 45.13 1.01
CA ALA A 192 -5.25 44.50 2.26
C ALA A 192 -6.15 43.32 2.57
N GLY A 193 -5.56 42.29 3.18
CA GLY A 193 -6.27 41.09 3.58
C GLY A 193 -5.34 40.22 4.39
N ASN A 194 -5.84 39.04 4.78
CA ASN A 194 -7.23 38.64 4.51
C ASN A 194 -8.09 38.78 5.76
N ILE A 195 -9.39 39.00 5.56
CA ILE A 195 -10.33 39.21 6.64
C ILE A 195 -11.54 38.30 6.44
N ALA A 196 -12.40 38.26 7.46
CA ALA A 196 -13.62 37.46 7.34
C ALA A 196 -14.80 38.03 8.12
N THR A 197 -14.73 39.23 8.68
CA THR A 197 -15.83 39.79 9.46
C THR A 197 -16.12 41.21 9.04
N ALA A 198 -17.34 41.67 9.38
CA ALA A 198 -17.73 43.05 9.11
C ALA A 198 -16.80 44.04 9.81
N ALA A 199 -16.56 43.83 11.10
CA ALA A 199 -15.70 44.73 11.86
C ALA A 199 -14.30 44.82 11.28
N ALA A 200 -13.81 43.72 10.72
CA ALA A 200 -12.51 43.75 10.04
C ALA A 200 -12.57 44.62 8.79
N ALA A 201 -13.66 44.51 8.03
CA ALA A 201 -13.82 45.34 6.83
C ALA A 201 -13.93 46.82 7.20
N LYS A 202 -14.62 47.11 8.30
CA LYS A 202 -14.76 48.50 8.73
C LYS A 202 -13.41 49.10 9.10
N ALA A 203 -12.57 48.33 9.80
CA ALA A 203 -11.28 48.85 10.24
C ALA A 203 -10.36 49.12 9.06
N LEU A 204 -10.30 48.20 8.09
CA LEU A 204 -9.41 48.39 6.94
C LEU A 204 -9.89 49.52 6.06
N CYS A 205 -11.21 49.65 5.87
CA CYS A 205 -11.74 50.74 5.05
C CYS A 205 -11.43 52.09 5.68
N GLU A 206 -11.68 52.23 6.98
CA GLU A 206 -11.34 53.47 7.67
C GLU A 206 -9.84 53.71 7.66
N ALA A 207 -9.03 52.64 7.63
CA ALA A 207 -7.59 52.80 7.49
C ALA A 207 -7.19 53.34 6.14
N GLY A 208 -8.04 53.18 5.12
CA GLY A 208 -7.82 53.78 3.83
C GLY A 208 -7.52 52.84 2.68
N VAL A 209 -7.79 51.54 2.82
CA VAL A 209 -7.50 50.62 1.73
C VAL A 209 -8.39 50.91 0.53
N ASP A 210 -7.94 50.46 -0.64
CA ASP A 210 -8.72 50.59 -1.86
C ASP A 210 -9.50 49.32 -2.21
N ALA A 211 -9.23 48.22 -1.52
CA ALA A 211 -10.03 47.00 -1.58
C ALA A 211 -9.61 46.09 -0.44
N VAL A 212 -10.56 45.28 0.03
CA VAL A 212 -10.29 44.27 1.04
C VAL A 212 -10.36 42.89 0.40
N LYS A 213 -9.51 41.99 0.87
CA LYS A 213 -9.47 40.63 0.38
C LYS A 213 -10.01 39.69 1.47
N VAL A 214 -11.00 38.89 1.11
CA VAL A 214 -11.78 38.12 2.08
C VAL A 214 -11.43 36.65 1.91
N GLY A 215 -11.18 35.97 3.03
CA GLY A 215 -10.84 34.57 3.01
C GLY A 215 -9.91 34.16 4.14
N ILE A 216 -10.47 33.61 5.20
CA ILE A 216 -9.70 33.04 6.31
C ILE A 216 -10.09 31.56 6.37
N GLY A 217 -9.26 30.70 5.78
CA GLY A 217 -9.48 29.28 5.86
C GLY A 217 -9.98 28.52 4.63
N PRO A 218 -10.54 29.16 3.60
CA PRO A 218 -11.18 28.38 2.54
C PRO A 218 -10.22 27.80 1.51
N GLY A 219 -8.97 28.23 1.50
CA GLY A 219 -8.06 27.82 0.43
C GLY A 219 -7.88 26.31 0.38
N SER A 220 -7.76 25.78 -0.83
CA SER A 220 -7.60 24.35 -1.04
C SER A 220 -6.45 23.78 -0.21
N ILE A 221 -5.37 24.53 -0.07
CA ILE A 221 -4.17 24.06 0.62
C ILE A 221 -4.07 24.61 2.03
N CYS A 222 -5.14 25.20 2.56
CA CYS A 222 -5.09 25.92 3.82
C CYS A 222 -5.50 24.99 4.96
N THR A 223 -4.76 25.05 6.07
CA THR A 223 -5.09 24.30 7.27
C THR A 223 -5.37 25.21 8.47
N THR A 224 -5.51 26.51 8.25
CA THR A 224 -5.67 27.45 9.36
C THR A 224 -6.83 27.05 10.26
N ARG A 225 -7.97 26.70 9.67
CA ARG A 225 -9.16 26.39 10.47
C ARG A 225 -8.97 25.12 11.29
N ILE A 226 -8.12 24.21 10.84
CA ILE A 226 -7.86 22.98 11.57
C ILE A 226 -6.76 23.16 12.60
N VAL A 227 -5.74 23.94 12.26
CA VAL A 227 -4.61 24.16 13.15
C VAL A 227 -4.97 25.10 14.28
N SER A 228 -5.82 26.09 14.00
CA SER A 228 -6.17 27.12 14.98
C SER A 228 -7.64 27.15 15.36
N GLY A 229 -8.52 26.46 14.61
CA GLY A 229 -9.94 26.53 14.88
C GLY A 229 -10.61 27.82 14.47
N VAL A 230 -9.94 28.67 13.71
CA VAL A 230 -10.41 30.00 13.38
C VAL A 230 -10.76 30.05 11.90
N GLY A 231 -11.91 30.64 11.58
CA GLY A 231 -12.30 30.85 10.20
C GLY A 231 -13.79 31.10 10.09
N VAL A 232 -14.18 31.60 8.93
CA VAL A 232 -15.58 31.80 8.59
C VAL A 232 -15.86 31.20 7.21
N PRO A 233 -16.82 30.27 7.10
CA PRO A 233 -17.27 29.79 5.78
C PRO A 233 -17.41 30.89 4.74
N GLN A 234 -16.91 30.61 3.53
CA GLN A 234 -16.52 31.70 2.61
C GLN A 234 -17.70 32.49 2.09
N ILE A 235 -18.84 31.84 1.83
CA ILE A 235 -20.00 32.57 1.33
C ILE A 235 -20.48 33.58 2.38
N SER A 236 -20.57 33.14 3.63
CA SER A 236 -20.99 34.04 4.70
C SER A 236 -19.96 35.14 4.93
N ALA A 237 -18.67 34.82 4.77
CA ALA A 237 -17.63 35.83 4.97
C ALA A 237 -17.73 36.92 3.91
N ILE A 238 -17.92 36.53 2.64
CA ILE A 238 -18.11 37.50 1.58
C ILE A 238 -19.30 38.39 1.88
N ASP A 239 -20.45 37.76 2.17
CA ASP A 239 -21.71 38.48 2.34
C ASP A 239 -21.62 39.50 3.47
N GLU A 240 -21.03 39.11 4.59
CA GLU A 240 -20.88 40.00 5.73
C GLU A 240 -19.91 41.14 5.41
N CYS A 241 -18.82 40.83 4.71
CA CYS A 241 -17.81 41.84 4.42
C CYS A 241 -18.27 42.80 3.33
N VAL A 242 -19.02 42.30 2.34
CA VAL A 242 -19.50 43.16 1.27
C VAL A 242 -20.49 44.19 1.81
N GLU A 243 -21.40 43.75 2.67
CA GLU A 243 -22.38 44.67 3.25
C GLU A 243 -21.71 45.83 3.96
N GLU A 244 -20.58 45.58 4.61
CA GLU A 244 -19.88 46.63 5.33
C GLU A 244 -18.99 47.45 4.41
N ALA A 245 -18.23 46.78 3.53
CA ALA A 245 -17.33 47.49 2.64
C ALA A 245 -18.09 48.38 1.67
N ASN A 246 -19.30 47.98 1.28
CA ASN A 246 -20.10 48.78 0.35
C ASN A 246 -20.38 50.16 0.91
N LYS A 247 -20.55 50.27 2.24
CA LYS A 247 -20.78 51.57 2.86
C LYS A 247 -19.64 52.55 2.60
N PHE A 248 -18.45 52.05 2.30
CA PHE A 248 -17.29 52.88 1.98
C PHE A 248 -17.00 52.92 0.48
N GLY A 249 -17.78 52.23 -0.33
CA GLY A 249 -17.50 52.13 -1.75
C GLY A 249 -16.23 51.37 -2.07
N VAL A 250 -15.88 50.39 -1.26
CA VAL A 250 -14.61 49.65 -1.35
C VAL A 250 -14.91 48.25 -1.87
N PRO A 251 -14.29 47.82 -2.97
CA PRO A 251 -14.58 46.48 -3.50
C PRO A 251 -14.05 45.38 -2.61
N VAL A 252 -14.67 44.20 -2.73
CA VAL A 252 -14.29 43.01 -1.97
C VAL A 252 -13.75 41.98 -2.95
N ILE A 253 -12.56 41.47 -2.66
CA ILE A 253 -11.96 40.37 -3.43
C ILE A 253 -12.21 39.09 -2.66
N ALA A 254 -12.91 38.15 -3.28
CA ALA A 254 -13.20 36.85 -2.70
C ALA A 254 -12.06 35.90 -3.05
N ASP A 255 -11.24 35.55 -2.06
CA ASP A 255 -9.98 34.84 -2.27
C ASP A 255 -10.01 33.50 -1.56
N GLY A 256 -9.91 32.43 -2.33
CA GLY A 256 -9.77 31.10 -1.77
C GLY A 256 -11.06 30.29 -1.84
N GLY A 257 -10.91 28.97 -2.00
CA GLY A 257 -12.04 28.07 -1.94
C GLY A 257 -12.77 27.86 -3.25
N ILE A 258 -12.36 28.52 -4.33
CA ILE A 258 -13.00 28.35 -5.63
C ILE A 258 -12.58 26.98 -6.19
N LYS A 259 -13.54 26.07 -6.33
CA LYS A 259 -13.29 24.76 -6.90
C LYS A 259 -13.78 24.62 -8.33
N TYR A 260 -14.87 25.30 -8.68
CA TYR A 260 -15.48 25.21 -9.99
C TYR A 260 -15.90 26.59 -10.45
N SER A 261 -16.19 26.71 -11.76
CA SER A 261 -16.61 27.99 -12.31
C SER A 261 -17.90 28.49 -11.65
N GLY A 262 -18.73 27.57 -11.14
CA GLY A 262 -19.95 27.96 -10.46
C GLY A 262 -19.73 28.69 -9.16
N ASP A 263 -18.58 28.46 -8.50
CA ASP A 263 -18.27 29.21 -7.27
C ASP A 263 -17.85 30.64 -7.57
N ILE A 264 -17.26 30.88 -8.74
CA ILE A 264 -17.01 32.25 -9.18
C ILE A 264 -18.32 33.00 -9.31
N ALA A 265 -19.30 32.38 -9.96
CA ALA A 265 -20.61 33.00 -10.11
C ALA A 265 -21.24 33.31 -8.76
N LYS A 266 -21.26 32.32 -7.86
CA LYS A 266 -21.86 32.52 -6.55
C LYS A 266 -21.19 33.68 -5.80
N ALA A 267 -19.85 33.69 -5.80
CA ALA A 267 -19.12 34.72 -5.06
C ALA A 267 -19.46 36.12 -5.58
N LEU A 268 -19.49 36.28 -6.91
CA LEU A 268 -19.85 37.58 -7.46
C LEU A 268 -21.31 37.92 -7.19
N ALA A 269 -22.20 36.92 -7.29
CA ALA A 269 -23.62 37.17 -7.05
C ALA A 269 -23.86 37.66 -5.63
N VAL A 270 -23.14 37.09 -4.66
CA VAL A 270 -23.29 37.52 -3.27
C VAL A 270 -22.80 38.95 -3.05
N GLY A 271 -21.90 39.45 -3.91
CA GLY A 271 -21.53 40.84 -3.81
C GLY A 271 -20.06 41.14 -3.97
N ALA A 272 -19.24 40.10 -4.14
CA ALA A 272 -17.82 40.33 -4.39
C ALA A 272 -17.63 40.96 -5.76
N SER A 273 -16.55 41.74 -5.89
CA SER A 273 -16.23 42.39 -7.16
C SER A 273 -15.23 41.61 -8.00
N SER A 274 -14.39 40.80 -7.37
CA SER A 274 -13.44 39.97 -8.09
C SER A 274 -13.17 38.71 -7.28
N VAL A 275 -12.49 37.76 -7.91
CA VAL A 275 -12.20 36.47 -7.31
C VAL A 275 -10.72 36.18 -7.51
N MET A 276 -10.05 35.71 -6.45
CA MET A 276 -8.65 35.34 -6.51
C MET A 276 -8.55 33.82 -6.42
N ILE A 277 -7.74 33.23 -7.29
CA ILE A 277 -7.78 31.79 -7.54
C ILE A 277 -6.37 31.23 -7.49
N GLY A 278 -6.17 30.19 -6.69
CA GLY A 278 -4.89 29.53 -6.62
C GLY A 278 -4.84 28.21 -7.37
N SER A 279 -5.52 27.18 -6.84
CA SER A 279 -5.31 25.82 -7.31
C SER A 279 -5.73 25.61 -8.76
N LEU A 280 -6.79 26.28 -9.21
CA LEU A 280 -7.26 26.08 -10.58
C LEU A 280 -6.24 26.58 -11.60
N LEU A 281 -5.27 27.40 -11.19
CA LEU A 281 -4.28 27.95 -12.10
C LEU A 281 -2.88 27.39 -11.87
N ALA A 282 -2.66 26.62 -10.80
CA ALA A 282 -1.33 26.11 -10.51
C ALA A 282 -0.86 25.07 -11.51
N GLY A 283 -1.77 24.35 -12.16
CA GLY A 283 -1.37 23.29 -13.06
C GLY A 283 -1.21 23.72 -14.50
N THR A 284 -0.97 25.00 -14.73
CA THR A 284 -0.91 25.55 -16.08
C THR A 284 0.53 25.69 -16.56
N ASP A 285 0.67 25.83 -17.89
CA ASP A 285 1.98 26.07 -18.48
C ASP A 285 2.65 27.28 -17.86
N GLU A 286 1.89 28.35 -17.64
CA GLU A 286 2.46 29.65 -17.31
C GLU A 286 2.88 29.77 -15.84
N SER A 287 2.37 28.91 -14.97
CA SER A 287 2.72 29.00 -13.57
C SER A 287 4.17 28.56 -13.36
N PRO A 288 4.84 29.07 -12.33
CA PRO A 288 6.23 28.67 -12.09
C PRO A 288 6.30 27.21 -11.68
N GLY A 289 7.43 26.60 -11.94
CA GLY A 289 7.57 25.20 -11.61
C GLY A 289 7.49 24.33 -12.85
N GLU A 290 8.16 23.19 -12.80
CA GLU A 290 8.24 22.28 -13.93
C GLU A 290 7.16 21.20 -13.83
N LEU A 291 6.79 20.67 -14.99
CA LEU A 291 5.95 19.49 -15.03
C LEU A 291 6.73 18.28 -14.51
N PHE A 292 6.02 17.39 -13.82
CA PHE A 292 6.60 16.10 -13.47
C PHE A 292 5.53 15.03 -13.62
N THR A 293 6.00 13.79 -13.78
CA THR A 293 5.15 12.64 -14.04
C THR A 293 5.05 11.77 -12.80
N TYR A 294 3.83 11.34 -12.48
CA TYR A 294 3.58 10.43 -11.38
C TYR A 294 2.53 9.42 -11.83
N GLN A 295 2.95 8.17 -11.99
CA GLN A 295 2.06 7.07 -12.40
C GLN A 295 1.35 7.40 -13.71
N GLY A 296 2.13 7.81 -14.70
CA GLY A 296 1.66 7.94 -16.06
C GLY A 296 1.00 9.25 -16.41
N ARG A 297 0.80 10.16 -15.45
CA ARG A 297 0.16 11.45 -15.71
C ARG A 297 0.99 12.58 -15.13
N GLN A 298 0.75 13.78 -15.66
CA GLN A 298 1.59 14.94 -15.38
C GLN A 298 0.95 15.84 -14.32
N TYR A 299 1.79 16.42 -13.48
CA TYR A 299 1.35 17.30 -12.41
C TYR A 299 2.32 18.46 -12.26
N LYS A 300 1.88 19.47 -11.51
CA LYS A 300 2.75 20.55 -11.04
C LYS A 300 2.59 20.66 -9.53
N SER A 301 3.65 21.13 -8.89
CA SER A 301 3.60 21.36 -7.45
C SER A 301 2.64 22.48 -7.12
N TYR A 302 1.96 22.35 -5.98
CA TYR A 302 1.11 23.41 -5.47
C TYR A 302 1.13 23.33 -3.95
N ARG A 303 1.47 24.45 -3.30
CA ARG A 303 1.67 24.45 -1.86
C ARG A 303 1.19 25.76 -1.28
N GLY A 304 0.82 25.72 0.00
CA GLY A 304 0.47 26.94 0.70
C GLY A 304 1.71 27.77 1.00
N MET A 305 1.53 29.10 0.95
CA MET A 305 2.63 29.99 1.32
C MET A 305 2.96 29.87 2.79
N GLY A 306 2.07 29.29 3.60
CA GLY A 306 2.35 29.04 5.00
C GLY A 306 2.74 27.61 5.27
N SER A 307 3.13 26.88 4.24
CA SER A 307 3.61 25.51 4.42
C SER A 307 5.10 25.50 4.72
N LEU A 308 5.57 24.36 5.23
CA LEU A 308 7.00 24.22 5.53
C LEU A 308 7.85 24.52 4.31
N GLY A 309 7.46 23.99 3.15
CA GLY A 309 8.27 24.18 1.95
C GLY A 309 8.40 25.63 1.56
N ALA A 310 7.29 26.38 1.58
CA ALA A 310 7.33 27.77 1.18
C ALA A 310 8.12 28.62 2.17
N MET A 311 8.09 28.28 3.46
CA MET A 311 8.80 29.05 4.47
C MET A 311 10.27 28.65 4.62
N GLN A 312 10.65 27.50 4.08
CA GLN A 312 12.02 26.99 4.23
C GLN A 312 13.05 28.03 3.81
N LYS A 313 12.79 28.73 2.70
CA LYS A 313 13.80 29.63 2.16
C LYS A 313 14.06 30.81 3.09
N GLY A 314 13.02 31.30 3.77
CA GLY A 314 13.21 32.40 4.70
C GLY A 314 13.94 31.97 5.96
N SER A 315 13.66 30.76 6.44
CA SER A 315 14.40 30.23 7.59
C SER A 315 15.86 29.98 7.23
N SER A 316 16.15 29.69 5.96
CA SER A 316 17.53 29.50 5.53
C SER A 316 18.29 30.83 5.54
N ASP A 317 17.64 31.90 5.08
CA ASP A 317 18.27 33.22 5.16
C ASP A 317 18.41 33.67 6.60
N ARG A 318 17.41 33.40 7.43
CA ARG A 318 17.47 33.83 8.82
C ARG A 318 18.55 33.08 9.59
N TYR A 319 18.77 31.81 9.26
CA TYR A 319 19.79 31.05 9.99
C TYR A 319 21.19 31.54 9.64
N PHE A 320 21.52 31.64 8.35
CA PHE A 320 22.86 32.05 7.98
C PHE A 320 23.18 33.47 8.46
N GLN A 321 22.18 34.35 8.47
CA GLN A 321 22.41 35.70 8.96
C GLN A 321 22.92 35.67 10.40
N GLN A 322 22.14 35.09 11.32
CA GLN A 322 22.51 35.14 12.73
C GLN A 322 23.26 33.89 13.19
N GLY A 323 22.97 32.73 12.60
CA GLY A 323 23.63 31.50 12.98
C GLY A 323 23.12 30.93 14.28
N THR A 324 21.82 30.99 14.51
CA THR A 324 21.20 30.61 15.77
C THR A 324 20.19 29.49 15.54
N ALA A 325 20.09 28.58 16.50
CA ALA A 325 19.07 27.53 16.44
C ALA A 325 17.69 28.14 16.48
N GLN A 326 16.92 27.95 15.41
CA GLN A 326 15.65 28.62 15.24
C GLN A 326 14.49 27.74 15.68
N ASP A 327 13.43 28.38 16.17
CA ASP A 327 12.21 27.70 16.56
C ASP A 327 11.58 26.98 15.37
N LYS A 328 11.13 25.75 15.60
CA LYS A 328 10.52 24.97 14.52
C LYS A 328 9.21 25.60 14.08
N LEU A 329 9.01 25.69 12.78
CA LEU A 329 7.82 26.32 12.23
C LEU A 329 6.57 25.51 12.55
N VAL A 330 5.47 26.22 12.74
CA VAL A 330 4.15 25.63 12.88
C VAL A 330 3.31 26.09 11.68
N PRO A 331 3.19 25.26 10.65
CA PRO A 331 2.61 25.73 9.38
C PRO A 331 1.09 25.82 9.42
N GLU A 332 0.55 26.58 8.46
CA GLU A 332 -0.89 26.71 8.29
C GLU A 332 -1.29 26.36 6.86
N GLY A 333 -0.50 25.49 6.22
CA GLY A 333 -0.74 25.03 4.87
C GLY A 333 0.08 23.79 4.58
N ILE A 334 -0.24 23.14 3.47
CA ILE A 334 0.41 21.92 3.06
C ILE A 334 1.03 22.04 1.68
N GLU A 335 1.89 21.09 1.36
CA GLU A 335 2.53 21.04 0.06
C GLU A 335 1.96 19.86 -0.71
N GLY A 336 1.45 20.13 -1.91
CA GLY A 336 0.88 19.07 -2.71
C GLY A 336 1.13 19.18 -4.21
N ARG A 337 0.24 18.60 -5.00
CA ARG A 337 0.35 18.68 -6.45
C ARG A 337 -1.05 18.75 -7.04
N VAL A 338 -1.13 19.32 -8.24
CA VAL A 338 -2.38 19.39 -8.99
C VAL A 338 -2.13 18.86 -10.40
N PRO A 339 -3.13 18.32 -11.09
CA PRO A 339 -2.91 17.82 -12.45
C PRO A 339 -2.54 18.95 -13.41
N TYR A 340 -1.79 18.58 -14.45
CA TYR A 340 -1.47 19.52 -15.52
C TYR A 340 -2.71 19.76 -16.37
N VAL A 341 -3.00 21.03 -16.66
CA VAL A 341 -4.26 21.38 -17.31
C VAL A 341 -4.05 22.22 -18.56
N GLY A 342 -2.80 22.41 -18.97
CA GLY A 342 -2.54 23.17 -20.19
C GLY A 342 -2.41 24.66 -19.94
N SER A 343 -2.83 25.44 -20.92
CA SER A 343 -2.62 26.89 -20.88
C SER A 343 -3.58 27.56 -19.91
N ILE A 344 -3.14 28.70 -19.37
CA ILE A 344 -4.03 29.54 -18.57
C ILE A 344 -5.18 30.04 -19.43
N ARG A 345 -4.94 30.21 -20.73
CA ARG A 345 -5.97 30.69 -21.64
C ARG A 345 -7.18 29.76 -21.65
N SER A 346 -6.94 28.44 -21.75
CA SER A 346 -8.05 27.50 -21.83
C SER A 346 -8.78 27.37 -20.50
N VAL A 347 -8.05 27.47 -19.39
CA VAL A 347 -8.69 27.41 -18.07
C VAL A 347 -9.58 28.63 -17.86
N VAL A 348 -9.06 29.82 -18.16
CA VAL A 348 -9.83 31.05 -17.97
C VAL A 348 -11.04 31.07 -18.88
N HIS A 349 -10.90 30.55 -20.10
CA HIS A 349 -12.02 30.49 -21.03
C HIS A 349 -13.17 29.65 -20.45
N GLN A 350 -12.84 28.49 -19.89
CA GLN A 350 -13.87 27.65 -19.29
C GLN A 350 -14.46 28.32 -18.04
N LEU A 351 -13.62 28.91 -17.20
CA LEU A 351 -14.13 29.58 -16.00
C LEU A 351 -15.06 30.73 -16.36
N LEU A 352 -14.65 31.57 -17.32
CA LEU A 352 -15.49 32.67 -17.73
C LEU A 352 -16.75 32.19 -18.45
N GLY A 353 -16.66 31.05 -19.14
CA GLY A 353 -17.85 30.49 -19.77
C GLY A 353 -18.91 30.10 -18.76
N GLY A 354 -18.49 29.51 -17.64
CA GLY A 354 -19.45 29.20 -16.59
C GLY A 354 -20.11 30.43 -16.02
N LEU A 355 -19.34 31.50 -15.82
CA LEU A 355 -19.90 32.75 -15.30
C LEU A 355 -20.89 33.37 -16.28
N ARG A 356 -20.55 33.38 -17.57
CA ARG A 356 -21.48 33.89 -18.57
C ARG A 356 -22.75 33.05 -18.62
N SER A 357 -22.61 31.72 -18.48
CA SER A 357 -23.78 30.85 -18.42
C SER A 357 -24.66 31.19 -17.22
N SER A 358 -24.03 31.44 -16.08
CA SER A 358 -24.78 31.77 -14.87
C SER A 358 -25.53 33.09 -15.02
N MET A 359 -24.88 34.11 -15.57
CA MET A 359 -25.55 35.39 -15.76
C MET A 359 -26.67 35.29 -16.79
N GLY A 360 -26.55 34.36 -17.75
CA GLY A 360 -27.66 34.10 -18.63
C GLY A 360 -28.84 33.49 -17.90
N TYR A 361 -28.57 32.54 -16.99
CA TYR A 361 -29.65 31.92 -16.21
C TYR A 361 -30.37 32.95 -15.36
N VAL A 362 -29.62 33.90 -14.79
CA VAL A 362 -30.20 34.90 -13.90
C VAL A 362 -30.80 36.08 -14.67
N GLY A 363 -30.44 36.25 -15.94
CA GLY A 363 -30.99 37.33 -16.73
C GLY A 363 -30.26 38.64 -16.57
N ALA A 364 -28.96 38.59 -16.27
CA ALA A 364 -28.20 39.77 -15.89
C ALA A 364 -27.33 40.25 -17.05
N LYS A 365 -27.40 41.54 -17.33
CA LYS A 365 -26.60 42.12 -18.40
C LYS A 365 -25.15 42.37 -17.99
N ASP A 366 -24.89 42.54 -16.70
CA ASP A 366 -23.54 42.84 -16.22
C ASP A 366 -23.45 42.40 -14.76
N ILE A 367 -22.26 42.57 -14.18
CA ILE A 367 -22.02 42.09 -12.82
C ILE A 367 -22.91 42.83 -11.82
N GLU A 368 -23.03 44.15 -11.98
CA GLU A 368 -23.89 44.93 -11.09
C GLU A 368 -25.33 44.44 -11.15
N ASP A 369 -25.85 44.27 -12.38
CA ASP A 369 -27.19 43.71 -12.56
C ASP A 369 -27.30 42.30 -12.01
N PHE A 370 -26.20 41.53 -12.09
CA PHE A 370 -26.17 40.18 -11.53
C PHE A 370 -26.43 40.20 -10.03
N GLN A 371 -25.72 41.07 -9.31
CA GLN A 371 -25.88 41.14 -7.86
C GLN A 371 -27.24 41.68 -7.47
N LYS A 372 -27.84 42.54 -8.29
CA LYS A 372 -29.16 43.07 -7.99
C LYS A 372 -30.23 41.98 -8.09
N ARG A 373 -30.12 41.11 -9.09
CA ARG A 373 -31.15 40.12 -9.36
C ARG A 373 -30.97 38.81 -8.60
N ALA A 374 -29.77 38.54 -8.09
CA ALA A 374 -29.45 37.20 -7.59
C ALA A 374 -30.33 36.81 -6.40
N GLU A 375 -30.92 35.62 -6.49
CA GLU A 375 -31.65 35.01 -5.38
C GLU A 375 -31.17 33.57 -5.22
N PHE A 376 -31.00 33.16 -3.96
CA PHE A 376 -30.41 31.86 -3.64
C PHE A 376 -31.43 30.94 -2.99
N VAL A 377 -31.16 29.64 -3.11
CA VAL A 377 -31.74 28.63 -2.23
C VAL A 377 -30.61 28.01 -1.43
N GLU A 378 -30.89 27.66 -0.18
CA GLU A 378 -30.00 26.82 0.59
C GLU A 378 -30.36 25.37 0.32
N ILE A 379 -29.35 24.52 0.16
CA ILE A 379 -29.58 23.13 -0.22
C ILE A 379 -29.04 22.20 0.86
N THR A 380 -29.35 20.93 0.70
CA THR A 380 -28.98 19.86 1.62
C THR A 380 -27.74 19.16 1.08
N THR A 381 -27.24 18.19 1.86
CA THR A 381 -26.15 17.36 1.37
C THR A 381 -26.64 16.47 0.23
N ALA A 382 -27.88 16.00 0.30
CA ALA A 382 -28.46 15.22 -0.80
C ALA A 382 -28.67 16.09 -2.04
N GLY A 383 -29.01 17.37 -1.86
CA GLY A 383 -29.10 18.26 -3.00
C GLY A 383 -27.75 18.52 -3.65
N LEU A 384 -26.67 18.49 -2.86
CA LEU A 384 -25.33 18.62 -3.41
C LEU A 384 -24.97 17.40 -4.27
N LYS A 385 -25.31 16.20 -3.80
CA LYS A 385 -25.04 15.00 -4.58
C LYS A 385 -25.84 15.00 -5.88
N GLU A 386 -27.10 15.46 -5.81
CA GLU A 386 -27.92 15.55 -7.01
C GLU A 386 -27.35 16.57 -8.00
N SER A 387 -26.71 17.62 -7.49
CA SER A 387 -26.17 18.66 -8.36
C SER A 387 -24.93 18.17 -9.12
N HIS A 388 -24.09 17.39 -8.46
CA HIS A 388 -22.96 16.78 -9.12
C HIS A 388 -23.42 15.65 -10.03
N VAL A 389 -22.50 15.13 -10.83
CA VAL A 389 -22.75 13.91 -11.57
C VAL A 389 -22.98 12.78 -10.58
N HIS A 390 -24.03 11.99 -10.80
CA HIS A 390 -24.32 10.88 -9.91
C HIS A 390 -24.79 9.67 -10.71
N ASP A 391 -24.46 8.48 -10.19
CA ASP A 391 -24.94 7.20 -10.69
C ASP A 391 -24.49 6.89 -12.12
N VAL A 392 -23.50 7.62 -12.63
CA VAL A 392 -22.99 7.40 -13.99
C VAL A 392 -21.47 7.52 -13.95
N THR A 393 -20.77 6.51 -14.46
CA THR A 393 -19.31 6.55 -14.52
C THR A 393 -18.87 7.46 -15.65
N ILE A 394 -18.02 8.44 -15.33
CA ILE A 394 -17.51 9.36 -16.34
C ILE A 394 -16.45 8.65 -17.17
N THR A 395 -16.62 8.68 -18.50
CA THR A 395 -15.68 8.05 -19.42
C THR A 395 -14.75 9.03 -20.10
N HIS A 396 -15.23 10.22 -20.44
CA HIS A 396 -14.42 11.30 -20.98
C HIS A 396 -14.48 12.48 -20.03
N GLU A 397 -13.32 13.01 -19.66
CA GLU A 397 -13.30 14.10 -18.69
C GLU A 397 -13.65 15.42 -19.38
N ALA A 398 -14.57 16.16 -18.79
CA ALA A 398 -15.00 17.45 -19.30
C ALA A 398 -13.94 18.51 -18.99
N PRO A 399 -13.79 19.51 -19.87
CA PRO A 399 -12.78 20.56 -19.62
C PRO A 399 -13.10 21.45 -18.43
N ASN A 400 -14.32 21.39 -17.89
CA ASN A 400 -14.71 22.25 -16.78
C ASN A 400 -15.30 21.46 -15.61
N TYR A 401 -15.04 20.15 -15.53
CA TYR A 401 -15.61 19.36 -14.46
C TYR A 401 -14.73 18.16 -14.14
N LYS A 402 -14.34 18.05 -12.87
CA LYS A 402 -13.75 16.83 -12.33
C LYS A 402 -14.34 16.53 -10.96
N ALA B 24 -27.62 42.16 2.76
CA ALA B 24 -27.37 40.72 2.86
C ALA B 24 -27.89 40.00 1.62
N MET B 25 -27.33 38.81 1.37
CA MET B 25 -27.78 38.01 0.24
C MET B 25 -29.19 37.50 0.47
N LYS B 26 -29.93 37.33 -0.62
CA LYS B 26 -31.33 36.93 -0.56
C LYS B 26 -31.43 35.42 -0.69
N ILE B 27 -31.79 34.75 0.40
CA ILE B 27 -31.95 33.30 0.44
C ILE B 27 -33.45 33.03 0.58
N VAL B 28 -34.07 32.59 -0.52
CA VAL B 28 -35.52 32.51 -0.58
C VAL B 28 -36.04 31.39 0.31
N LYS B 29 -35.40 30.22 0.26
CA LYS B 29 -35.91 29.04 0.97
C LYS B 29 -34.78 28.05 1.13
N ARG B 30 -35.06 27.00 1.91
CA ARG B 30 -34.18 25.85 2.03
C ARG B 30 -34.84 24.72 1.25
N ALA B 31 -34.21 24.33 0.14
CA ALA B 31 -34.83 23.44 -0.84
C ALA B 31 -34.39 22.00 -0.62
N LEU B 32 -35.33 21.08 -0.83
CA LEU B 32 -35.12 19.66 -0.62
C LEU B 32 -35.16 18.91 -1.95
N THR B 33 -34.55 17.74 -1.98
CA THR B 33 -34.63 16.84 -3.12
C THR B 33 -35.19 15.50 -2.64
N PHE B 34 -35.16 14.50 -3.54
CA PHE B 34 -35.81 13.22 -3.28
C PHE B 34 -35.30 12.58 -1.99
N GLU B 35 -33.98 12.55 -1.80
CA GLU B 35 -33.42 11.85 -0.66
C GLU B 35 -33.71 12.52 0.67
N ASP B 36 -34.24 13.75 0.67
CA ASP B 36 -34.54 14.45 1.91
C ASP B 36 -35.87 14.07 2.53
N VAL B 37 -36.75 13.38 1.80
CA VAL B 37 -38.11 13.13 2.28
C VAL B 37 -38.49 11.67 2.09
N LEU B 38 -39.55 11.27 2.80
CA LEU B 38 -40.14 9.96 2.68
C LEU B 38 -41.65 10.08 2.81
N LEU B 39 -42.38 9.26 2.06
CA LEU B 39 -43.84 9.22 2.20
C LEU B 39 -44.23 8.47 3.46
N ARG B 40 -45.23 8.99 4.16
CA ARG B 40 -45.77 8.32 5.34
C ARG B 40 -46.81 7.31 4.93
N PRO B 41 -46.80 6.10 5.50
CA PRO B 41 -47.88 5.15 5.20
C PRO B 41 -49.20 5.66 5.73
N GLY B 42 -50.28 5.31 5.03
CA GLY B 42 -51.62 5.66 5.45
C GLY B 42 -52.52 4.44 5.40
N TYR B 43 -53.67 4.55 6.07
CA TYR B 43 -54.66 3.48 6.02
C TYR B 43 -55.04 3.18 4.57
N SER B 44 -54.97 1.90 4.19
CA SER B 44 -55.13 1.49 2.80
C SER B 44 -56.19 0.41 2.68
N GLU B 45 -57.10 0.59 1.74
CA GLU B 45 -58.03 -0.46 1.31
C GLU B 45 -57.73 -0.94 -0.09
N VAL B 46 -56.60 -0.54 -0.67
CA VAL B 46 -56.25 -0.87 -2.04
C VAL B 46 -55.05 -1.81 -2.03
N LEU B 47 -55.07 -2.76 -2.95
CA LEU B 47 -53.90 -3.60 -3.22
C LEU B 47 -53.09 -2.98 -4.35
N PRO B 48 -51.75 -3.09 -4.29
CA PRO B 48 -50.92 -2.51 -5.36
C PRO B 48 -51.34 -2.97 -6.75
N LYS B 49 -51.87 -4.19 -6.87
CA LYS B 49 -52.29 -4.69 -8.16
C LYS B 49 -53.48 -3.91 -8.72
N GLU B 50 -54.30 -3.31 -7.84
CA GLU B 50 -55.58 -2.74 -8.23
C GLU B 50 -55.54 -1.23 -8.48
N VAL B 51 -54.48 -0.52 -8.08
CA VAL B 51 -54.44 0.90 -8.31
C VAL B 51 -54.34 1.19 -9.80
N LYS B 52 -54.74 2.40 -10.18
CA LYS B 52 -54.71 2.84 -11.57
C LYS B 52 -53.68 3.95 -11.72
N ILE B 53 -52.84 3.84 -12.74
CA ILE B 53 -51.67 4.70 -12.89
C ILE B 53 -51.73 5.51 -14.18
N HIS B 54 -52.91 5.66 -14.77
CA HIS B 54 -53.08 6.60 -15.86
C HIS B 54 -52.90 8.03 -15.35
N THR B 55 -52.52 8.92 -16.26
CA THR B 55 -52.27 10.32 -15.91
C THR B 55 -52.37 11.15 -17.19
N LYS B 56 -52.10 12.44 -17.06
CA LYS B 56 -52.09 13.35 -18.19
C LYS B 56 -50.67 13.72 -18.53
N LEU B 57 -50.33 13.63 -19.82
CA LEU B 57 -49.07 14.17 -20.32
C LEU B 57 -49.19 15.68 -20.53
N THR B 58 -50.20 16.09 -21.31
CA THR B 58 -50.53 17.49 -21.49
C THR B 58 -52.00 17.71 -21.15
N LYS B 59 -52.52 18.90 -21.44
CA LYS B 59 -53.94 19.16 -21.21
C LYS B 59 -54.82 18.24 -22.03
N ASN B 60 -54.35 17.79 -23.19
CA ASN B 60 -55.18 17.03 -24.12
C ASN B 60 -54.69 15.62 -24.43
N ILE B 61 -53.48 15.24 -24.02
CA ILE B 61 -52.97 13.89 -24.26
C ILE B 61 -52.86 13.15 -22.93
N THR B 62 -53.42 11.96 -22.89
CA THR B 62 -53.37 11.08 -21.73
C THR B 62 -52.24 10.08 -21.88
N LEU B 63 -51.70 9.63 -20.74
CA LEU B 63 -50.86 8.46 -20.68
C LEU B 63 -51.54 7.40 -19.83
N ASN B 64 -51.27 6.14 -20.13
CA ASN B 64 -51.80 5.05 -19.30
C ASN B 64 -50.82 4.60 -18.23
N MET B 65 -49.58 5.07 -18.28
CA MET B 65 -48.61 4.97 -17.20
C MET B 65 -47.72 6.21 -17.29
N PRO B 66 -47.16 6.68 -16.18
CA PRO B 66 -46.65 8.07 -16.14
C PRO B 66 -45.17 8.27 -16.46
N LEU B 67 -44.56 7.45 -17.31
CA LEU B 67 -43.14 7.56 -17.58
C LEU B 67 -42.86 7.98 -19.02
N ILE B 68 -41.92 8.89 -19.19
CA ILE B 68 -41.46 9.38 -20.49
C ILE B 68 -39.96 9.13 -20.59
N SER B 69 -39.49 8.67 -21.75
CA SER B 69 -38.06 8.49 -21.96
C SER B 69 -37.43 9.78 -22.46
N ALA B 70 -36.22 10.06 -21.99
CA ALA B 70 -35.61 11.37 -22.20
C ALA B 70 -35.27 11.61 -23.66
N ALA B 71 -35.26 12.89 -24.04
CA ALA B 71 -34.96 13.31 -25.41
C ALA B 71 -33.44 13.41 -25.58
N MET B 72 -32.81 12.23 -25.65
CA MET B 72 -31.35 12.15 -25.61
C MET B 72 -30.86 11.17 -26.67
N ASP B 73 -29.73 11.50 -27.30
CA ASP B 73 -29.22 10.66 -28.38
C ASP B 73 -28.60 9.35 -27.88
N THR B 74 -28.58 9.13 -26.56
CA THR B 74 -28.26 7.83 -26.00
C THR B 74 -29.44 7.18 -25.31
N VAL B 75 -30.65 7.72 -25.48
CA VAL B 75 -31.82 7.16 -24.81
C VAL B 75 -32.94 6.83 -25.80
N THR B 76 -33.46 7.84 -26.51
CA THR B 76 -34.71 7.68 -27.25
C THR B 76 -34.52 7.94 -28.74
N GLU B 77 -34.51 6.87 -29.53
CA GLU B 77 -34.87 6.97 -30.94
C GLU B 77 -36.09 6.07 -31.14
N HIS B 78 -36.35 5.58 -32.35
CA HIS B 78 -37.65 4.98 -32.61
C HIS B 78 -37.87 3.69 -31.83
N ARG B 79 -36.82 2.88 -31.66
CA ARG B 79 -36.98 1.61 -30.94
C ARG B 79 -37.41 1.83 -29.50
N ALA B 80 -36.79 2.80 -28.81
CA ALA B 80 -37.15 3.08 -27.43
C ALA B 80 -38.53 3.71 -27.34
N ALA B 81 -38.84 4.64 -28.24
CA ALA B 81 -40.15 5.30 -28.21
C ALA B 81 -41.27 4.34 -28.54
N ILE B 82 -41.00 3.31 -29.35
CA ILE B 82 -42.02 2.31 -29.64
C ILE B 82 -42.36 1.53 -28.38
N MET B 83 -41.33 1.08 -27.65
CA MET B 83 -41.58 0.31 -26.44
C MET B 83 -42.24 1.15 -25.37
N MET B 84 -41.82 2.41 -25.21
CA MET B 84 -42.44 3.26 -24.21
C MET B 84 -43.93 3.44 -24.49
N ALA B 85 -44.30 3.64 -25.75
CA ALA B 85 -45.71 3.80 -26.10
C ALA B 85 -46.47 2.49 -25.96
N ARG B 86 -45.87 1.38 -26.39
CA ARG B 86 -46.50 0.07 -26.23
C ARG B 86 -46.81 -0.20 -24.77
N LEU B 87 -45.91 0.22 -23.86
CA LEU B 87 -46.10 0.00 -22.43
C LEU B 87 -47.01 1.04 -21.80
N GLY B 88 -47.50 2.02 -22.56
CA GLY B 88 -48.46 2.98 -22.06
C GLY B 88 -47.91 4.37 -21.77
N GLY B 89 -46.62 4.59 -22.01
CA GLY B 89 -46.04 5.90 -21.79
C GLY B 89 -45.72 6.63 -23.07
N LEU B 90 -44.53 7.22 -23.14
CA LEU B 90 -44.16 8.01 -24.30
C LEU B 90 -42.64 8.08 -24.40
N GLY B 91 -42.17 8.18 -25.63
CA GLY B 91 -40.77 8.50 -25.90
C GLY B 91 -40.68 9.79 -26.70
N VAL B 92 -39.64 10.56 -26.44
CA VAL B 92 -39.41 11.83 -27.11
C VAL B 92 -38.16 11.69 -27.96
N ILE B 93 -38.34 11.67 -29.29
CA ILE B 93 -37.20 11.58 -30.19
C ILE B 93 -36.32 12.81 -30.01
N HIS B 94 -35.02 12.59 -29.87
CA HIS B 94 -34.10 13.68 -29.62
C HIS B 94 -33.86 14.49 -30.90
N LYS B 95 -33.34 15.70 -30.72
CA LYS B 95 -33.18 16.67 -31.80
C LYS B 95 -31.75 16.75 -32.33
N ASN B 96 -30.86 15.87 -31.89
CA ASN B 96 -29.47 15.90 -32.36
C ASN B 96 -29.33 15.10 -33.65
N MET B 97 -30.07 15.55 -34.65
CA MET B 97 -30.09 14.97 -35.99
C MET B 97 -30.80 15.95 -36.90
N ASP B 98 -30.51 15.85 -38.20
CA ASP B 98 -31.16 16.74 -39.15
C ASP B 98 -32.66 16.45 -39.20
N ILE B 99 -33.38 17.37 -39.84
CA ILE B 99 -34.85 17.32 -39.81
C ILE B 99 -35.35 16.05 -40.48
N ALA B 100 -34.82 15.71 -41.66
CA ALA B 100 -35.27 14.52 -42.37
C ALA B 100 -35.09 13.26 -41.53
N SER B 101 -33.98 13.19 -40.78
CA SER B 101 -33.74 12.03 -39.94
C SER B 101 -34.75 11.95 -38.80
N GLN B 102 -35.13 13.09 -38.23
CA GLN B 102 -36.11 13.09 -37.15
C GLN B 102 -37.50 12.74 -37.66
N VAL B 103 -37.86 13.22 -38.85
CA VAL B 103 -39.15 12.88 -39.43
C VAL B 103 -39.28 11.38 -39.62
N ARG B 104 -38.20 10.73 -40.07
CA ARG B 104 -38.25 9.29 -40.29
C ARG B 104 -38.36 8.53 -38.97
N GLU B 105 -37.68 9.01 -37.93
CA GLU B 105 -37.81 8.39 -36.62
C GLU B 105 -39.26 8.44 -36.13
N VAL B 106 -39.92 9.58 -36.33
CA VAL B 106 -41.32 9.70 -35.94
C VAL B 106 -42.19 8.79 -36.79
N LYS B 107 -41.92 8.71 -38.09
CA LYS B 107 -42.71 7.86 -38.97
C LYS B 107 -42.55 6.39 -38.62
N ARG B 108 -41.34 5.98 -38.22
CA ARG B 108 -41.12 4.59 -37.83
C ARG B 108 -41.98 4.21 -36.63
N VAL B 109 -42.23 5.16 -35.73
CA VAL B 109 -43.07 4.87 -34.57
C VAL B 109 -44.54 4.88 -34.95
N LYS B 110 -44.97 5.87 -35.75
CA LYS B 110 -46.39 5.97 -36.11
C LYS B 110 -46.85 4.76 -36.91
N LYS B 111 -45.93 4.12 -37.64
CA LYS B 111 -46.25 2.97 -38.48
C LYS B 111 -45.91 1.64 -37.83
N SER B 112 -45.51 1.66 -36.56
CA SER B 112 -45.17 0.44 -35.85
C SER B 112 -46.43 -0.30 -35.40
N GLU B 113 -46.33 -1.62 -35.34
CA GLU B 113 -47.40 -2.42 -34.76
C GLU B 113 -47.49 -2.13 -33.26
N SER B 114 -48.72 -1.90 -32.78
CA SER B 114 -48.91 -1.46 -31.42
C SER B 114 -49.19 -2.60 -30.44
N GLY B 115 -49.45 -3.82 -30.94
CA GLY B 115 -50.02 -4.85 -30.10
C GLY B 115 -49.11 -5.94 -29.57
N GLY B 116 -48.09 -6.32 -30.34
CA GLY B 116 -47.22 -7.40 -29.94
C GLY B 116 -47.81 -8.77 -30.27
N ILE B 117 -47.06 -9.80 -29.86
CA ILE B 117 -47.34 -11.19 -30.23
C ILE B 117 -48.81 -11.60 -30.00
N LYS B 124 -52.57 -10.20 -26.91
CA LYS B 124 -52.82 -9.31 -25.78
C LYS B 124 -51.53 -8.93 -25.05
N GLU B 125 -50.42 -8.85 -25.79
CA GLU B 125 -49.13 -8.65 -25.11
C GLU B 125 -48.97 -7.22 -24.57
N TYR B 126 -49.53 -6.22 -25.25
CA TYR B 126 -49.43 -4.83 -24.82
C TYR B 126 -50.82 -4.22 -24.74
N PRO B 127 -51.58 -4.56 -23.71
CA PRO B 127 -52.98 -4.10 -23.62
C PRO B 127 -53.12 -2.66 -23.15
N ASP B 128 -52.04 -2.00 -22.74
CA ASP B 128 -52.09 -0.63 -22.25
C ASP B 128 -51.44 0.34 -23.22
N ALA B 129 -51.34 -0.02 -24.50
CA ALA B 129 -50.64 0.81 -25.47
C ALA B 129 -51.25 2.21 -25.54
N ASN B 130 -50.39 3.21 -25.67
CA ASN B 130 -50.79 4.61 -25.69
C ASN B 130 -50.91 5.05 -27.15
N LYS B 131 -52.14 5.20 -27.63
CA LYS B 131 -52.41 5.45 -29.04
C LYS B 131 -53.16 6.75 -29.26
N ASP B 132 -53.14 7.21 -30.50
CA ASP B 132 -53.86 8.41 -30.92
C ASP B 132 -55.27 8.01 -31.40
N ASN B 133 -55.93 8.89 -32.15
CA ASN B 133 -57.28 8.63 -32.63
C ASN B 133 -57.33 7.58 -33.74
N PHE B 134 -56.23 7.38 -34.46
CA PHE B 134 -56.20 6.44 -35.56
C PHE B 134 -55.58 5.11 -35.17
N GLY B 135 -55.42 4.85 -33.87
CA GLY B 135 -54.85 3.60 -33.41
C GLY B 135 -53.35 3.49 -33.56
N ARG B 136 -52.65 4.60 -33.79
CA ARG B 136 -51.21 4.60 -33.95
C ARG B 136 -50.54 4.95 -32.63
N LEU B 137 -49.35 4.38 -32.42
CA LEU B 137 -48.59 4.69 -31.22
C LEU B 137 -48.27 6.18 -31.17
N ARG B 138 -48.41 6.75 -29.97
CA ARG B 138 -48.08 8.15 -29.77
C ARG B 138 -46.57 8.33 -29.61
N VAL B 139 -46.09 9.50 -30.03
CA VAL B 139 -44.65 9.78 -29.99
C VAL B 139 -44.44 11.28 -29.87
N GLY B 140 -43.37 11.65 -29.18
CA GLY B 140 -42.97 13.04 -29.08
C GLY B 140 -41.67 13.32 -29.81
N ALA B 141 -41.37 14.58 -30.05
CA ALA B 141 -40.14 14.98 -30.72
C ALA B 141 -39.66 16.31 -30.14
N ALA B 142 -38.35 16.40 -29.91
CA ALA B 142 -37.78 17.59 -29.31
C ALA B 142 -37.43 18.62 -30.38
N ILE B 143 -37.49 19.90 -29.99
CA ILE B 143 -37.12 21.01 -30.85
C ILE B 143 -36.41 22.06 -30.01
N GLY B 144 -35.62 22.89 -30.69
CA GLY B 144 -34.98 24.03 -30.08
C GLY B 144 -35.64 25.34 -30.50
N VAL B 145 -35.10 26.43 -29.97
CA VAL B 145 -35.63 27.75 -30.27
C VAL B 145 -35.39 28.07 -31.74
N GLY B 146 -36.43 28.56 -32.41
CA GLY B 146 -36.29 29.09 -33.76
C GLY B 146 -36.27 28.07 -34.87
N GLN B 147 -36.60 26.81 -34.59
CA GLN B 147 -36.57 25.75 -35.60
C GLN B 147 -38.00 25.48 -36.09
N MET B 148 -38.59 26.48 -36.72
CA MET B 148 -39.94 26.35 -37.26
C MET B 148 -40.01 25.35 -38.41
N ASP B 149 -39.00 25.30 -39.27
CA ASP B 149 -38.97 24.31 -40.34
C ASP B 149 -39.05 22.91 -39.77
N ARG B 150 -38.35 22.66 -38.66
CA ARG B 150 -38.41 21.36 -38.02
C ARG B 150 -39.80 21.08 -37.48
N VAL B 151 -40.44 22.08 -36.86
CA VAL B 151 -41.79 21.90 -36.35
C VAL B 151 -42.75 21.53 -37.48
N ASP B 152 -42.69 22.28 -38.59
CA ASP B 152 -43.56 22.02 -39.72
C ASP B 152 -43.40 20.59 -40.23
N ALA B 153 -42.16 20.11 -40.31
CA ALA B 153 -41.92 18.76 -40.82
C ALA B 153 -42.41 17.71 -39.83
N LEU B 154 -42.23 17.95 -38.53
CA LEU B 154 -42.72 17.01 -37.53
C LEU B 154 -44.24 16.95 -37.51
N VAL B 155 -44.90 18.09 -37.74
CA VAL B 155 -46.37 18.10 -37.80
C VAL B 155 -46.86 17.25 -38.96
N GLU B 156 -46.28 17.46 -40.15
CA GLU B 156 -46.65 16.67 -41.32
C GLU B 156 -46.41 15.18 -41.08
N ALA B 157 -45.37 14.84 -40.33
CA ALA B 157 -45.07 13.45 -40.02
C ALA B 157 -46.05 12.85 -39.02
N GLY B 158 -46.95 13.64 -38.44
CA GLY B 158 -47.92 13.12 -37.51
C GLY B 158 -47.47 13.06 -36.07
N VAL B 159 -46.49 13.88 -35.68
CA VAL B 159 -46.02 13.85 -34.30
C VAL B 159 -47.16 14.23 -33.37
N ASP B 160 -47.23 13.57 -32.23
CA ASP B 160 -48.33 13.79 -31.30
C ASP B 160 -48.07 14.96 -30.38
N VAL B 161 -46.80 15.26 -30.10
CA VAL B 161 -46.42 16.32 -29.20
C VAL B 161 -45.00 16.76 -29.55
N VAL B 162 -44.77 18.06 -29.53
CA VAL B 162 -43.43 18.60 -29.71
C VAL B 162 -42.93 19.10 -28.37
N VAL B 163 -41.65 18.89 -28.10
CA VAL B 163 -41.04 19.20 -26.82
C VAL B 163 -39.98 20.27 -27.08
N LEU B 164 -40.32 21.52 -26.77
CA LEU B 164 -39.39 22.63 -26.90
C LEU B 164 -38.53 22.69 -25.64
N ASP B 165 -37.32 22.14 -25.71
CA ASP B 165 -36.44 22.09 -24.56
C ASP B 165 -35.28 23.06 -24.73
N SER B 166 -35.02 23.82 -23.67
CA SER B 166 -33.87 24.69 -23.55
C SER B 166 -33.19 24.40 -22.23
N ALA B 167 -31.92 24.83 -22.12
CA ALA B 167 -31.30 24.84 -20.81
C ALA B 167 -32.03 25.78 -19.87
N HIS B 168 -32.66 26.82 -20.42
CA HIS B 168 -33.28 27.89 -19.64
C HIS B 168 -34.63 28.23 -20.30
N GLY B 169 -35.67 27.51 -19.88
CA GLY B 169 -37.00 27.72 -20.44
C GLY B 169 -37.60 29.08 -20.10
N HIS B 170 -37.17 29.69 -19.01
CA HIS B 170 -37.63 31.01 -18.61
C HIS B 170 -36.80 32.10 -19.31
N SER B 171 -36.92 32.11 -20.64
CA SER B 171 -36.14 33.02 -21.47
C SER B 171 -37.05 33.60 -22.55
N LYS B 172 -36.71 34.81 -23.00
CA LYS B 172 -37.50 35.48 -24.02
C LYS B 172 -37.56 34.64 -25.30
N GLY B 173 -36.46 33.97 -25.64
CA GLY B 173 -36.45 33.15 -26.84
C GLY B 173 -37.44 32.01 -26.78
N ILE B 174 -37.57 31.37 -25.61
CA ILE B 174 -38.50 30.26 -25.48
C ILE B 174 -39.94 30.75 -25.48
N ILE B 175 -40.21 31.83 -24.72
CA ILE B 175 -41.55 32.40 -24.68
C ILE B 175 -42.01 32.77 -26.08
N ASP B 176 -41.14 33.42 -26.85
CA ASP B 176 -41.49 33.82 -28.20
C ASP B 176 -41.72 32.60 -29.11
N THR B 177 -40.95 31.54 -28.91
CA THR B 177 -41.14 30.34 -29.71
C THR B 177 -42.44 29.64 -29.36
N VAL B 178 -42.80 29.62 -28.07
CA VAL B 178 -44.08 29.05 -27.66
C VAL B 178 -45.23 29.80 -28.34
N LYS B 179 -45.17 31.14 -28.32
CA LYS B 179 -46.23 31.95 -28.91
C LYS B 179 -46.32 31.73 -30.41
N ALA B 180 -45.17 31.61 -31.09
CA ALA B 180 -45.18 31.43 -32.53
C ALA B 180 -45.77 30.08 -32.91
N ILE B 181 -45.48 29.03 -32.14
CA ILE B 181 -45.93 27.69 -32.49
C ILE B 181 -47.43 27.55 -32.28
N LYS B 182 -47.95 28.07 -31.17
CA LYS B 182 -49.39 27.97 -30.92
C LYS B 182 -50.18 28.84 -31.89
N ALA B 183 -49.58 29.90 -32.40
CA ALA B 183 -50.27 30.73 -33.39
C ALA B 183 -50.38 30.00 -34.72
N LYS B 184 -49.35 29.22 -35.08
CA LYS B 184 -49.38 28.51 -36.36
C LYS B 184 -50.09 27.17 -36.26
N TYR B 185 -50.00 26.49 -35.12
CA TYR B 185 -50.64 25.19 -34.92
C TYR B 185 -51.41 25.21 -33.61
N PRO B 186 -52.58 25.84 -33.60
CA PRO B 186 -53.34 25.95 -32.34
C PRO B 186 -53.67 24.62 -31.69
N ASN B 187 -53.79 23.54 -32.47
CA ASN B 187 -54.17 22.24 -31.93
C ASN B 187 -53.00 21.29 -31.77
N LEU B 188 -51.76 21.76 -31.89
CA LEU B 188 -50.60 20.93 -31.63
C LEU B 188 -50.22 21.06 -30.16
N ASP B 189 -50.19 19.93 -29.47
CA ASP B 189 -49.80 19.93 -28.06
C ASP B 189 -48.33 20.26 -27.92
N LEU B 190 -48.02 21.20 -27.03
CA LEU B 190 -46.68 21.75 -26.90
C LEU B 190 -46.23 21.66 -25.45
N ILE B 191 -45.06 21.05 -25.23
CA ILE B 191 -44.39 21.04 -23.93
C ILE B 191 -43.18 21.95 -24.03
N ALA B 192 -42.90 22.70 -22.95
CA ALA B 192 -41.75 23.57 -22.93
C ALA B 192 -41.02 23.46 -21.60
N GLY B 193 -39.71 23.58 -21.66
CA GLY B 193 -38.85 23.53 -20.50
C GLY B 193 -37.43 23.85 -20.89
N ASN B 194 -36.53 23.79 -19.92
CA ASN B 194 -36.83 23.37 -18.56
C ASN B 194 -36.86 24.57 -17.61
N ILE B 195 -37.63 24.44 -16.53
CA ILE B 195 -37.83 25.50 -15.56
C ILE B 195 -37.70 24.93 -14.15
N ALA B 196 -37.55 25.84 -13.18
CA ALA B 196 -37.49 25.40 -11.79
C ALA B 196 -38.08 26.41 -10.81
N THR B 197 -38.83 27.42 -11.27
CA THR B 197 -39.43 28.41 -10.37
C THR B 197 -40.89 28.59 -10.70
N ALA B 198 -41.66 29.03 -9.71
CA ALA B 198 -43.07 29.33 -9.91
C ALA B 198 -43.25 30.44 -10.93
N ALA B 199 -42.36 31.44 -10.91
CA ALA B 199 -42.44 32.53 -11.88
C ALA B 199 -42.23 32.01 -13.30
N ALA B 200 -41.34 31.03 -13.47
CA ALA B 200 -41.12 30.45 -14.80
C ALA B 200 -42.33 29.65 -15.26
N ALA B 201 -42.97 28.92 -14.35
CA ALA B 201 -44.17 28.18 -14.70
C ALA B 201 -45.30 29.12 -15.12
N LYS B 202 -45.47 30.22 -14.38
CA LYS B 202 -46.48 31.21 -14.73
C LYS B 202 -46.22 31.80 -16.11
N ALA B 203 -44.94 32.03 -16.44
CA ALA B 203 -44.61 32.61 -17.73
C ALA B 203 -44.99 31.68 -18.88
N LEU B 204 -44.56 30.42 -18.81
CA LEU B 204 -44.83 29.48 -19.88
C LEU B 204 -46.33 29.23 -20.03
N CYS B 205 -47.05 29.07 -18.91
CA CYS B 205 -48.49 28.85 -18.97
C CYS B 205 -49.19 30.01 -19.67
N GLU B 206 -48.87 31.24 -19.28
CA GLU B 206 -49.49 32.40 -19.91
C GLU B 206 -49.11 32.49 -21.39
N ALA B 207 -47.93 31.98 -21.76
CA ALA B 207 -47.56 31.93 -23.17
C ALA B 207 -48.36 30.89 -23.93
N GLY B 208 -48.86 29.86 -23.25
CA GLY B 208 -49.79 28.93 -23.86
C GLY B 208 -49.31 27.50 -24.02
N VAL B 209 -48.43 27.05 -23.13
CA VAL B 209 -47.97 25.66 -23.20
C VAL B 209 -49.06 24.73 -22.71
N ASP B 210 -48.97 23.48 -23.14
CA ASP B 210 -49.90 22.44 -22.69
C ASP B 210 -49.30 21.57 -21.59
N ALA B 211 -48.05 21.81 -21.22
CA ALA B 211 -47.36 21.20 -20.08
C ALA B 211 -46.02 21.88 -19.91
N VAL B 212 -45.55 21.95 -18.68
CA VAL B 212 -44.25 22.50 -18.36
C VAL B 212 -43.35 21.36 -17.89
N LYS B 213 -42.07 21.45 -18.24
CA LYS B 213 -41.09 20.44 -17.85
C LYS B 213 -40.15 21.02 -16.80
N VAL B 214 -40.00 20.32 -15.70
CA VAL B 214 -39.36 20.86 -14.50
C VAL B 214 -38.04 20.14 -14.27
N GLY B 215 -36.95 20.91 -14.19
CA GLY B 215 -35.65 20.34 -13.90
C GLY B 215 -34.46 21.14 -14.39
N ILE B 216 -33.85 21.89 -13.48
CA ILE B 216 -32.61 22.61 -13.74
C ILE B 216 -31.55 22.03 -12.82
N GLY B 217 -30.69 21.16 -13.35
CA GLY B 217 -29.62 20.59 -12.57
C GLY B 217 -29.73 19.18 -12.02
N PRO B 218 -30.93 18.58 -11.91
CA PRO B 218 -31.00 17.27 -11.23
C PRO B 218 -30.45 16.12 -12.06
N GLY B 219 -30.21 16.31 -13.34
CA GLY B 219 -29.90 15.19 -14.21
C GLY B 219 -28.62 14.48 -13.80
N SER B 220 -28.63 13.15 -13.97
CA SER B 220 -27.49 12.33 -13.58
C SER B 220 -26.20 12.76 -14.28
N ILE B 221 -26.31 13.18 -15.53
CA ILE B 221 -25.15 13.59 -16.32
C ILE B 221 -25.02 15.12 -16.39
N CYS B 222 -25.81 15.84 -15.59
CA CYS B 222 -25.86 17.29 -15.66
C CYS B 222 -24.83 17.91 -14.73
N THR B 223 -24.13 18.94 -15.24
CA THR B 223 -23.19 19.71 -14.44
C THR B 223 -23.55 21.18 -14.36
N THR B 224 -24.78 21.55 -14.74
CA THR B 224 -25.18 22.96 -14.77
C THR B 224 -24.94 23.62 -13.42
N ARG B 225 -25.36 22.96 -12.34
CA ARG B 225 -25.23 23.55 -11.02
C ARG B 225 -23.76 23.73 -10.62
N ILE B 226 -22.87 22.91 -11.17
CA ILE B 226 -21.46 23.02 -10.84
C ILE B 226 -20.77 24.05 -11.73
N VAL B 227 -21.19 24.14 -12.99
CA VAL B 227 -20.53 25.03 -13.94
C VAL B 227 -21.03 26.46 -13.78
N SER B 228 -22.32 26.63 -13.51
CA SER B 228 -22.93 27.95 -13.40
C SER B 228 -23.44 28.30 -12.01
N GLY B 229 -23.44 27.35 -11.07
CA GLY B 229 -23.99 27.63 -9.75
C GLY B 229 -25.49 27.81 -9.72
N VAL B 230 -26.20 27.42 -10.77
CA VAL B 230 -27.63 27.64 -10.89
C VAL B 230 -28.36 26.30 -10.82
N GLY B 231 -29.45 26.27 -10.06
CA GLY B 231 -30.28 25.09 -9.95
C GLY B 231 -31.24 25.13 -8.77
N VAL B 232 -32.25 24.26 -8.79
CA VAL B 232 -33.15 24.10 -7.65
C VAL B 232 -33.33 22.61 -7.39
N PRO B 233 -33.09 22.14 -6.16
CA PRO B 233 -33.33 20.74 -5.83
C PRO B 233 -34.73 20.29 -6.24
N GLN B 234 -34.81 19.08 -6.77
CA GLN B 234 -35.92 18.72 -7.65
C GLN B 234 -37.25 18.66 -6.92
N ILE B 235 -37.28 18.18 -5.67
CA ILE B 235 -38.55 18.06 -4.97
C ILE B 235 -39.16 19.43 -4.73
N SER B 236 -38.35 20.38 -4.25
CA SER B 236 -38.85 21.74 -4.05
C SER B 236 -39.21 22.39 -5.39
N ALA B 237 -38.45 22.09 -6.45
CA ALA B 237 -38.74 22.65 -7.76
C ALA B 237 -40.07 22.15 -8.29
N ILE B 238 -40.35 20.86 -8.12
CA ILE B 238 -41.64 20.31 -8.53
C ILE B 238 -42.77 20.94 -7.72
N ASP B 239 -42.61 20.94 -6.40
CA ASP B 239 -43.61 21.52 -5.50
C ASP B 239 -43.95 22.96 -5.90
N GLU B 240 -42.93 23.76 -6.17
CA GLU B 240 -43.13 25.17 -6.50
C GLU B 240 -43.88 25.33 -7.83
N CYS B 241 -43.51 24.54 -8.83
CA CYS B 241 -44.09 24.71 -10.16
C CYS B 241 -45.47 24.08 -10.27
N VAL B 242 -45.74 23.01 -9.53
CA VAL B 242 -47.08 22.43 -9.54
C VAL B 242 -48.10 23.41 -8.98
N GLU B 243 -47.77 24.04 -7.84
CA GLU B 243 -48.70 24.96 -7.21
C GLU B 243 -49.09 26.09 -8.14
N GLU B 244 -48.15 26.58 -8.94
CA GLU B 244 -48.46 27.62 -9.92
C GLU B 244 -49.19 27.03 -11.13
N ALA B 245 -48.65 25.96 -11.70
CA ALA B 245 -49.20 25.42 -12.94
C ALA B 245 -50.61 24.87 -12.77
N ASN B 246 -50.96 24.42 -11.56
CA ASN B 246 -52.32 23.95 -11.32
C ASN B 246 -53.33 25.07 -11.53
N LYS B 247 -52.93 26.32 -11.29
CA LYS B 247 -53.84 27.46 -11.49
C LYS B 247 -54.21 27.63 -12.96
N PHE B 248 -53.44 27.09 -13.89
CA PHE B 248 -53.72 27.17 -15.31
C PHE B 248 -54.20 25.84 -15.88
N GLY B 249 -54.36 24.82 -15.04
CA GLY B 249 -54.72 23.50 -15.53
C GLY B 249 -53.66 22.85 -16.38
N VAL B 250 -52.40 23.09 -16.08
CA VAL B 250 -51.27 22.69 -16.92
C VAL B 250 -50.48 21.63 -16.16
N PRO B 251 -50.31 20.44 -16.73
CA PRO B 251 -49.54 19.39 -16.04
C PRO B 251 -48.06 19.74 -15.94
N VAL B 252 -47.40 19.10 -14.98
CA VAL B 252 -45.98 19.27 -14.72
C VAL B 252 -45.29 17.94 -15.02
N ILE B 253 -44.22 17.99 -15.80
CA ILE B 253 -43.38 16.82 -16.06
C ILE B 253 -42.10 16.96 -15.23
N ALA B 254 -41.87 16.00 -14.34
CA ALA B 254 -40.70 16.01 -13.46
C ALA B 254 -39.54 15.36 -14.21
N ASP B 255 -38.57 16.17 -14.61
CA ASP B 255 -37.51 15.75 -15.53
C ASP B 255 -36.16 15.74 -14.80
N GLY B 256 -35.63 14.55 -14.58
CA GLY B 256 -34.25 14.43 -14.18
C GLY B 256 -34.09 14.03 -12.73
N GLY B 257 -32.99 13.34 -12.43
CA GLY B 257 -32.65 13.00 -11.07
C GLY B 257 -33.36 11.80 -10.50
N ILE B 258 -34.14 11.08 -11.32
CA ILE B 258 -34.78 9.85 -10.84
C ILE B 258 -33.73 8.75 -10.77
N LYS B 259 -33.46 8.27 -9.56
CA LYS B 259 -32.49 7.20 -9.36
C LYS B 259 -33.14 5.85 -9.07
N TYR B 260 -34.32 5.85 -8.46
CA TYR B 260 -34.99 4.63 -8.05
C TYR B 260 -36.49 4.78 -8.27
N SER B 261 -37.20 3.65 -8.26
CA SER B 261 -38.65 3.69 -8.44
C SER B 261 -39.32 4.53 -7.37
N GLY B 262 -38.79 4.50 -6.14
CA GLY B 262 -39.32 5.34 -5.08
C GLY B 262 -39.23 6.83 -5.37
N ASP B 263 -38.28 7.26 -6.21
CA ASP B 263 -38.21 8.66 -6.61
C ASP B 263 -39.39 9.01 -7.51
N ILE B 264 -39.79 8.10 -8.39
CA ILE B 264 -40.98 8.32 -9.22
C ILE B 264 -42.19 8.57 -8.33
N ALA B 265 -42.39 7.69 -7.33
CA ALA B 265 -43.50 7.85 -6.40
C ALA B 265 -43.45 9.20 -5.69
N LYS B 266 -42.24 9.63 -5.29
CA LYS B 266 -42.12 10.91 -4.61
C LYS B 266 -42.53 12.06 -5.53
N ALA B 267 -42.08 12.05 -6.78
CA ALA B 267 -42.35 13.17 -7.69
C ALA B 267 -43.84 13.29 -7.98
N LEU B 268 -44.50 12.16 -8.24
CA LEU B 268 -45.93 12.19 -8.51
C LEU B 268 -46.71 12.62 -7.27
N ALA B 269 -46.34 12.09 -6.09
CA ALA B 269 -47.04 12.45 -4.86
C ALA B 269 -46.97 13.94 -4.59
N VAL B 270 -45.86 14.59 -4.96
CA VAL B 270 -45.72 16.03 -4.78
C VAL B 270 -46.59 16.80 -5.75
N GLY B 271 -46.99 16.20 -6.87
CA GLY B 271 -47.93 16.86 -7.75
C GLY B 271 -47.60 16.77 -9.22
N ALA B 272 -46.41 16.29 -9.55
CA ALA B 272 -46.06 16.08 -10.95
C ALA B 272 -47.04 15.10 -11.60
N SER B 273 -47.38 15.36 -12.86
CA SER B 273 -48.29 14.49 -13.58
C SER B 273 -47.58 13.34 -14.28
N SER B 274 -46.28 13.48 -14.53
CA SER B 274 -45.51 12.45 -15.21
C SER B 274 -44.03 12.68 -14.92
N VAL B 275 -43.21 11.72 -15.32
CA VAL B 275 -41.79 11.69 -14.99
C VAL B 275 -41.00 11.35 -16.24
N MET B 276 -39.98 12.16 -16.55
CA MET B 276 -39.08 11.92 -17.67
C MET B 276 -37.77 11.33 -17.15
N ILE B 277 -37.32 10.25 -17.77
CA ILE B 277 -36.22 9.45 -17.24
C ILE B 277 -35.17 9.25 -18.33
N GLY B 278 -33.91 9.46 -17.98
CA GLY B 278 -32.81 9.23 -18.89
C GLY B 278 -31.93 8.04 -18.51
N SER B 279 -31.20 8.17 -17.39
CA SER B 279 -30.15 7.21 -17.06
C SER B 279 -30.68 5.80 -16.86
N LEU B 280 -31.88 5.65 -16.30
CA LEU B 280 -32.40 4.31 -16.03
C LEU B 280 -32.81 3.55 -17.28
N LEU B 281 -32.94 4.23 -18.43
CA LEU B 281 -33.29 3.58 -19.68
C LEU B 281 -32.15 3.54 -20.68
N ALA B 282 -31.02 4.20 -20.38
CA ALA B 282 -29.93 4.26 -21.34
C ALA B 282 -29.25 2.92 -21.54
N GLY B 283 -29.30 2.05 -20.55
CA GLY B 283 -28.61 0.78 -20.62
C GLY B 283 -29.44 -0.36 -21.17
N THR B 284 -30.54 -0.06 -21.85
CA THR B 284 -31.46 -1.08 -22.33
C THR B 284 -31.16 -1.47 -23.77
N ASP B 285 -31.78 -2.59 -24.18
CA ASP B 285 -31.63 -3.06 -25.56
C ASP B 285 -32.04 -2.00 -26.56
N GLU B 286 -33.16 -1.32 -26.28
CA GLU B 286 -33.83 -0.48 -27.27
C GLU B 286 -33.23 0.91 -27.41
N SER B 287 -32.38 1.33 -26.48
CA SER B 287 -31.74 2.63 -26.59
C SER B 287 -30.73 2.62 -27.75
N PRO B 288 -30.45 3.77 -28.35
CA PRO B 288 -29.47 3.81 -29.45
C PRO B 288 -28.08 3.51 -28.92
N GLY B 289 -27.18 3.25 -29.84
CA GLY B 289 -25.84 2.92 -29.39
C GLY B 289 -25.69 1.44 -29.08
N GLU B 290 -24.46 0.96 -29.24
CA GLU B 290 -24.16 -0.46 -29.14
C GLU B 290 -23.70 -0.83 -27.73
N LEU B 291 -23.80 -2.12 -27.43
CA LEU B 291 -23.23 -2.65 -26.21
C LEU B 291 -21.71 -2.71 -26.33
N PHE B 292 -21.01 -2.47 -25.22
CA PHE B 292 -19.58 -2.74 -25.18
C PHE B 292 -19.24 -3.31 -23.81
N THR B 293 -18.09 -3.96 -23.76
CA THR B 293 -17.61 -4.65 -22.57
C THR B 293 -16.45 -3.89 -21.96
N TYR B 294 -16.45 -3.76 -20.64
CA TYR B 294 -15.34 -3.17 -19.91
C TYR B 294 -15.14 -3.94 -18.60
N GLN B 295 -13.96 -4.53 -18.45
CA GLN B 295 -13.58 -5.27 -17.25
C GLN B 295 -14.59 -6.37 -16.93
N GLY B 296 -15.00 -7.11 -17.96
CA GLY B 296 -15.87 -8.25 -17.79
C GLY B 296 -17.35 -7.95 -17.65
N ARG B 297 -17.76 -6.69 -17.79
CA ARG B 297 -19.15 -6.30 -17.67
C ARG B 297 -19.56 -5.51 -18.90
N GLN B 298 -20.86 -5.51 -19.19
CA GLN B 298 -21.40 -4.87 -20.37
C GLN B 298 -22.01 -3.52 -20.02
N TYR B 299 -21.79 -2.56 -20.90
CA TYR B 299 -22.25 -1.19 -20.69
C TYR B 299 -22.78 -0.63 -22.00
N LYS B 300 -23.59 0.42 -21.88
CA LYS B 300 -23.90 1.30 -22.98
C LYS B 300 -23.46 2.71 -22.59
N SER B 301 -23.13 3.52 -23.60
CA SER B 301 -22.74 4.89 -23.34
C SER B 301 -23.96 5.72 -23.00
N TYR B 302 -23.75 6.71 -22.12
CA TYR B 302 -24.78 7.64 -21.70
C TYR B 302 -24.13 9.00 -21.53
N ARG B 303 -24.73 10.03 -22.11
CA ARG B 303 -24.08 11.33 -22.09
C ARG B 303 -25.13 12.44 -22.09
N GLY B 304 -24.79 13.53 -21.44
CA GLY B 304 -25.61 14.72 -21.52
C GLY B 304 -25.58 15.31 -22.92
N MET B 305 -26.71 15.90 -23.32
CA MET B 305 -26.80 16.55 -24.62
C MET B 305 -26.04 17.85 -24.66
N GLY B 306 -25.68 18.39 -23.50
CA GLY B 306 -24.77 19.52 -23.38
C GLY B 306 -23.32 19.13 -23.18
N SER B 307 -22.97 17.86 -23.34
CA SER B 307 -21.59 17.41 -23.27
C SER B 307 -20.88 17.67 -24.59
N LEU B 308 -19.54 17.64 -24.54
CA LEU B 308 -18.75 17.91 -25.74
C LEU B 308 -19.06 16.94 -26.86
N GLY B 309 -19.15 15.64 -26.54
CA GLY B 309 -19.40 14.66 -27.58
C GLY B 309 -20.75 14.85 -28.26
N ALA B 310 -21.79 15.16 -27.48
CA ALA B 310 -23.11 15.36 -28.06
C ALA B 310 -23.16 16.61 -28.93
N MET B 311 -22.46 17.68 -28.52
CA MET B 311 -22.49 18.93 -29.26
C MET B 311 -21.59 18.92 -30.50
N GLN B 312 -20.82 17.86 -30.72
CA GLN B 312 -20.00 17.77 -31.92
C GLN B 312 -20.29 16.48 -32.68
N LYS B 328 -14.01 27.61 -28.48
CA LYS B 328 -14.11 26.39 -27.69
C LYS B 328 -15.39 26.39 -26.88
N LEU B 329 -16.06 25.24 -26.82
CA LEU B 329 -17.35 25.19 -26.16
C LEU B 329 -17.21 25.01 -24.65
N VAL B 330 -18.24 25.40 -23.93
CA VAL B 330 -18.31 25.27 -22.48
C VAL B 330 -19.46 24.34 -22.13
N PRO B 331 -19.18 23.07 -21.86
CA PRO B 331 -20.26 22.09 -21.69
C PRO B 331 -20.94 22.20 -20.33
N GLU B 332 -22.16 21.66 -20.30
CA GLU B 332 -22.93 21.54 -19.06
C GLU B 332 -23.40 20.11 -18.83
N GLY B 333 -22.68 19.14 -19.39
CA GLY B 333 -22.93 17.73 -19.14
C GLY B 333 -21.66 16.95 -19.39
N ILE B 334 -21.67 15.68 -18.98
CA ILE B 334 -20.50 14.82 -19.13
C ILE B 334 -20.87 13.62 -19.99
N GLU B 335 -19.84 12.96 -20.51
CA GLU B 335 -20.00 11.72 -21.27
C GLU B 335 -19.62 10.55 -20.38
N GLY B 336 -20.48 9.54 -20.34
CA GLY B 336 -20.24 8.40 -19.47
C GLY B 336 -20.83 7.10 -19.95
N ARG B 337 -20.91 6.11 -19.06
CA ARG B 337 -21.45 4.80 -19.38
C ARG B 337 -22.35 4.33 -18.24
N VAL B 338 -23.31 3.50 -18.58
CA VAL B 338 -24.20 2.89 -17.59
C VAL B 338 -24.25 1.38 -17.83
N PRO B 339 -24.50 0.57 -16.80
CA PRO B 339 -24.55 -0.88 -17.02
C PRO B 339 -25.68 -1.30 -17.94
N TYR B 340 -25.44 -2.38 -18.67
CA TYR B 340 -26.48 -3.01 -19.48
C TYR B 340 -27.49 -3.69 -18.58
N VAL B 341 -28.78 -3.37 -18.77
CA VAL B 341 -29.83 -3.81 -17.87
C VAL B 341 -30.94 -4.57 -18.58
N GLY B 342 -30.73 -4.96 -19.83
CA GLY B 342 -31.73 -5.75 -20.53
C GLY B 342 -32.78 -4.94 -21.26
N SER B 343 -34.01 -5.42 -21.31
CA SER B 343 -35.05 -4.77 -22.10
C SER B 343 -35.67 -3.59 -21.34
N ILE B 344 -36.19 -2.62 -22.10
CA ILE B 344 -36.94 -1.53 -21.50
C ILE B 344 -38.15 -2.09 -20.73
N ARG B 345 -38.73 -3.17 -21.24
CA ARG B 345 -39.94 -3.71 -20.61
C ARG B 345 -39.64 -4.22 -19.20
N SER B 346 -38.48 -4.83 -18.99
CA SER B 346 -38.13 -5.32 -17.65
C SER B 346 -37.82 -4.16 -16.71
N VAL B 347 -37.17 -3.11 -17.23
CA VAL B 347 -36.92 -1.92 -16.41
C VAL B 347 -38.24 -1.24 -16.05
N VAL B 348 -39.08 -1.01 -17.05
CA VAL B 348 -40.35 -0.32 -16.82
C VAL B 348 -41.23 -1.12 -15.86
N HIS B 349 -41.17 -2.45 -15.94
CA HIS B 349 -42.00 -3.28 -15.07
C HIS B 349 -41.66 -3.07 -13.60
N GLN B 350 -40.37 -3.03 -13.27
CA GLN B 350 -39.96 -2.85 -11.88
C GLN B 350 -40.21 -1.42 -11.39
N LEU B 351 -40.10 -0.44 -12.28
CA LEU B 351 -40.36 0.95 -11.90
C LEU B 351 -41.82 1.15 -11.55
N LEU B 352 -42.73 0.65 -12.40
CA LEU B 352 -44.15 0.77 -12.13
C LEU B 352 -44.57 -0.08 -10.93
N GLY B 353 -43.91 -1.23 -10.72
CA GLY B 353 -44.20 -2.03 -9.55
C GLY B 353 -43.86 -1.30 -8.26
N GLY B 354 -42.81 -0.49 -8.29
CA GLY B 354 -42.48 0.31 -7.11
C GLY B 354 -43.51 1.40 -6.85
N LEU B 355 -44.01 2.04 -7.91
CA LEU B 355 -45.03 3.07 -7.74
C LEU B 355 -46.34 2.47 -7.26
N ARG B 356 -46.73 1.34 -7.85
CA ARG B 356 -47.92 0.64 -7.38
C ARG B 356 -47.80 0.29 -5.90
N SER B 357 -46.65 -0.24 -5.48
CA SER B 357 -46.44 -0.53 -4.08
C SER B 357 -46.53 0.72 -3.23
N SER B 358 -46.00 1.84 -3.73
CA SER B 358 -46.06 3.10 -3.00
C SER B 358 -47.49 3.56 -2.81
N MET B 359 -48.30 3.50 -3.87
CA MET B 359 -49.68 3.93 -3.76
C MET B 359 -50.47 3.04 -2.83
N GLY B 360 -50.15 1.74 -2.81
CA GLY B 360 -50.77 0.84 -1.85
C GLY B 360 -50.44 1.22 -0.42
N TYR B 361 -49.19 1.62 -0.16
CA TYR B 361 -48.82 2.06 1.18
C TYR B 361 -49.61 3.30 1.59
N VAL B 362 -49.77 4.25 0.66
CA VAL B 362 -50.50 5.49 0.95
C VAL B 362 -52.01 5.27 0.94
N GLY B 363 -52.49 4.21 0.30
CA GLY B 363 -53.91 3.93 0.28
C GLY B 363 -54.65 4.58 -0.86
N ALA B 364 -53.97 4.82 -1.97
CA ALA B 364 -54.50 5.63 -3.06
C ALA B 364 -54.92 4.75 -4.23
N LYS B 365 -56.10 5.02 -4.77
CA LYS B 365 -56.60 4.24 -5.90
C LYS B 365 -56.08 4.73 -7.24
N ASP B 366 -55.64 5.98 -7.33
CA ASP B 366 -55.08 6.51 -8.56
C ASP B 366 -54.19 7.71 -8.22
N ILE B 367 -53.60 8.32 -9.27
CA ILE B 367 -52.59 9.34 -9.05
C ILE B 367 -53.18 10.56 -8.36
N GLU B 368 -54.34 11.03 -8.81
CA GLU B 368 -54.96 12.19 -8.18
C GLU B 368 -55.26 11.92 -6.71
N ASP B 369 -55.76 10.72 -6.40
CA ASP B 369 -55.94 10.33 -5.01
C ASP B 369 -54.62 10.19 -4.29
N PHE B 370 -53.58 9.74 -4.99
CA PHE B 370 -52.23 9.70 -4.44
C PHE B 370 -51.81 11.08 -3.94
N GLN B 371 -52.00 12.09 -4.78
CA GLN B 371 -51.54 13.44 -4.43
C GLN B 371 -52.36 14.06 -3.32
N LYS B 372 -53.65 13.69 -3.21
CA LYS B 372 -54.48 14.24 -2.13
C LYS B 372 -54.06 13.67 -0.77
N ARG B 373 -53.79 12.37 -0.71
CA ARG B 373 -53.52 11.71 0.56
C ARG B 373 -52.08 11.92 1.05
N ALA B 374 -51.14 12.10 0.13
CA ALA B 374 -49.73 11.93 0.44
C ALA B 374 -49.26 12.92 1.50
N GLU B 375 -48.69 12.38 2.58
CA GLU B 375 -48.02 13.17 3.60
C GLU B 375 -46.55 12.74 3.67
N PHE B 376 -45.67 13.71 3.90
CA PHE B 376 -44.23 13.47 3.87
C PHE B 376 -43.63 13.69 5.26
N VAL B 377 -42.51 13.01 5.51
CA VAL B 377 -41.60 13.40 6.58
C VAL B 377 -40.29 13.81 5.94
N GLU B 378 -39.59 14.72 6.61
CA GLU B 378 -38.23 15.08 6.24
C GLU B 378 -37.27 14.30 7.13
N ILE B 379 -36.20 13.78 6.53
CA ILE B 379 -35.29 12.88 7.22
C ILE B 379 -33.89 13.49 7.21
N THR B 380 -33.00 12.87 7.98
CA THR B 380 -31.61 13.30 8.07
C THR B 380 -30.71 12.36 7.27
N THR B 381 -29.43 12.71 7.22
CA THR B 381 -28.43 11.87 6.60
C THR B 381 -28.47 10.45 7.18
N ALA B 382 -28.54 10.35 8.51
CA ALA B 382 -28.61 9.05 9.16
C ALA B 382 -29.87 8.29 8.77
N GLY B 383 -30.96 9.00 8.46
CA GLY B 383 -32.18 8.36 8.02
C GLY B 383 -32.11 7.81 6.61
N LEU B 384 -31.21 8.35 5.78
CA LEU B 384 -31.03 7.82 4.44
C LEU B 384 -30.23 6.52 4.46
N LYS B 385 -29.16 6.48 5.25
CA LYS B 385 -28.37 5.25 5.39
C LYS B 385 -29.21 4.12 5.98
N GLU B 386 -30.15 4.45 6.88
CA GLU B 386 -31.08 3.45 7.38
C GLU B 386 -32.08 3.05 6.30
N SER B 387 -32.35 3.93 5.34
CA SER B 387 -33.33 3.62 4.30
C SER B 387 -32.77 2.64 3.28
N HIS B 388 -31.49 2.78 2.94
CA HIS B 388 -30.84 1.91 1.97
C HIS B 388 -30.46 0.59 2.62
N VAL B 389 -29.83 -0.28 1.82
CA VAL B 389 -29.21 -1.46 2.40
C VAL B 389 -28.03 -1.03 3.26
N HIS B 390 -27.96 -1.57 4.47
CA HIS B 390 -26.87 -1.22 5.36
C HIS B 390 -26.43 -2.44 6.15
N ASP B 391 -25.13 -2.47 6.46
CA ASP B 391 -24.48 -3.44 7.33
C ASP B 391 -24.53 -4.86 6.80
N VAL B 392 -24.98 -5.06 5.55
CA VAL B 392 -25.11 -6.40 4.97
C VAL B 392 -24.61 -6.36 3.54
N THR B 393 -23.67 -7.24 3.21
CA THR B 393 -23.14 -7.34 1.85
C THR B 393 -24.19 -7.97 0.94
N ILE B 394 -24.51 -7.29 -0.16
CA ILE B 394 -25.46 -7.84 -1.13
C ILE B 394 -24.77 -8.90 -1.97
N THR B 395 -25.36 -10.10 -2.00
CA THR B 395 -24.80 -11.23 -2.72
C THR B 395 -25.40 -11.40 -4.11
N HIS B 396 -26.73 -11.38 -4.20
CA HIS B 396 -27.43 -11.60 -5.45
C HIS B 396 -27.82 -10.27 -6.09
N GLU B 397 -28.33 -10.34 -7.31
CA GLU B 397 -28.75 -9.17 -8.05
C GLU B 397 -30.21 -8.86 -7.75
N ALA B 398 -30.48 -7.61 -7.36
CA ALA B 398 -31.84 -7.15 -7.17
C ALA B 398 -32.31 -6.39 -8.39
N PRO B 399 -33.45 -6.74 -8.98
CA PRO B 399 -33.87 -6.10 -10.24
C PRO B 399 -34.26 -4.64 -10.10
N ASN B 400 -34.44 -4.13 -8.88
CA ASN B 400 -34.90 -2.76 -8.68
C ASN B 400 -34.05 -2.01 -7.67
N TYR B 401 -32.83 -2.47 -7.41
CA TYR B 401 -32.00 -1.82 -6.39
C TYR B 401 -30.55 -2.21 -6.58
N LYS B 402 -29.73 -1.24 -6.99
CA LYS B 402 -28.27 -1.34 -6.90
C LYS B 402 -27.63 0.00 -7.24
N ALA C 24 -48.00 23.97 -1.51
CA ALA C 24 -46.89 23.32 -0.83
C ALA C 24 -47.27 21.92 -0.36
N MET C 25 -46.32 21.00 -0.49
CA MET C 25 -46.52 19.62 -0.05
C MET C 25 -46.66 19.57 1.48
N LYS C 26 -47.21 18.46 1.96
CA LYS C 26 -47.45 18.27 3.39
C LYS C 26 -46.25 17.57 4.00
N ILE C 27 -45.43 18.33 4.72
CA ILE C 27 -44.33 17.79 5.51
C ILE C 27 -44.75 17.88 6.97
N VAL C 28 -45.05 16.74 7.58
CA VAL C 28 -45.68 16.75 8.91
C VAL C 28 -44.66 16.97 10.02
N LYS C 29 -43.43 16.51 9.85
CA LYS C 29 -42.42 16.58 10.89
C LYS C 29 -41.08 16.20 10.29
N ARG C 30 -40.02 16.50 11.04
CA ARG C 30 -38.67 16.05 10.71
C ARG C 30 -38.37 14.85 11.62
N ALA C 31 -38.19 13.69 11.02
CA ALA C 31 -38.12 12.43 11.75
C ALA C 31 -36.68 11.99 11.95
N LEU C 32 -36.41 11.41 13.12
CA LEU C 32 -35.07 11.01 13.53
C LEU C 32 -34.97 9.49 13.61
N THR C 33 -33.77 8.98 13.32
CA THR C 33 -33.46 7.58 13.55
C THR C 33 -32.40 7.48 14.65
N PHE C 34 -31.92 6.24 14.88
CA PHE C 34 -31.06 5.96 16.01
C PHE C 34 -29.81 6.86 16.03
N GLU C 35 -29.16 7.00 14.88
CA GLU C 35 -27.89 7.72 14.84
C GLU C 35 -28.06 9.23 15.05
N ASP C 36 -29.29 9.74 15.06
CA ASP C 36 -29.54 11.15 15.25
C ASP C 36 -29.53 11.58 16.71
N VAL C 37 -29.61 10.63 17.67
CA VAL C 37 -29.79 10.96 19.06
C VAL C 37 -28.84 10.17 19.94
N LEU C 38 -28.62 10.68 21.16
CA LEU C 38 -27.92 9.97 22.21
C LEU C 38 -28.61 10.25 23.54
N LEU C 39 -28.48 9.30 24.46
CA LEU C 39 -29.02 9.46 25.80
C LEU C 39 -28.08 10.28 26.67
N ARG C 40 -28.64 11.17 27.45
CA ARG C 40 -27.84 11.94 28.39
C ARG C 40 -27.62 11.14 29.68
N PRO C 41 -26.43 11.21 30.27
CA PRO C 41 -26.23 10.55 31.57
C PRO C 41 -27.01 11.27 32.65
N GLY C 42 -27.44 10.50 33.65
CA GLY C 42 -28.12 11.04 34.80
C GLY C 42 -27.52 10.49 36.08
N TYR C 43 -27.91 11.12 37.20
CA TYR C 43 -27.43 10.66 38.50
C TYR C 43 -27.85 9.22 38.73
N SER C 44 -26.89 8.38 39.10
CA SER C 44 -27.11 6.93 39.18
C SER C 44 -26.72 6.42 40.55
N GLU C 45 -27.58 5.57 41.11
CA GLU C 45 -27.26 4.81 42.32
C GLU C 45 -27.29 3.31 42.07
N VAL C 46 -27.35 2.88 40.82
CA VAL C 46 -27.44 1.47 40.47
C VAL C 46 -26.27 1.08 39.58
N LEU C 47 -25.87 -0.16 39.71
CA LEU C 47 -24.83 -0.73 38.86
C LEU C 47 -25.45 -1.51 37.71
N PRO C 48 -24.76 -1.64 36.58
CA PRO C 48 -25.32 -2.40 35.45
C PRO C 48 -25.71 -3.82 35.79
N LYS C 49 -24.89 -4.53 36.59
CA LYS C 49 -25.22 -5.90 36.93
C LYS C 49 -26.41 -6.00 37.89
N GLU C 50 -26.85 -4.89 38.47
CA GLU C 50 -27.97 -4.89 39.40
C GLU C 50 -29.31 -4.57 38.75
N VAL C 51 -29.31 -3.97 37.56
CA VAL C 51 -30.57 -3.53 36.97
C VAL C 51 -31.41 -4.74 36.55
N LYS C 52 -32.70 -4.49 36.38
CA LYS C 52 -33.65 -5.51 35.95
C LYS C 52 -34.12 -5.18 34.54
N ILE C 53 -34.10 -6.20 33.67
CA ILE C 53 -34.36 -5.99 32.25
C ILE C 53 -35.60 -6.76 31.79
N HIS C 54 -36.46 -7.16 32.71
CA HIS C 54 -37.72 -7.79 32.34
C HIS C 54 -38.66 -6.75 31.70
N THR C 55 -39.58 -7.24 30.88
CA THR C 55 -40.48 -6.37 30.14
C THR C 55 -41.72 -7.15 29.74
N LYS C 56 -42.59 -6.53 28.95
CA LYS C 56 -43.80 -7.16 28.44
C LYS C 56 -43.67 -7.30 26.93
N LEU C 57 -44.03 -8.48 26.43
CA LEU C 57 -44.14 -8.75 25.00
C LEU C 57 -45.49 -8.32 24.46
N THR C 58 -46.55 -8.76 25.13
CA THR C 58 -47.93 -8.38 24.84
C THR C 58 -48.58 -7.93 26.14
N LYS C 59 -49.89 -7.68 26.07
CA LYS C 59 -50.64 -7.34 27.29
C LYS C 59 -50.55 -8.44 28.33
N ASN C 60 -50.39 -9.69 27.90
CA ASN C 60 -50.49 -10.83 28.79
C ASN C 60 -49.25 -11.70 28.89
N ILE C 61 -48.22 -11.46 28.07
CA ILE C 61 -47.00 -12.27 28.08
C ILE C 61 -45.82 -11.37 28.45
N THR C 62 -45.04 -11.81 29.44
CA THR C 62 -43.84 -11.11 29.86
C THR C 62 -42.61 -11.78 29.27
N LEU C 63 -41.54 -10.99 29.13
CA LEU C 63 -40.23 -11.48 28.77
C LEU C 63 -39.27 -11.19 29.91
N ASN C 64 -38.29 -12.08 30.11
CA ASN C 64 -37.28 -11.84 31.13
C ASN C 64 -36.17 -10.92 30.64
N MET C 65 -35.97 -10.83 29.34
CA MET C 65 -35.10 -9.87 28.69
C MET C 65 -35.76 -9.45 27.38
N PRO C 66 -35.50 -8.23 26.90
CA PRO C 66 -36.39 -7.62 25.91
C PRO C 66 -36.10 -7.90 24.44
N LEU C 67 -35.42 -9.00 24.10
CA LEU C 67 -35.03 -9.23 22.71
C LEU C 67 -35.83 -10.36 22.06
N ILE C 68 -36.21 -10.14 20.81
CA ILE C 68 -36.95 -11.12 20.01
C ILE C 68 -36.16 -11.35 18.72
N SER C 69 -35.97 -12.61 18.35
CA SER C 69 -35.34 -12.91 17.06
C SER C 69 -36.38 -12.80 15.95
N ALA C 70 -35.95 -12.29 14.80
CA ALA C 70 -36.88 -11.95 13.73
C ALA C 70 -37.45 -13.20 13.08
N ALA C 71 -38.63 -13.03 12.46
CA ALA C 71 -39.37 -14.13 11.85
C ALA C 71 -38.94 -14.28 10.38
N MET C 72 -37.69 -14.69 10.20
CA MET C 72 -37.08 -14.78 8.88
C MET C 72 -36.41 -16.14 8.71
N ASP C 73 -36.41 -16.63 7.46
CA ASP C 73 -35.93 -17.98 7.19
C ASP C 73 -34.41 -18.09 7.17
N THR C 74 -33.69 -17.00 7.45
CA THR C 74 -32.27 -17.07 7.75
C THR C 74 -31.99 -16.75 9.21
N VAL C 75 -33.03 -16.64 10.05
CA VAL C 75 -32.83 -16.25 11.44
C VAL C 75 -33.39 -17.27 12.41
N THR C 76 -34.70 -17.49 12.38
CA THR C 76 -35.39 -18.18 13.48
C THR C 76 -36.12 -19.43 13.02
N GLU C 77 -35.56 -20.59 13.36
CA GLU C 77 -36.34 -21.82 13.44
C GLU C 77 -36.21 -22.36 14.85
N HIS C 78 -36.25 -23.68 15.06
CA HIS C 78 -36.40 -24.16 16.43
C HIS C 78 -35.11 -24.01 17.24
N ARG C 79 -33.94 -24.16 16.60
CA ARG C 79 -32.69 -24.00 17.33
C ARG C 79 -32.53 -22.58 17.86
N ALA C 80 -32.81 -21.59 17.02
CA ALA C 80 -32.67 -20.20 17.45
C ALA C 80 -33.77 -19.82 18.45
N ALA C 81 -34.97 -20.35 18.26
CA ALA C 81 -36.08 -20.02 19.15
C ALA C 81 -35.86 -20.58 20.54
N ILE C 82 -35.32 -21.80 20.63
CA ILE C 82 -35.09 -22.42 21.94
C ILE C 82 -34.07 -21.61 22.74
N MET C 83 -32.98 -21.20 22.09
CA MET C 83 -31.94 -20.42 22.78
C MET C 83 -32.47 -19.07 23.23
N MET C 84 -33.23 -18.39 22.36
CA MET C 84 -33.81 -17.10 22.72
C MET C 84 -34.68 -17.21 23.96
N ALA C 85 -35.55 -18.22 24.00
CA ALA C 85 -36.43 -18.41 25.15
C ALA C 85 -35.63 -18.80 26.39
N ARG C 86 -34.62 -19.67 26.21
CA ARG C 86 -33.78 -20.07 27.34
C ARG C 86 -33.11 -18.86 27.98
N LEU C 87 -32.74 -17.87 27.17
CA LEU C 87 -32.11 -16.65 27.67
C LEU C 87 -33.11 -15.62 28.16
N GLY C 88 -34.40 -15.95 28.19
CA GLY C 88 -35.41 -15.04 28.70
C GLY C 88 -36.17 -14.25 27.67
N GLY C 89 -35.85 -14.42 26.39
CA GLY C 89 -36.54 -13.68 25.34
C GLY C 89 -37.53 -14.53 24.56
N LEU C 90 -37.54 -14.39 23.24
CA LEU C 90 -38.49 -15.10 22.41
C LEU C 90 -37.96 -15.21 20.99
N GLY C 91 -38.36 -16.29 20.32
CA GLY C 91 -38.14 -16.43 18.90
C GLY C 91 -39.46 -16.62 18.18
N VAL C 92 -39.55 -16.08 16.97
CA VAL C 92 -40.73 -16.18 16.13
C VAL C 92 -40.38 -17.06 14.94
N ILE C 93 -41.00 -18.22 14.85
CA ILE C 93 -40.78 -19.13 13.73
C ILE C 93 -41.33 -18.50 12.46
N HIS C 94 -40.48 -18.40 11.43
CA HIS C 94 -40.90 -17.79 10.18
C HIS C 94 -41.94 -18.64 9.46
N LYS C 95 -42.69 -18.00 8.57
CA LYS C 95 -43.84 -18.61 7.91
C LYS C 95 -43.53 -19.08 6.50
N ASN C 96 -42.27 -19.06 6.07
CA ASN C 96 -41.89 -19.47 4.72
C ASN C 96 -41.65 -20.97 4.66
N MET C 97 -42.67 -21.70 5.10
CA MET C 97 -42.67 -23.15 5.11
C MET C 97 -44.13 -23.59 5.16
N ASP C 98 -44.37 -24.88 4.91
CA ASP C 98 -45.75 -25.32 4.96
C ASP C 98 -46.21 -25.41 6.42
N ILE C 99 -47.53 -25.56 6.58
CA ILE C 99 -48.13 -25.53 7.91
C ILE C 99 -47.55 -26.63 8.79
N ALA C 100 -47.42 -27.84 8.24
CA ALA C 100 -46.94 -28.97 9.03
C ALA C 100 -45.50 -28.76 9.50
N SER C 101 -44.68 -28.11 8.68
CA SER C 101 -43.30 -27.86 9.09
C SER C 101 -43.23 -26.79 10.17
N GLN C 102 -44.09 -25.76 10.08
CA GLN C 102 -44.13 -24.75 11.12
C GLN C 102 -44.66 -25.31 12.42
N VAL C 103 -45.74 -26.11 12.35
CA VAL C 103 -46.24 -26.77 13.55
C VAL C 103 -45.14 -27.58 14.21
N ARG C 104 -44.38 -28.33 13.41
CA ARG C 104 -43.34 -29.20 13.96
C ARG C 104 -42.18 -28.40 14.54
N GLU C 105 -41.89 -27.22 13.97
CA GLU C 105 -40.88 -26.34 14.57
C GLU C 105 -41.37 -25.78 15.91
N VAL C 106 -42.65 -25.42 15.99
CA VAL C 106 -43.20 -24.91 17.24
C VAL C 106 -43.13 -25.98 18.33
N LYS C 107 -43.49 -27.21 17.96
CA LYS C 107 -43.55 -28.30 18.94
C LYS C 107 -42.16 -28.70 19.43
N ARG C 108 -41.13 -28.52 18.60
CA ARG C 108 -39.79 -28.81 19.09
C ARG C 108 -39.32 -27.79 20.12
N VAL C 109 -39.81 -26.55 20.01
CA VAL C 109 -39.54 -25.57 21.06
C VAL C 109 -40.34 -25.89 22.31
N LYS C 110 -41.63 -26.22 22.15
CA LYS C 110 -42.48 -26.48 23.30
C LYS C 110 -42.09 -27.76 24.03
N LYS C 111 -41.46 -28.71 23.34
CA LYS C 111 -41.08 -29.98 23.94
C LYS C 111 -39.68 -29.95 24.53
N SER C 112 -38.97 -28.83 24.42
CA SER C 112 -37.58 -28.74 24.87
C SER C 112 -37.45 -28.93 26.39
N LYS C 124 -30.62 -25.03 35.71
CA LYS C 124 -29.65 -24.16 36.38
C LYS C 124 -28.77 -23.41 35.37
N GLU C 125 -28.52 -24.01 34.21
CA GLU C 125 -27.67 -23.38 33.21
C GLU C 125 -28.40 -22.29 32.42
N TYR C 126 -29.73 -22.27 32.47
CA TYR C 126 -30.54 -21.21 31.87
C TYR C 126 -31.58 -20.74 32.90
N PRO C 127 -31.13 -20.07 33.97
CA PRO C 127 -32.06 -19.71 35.06
C PRO C 127 -33.09 -18.66 34.67
N ASP C 128 -32.88 -17.91 33.59
CA ASP C 128 -33.80 -16.86 33.18
C ASP C 128 -34.74 -17.32 32.07
N ALA C 129 -34.88 -18.63 31.86
CA ALA C 129 -35.68 -19.16 30.76
C ALA C 129 -37.11 -18.63 30.83
N ASN C 130 -37.64 -18.25 29.66
CA ASN C 130 -38.99 -17.69 29.56
C ASN C 130 -39.96 -18.82 29.26
N LYS C 131 -40.61 -19.32 30.30
CA LYS C 131 -41.50 -20.47 30.19
C LYS C 131 -42.96 -20.05 30.39
N ASP C 132 -43.86 -20.93 29.95
CA ASP C 132 -45.29 -20.70 30.14
C ASP C 132 -45.72 -21.30 31.48
N ASN C 133 -47.03 -21.42 31.69
CA ASN C 133 -47.53 -21.92 32.97
C ASN C 133 -47.18 -23.38 33.19
N PHE C 134 -46.96 -24.14 32.11
CA PHE C 134 -46.65 -25.55 32.19
C PHE C 134 -45.16 -25.84 32.21
N GLY C 135 -44.32 -24.80 32.30
CA GLY C 135 -42.89 -25.00 32.34
C GLY C 135 -42.25 -25.25 31.00
N ARG C 136 -42.94 -25.01 29.90
CA ARG C 136 -42.40 -25.15 28.57
C ARG C 136 -41.93 -23.81 28.04
N LEU C 137 -40.87 -23.84 27.23
CA LEU C 137 -40.37 -22.61 26.61
C LEU C 137 -41.46 -21.93 25.80
N ARG C 138 -41.46 -20.60 25.82
CA ARG C 138 -42.42 -19.83 25.06
C ARG C 138 -41.87 -19.56 23.66
N VAL C 139 -42.79 -19.51 22.69
CA VAL C 139 -42.40 -19.42 21.29
C VAL C 139 -43.48 -18.67 20.52
N GLY C 140 -43.06 -17.91 19.51
CA GLY C 140 -43.98 -17.25 18.62
C GLY C 140 -43.93 -17.83 17.22
N ALA C 141 -44.93 -17.52 16.40
CA ALA C 141 -45.00 -18.02 15.05
C ALA C 141 -45.64 -16.99 14.14
N ALA C 142 -45.07 -16.82 12.95
CA ALA C 142 -45.55 -15.80 12.02
C ALA C 142 -46.67 -16.36 11.15
N ILE C 143 -47.61 -15.47 10.80
CA ILE C 143 -48.69 -15.77 9.87
C ILE C 143 -48.91 -14.57 8.98
N GLY C 144 -49.62 -14.80 7.87
CA GLY C 144 -50.01 -13.75 6.97
C GLY C 144 -51.53 -13.66 6.88
N VAL C 145 -51.97 -12.74 6.01
CA VAL C 145 -53.40 -12.59 5.75
C VAL C 145 -53.93 -13.85 5.09
N GLY C 146 -55.14 -14.25 5.48
CA GLY C 146 -55.82 -15.35 4.83
C GLY C 146 -55.21 -16.71 5.06
N GLN C 147 -54.73 -16.97 6.28
CA GLN C 147 -54.09 -18.24 6.63
C GLN C 147 -54.69 -18.79 7.92
N MET C 148 -56.01 -18.83 8.00
CA MET C 148 -56.66 -19.25 9.23
C MET C 148 -56.42 -20.73 9.54
N ASP C 149 -56.24 -21.55 8.50
CA ASP C 149 -55.81 -22.93 8.72
C ASP C 149 -54.48 -22.99 9.45
N ARG C 150 -53.56 -22.10 9.08
CA ARG C 150 -52.27 -22.03 9.76
C ARG C 150 -52.44 -21.63 11.22
N VAL C 151 -53.31 -20.65 11.49
CA VAL C 151 -53.56 -20.24 12.86
C VAL C 151 -54.14 -21.38 13.68
N ASP C 152 -55.14 -22.07 13.12
CA ASP C 152 -55.76 -23.20 13.80
C ASP C 152 -54.72 -24.23 14.22
N ALA C 153 -53.82 -24.58 13.31
CA ALA C 153 -52.83 -25.63 13.57
C ALA C 153 -51.78 -25.17 14.57
N LEU C 154 -51.39 -23.90 14.53
CA LEU C 154 -50.40 -23.40 15.48
C LEU C 154 -51.00 -23.26 16.88
N VAL C 155 -52.26 -22.86 16.97
CA VAL C 155 -52.94 -22.83 18.25
C VAL C 155 -52.99 -24.23 18.86
N GLU C 156 -53.35 -25.22 18.04
CA GLU C 156 -53.39 -26.60 18.51
C GLU C 156 -52.00 -27.10 18.90
N ALA C 157 -50.96 -26.60 18.24
CA ALA C 157 -49.60 -26.96 18.59
C ALA C 157 -49.12 -26.29 19.88
N GLY C 158 -49.92 -25.40 20.47
CA GLY C 158 -49.51 -24.74 21.70
C GLY C 158 -48.62 -23.55 21.52
N VAL C 159 -48.73 -22.85 20.38
CA VAL C 159 -47.97 -21.62 20.21
C VAL C 159 -48.38 -20.61 21.27
N ASP C 160 -47.40 -19.86 21.77
CA ASP C 160 -47.69 -18.89 22.82
C ASP C 160 -48.22 -17.58 22.24
N VAL C 161 -47.75 -17.18 21.06
CA VAL C 161 -48.16 -15.92 20.45
C VAL C 161 -48.08 -16.06 18.95
N VAL C 162 -49.07 -15.50 18.26
CA VAL C 162 -49.13 -15.47 16.81
C VAL C 162 -48.76 -14.08 16.33
N VAL C 163 -47.85 -14.00 15.36
CA VAL C 163 -47.33 -12.73 14.86
C VAL C 163 -47.86 -12.54 13.45
N LEU C 164 -48.91 -11.74 13.32
CA LEU C 164 -49.48 -11.40 12.01
C LEU C 164 -48.67 -10.24 11.43
N ASP C 165 -47.78 -10.55 10.48
CA ASP C 165 -46.95 -9.52 9.88
C ASP C 165 -47.33 -9.31 8.42
N SER C 166 -47.00 -8.12 7.94
CA SER C 166 -47.31 -7.68 6.60
C SER C 166 -46.43 -6.48 6.31
N ALA C 167 -46.22 -6.21 5.02
CA ALA C 167 -45.48 -5.01 4.64
C ALA C 167 -46.20 -3.75 5.11
N HIS C 168 -47.54 -3.82 5.21
CA HIS C 168 -48.37 -2.67 5.53
C HIS C 168 -49.44 -3.10 6.53
N GLY C 169 -49.11 -3.04 7.82
CA GLY C 169 -50.05 -3.44 8.85
C GLY C 169 -51.28 -2.55 8.93
N HIS C 170 -51.18 -1.30 8.48
CA HIS C 170 -52.29 -0.35 8.53
C HIS C 170 -53.16 -0.52 7.27
N SER C 171 -53.77 -1.70 7.17
CA SER C 171 -54.52 -2.07 5.98
C SER C 171 -55.81 -2.79 6.38
N LYS C 172 -56.79 -2.75 5.47
CA LYS C 172 -58.08 -3.38 5.76
C LYS C 172 -57.92 -4.89 5.95
N GLY C 173 -57.07 -5.53 5.15
CA GLY C 173 -56.87 -6.96 5.29
C GLY C 173 -56.33 -7.34 6.65
N ILE C 174 -55.29 -6.63 7.10
CA ILE C 174 -54.72 -6.91 8.42
C ILE C 174 -55.74 -6.68 9.51
N ILE C 175 -56.44 -5.54 9.45
CA ILE C 175 -57.40 -5.18 10.51
C ILE C 175 -58.55 -6.18 10.54
N ASP C 176 -59.03 -6.60 9.37
CA ASP C 176 -60.08 -7.61 9.34
C ASP C 176 -59.56 -8.96 9.83
N THR C 177 -58.32 -9.30 9.51
CA THR C 177 -57.74 -10.55 9.99
C THR C 177 -57.55 -10.52 11.50
N VAL C 178 -57.21 -9.35 12.05
CA VAL C 178 -57.11 -9.21 13.51
C VAL C 178 -58.45 -9.51 14.16
N LYS C 179 -59.50 -8.85 13.70
CA LYS C 179 -60.84 -9.06 14.27
C LYS C 179 -61.25 -10.52 14.16
N ALA C 180 -60.93 -11.17 13.04
CA ALA C 180 -61.36 -12.55 12.84
C ALA C 180 -60.65 -13.50 13.80
N ILE C 181 -59.32 -13.36 13.93
CA ILE C 181 -58.58 -14.23 14.84
C ILE C 181 -59.04 -14.01 16.27
N LYS C 182 -59.14 -12.75 16.68
CA LYS C 182 -59.57 -12.44 18.05
C LYS C 182 -60.97 -12.97 18.32
N ALA C 183 -61.86 -12.90 17.32
CA ALA C 183 -63.22 -13.39 17.51
C ALA C 183 -63.26 -14.90 17.72
N LYS C 184 -62.36 -15.64 17.08
CA LYS C 184 -62.36 -17.10 17.17
C LYS C 184 -61.46 -17.62 18.28
N TYR C 185 -60.36 -16.92 18.59
CA TYR C 185 -59.45 -17.31 19.66
C TYR C 185 -59.27 -16.12 20.59
N PRO C 186 -60.26 -15.85 21.46
CA PRO C 186 -60.16 -14.67 22.35
C PRO C 186 -58.95 -14.71 23.28
N ASN C 187 -58.49 -15.89 23.69
CA ASN C 187 -57.39 -15.99 24.63
C ASN C 187 -56.04 -16.19 23.96
N LEU C 188 -55.97 -16.05 22.64
CA LEU C 188 -54.70 -16.17 21.93
C LEU C 188 -54.06 -14.79 21.80
N ASP C 189 -52.86 -14.66 22.34
CA ASP C 189 -52.12 -13.40 22.23
C ASP C 189 -51.69 -13.18 20.78
N LEU C 190 -51.95 -11.98 20.26
CA LEU C 190 -51.77 -11.69 18.85
C LEU C 190 -50.98 -10.40 18.67
N ILE C 191 -49.91 -10.47 17.89
CA ILE C 191 -49.10 -9.32 17.50
C ILE C 191 -49.40 -9.00 16.04
N ALA C 192 -49.48 -7.72 15.71
CA ALA C 192 -49.71 -7.28 14.34
C ALA C 192 -48.73 -6.19 13.95
N GLY C 193 -48.31 -6.21 12.69
CA GLY C 193 -47.40 -5.22 12.15
C GLY C 193 -47.30 -5.39 10.65
N ASN C 194 -46.47 -4.54 10.03
CA ASN C 194 -45.72 -3.51 10.73
C ASN C 194 -46.35 -2.14 10.50
N ILE C 195 -46.17 -1.22 11.45
CA ILE C 195 -46.74 0.11 11.37
C ILE C 195 -45.65 1.14 11.65
N ALA C 196 -45.98 2.41 11.36
CA ALA C 196 -45.05 3.50 11.63
C ALA C 196 -45.73 4.82 11.94
N THR C 197 -47.05 4.84 12.17
CA THR C 197 -47.77 6.07 12.49
C THR C 197 -48.67 5.84 13.70
N ALA C 198 -49.03 6.96 14.33
CA ALA C 198 -49.93 6.89 15.47
C ALA C 198 -51.32 6.43 15.07
N ALA C 199 -51.81 6.93 13.92
CA ALA C 199 -53.12 6.50 13.44
C ALA C 199 -53.16 4.99 13.21
N ALA C 200 -52.05 4.43 12.70
CA ALA C 200 -51.97 2.99 12.53
C ALA C 200 -52.03 2.27 13.87
N ALA C 201 -51.33 2.80 14.88
CA ALA C 201 -51.35 2.18 16.20
C ALA C 201 -52.74 2.22 16.81
N LYS C 202 -53.45 3.34 16.63
CA LYS C 202 -54.83 3.42 17.10
C LYS C 202 -55.71 2.39 16.41
N ALA C 203 -55.56 2.25 15.08
CA ALA C 203 -56.40 1.32 14.33
C ALA C 203 -56.18 -0.12 14.78
N LEU C 204 -54.91 -0.52 14.98
CA LEU C 204 -54.63 -1.89 15.37
C LEU C 204 -55.05 -2.15 16.82
N CYS C 205 -54.83 -1.17 17.70
CA CYS C 205 -55.25 -1.35 19.09
C CYS C 205 -56.77 -1.48 19.20
N GLU C 206 -57.51 -0.67 18.43
CA GLU C 206 -58.96 -0.75 18.46
C GLU C 206 -59.48 -2.04 17.83
N ALA C 207 -58.70 -2.67 16.95
CA ALA C 207 -59.08 -3.96 16.40
C ALA C 207 -58.86 -5.10 17.39
N GLY C 208 -58.05 -4.89 18.41
CA GLY C 208 -57.88 -5.84 19.48
C GLY C 208 -56.53 -6.54 19.59
N VAL C 209 -55.46 -5.97 19.02
CA VAL C 209 -54.16 -6.62 19.11
C VAL C 209 -53.64 -6.56 20.54
N ASP C 210 -52.73 -7.47 20.86
CA ASP C 210 -52.07 -7.49 22.16
C ASP C 210 -50.69 -6.84 22.14
N ALA C 211 -50.21 -6.47 20.96
CA ALA C 211 -49.01 -5.66 20.76
C ALA C 211 -48.98 -5.22 19.30
N VAL C 212 -48.35 -4.07 19.06
CA VAL C 212 -48.10 -3.59 17.71
C VAL C 212 -46.60 -3.62 17.46
N LYS C 213 -46.21 -3.96 16.24
CA LYS C 213 -44.80 -4.04 15.84
C LYS C 213 -44.52 -2.88 14.90
N VAL C 214 -43.52 -2.07 15.25
CA VAL C 214 -43.24 -0.81 14.58
C VAL C 214 -41.99 -0.96 13.73
N GLY C 215 -42.08 -0.52 12.48
CA GLY C 215 -40.92 -0.49 11.60
C GLY C 215 -41.26 -0.64 10.13
N ILE C 216 -41.32 0.48 9.42
CA ILE C 216 -41.50 0.49 7.96
C ILE C 216 -40.23 1.11 7.38
N GLY C 217 -39.35 0.27 6.83
CA GLY C 217 -38.16 0.75 6.18
C GLY C 217 -36.81 0.64 6.87
N PRO C 218 -36.73 0.42 8.20
CA PRO C 218 -35.42 0.49 8.85
C PRO C 218 -34.55 -0.76 8.70
N GLY C 219 -35.11 -1.87 8.24
CA GLY C 219 -34.39 -3.13 8.29
C GLY C 219 -33.13 -3.11 7.45
N SER C 220 -32.09 -3.77 7.95
CA SER C 220 -30.79 -3.80 7.27
C SER C 220 -30.91 -4.30 5.83
N ILE C 221 -31.81 -5.24 5.58
CA ILE C 221 -31.99 -5.82 4.26
C ILE C 221 -33.19 -5.24 3.54
N CYS C 222 -33.79 -4.17 4.06
CA CYS C 222 -35.01 -3.62 3.52
C CYS C 222 -34.70 -2.59 2.43
N THR C 223 -35.46 -2.63 1.35
CA THR C 223 -35.38 -1.64 0.28
C THR C 223 -36.70 -0.91 0.07
N THR C 224 -37.66 -1.08 0.98
CA THR C 224 -38.98 -0.48 0.80
C THR C 224 -38.89 1.03 0.62
N ARG C 225 -38.02 1.69 1.38
CA ARG C 225 -37.91 3.14 1.27
C ARG C 225 -37.33 3.55 -0.09
N ILE C 226 -36.52 2.70 -0.69
CA ILE C 226 -35.92 2.98 -1.99
C ILE C 226 -36.85 2.57 -3.13
N VAL C 227 -37.54 1.44 -2.96
CA VAL C 227 -38.41 0.94 -4.02
C VAL C 227 -39.69 1.76 -4.11
N SER C 228 -40.30 2.05 -2.97
CA SER C 228 -41.60 2.71 -2.93
C SER C 228 -41.55 4.14 -2.40
N GLY C 229 -40.45 4.57 -1.78
CA GLY C 229 -40.38 5.90 -1.23
C GLY C 229 -41.11 6.09 0.09
N VAL C 230 -41.53 5.01 0.74
CA VAL C 230 -42.34 5.06 1.95
C VAL C 230 -41.49 4.63 3.13
N GLY C 231 -41.64 5.32 4.25
CA GLY C 231 -40.96 4.94 5.47
C GLY C 231 -40.96 6.06 6.49
N VAL C 232 -40.69 5.68 7.74
CA VAL C 232 -40.53 6.63 8.83
C VAL C 232 -39.29 6.23 9.62
N PRO C 233 -38.31 7.13 9.79
CA PRO C 233 -37.14 6.81 10.62
C PRO C 233 -37.56 6.28 11.98
N GLN C 234 -36.81 5.29 12.48
CA GLN C 234 -37.35 4.37 13.47
C GLN C 234 -37.54 5.04 14.84
N ILE C 235 -36.65 5.95 15.23
CA ILE C 235 -36.82 6.61 16.53
C ILE C 235 -38.12 7.40 16.56
N SER C 236 -38.39 8.15 15.49
CA SER C 236 -39.63 8.92 15.43
C SER C 236 -40.84 8.00 15.31
N ALA C 237 -40.71 6.90 14.56
CA ALA C 237 -41.83 5.97 14.43
C ALA C 237 -42.15 5.31 15.77
N ILE C 238 -41.12 4.91 16.52
CA ILE C 238 -41.33 4.33 17.85
C ILE C 238 -42.04 5.35 18.74
N ASP C 239 -41.50 6.57 18.79
CA ASP C 239 -42.05 7.61 19.66
C ASP C 239 -43.51 7.88 19.35
N GLU C 240 -43.84 8.03 18.06
CA GLU C 240 -45.20 8.33 17.65
C GLU C 240 -46.15 7.21 18.01
N CYS C 241 -45.71 5.96 17.85
CA CYS C 241 -46.60 4.83 18.06
C CYS C 241 -46.75 4.48 19.53
N VAL C 242 -45.67 4.61 20.31
CA VAL C 242 -45.74 4.30 21.74
C VAL C 242 -46.73 5.21 22.44
N GLU C 243 -46.72 6.50 22.09
CA GLU C 243 -47.64 7.45 22.72
C GLU C 243 -49.10 7.07 22.48
N GLU C 244 -49.42 6.56 21.29
CA GLU C 244 -50.78 6.14 21.01
C GLU C 244 -51.10 4.81 21.67
N ALA C 245 -50.22 3.81 21.50
CA ALA C 245 -50.49 2.48 22.01
C ALA C 245 -50.59 2.47 23.53
N ASN C 246 -49.86 3.37 24.20
CA ASN C 246 -49.93 3.44 25.66
C ASN C 246 -51.34 3.76 26.14
N LYS C 247 -52.09 4.53 25.36
CA LYS C 247 -53.48 4.84 25.73
C LYS C 247 -54.36 3.60 25.75
N PHE C 248 -53.92 2.51 25.10
CA PHE C 248 -54.63 1.24 25.11
C PHE C 248 -53.93 0.19 25.97
N GLY C 249 -52.88 0.58 26.68
CA GLY C 249 -52.09 -0.38 27.44
C GLY C 249 -51.52 -1.50 26.60
N VAL C 250 -51.04 -1.17 25.41
CA VAL C 250 -50.58 -2.15 24.43
C VAL C 250 -49.11 -1.90 24.16
N PRO C 251 -48.24 -2.91 24.32
CA PRO C 251 -46.80 -2.69 24.13
C PRO C 251 -46.43 -2.51 22.66
N VAL C 252 -45.26 -1.89 22.44
CA VAL C 252 -44.72 -1.66 21.11
C VAL C 252 -43.45 -2.49 20.96
N ILE C 253 -43.38 -3.28 19.90
CA ILE C 253 -42.18 -3.99 19.53
C ILE C 253 -41.44 -3.17 18.49
N ALA C 254 -40.17 -2.87 18.75
CA ALA C 254 -39.34 -2.07 17.83
C ALA C 254 -38.58 -3.02 16.93
N ASP C 255 -38.97 -3.10 15.66
CA ASP C 255 -38.49 -4.11 14.73
C ASP C 255 -37.70 -3.47 13.60
N GLY C 256 -36.39 -3.68 13.61
CA GLY C 256 -35.58 -3.34 12.46
C GLY C 256 -34.61 -2.19 12.75
N GLY C 257 -33.47 -2.24 12.09
CA GLY C 257 -32.50 -1.16 12.16
C GLY C 257 -31.55 -1.20 13.33
N ILE C 258 -31.65 -2.21 14.20
CA ILE C 258 -30.70 -2.35 15.29
C ILE C 258 -29.35 -2.77 14.72
N LYS C 259 -28.35 -1.90 14.87
CA LYS C 259 -26.98 -2.20 14.44
C LYS C 259 -26.05 -2.48 15.61
N TYR C 260 -26.30 -1.87 16.76
CA TYR C 260 -25.44 -1.99 17.93
C TYR C 260 -26.32 -2.11 19.17
N SER C 261 -25.72 -2.61 20.26
CA SER C 261 -26.44 -2.70 21.52
C SER C 261 -26.98 -1.34 21.96
N GLY C 262 -26.31 -0.26 21.59
CA GLY C 262 -26.77 1.07 21.95
C GLY C 262 -28.12 1.43 21.33
N ASP C 263 -28.42 0.87 20.16
CA ASP C 263 -29.72 1.12 19.55
C ASP C 263 -30.83 0.42 20.31
N ILE C 264 -30.55 -0.74 20.89
CA ILE C 264 -31.52 -1.39 21.76
C ILE C 264 -31.89 -0.49 22.93
N ALA C 265 -30.87 0.11 23.56
CA ALA C 265 -31.11 1.01 24.68
C ALA C 265 -31.93 2.22 24.25
N LYS C 266 -31.59 2.81 23.10
CA LYS C 266 -32.32 3.98 22.63
C LYS C 266 -33.78 3.62 22.32
N ALA C 267 -34.01 2.49 21.66
CA ALA C 267 -35.37 2.09 21.32
C ALA C 267 -36.21 1.88 22.57
N LEU C 268 -35.65 1.19 23.57
CA LEU C 268 -36.38 0.96 24.82
C LEU C 268 -36.62 2.26 25.57
N ALA C 269 -35.62 3.15 25.59
CA ALA C 269 -35.75 4.40 26.34
C ALA C 269 -36.83 5.29 25.76
N VAL C 270 -37.03 5.27 24.43
CA VAL C 270 -38.07 6.07 23.82
C VAL C 270 -39.46 5.55 24.13
N GLY C 271 -39.58 4.27 24.51
CA GLY C 271 -40.87 3.77 24.95
C GLY C 271 -41.26 2.40 24.42
N ALA C 272 -40.39 1.78 23.64
CA ALA C 272 -40.67 0.42 23.19
C ALA C 272 -40.51 -0.55 24.35
N SER C 273 -41.30 -1.63 24.32
CA SER C 273 -41.22 -2.65 25.36
C SER C 273 -40.29 -3.79 25.01
N SER C 274 -40.02 -4.01 23.72
CA SER C 274 -39.10 -5.06 23.30
C SER C 274 -38.57 -4.69 21.93
N VAL C 275 -37.54 -5.42 21.51
CA VAL C 275 -36.84 -5.16 20.26
C VAL C 275 -36.71 -6.46 19.48
N MET C 276 -37.07 -6.43 18.20
CA MET C 276 -36.90 -7.56 17.31
C MET C 276 -35.65 -7.35 16.46
N ILE C 277 -34.82 -8.38 16.34
CA ILE C 277 -33.51 -8.26 15.73
C ILE C 277 -33.35 -9.36 14.68
N GLY C 278 -32.84 -8.99 13.50
CA GLY C 278 -32.60 -9.95 12.44
C GLY C 278 -31.14 -10.16 12.12
N SER C 279 -30.48 -9.12 11.61
CA SER C 279 -29.12 -9.27 11.08
C SER C 279 -28.11 -9.63 12.16
N LEU C 280 -28.27 -9.08 13.38
CA LEU C 280 -27.28 -9.34 14.41
C LEU C 280 -27.32 -10.78 14.93
N LEU C 281 -28.32 -11.57 14.54
CA LEU C 281 -28.41 -12.97 14.91
C LEU C 281 -28.31 -13.92 13.73
N ALA C 282 -28.24 -13.41 12.50
CA ALA C 282 -28.29 -14.27 11.32
C ALA C 282 -27.01 -15.06 11.11
N GLY C 283 -25.89 -14.60 11.67
CA GLY C 283 -24.62 -15.27 11.46
C GLY C 283 -24.20 -16.17 12.60
N THR C 284 -25.17 -16.67 13.36
CA THR C 284 -24.89 -17.47 14.54
C THR C 284 -25.04 -18.97 14.24
N ASP C 285 -24.52 -19.78 15.16
CA ASP C 285 -24.65 -21.23 15.03
C ASP C 285 -26.11 -21.65 14.93
N GLU C 286 -26.98 -21.02 15.73
CA GLU C 286 -28.35 -21.48 15.91
C GLU C 286 -29.26 -21.13 14.75
N SER C 287 -28.89 -20.16 13.90
CA SER C 287 -29.77 -19.76 12.82
C SER C 287 -29.77 -20.82 11.71
N PRO C 288 -30.85 -20.93 10.94
CA PRO C 288 -30.88 -21.92 9.87
C PRO C 288 -29.84 -21.60 8.80
N GLY C 289 -29.57 -22.59 7.97
CA GLY C 289 -28.59 -22.30 6.94
C GLY C 289 -27.17 -22.62 7.38
N GLU C 290 -26.35 -22.98 6.41
CA GLU C 290 -25.02 -23.48 6.70
C GLU C 290 -23.97 -22.39 6.51
N LEU C 291 -22.83 -22.60 7.16
CA LEU C 291 -21.68 -21.74 6.93
C LEU C 291 -21.13 -21.97 5.53
N PHE C 292 -20.64 -20.88 4.94
CA PHE C 292 -19.87 -20.99 3.70
C PHE C 292 -18.70 -20.02 3.77
N THR C 293 -17.72 -20.26 2.91
CA THR C 293 -16.49 -19.49 2.88
C THR C 293 -16.45 -18.64 1.62
N TYR C 294 -16.17 -17.36 1.78
CA TYR C 294 -15.98 -16.44 0.65
C TYR C 294 -14.75 -15.60 0.93
N GLN C 295 -13.70 -15.79 0.13
CA GLN C 295 -12.47 -15.01 0.22
C GLN C 295 -11.89 -15.04 1.63
N GLY C 296 -11.79 -16.25 2.18
CA GLY C 296 -11.07 -16.48 3.41
C GLY C 296 -11.87 -16.38 4.69
N ARG C 297 -13.12 -15.93 4.63
CA ARG C 297 -13.94 -15.74 5.82
C ARG C 297 -15.21 -16.57 5.72
N GLN C 298 -15.83 -16.78 6.88
CA GLN C 298 -17.05 -17.59 6.97
C GLN C 298 -18.27 -16.70 7.14
N TYR C 299 -19.33 -17.01 6.40
CA TYR C 299 -20.57 -16.24 6.41
C TYR C 299 -21.76 -17.18 6.44
N LYS C 300 -22.91 -16.62 6.78
CA LYS C 300 -24.21 -17.25 6.55
C LYS C 300 -25.04 -16.34 5.65
N SER C 301 -26.03 -16.94 5.00
CA SER C 301 -26.97 -16.15 4.23
C SER C 301 -27.81 -15.27 5.15
N TYR C 302 -28.19 -14.11 4.65
CA TYR C 302 -29.17 -13.26 5.33
C TYR C 302 -29.92 -12.48 4.27
N ARG C 303 -31.22 -12.68 4.19
CA ARG C 303 -32.02 -12.10 3.11
C ARG C 303 -33.35 -11.64 3.65
N GLY C 304 -33.88 -10.59 3.03
CA GLY C 304 -35.23 -10.16 3.34
C GLY C 304 -36.25 -11.18 2.90
N MET C 305 -37.36 -11.23 3.61
CA MET C 305 -38.47 -12.10 3.21
C MET C 305 -39.18 -11.58 1.98
N GLY C 306 -38.96 -10.31 1.63
CA GLY C 306 -39.52 -9.74 0.43
C GLY C 306 -38.51 -9.72 -0.71
N SER C 307 -37.43 -10.48 -0.57
CA SER C 307 -36.44 -10.60 -1.63
C SER C 307 -36.85 -11.69 -2.61
N LEU C 308 -36.27 -11.63 -3.82
CA LEU C 308 -36.58 -12.62 -4.85
C LEU C 308 -36.34 -14.04 -4.35
N GLY C 309 -35.22 -14.26 -3.66
CA GLY C 309 -34.87 -15.60 -3.24
C GLY C 309 -35.83 -16.18 -2.22
N ALA C 310 -36.28 -15.36 -1.27
CA ALA C 310 -37.21 -15.85 -0.26
C ALA C 310 -38.58 -16.15 -0.86
N MET C 311 -39.05 -15.27 -1.75
CA MET C 311 -40.38 -15.46 -2.32
C MET C 311 -40.43 -16.64 -3.30
N GLN C 312 -39.33 -16.89 -4.01
CA GLN C 312 -39.34 -17.95 -5.02
C GLN C 312 -39.24 -19.34 -4.37
N LYS C 313 -38.45 -19.47 -3.31
CA LYS C 313 -38.43 -20.73 -2.57
C LYS C 313 -39.80 -21.02 -1.96
N GLY C 314 -40.48 -19.98 -1.47
CA GLY C 314 -41.80 -20.18 -0.91
C GLY C 314 -42.82 -20.63 -1.93
N SER C 315 -42.79 -20.02 -3.12
CA SER C 315 -43.72 -20.39 -4.19
C SER C 315 -43.06 -20.25 -5.56
N LYS C 328 -43.56 -11.27 -13.08
CA LYS C 328 -42.26 -10.96 -12.50
C LYS C 328 -42.42 -10.19 -11.20
N LEU C 329 -41.76 -10.70 -10.14
CA LEU C 329 -41.92 -10.13 -8.81
C LEU C 329 -41.19 -8.79 -8.70
N VAL C 330 -41.68 -7.94 -7.82
CA VAL C 330 -41.04 -6.69 -7.47
C VAL C 330 -40.64 -6.74 -6.00
N PRO C 331 -39.38 -7.07 -5.71
CA PRO C 331 -38.97 -7.29 -4.32
C PRO C 331 -38.81 -5.97 -3.55
N GLU C 332 -38.86 -6.11 -2.23
CA GLU C 332 -38.57 -5.02 -1.30
C GLU C 332 -37.55 -5.45 -0.26
N GLY C 333 -36.64 -6.34 -0.66
CA GLY C 333 -35.52 -6.74 0.17
C GLY C 333 -34.44 -7.32 -0.72
N ILE C 334 -33.25 -7.46 -0.14
CA ILE C 334 -32.12 -8.00 -0.88
C ILE C 334 -31.70 -9.33 -0.26
N GLU C 335 -30.92 -10.09 -1.04
CA GLU C 335 -30.29 -11.31 -0.57
C GLU C 335 -28.83 -10.99 -0.25
N GLY C 336 -28.41 -11.31 0.97
CA GLY C 336 -27.07 -10.98 1.38
C GLY C 336 -26.36 -12.02 2.22
N ARG C 337 -25.22 -11.65 2.79
CA ARG C 337 -24.50 -12.50 3.72
C ARG C 337 -24.03 -11.66 4.90
N VAL C 338 -23.92 -12.30 6.06
CA VAL C 338 -23.38 -11.65 7.25
C VAL C 338 -22.26 -12.51 7.80
N PRO C 339 -21.25 -11.93 8.46
CA PRO C 339 -20.15 -12.73 8.99
C PRO C 339 -20.61 -13.68 10.08
N TYR C 340 -19.91 -14.81 10.17
CA TYR C 340 -20.16 -15.77 11.24
C TYR C 340 -19.64 -15.21 12.56
N VAL C 341 -20.49 -15.19 13.58
CA VAL C 341 -20.17 -14.52 14.84
C VAL C 341 -20.29 -15.45 16.04
N GLY C 342 -20.33 -16.76 15.80
CA GLY C 342 -20.39 -17.70 16.91
C GLY C 342 -21.79 -17.96 17.43
N SER C 343 -21.93 -18.23 18.73
CA SER C 343 -23.21 -18.66 19.28
C SER C 343 -24.12 -17.48 19.57
N ILE C 344 -25.42 -17.74 19.54
CA ILE C 344 -26.42 -16.73 19.88
C ILE C 344 -26.24 -16.26 21.33
N ARG C 345 -25.83 -17.18 22.21
CA ARG C 345 -25.67 -16.83 23.62
C ARG C 345 -24.65 -15.71 23.82
N SER C 346 -23.53 -15.77 23.08
CA SER C 346 -22.50 -14.75 23.23
C SER C 346 -22.90 -13.43 22.57
N VAL C 347 -23.66 -13.49 21.48
CA VAL C 347 -24.18 -12.26 20.88
C VAL C 347 -25.16 -11.60 21.84
N VAL C 348 -26.10 -12.38 22.38
CA VAL C 348 -27.11 -11.85 23.29
C VAL C 348 -26.45 -11.27 24.54
N HIS C 349 -25.38 -11.92 25.01
CA HIS C 349 -24.71 -11.45 26.23
C HIS C 349 -24.14 -10.04 26.03
N GLN C 350 -23.53 -9.78 24.87
CA GLN C 350 -22.99 -8.45 24.61
C GLN C 350 -24.11 -7.43 24.45
N LEU C 351 -25.19 -7.80 23.75
CA LEU C 351 -26.30 -6.88 23.53
C LEU C 351 -26.89 -6.41 24.86
N LEU C 352 -27.26 -7.36 25.73
CA LEU C 352 -27.85 -7.00 27.02
C LEU C 352 -26.83 -6.33 27.93
N GLY C 353 -25.55 -6.68 27.79
CA GLY C 353 -24.52 -5.96 28.52
C GLY C 353 -24.47 -4.48 28.17
N GLY C 354 -24.72 -4.15 26.89
CA GLY C 354 -24.80 -2.75 26.51
C GLY C 354 -26.03 -2.06 27.08
N LEU C 355 -27.17 -2.76 27.08
CA LEU C 355 -28.39 -2.21 27.67
C LEU C 355 -28.20 -1.95 29.16
N ARG C 356 -27.57 -2.89 29.85
CA ARG C 356 -27.34 -2.73 31.29
C ARG C 356 -26.43 -1.54 31.58
N SER C 357 -25.37 -1.38 30.78
CA SER C 357 -24.50 -0.21 30.94
C SER C 357 -25.29 1.08 30.73
N SER C 358 -26.10 1.13 29.67
CA SER C 358 -26.94 2.29 29.39
C SER C 358 -27.83 2.64 30.58
N MET C 359 -28.53 1.65 31.09
CA MET C 359 -29.42 1.85 32.21
C MET C 359 -28.61 2.36 33.41
N GLY C 360 -27.40 1.84 33.57
CA GLY C 360 -26.54 2.32 34.64
C GLY C 360 -26.16 3.78 34.48
N TYR C 361 -25.94 4.21 33.24
CA TYR C 361 -25.61 5.61 32.97
C TYR C 361 -26.80 6.51 33.31
N VAL C 362 -28.01 6.05 33.02
CA VAL C 362 -29.20 6.87 33.25
C VAL C 362 -29.67 6.79 34.70
N GLY C 363 -29.24 5.78 35.45
CA GLY C 363 -29.66 5.62 36.82
C GLY C 363 -30.96 4.89 37.01
N ALA C 364 -31.30 4.00 36.09
CA ALA C 364 -32.60 3.34 36.07
C ALA C 364 -32.48 1.93 36.65
N LYS C 365 -33.41 1.59 37.54
CA LYS C 365 -33.43 0.26 38.13
C LYS C 365 -34.13 -0.77 37.24
N ASP C 366 -35.05 -0.34 36.38
CA ASP C 366 -35.74 -1.24 35.47
C ASP C 366 -36.15 -0.43 34.24
N ILE C 367 -36.79 -1.12 33.28
CA ILE C 367 -37.12 -0.50 32.00
C ILE C 367 -38.05 0.69 32.20
N GLU C 368 -39.13 0.49 32.96
CA GLU C 368 -40.08 1.58 33.16
C GLU C 368 -39.41 2.81 33.76
N ASP C 369 -38.50 2.60 34.72
CA ASP C 369 -37.70 3.69 35.24
C ASP C 369 -36.79 4.27 34.17
N PHE C 370 -36.25 3.42 33.31
CA PHE C 370 -35.39 3.85 32.21
C PHE C 370 -36.14 4.80 31.29
N GLN C 371 -37.38 4.45 30.93
CA GLN C 371 -38.18 5.31 30.06
C GLN C 371 -38.60 6.59 30.77
N LYS C 372 -38.81 6.53 32.10
CA LYS C 372 -39.17 7.73 32.85
C LYS C 372 -38.01 8.71 32.91
N ARG C 373 -36.80 8.22 33.19
CA ARG C 373 -35.65 9.09 33.39
C ARG C 373 -35.02 9.58 32.10
N ALA C 374 -35.25 8.88 30.99
CA ALA C 374 -34.49 9.09 29.77
C ALA C 374 -34.66 10.51 29.24
N GLU C 375 -33.53 11.17 28.96
CA GLU C 375 -33.50 12.44 28.26
C GLU C 375 -32.45 12.35 27.15
N PHE C 376 -32.76 12.91 25.99
CA PHE C 376 -31.93 12.76 24.80
C PHE C 376 -31.31 14.09 24.39
N VAL C 377 -30.26 14.00 23.59
CA VAL C 377 -29.73 15.11 22.82
C VAL C 377 -29.79 14.72 21.35
N GLU C 378 -30.15 15.67 20.49
CA GLU C 378 -29.98 15.48 19.06
C GLU C 378 -28.56 15.87 18.67
N ILE C 379 -27.93 15.04 17.85
CA ILE C 379 -26.53 15.24 17.50
C ILE C 379 -26.41 15.48 16.00
N THR C 380 -25.20 15.81 15.58
CA THR C 380 -24.88 16.14 14.20
C THR C 380 -24.05 15.03 13.58
N THR C 381 -23.81 15.15 12.26
CA THR C 381 -22.96 14.20 11.56
C THR C 381 -21.58 14.12 12.21
N ALA C 382 -21.01 15.27 12.57
CA ALA C 382 -19.72 15.28 13.24
C ALA C 382 -19.80 14.62 14.61
N GLY C 383 -20.92 14.81 15.31
CA GLY C 383 -21.11 14.14 16.59
C GLY C 383 -21.17 12.63 16.44
N LEU C 384 -21.75 12.15 15.34
CA LEU C 384 -21.75 10.72 15.07
C LEU C 384 -20.34 10.20 14.85
N LYS C 385 -19.53 10.93 14.08
CA LYS C 385 -18.15 10.50 13.84
C LYS C 385 -17.34 10.52 15.14
N GLU C 386 -17.60 11.52 15.99
CA GLU C 386 -16.94 11.55 17.30
C GLU C 386 -17.36 10.36 18.15
N SER C 387 -18.61 9.92 18.01
CA SER C 387 -19.14 8.83 18.84
C SER C 387 -18.47 7.50 18.51
N HIS C 388 -18.29 7.22 17.23
CA HIS C 388 -17.62 5.98 16.82
C HIS C 388 -16.13 6.07 17.14
N VAL C 389 -15.46 4.93 16.96
CA VAL C 389 -14.00 4.95 16.98
C VAL C 389 -13.50 5.79 15.81
N HIS C 390 -12.52 6.65 16.08
CA HIS C 390 -12.03 7.54 15.03
C HIS C 390 -10.53 7.74 15.17
N ASP C 391 -9.86 7.89 14.03
CA ASP C 391 -8.44 8.23 13.91
C ASP C 391 -7.53 7.19 14.54
N VAL C 392 -8.03 5.98 14.81
CA VAL C 392 -7.23 4.92 15.40
C VAL C 392 -7.54 3.61 14.66
N THR C 393 -6.50 2.99 14.11
CA THR C 393 -6.66 1.70 13.46
C THR C 393 -6.94 0.62 14.51
N ILE C 394 -7.99 -0.15 14.29
CA ILE C 394 -8.34 -1.23 15.21
C ILE C 394 -7.53 -2.48 14.84
N THR C 395 -6.88 -3.07 15.84
CA THR C 395 -6.04 -4.25 15.64
C THR C 395 -6.62 -5.52 16.21
N HIS C 396 -7.48 -5.43 17.23
CA HIS C 396 -8.09 -6.59 17.85
C HIS C 396 -9.60 -6.51 17.67
N GLU C 397 -10.21 -7.66 17.37
CA GLU C 397 -11.64 -7.73 17.15
C GLU C 397 -12.39 -7.45 18.45
N ALA C 398 -13.29 -6.47 18.43
CA ALA C 398 -14.08 -6.19 19.62
C ALA C 398 -15.38 -6.98 19.58
N PRO C 399 -15.81 -7.57 20.70
CA PRO C 399 -16.99 -8.44 20.67
C PRO C 399 -18.30 -7.69 20.46
N ASN C 400 -18.38 -6.41 20.82
CA ASN C 400 -19.61 -5.66 20.68
C ASN C 400 -19.48 -4.49 19.71
N TYR C 401 -18.41 -4.43 18.93
CA TYR C 401 -18.18 -3.31 18.04
C TYR C 401 -17.49 -3.79 16.77
N LYS C 402 -18.16 -3.64 15.63
CA LYS C 402 -17.59 -4.04 14.35
C LYS C 402 -17.92 -3.01 13.27
N ALA D 24 -44.42 12.11 24.36
CA ALA D 24 -43.35 12.19 23.38
C ALA D 24 -41.99 12.25 24.08
N MET D 25 -40.97 11.70 23.43
CA MET D 25 -39.64 11.65 24.01
C MET D 25 -39.11 13.06 24.27
N LYS D 26 -38.24 13.17 25.28
CA LYS D 26 -37.69 14.45 25.72
C LYS D 26 -36.31 14.63 25.09
N ILE D 27 -36.21 15.56 24.14
CA ILE D 27 -34.94 15.96 23.56
C ILE D 27 -34.57 17.31 24.15
N VAL D 28 -33.50 17.34 24.94
CA VAL D 28 -33.14 18.54 25.68
C VAL D 28 -32.61 19.62 24.75
N LYS D 29 -31.74 19.24 23.81
CA LYS D 29 -31.06 20.22 22.98
C LYS D 29 -30.48 19.54 21.75
N ARG D 30 -30.03 20.36 20.81
CA ARG D 30 -29.22 19.93 19.68
C ARG D 30 -27.77 20.20 20.04
N ALA D 31 -27.01 19.13 20.28
CA ALA D 31 -25.67 19.23 20.85
C ALA D 31 -24.61 19.19 19.76
N LEU D 32 -23.58 20.02 19.92
CA LEU D 32 -22.54 20.21 18.91
C LEU D 32 -21.21 19.70 19.42
N THR D 33 -20.35 19.31 18.49
CA THR D 33 -18.98 18.90 18.76
C THR D 33 -18.01 19.84 18.05
N PHE D 34 -16.72 19.50 18.12
CA PHE D 34 -15.67 20.42 17.69
C PHE D 34 -15.86 20.87 16.25
N GLU D 35 -16.16 19.94 15.35
CA GLU D 35 -16.17 20.20 13.91
C GLU D 35 -17.45 20.87 13.44
N ASP D 36 -18.39 21.13 14.35
CA ASP D 36 -19.59 21.91 14.05
C ASP D 36 -19.36 23.41 14.15
N VAL D 37 -18.25 23.87 14.73
CA VAL D 37 -18.04 25.29 15.00
C VAL D 37 -16.62 25.69 14.65
N LEU D 38 -16.45 26.99 14.43
CA LEU D 38 -15.15 27.64 14.30
C LEU D 38 -15.16 28.98 15.01
N LEU D 39 -13.97 29.41 15.43
CA LEU D 39 -13.82 30.71 16.06
C LEU D 39 -13.78 31.81 15.01
N ARG D 40 -14.49 32.92 15.27
CA ARG D 40 -14.39 34.10 14.43
C ARG D 40 -13.13 34.89 14.80
N PRO D 41 -12.37 35.35 13.82
CA PRO D 41 -11.23 36.22 14.13
C PRO D 41 -11.70 37.59 14.60
N GLY D 42 -10.89 38.23 15.44
CA GLY D 42 -11.17 39.56 15.93
C GLY D 42 -9.95 40.44 15.83
N TYR D 43 -10.14 41.72 16.12
CA TYR D 43 -9.04 42.67 16.07
C TYR D 43 -7.94 42.22 17.04
N SER D 44 -6.70 42.16 16.55
CA SER D 44 -5.60 41.62 17.31
C SER D 44 -4.46 42.62 17.37
N GLU D 45 -3.93 42.84 18.57
CA GLU D 45 -2.68 43.54 18.76
C GLU D 45 -1.59 42.66 19.34
N VAL D 46 -1.86 41.38 19.55
CA VAL D 46 -0.90 40.46 20.14
C VAL D 46 -0.33 39.56 19.05
N LEU D 47 0.86 39.05 19.33
CA LEU D 47 1.51 38.13 18.42
C LEU D 47 1.56 36.74 19.03
N PRO D 48 1.36 35.69 18.22
CA PRO D 48 1.27 34.33 18.79
C PRO D 48 2.40 33.94 19.72
N LYS D 49 3.64 34.35 19.43
CA LYS D 49 4.77 33.94 20.25
C LYS D 49 4.87 34.68 21.57
N GLU D 50 4.03 35.69 21.79
CA GLU D 50 4.08 36.47 23.02
C GLU D 50 2.91 36.24 23.96
N VAL D 51 1.83 35.60 23.51
CA VAL D 51 0.70 35.35 24.40
C VAL D 51 1.12 34.36 25.48
N LYS D 52 0.39 34.39 26.60
CA LYS D 52 0.68 33.56 27.76
C LYS D 52 -0.38 32.48 27.87
N ILE D 53 0.06 31.24 28.04
CA ILE D 53 -0.84 30.09 28.01
C ILE D 53 -0.92 29.38 29.36
N HIS D 54 -0.57 30.06 30.44
CA HIS D 54 -0.77 29.51 31.77
C HIS D 54 -2.25 29.38 32.05
N THR D 55 -2.59 28.43 32.91
CA THR D 55 -3.98 28.15 33.26
C THR D 55 -4.00 27.42 34.60
N LYS D 56 -5.20 27.12 35.07
CA LYS D 56 -5.41 26.41 36.33
C LYS D 56 -5.81 24.97 36.05
N LEU D 57 -5.13 24.03 36.73
CA LEU D 57 -5.53 22.63 36.68
C LEU D 57 -6.64 22.35 37.68
N THR D 58 -6.42 22.72 38.94
CA THR D 58 -7.46 22.69 39.96
C THR D 58 -7.60 24.07 40.57
N LYS D 59 -8.34 24.16 41.69
CA LYS D 59 -8.50 25.45 42.36
C LYS D 59 -7.17 25.97 42.92
N ASN D 60 -6.19 25.10 43.13
CA ASN D 60 -4.93 25.48 43.75
C ASN D 60 -3.71 25.29 42.84
N ILE D 61 -3.69 24.22 42.05
CA ILE D 61 -2.53 23.89 41.23
C ILE D 61 -2.66 24.54 39.86
N THR D 62 -1.63 25.27 39.46
CA THR D 62 -1.58 25.89 38.15
C THR D 62 -0.78 25.03 37.17
N LEU D 63 -1.00 25.28 35.89
CA LEU D 63 -0.17 24.75 34.82
C LEU D 63 0.43 25.91 34.05
N ASN D 64 1.64 25.70 33.53
CA ASN D 64 2.28 26.70 32.69
C ASN D 64 1.84 26.59 31.23
N MET D 65 1.28 25.45 30.84
CA MET D 65 0.64 25.26 29.55
C MET D 65 -0.49 24.26 29.75
N PRO D 66 -1.55 24.31 28.93
CA PRO D 66 -2.82 23.67 29.33
C PRO D 66 -3.04 22.22 28.90
N LEU D 67 -2.00 21.42 28.71
CA LEU D 67 -2.17 20.06 28.21
C LEU D 67 -1.84 19.02 29.29
N ILE D 68 -2.63 17.95 29.32
CA ILE D 68 -2.46 16.84 30.27
C ILE D 68 -2.48 15.54 29.48
N SER D 69 -1.52 14.66 29.75
CA SER D 69 -1.52 13.36 29.10
C SER D 69 -2.47 12.40 29.82
N ALA D 70 -3.15 11.56 29.05
CA ALA D 70 -4.23 10.74 29.56
C ALA D 70 -3.72 9.65 30.51
N ALA D 71 -4.57 9.28 31.46
CA ALA D 71 -4.25 8.25 32.45
C ALA D 71 -4.53 6.86 31.85
N MET D 72 -3.75 6.52 30.83
CA MET D 72 -3.93 5.29 30.07
C MET D 72 -2.60 4.54 29.99
N ASP D 73 -2.69 3.21 29.98
CA ASP D 73 -1.49 2.37 30.05
C ASP D 73 -0.74 2.30 28.72
N THR D 74 -1.22 2.97 27.67
CA THR D 74 -0.44 3.16 26.45
C THR D 74 -0.03 4.62 26.27
N VAL D 75 -0.24 5.47 27.27
CA VAL D 75 0.06 6.89 27.14
C VAL D 75 1.01 7.39 28.22
N THR D 76 0.64 7.23 29.50
CA THR D 76 1.34 7.93 30.57
C THR D 76 1.84 6.98 31.65
N GLU D 77 3.16 6.75 31.67
CA GLU D 77 3.86 6.31 32.86
C GLU D 77 4.88 7.38 33.22
N HIS D 78 5.96 7.02 33.93
CA HIS D 78 6.83 8.05 34.48
C HIS D 78 7.55 8.83 33.39
N ARG D 79 7.97 8.15 32.31
CA ARG D 79 8.74 8.82 31.27
C ARG D 79 7.93 9.92 30.60
N ALA D 80 6.67 9.63 30.26
CA ALA D 80 5.83 10.63 29.64
C ALA D 80 5.39 11.70 30.65
N ALA D 81 5.17 11.31 31.91
CA ALA D 81 4.77 12.29 32.91
C ALA D 81 5.86 13.31 33.18
N ILE D 82 7.13 12.91 33.06
CA ILE D 82 8.23 13.83 33.28
C ILE D 82 8.29 14.87 32.16
N MET D 83 8.15 14.41 30.91
CA MET D 83 8.22 15.34 29.78
C MET D 83 7.09 16.36 29.82
N MET D 84 5.86 15.89 30.08
CA MET D 84 4.72 16.80 30.16
C MET D 84 4.95 17.87 31.21
N ALA D 85 5.43 17.46 32.40
CA ALA D 85 5.71 18.42 33.45
C ALA D 85 6.86 19.35 33.08
N ARG D 86 7.92 18.80 32.49
CA ARG D 86 9.04 19.63 32.05
C ARG D 86 8.61 20.68 31.05
N LEU D 87 7.62 20.36 30.21
CA LEU D 87 7.13 21.29 29.20
C LEU D 87 6.08 22.25 29.73
N GLY D 88 5.67 22.11 30.99
CA GLY D 88 4.72 23.01 31.61
C GLY D 88 3.37 22.40 31.93
N GLY D 89 3.07 21.19 31.43
CA GLY D 89 1.78 20.59 31.69
C GLY D 89 1.80 19.58 32.83
N LEU D 90 1.17 18.43 32.62
CA LEU D 90 1.05 17.42 33.65
C LEU D 90 0.81 16.06 33.01
N GLY D 91 1.36 15.02 33.63
CA GLY D 91 1.07 13.64 33.28
C GLY D 91 0.38 12.96 34.45
N VAL D 92 -0.58 12.09 34.13
CA VAL D 92 -1.37 11.40 35.13
C VAL D 92 -1.10 9.90 34.99
N ILE D 93 -0.39 9.33 35.97
CA ILE D 93 -0.07 7.91 35.94
C ILE D 93 -1.37 7.10 35.96
N HIS D 94 -1.43 6.09 35.10
CA HIS D 94 -2.63 5.26 35.03
C HIS D 94 -2.69 4.29 36.21
N LYS D 95 -3.90 3.82 36.49
CA LYS D 95 -4.18 2.96 37.64
C LYS D 95 -4.21 1.48 37.28
N ASN D 96 -3.84 1.11 36.06
CA ASN D 96 -3.81 -0.29 35.66
C ASN D 96 -2.50 -0.94 36.09
N MET D 97 -2.17 -0.80 37.38
CA MET D 97 -1.01 -1.43 37.98
C MET D 97 -1.27 -1.51 39.48
N ASP D 98 -0.50 -2.36 40.16
CA ASP D 98 -0.72 -2.45 41.59
C ASP D 98 -0.26 -1.17 42.28
N ILE D 99 -0.61 -1.05 43.57
CA ILE D 99 -0.35 0.19 44.29
C ILE D 99 1.15 0.46 44.37
N ALA D 100 1.94 -0.59 44.60
CA ALA D 100 3.39 -0.41 44.75
C ALA D 100 4.02 0.15 43.49
N SER D 101 3.60 -0.34 42.31
CA SER D 101 4.18 0.14 41.07
C SER D 101 3.79 1.59 40.78
N GLN D 102 2.55 1.96 41.09
CA GLN D 102 2.11 3.33 40.86
C GLN D 102 2.85 4.31 41.76
N VAL D 103 3.07 3.93 43.02
CA VAL D 103 3.87 4.75 43.92
C VAL D 103 5.27 4.92 43.36
N ARG D 104 5.85 3.84 42.82
CA ARG D 104 7.20 3.91 42.26
C ARG D 104 7.25 4.81 41.05
N GLU D 105 6.21 4.77 40.21
CA GLU D 105 6.15 5.65 39.05
C GLU D 105 6.07 7.11 39.48
N VAL D 106 5.22 7.40 40.47
CA VAL D 106 5.04 8.79 40.92
C VAL D 106 6.35 9.33 41.50
N LYS D 107 6.99 8.53 42.35
CA LYS D 107 8.25 8.97 42.96
C LYS D 107 9.34 9.18 41.92
N ARG D 108 9.30 8.42 40.82
CA ARG D 108 10.28 8.63 39.76
C ARG D 108 10.13 10.01 39.12
N VAL D 109 8.91 10.55 39.09
CA VAL D 109 8.71 11.89 38.56
C VAL D 109 9.15 12.94 39.57
N LYS D 110 8.78 12.76 40.84
CA LYS D 110 9.08 13.76 41.87
C LYS D 110 10.58 13.88 42.15
N LYS D 111 11.36 12.84 41.86
CA LYS D 111 12.80 12.89 42.08
C LYS D 111 13.58 13.44 40.91
N SER D 112 12.98 13.47 39.71
CA SER D 112 13.67 13.74 38.45
C SER D 112 14.60 14.94 38.52
N GLU D 113 14.05 16.13 38.66
CA GLU D 113 14.87 17.33 38.77
C GLU D 113 15.19 17.66 40.22
N ARG D 123 17.64 22.54 32.74
CA ARG D 123 16.82 23.46 33.52
C ARG D 123 16.71 24.80 32.81
N LYS D 124 17.79 25.18 32.12
CA LYS D 124 17.67 26.22 31.12
C LYS D 124 17.13 25.68 29.80
N GLU D 125 17.08 24.35 29.66
CA GLU D 125 16.40 23.71 28.55
C GLU D 125 14.89 23.61 28.77
N TYR D 126 14.43 23.63 30.03
CA TYR D 126 13.02 23.51 30.37
C TYR D 126 12.63 24.65 31.30
N PRO D 127 12.63 25.89 30.80
CA PRO D 127 12.37 27.05 31.67
C PRO D 127 10.91 27.23 32.06
N ASP D 128 10.00 26.43 31.50
CA ASP D 128 8.59 26.48 31.87
C ASP D 128 8.14 25.24 32.63
N ALA D 129 9.07 24.47 33.18
CA ALA D 129 8.72 23.25 33.89
C ALA D 129 7.74 23.55 35.02
N ASN D 130 6.74 22.69 35.16
CA ASN D 130 5.69 22.84 36.16
C ASN D 130 6.16 22.14 37.44
N LYS D 131 6.57 22.92 38.44
CA LYS D 131 7.12 22.39 39.67
C LYS D 131 6.26 22.77 40.86
N ASP D 132 6.45 22.04 41.95
CA ASP D 132 5.75 22.32 43.21
C ASP D 132 6.59 23.28 44.05
N ASN D 133 6.23 23.43 45.32
CA ASN D 133 6.93 24.38 46.18
C ASN D 133 8.36 23.95 46.48
N PHE D 134 8.68 22.67 46.34
CA PHE D 134 10.00 22.15 46.66
C PHE D 134 10.87 21.95 45.43
N GLY D 135 10.51 22.58 44.31
CA GLY D 135 11.28 22.44 43.09
C GLY D 135 11.13 21.10 42.41
N ARG D 136 10.09 20.34 42.75
CA ARG D 136 9.89 19.01 42.20
C ARG D 136 8.85 19.06 41.09
N LEU D 137 9.05 18.24 40.06
CA LEU D 137 8.07 18.11 39.00
C LEU D 137 6.71 17.73 39.59
N ARG D 138 5.65 18.34 39.04
CA ARG D 138 4.31 17.99 39.45
C ARG D 138 3.83 16.76 38.68
N VAL D 139 3.01 15.94 39.34
CA VAL D 139 2.52 14.71 38.74
C VAL D 139 1.22 14.32 39.41
N GLY D 140 0.31 13.75 38.62
CA GLY D 140 -0.93 13.21 39.12
C GLY D 140 -1.00 11.70 38.94
N ALA D 141 -1.99 11.11 39.60
CA ALA D 141 -2.19 9.66 39.58
C ALA D 141 -3.67 9.35 39.64
N ALA D 142 -4.08 8.37 38.83
CA ALA D 142 -5.48 7.97 38.72
C ALA D 142 -5.83 6.94 39.79
N ILE D 143 -7.03 7.07 40.34
CA ILE D 143 -7.58 6.12 41.29
C ILE D 143 -9.00 5.76 40.87
N GLY D 144 -9.46 4.60 41.34
CA GLY D 144 -10.83 4.19 41.15
C GLY D 144 -11.65 4.32 42.44
N VAL D 145 -12.90 3.88 42.35
CA VAL D 145 -13.81 3.96 43.49
C VAL D 145 -13.37 2.97 44.57
N GLY D 146 -13.42 3.42 45.82
CA GLY D 146 -13.14 2.52 46.94
C GLY D 146 -11.72 2.02 46.98
N GLN D 147 -10.77 2.86 46.60
CA GLN D 147 -9.36 2.47 46.63
C GLN D 147 -8.59 3.34 47.61
N MET D 148 -9.07 3.45 48.84
CA MET D 148 -8.44 4.31 49.83
C MET D 148 -7.00 3.89 50.08
N ASP D 149 -6.74 2.59 50.09
CA ASP D 149 -5.37 2.14 50.24
C ASP D 149 -4.46 2.81 49.21
N ARG D 150 -4.93 2.90 47.97
CA ARG D 150 -4.14 3.52 46.92
C ARG D 150 -3.96 5.02 47.17
N VAL D 151 -5.00 5.69 47.68
CA VAL D 151 -4.89 7.12 47.97
C VAL D 151 -3.87 7.37 49.07
N ASP D 152 -3.90 6.56 50.13
CA ASP D 152 -2.94 6.72 51.22
C ASP D 152 -1.51 6.64 50.71
N ALA D 153 -1.22 5.68 49.85
CA ALA D 153 0.16 5.44 49.42
C ALA D 153 0.64 6.53 48.47
N LEU D 154 -0.22 6.99 47.56
CA LEU D 154 0.19 8.04 46.63
C LEU D 154 0.34 9.38 47.33
N VAL D 155 -0.38 9.60 48.42
CA VAL D 155 -0.17 10.81 49.22
C VAL D 155 1.21 10.77 49.88
N GLU D 156 1.52 9.68 50.58
CA GLU D 156 2.83 9.52 51.20
C GLU D 156 3.95 9.50 50.16
N ALA D 157 3.64 9.20 48.91
CA ALA D 157 4.62 9.28 47.83
C ALA D 157 4.83 10.71 47.34
N GLY D 158 4.00 11.65 47.77
CA GLY D 158 4.15 13.03 47.34
C GLY D 158 3.40 13.38 46.08
N VAL D 159 2.28 12.73 45.79
CA VAL D 159 1.51 13.05 44.60
C VAL D 159 0.95 14.46 44.74
N ASP D 160 0.88 15.17 43.62
CA ASP D 160 0.37 16.53 43.62
C ASP D 160 -1.14 16.59 43.45
N VAL D 161 -1.72 15.64 42.72
CA VAL D 161 -3.16 15.64 42.49
C VAL D 161 -3.59 14.20 42.24
N VAL D 162 -4.74 13.84 42.81
CA VAL D 162 -5.34 12.52 42.61
C VAL D 162 -6.50 12.67 41.66
N VAL D 163 -6.56 11.80 40.66
CA VAL D 163 -7.56 11.87 39.61
C VAL D 163 -8.48 10.68 39.76
N LEU D 164 -9.65 10.91 40.35
CA LEU D 164 -10.66 9.87 40.53
C LEU D 164 -11.47 9.77 39.24
N ASP D 165 -11.17 8.76 38.43
CA ASP D 165 -11.88 8.60 37.16
C ASP D 165 -12.76 7.36 37.18
N SER D 166 -13.89 7.48 36.50
CA SER D 166 -14.84 6.40 36.30
C SER D 166 -15.54 6.64 34.97
N ALA D 167 -16.10 5.58 34.41
CA ALA D 167 -16.90 5.74 33.20
C ALA D 167 -18.10 6.65 33.44
N HIS D 168 -18.63 6.65 34.67
CA HIS D 168 -19.78 7.46 35.03
C HIS D 168 -19.46 8.23 36.31
N GLY D 169 -19.04 9.49 36.16
CA GLY D 169 -18.71 10.29 37.32
C GLY D 169 -19.93 10.68 38.15
N HIS D 170 -21.08 10.86 37.50
CA HIS D 170 -22.30 11.29 38.18
C HIS D 170 -23.00 10.11 38.86
N SER D 171 -22.29 9.48 39.79
CA SER D 171 -22.76 8.28 40.44
C SER D 171 -22.52 8.37 41.95
N LYS D 172 -23.31 7.60 42.70
CA LYS D 172 -23.20 7.62 44.15
C LYS D 172 -21.82 7.18 44.62
N GLY D 173 -21.25 6.17 43.97
CA GLY D 173 -19.94 5.69 44.38
C GLY D 173 -18.86 6.75 44.26
N ILE D 174 -18.88 7.51 43.16
CA ILE D 174 -17.90 8.58 42.97
C ILE D 174 -18.13 9.69 43.98
N ILE D 175 -19.39 10.10 44.16
CA ILE D 175 -19.70 11.21 45.07
C ILE D 175 -19.25 10.87 46.49
N ASP D 176 -19.60 9.68 46.96
CA ASP D 176 -19.15 9.25 48.29
C ASP D 176 -17.63 9.19 48.34
N THR D 177 -17.00 8.66 47.29
CA THR D 177 -15.54 8.61 47.26
C THR D 177 -14.94 10.01 47.39
N VAL D 178 -15.54 10.99 46.72
CA VAL D 178 -15.06 12.37 46.83
C VAL D 178 -15.19 12.87 48.27
N LYS D 179 -16.34 12.64 48.88
CA LYS D 179 -16.55 13.06 50.26
C LYS D 179 -15.55 12.40 51.21
N ALA D 180 -15.30 11.11 51.02
CA ALA D 180 -14.41 10.39 51.92
C ALA D 180 -12.96 10.85 51.77
N ILE D 181 -12.54 11.18 50.56
CA ILE D 181 -11.16 11.58 50.33
C ILE D 181 -10.91 12.98 50.88
N LYS D 182 -11.80 13.93 50.57
CA LYS D 182 -11.63 15.29 51.05
C LYS D 182 -11.75 15.40 52.56
N ALA D 183 -12.44 14.46 53.20
CA ALA D 183 -12.50 14.46 54.66
C ALA D 183 -11.18 13.99 55.27
N LYS D 184 -10.55 12.98 54.65
CA LYS D 184 -9.29 12.45 55.18
C LYS D 184 -8.12 13.34 54.79
N TYR D 185 -8.13 13.91 53.59
CA TYR D 185 -7.04 14.75 53.07
C TYR D 185 -7.63 16.06 52.58
N PRO D 186 -7.92 16.99 53.49
CA PRO D 186 -8.54 18.27 53.06
C PRO D 186 -7.65 19.09 52.14
N ASN D 187 -6.35 18.86 52.14
CA ASN D 187 -5.41 19.63 51.34
C ASN D 187 -4.92 18.89 50.10
N LEU D 188 -5.47 17.71 49.83
CA LEU D 188 -5.14 16.97 48.61
C LEU D 188 -6.04 17.44 47.48
N ASP D 189 -5.45 17.95 46.41
CA ASP D 189 -6.22 18.36 45.25
C ASP D 189 -6.83 17.14 44.57
N LEU D 190 -8.13 17.20 44.30
CA LEU D 190 -8.88 16.04 43.81
C LEU D 190 -9.59 16.40 42.52
N ILE D 191 -9.32 15.64 41.46
CA ILE D 191 -10.05 15.71 40.20
C ILE D 191 -10.95 14.50 40.11
N ALA D 192 -12.20 14.71 39.70
CA ALA D 192 -13.14 13.61 39.52
C ALA D 192 -13.83 13.73 38.17
N GLY D 193 -14.16 12.58 37.59
CA GLY D 193 -14.85 12.52 36.32
C GLY D 193 -15.19 11.08 36.00
N ASN D 194 -15.73 10.87 34.80
CA ASN D 194 -16.01 11.94 33.86
C ASN D 194 -17.50 12.23 33.79
N ILE D 195 -17.84 13.46 33.40
CA ILE D 195 -19.21 13.94 33.39
C ILE D 195 -19.50 14.60 32.06
N ALA D 196 -20.79 14.88 31.82
CA ALA D 196 -21.17 15.54 30.58
C ALA D 196 -22.38 16.46 30.76
N THR D 197 -22.87 16.66 31.98
CA THR D 197 -24.04 17.49 32.23
C THR D 197 -23.76 18.47 33.34
N ALA D 198 -24.48 19.61 33.29
CA ALA D 198 -24.35 20.60 34.35
C ALA D 198 -24.76 20.03 35.71
N ALA D 199 -25.82 19.21 35.72
CA ALA D 199 -26.26 18.59 36.96
C ALA D 199 -25.17 17.69 37.55
N ALA D 200 -24.37 17.06 36.70
CA ALA D 200 -23.23 16.29 37.19
C ALA D 200 -22.15 17.21 37.76
N ALA D 201 -21.94 18.35 37.12
CA ALA D 201 -20.94 19.31 37.61
C ALA D 201 -21.36 19.88 38.96
N LYS D 202 -22.64 20.21 39.12
CA LYS D 202 -23.14 20.72 40.38
C LYS D 202 -22.91 19.70 41.51
N ALA D 203 -23.16 18.43 41.24
CA ALA D 203 -23.04 17.40 42.27
C ALA D 203 -21.59 17.26 42.73
N LEU D 204 -20.66 17.18 41.78
CA LEU D 204 -19.25 17.00 42.13
C LEU D 204 -18.70 18.23 42.84
N CYS D 205 -19.08 19.43 42.38
CA CYS D 205 -18.60 20.65 43.02
C CYS D 205 -19.09 20.76 44.45
N GLU D 206 -20.35 20.40 44.70
CA GLU D 206 -20.87 20.42 46.07
C GLU D 206 -20.25 19.31 46.92
N ALA D 207 -19.84 18.21 46.28
CA ALA D 207 -19.14 17.16 47.01
C ALA D 207 -17.73 17.57 47.40
N GLY D 208 -17.20 18.64 46.80
CA GLY D 208 -15.94 19.21 47.19
C GLY D 208 -14.76 18.98 46.26
N VAL D 209 -14.98 18.61 45.01
CA VAL D 209 -13.86 18.39 44.10
C VAL D 209 -13.15 19.71 43.82
N ASP D 210 -11.90 19.60 43.35
CA ASP D 210 -11.12 20.76 42.97
C ASP D 210 -11.06 20.94 41.46
N ALA D 211 -11.52 19.96 40.68
CA ALA D 211 -11.65 20.07 39.24
C ALA D 211 -12.52 18.93 38.75
N VAL D 212 -13.24 19.15 37.66
CA VAL D 212 -14.09 18.14 37.05
C VAL D 212 -13.53 17.85 35.66
N LYS D 213 -13.65 16.59 35.25
CA LYS D 213 -13.19 16.17 33.94
C LYS D 213 -14.41 15.83 33.08
N VAL D 214 -14.51 16.46 31.92
CA VAL D 214 -15.70 16.41 31.09
C VAL D 214 -15.39 15.56 29.85
N GLY D 215 -16.18 14.52 29.65
CA GLY D 215 -16.02 13.65 28.50
C GLY D 215 -16.67 12.29 28.66
N ILE D 216 -17.87 12.13 28.08
CA ILE D 216 -18.54 10.85 28.01
C ILE D 216 -18.73 10.53 26.53
N GLY D 217 -17.84 9.70 25.98
CA GLY D 217 -17.98 9.25 24.61
C GLY D 217 -17.07 9.82 23.52
N PRO D 218 -16.36 10.93 23.73
CA PRO D 218 -15.63 11.53 22.60
C PRO D 218 -14.29 10.89 22.30
N GLY D 219 -13.76 10.03 23.18
CA GLY D 219 -12.41 9.54 23.00
C GLY D 219 -12.25 8.75 21.72
N SER D 220 -11.02 8.78 21.17
CA SER D 220 -10.75 8.13 19.89
C SER D 220 -10.99 6.62 19.95
N ILE D 221 -10.70 6.01 21.09
CA ILE D 221 -10.82 4.56 21.24
C ILE D 221 -12.08 4.18 22.00
N CYS D 222 -12.99 5.13 22.23
CA CYS D 222 -14.15 4.93 23.08
C CYS D 222 -15.34 4.46 22.25
N THR D 223 -16.04 3.44 22.74
CA THR D 223 -17.26 2.96 22.10
C THR D 223 -18.50 3.14 22.96
N THR D 224 -18.39 3.92 24.04
CA THR D 224 -19.49 4.04 25.01
C THR D 224 -20.78 4.47 24.34
N ARG D 225 -20.71 5.46 23.43
CA ARG D 225 -21.92 5.93 22.78
C ARG D 225 -22.52 4.87 21.86
N ILE D 226 -21.67 4.00 21.30
CA ILE D 226 -22.16 2.97 20.40
C ILE D 226 -22.70 1.78 21.19
N VAL D 227 -22.03 1.41 22.28
CA VAL D 227 -22.40 0.23 23.04
C VAL D 227 -23.62 0.50 23.92
N SER D 228 -23.70 1.70 24.50
CA SER D 228 -24.76 2.03 25.44
C SER D 228 -25.72 3.12 24.94
N GLY D 229 -25.41 3.82 23.86
CA GLY D 229 -26.26 4.89 23.39
C GLY D 229 -26.22 6.15 24.22
N VAL D 230 -25.26 6.26 25.14
CA VAL D 230 -25.19 7.37 26.09
C VAL D 230 -23.98 8.24 25.76
N GLY D 231 -24.19 9.55 25.79
CA GLY D 231 -23.09 10.48 25.57
C GLY D 231 -23.63 11.87 25.27
N VAL D 232 -22.70 12.82 25.27
CA VAL D 232 -22.98 14.21 24.88
C VAL D 232 -21.85 14.71 24.01
N PRO D 233 -22.15 15.25 22.83
CA PRO D 233 -21.10 15.85 21.99
C PRO D 233 -20.26 16.85 22.78
N GLN D 234 -18.95 16.80 22.54
CA GLN D 234 -17.99 17.32 23.52
C GLN D 234 -18.09 18.83 23.69
N ILE D 235 -18.28 19.57 22.61
CA ILE D 235 -18.34 21.03 22.72
C ILE D 235 -19.52 21.45 23.61
N SER D 236 -20.68 20.82 23.40
CA SER D 236 -21.84 21.12 24.23
C SER D 236 -21.61 20.68 25.67
N ALA D 237 -20.96 19.54 25.87
CA ALA D 237 -20.68 19.06 27.22
C ALA D 237 -19.79 20.05 27.97
N ILE D 238 -18.70 20.49 27.33
CA ILE D 238 -17.83 21.49 27.95
C ILE D 238 -18.62 22.75 28.28
N ASP D 239 -19.32 23.28 27.28
CA ASP D 239 -20.10 24.51 27.44
C ASP D 239 -21.04 24.40 28.62
N GLU D 240 -21.79 23.29 28.69
CA GLU D 240 -22.77 23.10 29.76
C GLU D 240 -22.10 23.01 31.11
N CYS D 241 -20.99 22.28 31.21
CA CYS D 241 -20.37 22.02 32.51
C CYS D 241 -19.63 23.24 33.04
N VAL D 242 -18.97 23.99 32.15
CA VAL D 242 -18.20 25.16 32.58
C VAL D 242 -19.13 26.21 33.19
N GLU D 243 -20.31 26.40 32.60
CA GLU D 243 -21.26 27.37 33.14
C GLU D 243 -21.62 27.05 34.58
N GLU D 244 -21.73 25.76 34.92
CA GLU D 244 -22.07 25.38 36.28
C GLU D 244 -20.85 25.31 37.20
N ALA D 245 -19.72 24.84 36.67
CA ALA D 245 -18.52 24.76 37.50
C ALA D 245 -17.98 26.14 37.83
N ASN D 246 -18.21 27.13 36.97
CA ASN D 246 -17.75 28.49 37.22
C ASN D 246 -18.41 29.08 38.46
N LYS D 247 -19.63 28.63 38.77
CA LYS D 247 -20.32 29.14 39.96
C LYS D 247 -19.60 28.73 41.24
N PHE D 248 -18.90 27.61 41.22
CA PHE D 248 -18.14 27.12 42.37
C PHE D 248 -16.66 27.44 42.27
N GLY D 249 -16.24 28.16 41.23
CA GLY D 249 -14.83 28.44 41.01
C GLY D 249 -13.99 27.22 40.72
N VAL D 250 -14.55 26.24 40.02
CA VAL D 250 -13.93 24.93 39.82
C VAL D 250 -13.55 24.79 38.36
N PRO D 251 -12.29 24.52 38.04
CA PRO D 251 -11.88 24.40 36.64
C PRO D 251 -12.40 23.12 35.99
N VAL D 252 -12.59 23.18 34.68
CA VAL D 252 -13.10 22.08 33.89
C VAL D 252 -12.00 21.58 32.96
N ILE D 253 -11.75 20.27 32.99
CA ILE D 253 -10.79 19.63 32.11
C ILE D 253 -11.54 18.97 30.97
N ALA D 254 -11.16 19.29 29.73
CA ALA D 254 -11.79 18.74 28.53
C ALA D 254 -11.04 17.48 28.13
N ASP D 255 -11.63 16.33 28.40
CA ASP D 255 -10.96 15.04 28.24
C ASP D 255 -11.55 14.27 27.06
N GLY D 256 -10.74 14.06 26.04
CA GLY D 256 -11.09 13.20 24.93
C GLY D 256 -11.58 13.97 23.72
N GLY D 257 -11.34 13.39 22.55
CA GLY D 257 -11.86 13.92 21.30
C GLY D 257 -10.93 14.84 20.55
N ILE D 258 -9.80 15.21 21.11
CA ILE D 258 -8.87 16.10 20.43
C ILE D 258 -8.19 15.35 19.29
N LYS D 259 -8.33 15.87 18.08
CA LYS D 259 -7.63 15.35 16.91
C LYS D 259 -6.62 16.31 16.34
N TYR D 260 -6.86 17.62 16.45
CA TYR D 260 -5.99 18.64 15.89
C TYR D 260 -5.80 19.76 16.92
N SER D 261 -4.77 20.58 16.72
CA SER D 261 -4.51 21.67 17.64
C SER D 261 -5.68 22.65 17.70
N GLY D 262 -6.44 22.77 16.61
CA GLY D 262 -7.60 23.65 16.63
C GLY D 262 -8.66 23.22 17.61
N ASP D 263 -8.77 21.93 17.89
CA ASP D 263 -9.71 21.46 18.90
C ASP D 263 -9.30 21.91 20.30
N ILE D 264 -8.01 22.02 20.55
CA ILE D 264 -7.56 22.51 21.82
C ILE D 264 -8.01 23.96 21.99
N ALA D 265 -7.92 24.75 20.92
CA ALA D 265 -8.30 26.16 20.99
C ALA D 265 -9.80 26.31 21.22
N LYS D 266 -10.62 25.50 20.54
CA LYS D 266 -12.06 25.60 20.72
C LYS D 266 -12.47 25.20 22.13
N ALA D 267 -11.88 24.13 22.66
CA ALA D 267 -12.21 23.68 24.01
C ALA D 267 -11.90 24.76 25.04
N LEU D 268 -10.69 25.33 24.96
CA LEU D 268 -10.33 26.39 25.90
C LEU D 268 -11.18 27.65 25.67
N ALA D 269 -11.42 28.00 24.40
CA ALA D 269 -12.24 29.17 24.11
C ALA D 269 -13.66 29.03 24.67
N VAL D 270 -14.17 27.81 24.75
CA VAL D 270 -15.51 27.59 25.29
C VAL D 270 -15.51 27.73 26.82
N GLY D 271 -14.38 27.52 27.48
CA GLY D 271 -14.32 27.74 28.91
C GLY D 271 -13.56 26.69 29.68
N ALA D 272 -13.13 25.63 29.00
CA ALA D 272 -12.27 24.65 29.66
C ALA D 272 -10.99 25.32 30.10
N SER D 273 -10.45 24.87 31.24
CA SER D 273 -9.18 25.38 31.72
C SER D 273 -8.00 24.56 31.25
N SER D 274 -8.23 23.32 30.83
CA SER D 274 -7.15 22.48 30.33
C SER D 274 -7.76 21.34 29.53
N VAL D 275 -6.90 20.63 28.82
CA VAL D 275 -7.30 19.57 27.89
C VAL D 275 -6.47 18.33 28.19
N MET D 276 -7.13 17.17 28.24
CA MET D 276 -6.45 15.90 28.43
C MET D 276 -6.43 15.15 27.10
N ILE D 277 -5.28 14.60 26.73
CA ILE D 277 -5.05 14.06 25.39
C ILE D 277 -4.45 12.67 25.50
N GLY D 278 -4.95 11.75 24.65
CA GLY D 278 -4.42 10.40 24.60
C GLY D 278 -3.81 10.00 23.27
N SER D 279 -4.63 9.95 22.22
CA SER D 279 -4.19 9.36 20.95
C SER D 279 -3.01 10.11 20.35
N LEU D 280 -3.01 11.44 20.43
CA LEU D 280 -1.95 12.23 19.83
C LEU D 280 -0.61 12.05 20.53
N LEU D 281 -0.60 11.44 21.72
CA LEU D 281 0.63 11.19 22.47
C LEU D 281 1.01 9.72 22.54
N ALA D 282 0.13 8.81 22.09
CA ALA D 282 0.41 7.39 22.19
C ALA D 282 1.56 6.95 21.28
N GLY D 283 1.82 7.66 20.19
CA GLY D 283 2.82 7.23 19.24
C GLY D 283 4.20 7.83 19.45
N THR D 284 4.50 8.26 20.67
CA THR D 284 5.74 8.97 20.95
C THR D 284 6.77 8.08 21.63
N ASP D 285 8.02 8.56 21.63
CA ASP D 285 9.10 7.87 22.31
C ASP D 285 8.77 7.64 23.78
N GLU D 286 8.26 8.68 24.44
CA GLU D 286 8.13 8.69 25.89
C GLU D 286 6.92 7.93 26.40
N SER D 287 6.04 7.47 25.51
CA SER D 287 4.92 6.69 25.99
C SER D 287 5.37 5.26 26.30
N PRO D 288 4.77 4.62 27.30
CA PRO D 288 5.06 3.21 27.53
C PRO D 288 4.57 2.38 26.36
N GLY D 289 5.18 1.24 26.15
CA GLY D 289 4.80 0.40 25.03
C GLY D 289 5.89 0.29 24.00
N GLU D 290 6.00 -0.88 23.37
CA GLU D 290 7.08 -1.14 22.45
C GLU D 290 6.79 -0.55 21.08
N LEU D 291 7.84 -0.01 20.45
CA LEU D 291 7.79 0.27 19.04
C LEU D 291 7.79 -1.05 18.26
N PHE D 292 6.90 -1.16 17.27
CA PHE D 292 6.93 -2.31 16.39
C PHE D 292 6.67 -1.85 14.96
N THR D 293 7.19 -2.62 14.02
CA THR D 293 7.04 -2.37 12.60
C THR D 293 5.94 -3.25 12.05
N TYR D 294 5.08 -2.67 11.20
CA TYR D 294 4.00 -3.41 10.54
C TYR D 294 3.90 -2.90 9.11
N GLN D 295 4.22 -3.77 8.15
CA GLN D 295 4.15 -3.44 6.72
C GLN D 295 4.92 -2.15 6.41
N GLY D 296 6.17 -2.09 6.88
CA GLY D 296 7.09 -1.04 6.52
C GLY D 296 7.05 0.20 7.39
N ARG D 297 6.07 0.34 8.27
CA ARG D 297 5.92 1.53 9.10
C ARG D 297 5.99 1.16 10.58
N GLN D 298 6.49 2.08 11.39
CA GLN D 298 6.56 1.87 12.82
C GLN D 298 5.32 2.40 13.53
N TYR D 299 4.87 1.63 14.51
CA TYR D 299 3.65 1.95 15.24
C TYR D 299 3.88 1.71 16.73
N LYS D 300 2.90 2.15 17.52
CA LYS D 300 2.78 1.76 18.91
C LYS D 300 1.33 1.40 19.17
N SER D 301 1.11 0.55 20.17
CA SER D 301 -0.25 0.17 20.52
C SER D 301 -0.95 1.32 21.23
N TYR D 302 -2.25 1.46 20.96
CA TYR D 302 -3.09 2.44 21.65
C TYR D 302 -4.45 1.80 21.89
N ARG D 303 -4.88 1.75 23.15
CA ARG D 303 -6.07 1.02 23.49
C ARG D 303 -6.81 1.74 24.61
N GLY D 304 -8.14 1.61 24.59
CA GLY D 304 -8.93 2.14 25.68
C GLY D 304 -8.75 1.33 26.94
N MET D 305 -8.88 2.02 28.08
CA MET D 305 -8.82 1.32 29.36
C MET D 305 -10.06 0.46 29.61
N GLY D 306 -11.12 0.64 28.83
CA GLY D 306 -12.29 -0.20 28.91
C GLY D 306 -12.33 -1.24 27.81
N SER D 307 -11.18 -1.55 27.23
CA SER D 307 -11.09 -2.59 26.23
C SER D 307 -10.73 -3.93 26.87
N LEU D 308 -10.99 -5.01 26.14
CA LEU D 308 -10.73 -6.36 26.65
C LEU D 308 -9.28 -6.51 27.08
N GLY D 309 -8.34 -6.03 26.25
CA GLY D 309 -6.94 -6.18 26.59
C GLY D 309 -6.53 -5.41 27.82
N ALA D 310 -7.11 -4.22 28.01
CA ALA D 310 -6.75 -3.42 29.18
C ALA D 310 -7.30 -4.02 30.46
N MET D 311 -8.51 -4.57 30.41
CA MET D 311 -9.12 -5.15 31.60
C MET D 311 -8.62 -6.55 31.92
N GLN D 312 -7.66 -7.07 31.15
CA GLN D 312 -7.08 -8.37 31.44
C GLN D 312 -5.56 -8.26 31.60
N LYS D 328 -18.36 -13.23 30.66
CA LYS D 328 -17.47 -12.49 29.79
C LYS D 328 -17.60 -10.98 30.03
N LEU D 329 -16.64 -10.21 29.52
CA LEU D 329 -16.62 -8.76 29.70
C LEU D 329 -17.33 -8.07 28.54
N VAL D 330 -18.00 -6.96 28.85
CA VAL D 330 -18.64 -6.14 27.83
C VAL D 330 -17.84 -4.84 27.71
N PRO D 331 -16.92 -4.76 26.77
CA PRO D 331 -16.01 -3.60 26.72
C PRO D 331 -16.70 -2.34 26.25
N GLU D 332 -16.12 -1.20 26.63
CA GLU D 332 -16.54 0.10 26.13
C GLU D 332 -15.37 0.85 25.49
N GLY D 333 -14.37 0.10 25.02
CA GLY D 333 -13.25 0.64 24.28
C GLY D 333 -12.69 -0.42 23.35
N ILE D 334 -11.79 0.01 22.48
CA ILE D 334 -11.17 -0.88 21.51
C ILE D 334 -9.65 -0.85 21.60
N GLU D 335 -9.04 -1.91 21.10
CA GLU D 335 -7.58 -2.02 21.09
C GLU D 335 -7.09 -1.71 19.68
N GLY D 336 -6.17 -0.75 19.58
CA GLY D 336 -5.68 -0.37 18.28
C GLY D 336 -4.20 0.00 18.25
N ARG D 337 -3.80 0.68 17.19
CA ARG D 337 -2.44 1.15 17.04
C ARG D 337 -2.45 2.50 16.35
N VAL D 338 -1.44 3.31 16.66
CA VAL D 338 -1.27 4.62 16.04
C VAL D 338 0.14 4.71 15.48
N PRO D 339 0.37 5.50 14.44
CA PRO D 339 1.72 5.61 13.90
C PRO D 339 2.68 6.28 14.88
N TYR D 340 3.94 5.83 14.82
CA TYR D 340 5.00 6.47 15.58
C TYR D 340 5.28 7.87 15.02
N VAL D 341 5.40 8.85 15.91
CA VAL D 341 5.52 10.24 15.50
C VAL D 341 6.77 10.92 16.01
N GLY D 342 7.54 10.31 16.91
CA GLY D 342 8.71 10.96 17.45
C GLY D 342 8.57 11.32 18.90
N SER D 343 9.16 12.44 19.32
CA SER D 343 9.16 12.81 20.73
C SER D 343 7.87 13.55 21.10
N ILE D 344 7.50 13.43 22.38
CA ILE D 344 6.40 14.23 22.91
C ILE D 344 6.67 15.71 22.68
N ARG D 345 7.95 16.10 22.75
CA ARG D 345 8.33 17.50 22.64
C ARG D 345 7.89 18.10 21.32
N SER D 346 8.15 17.41 20.20
CA SER D 346 7.79 17.95 18.89
C SER D 346 6.28 17.97 18.70
N VAL D 347 5.57 16.99 19.25
CA VAL D 347 4.11 17.01 19.19
C VAL D 347 3.57 18.18 20.00
N VAL D 348 4.02 18.29 21.25
CA VAL D 348 3.54 19.35 22.14
C VAL D 348 3.82 20.72 21.52
N HIS D 349 4.97 20.87 20.88
CA HIS D 349 5.32 22.15 20.27
C HIS D 349 4.29 22.55 19.22
N GLN D 350 3.91 21.63 18.34
CA GLN D 350 2.96 21.95 17.28
C GLN D 350 1.57 22.24 17.84
N LEU D 351 1.13 21.45 18.83
CA LEU D 351 -0.18 21.68 19.43
C LEU D 351 -0.26 23.05 20.07
N LEU D 352 0.78 23.44 20.83
CA LEU D 352 0.78 24.76 21.45
C LEU D 352 0.92 25.87 20.42
N GLY D 353 1.62 25.61 19.32
CA GLY D 353 1.71 26.60 18.25
C GLY D 353 0.36 26.89 17.64
N GLY D 354 -0.46 25.86 17.42
CA GLY D 354 -1.82 26.08 16.98
C GLY D 354 -2.62 26.91 17.95
N LEU D 355 -2.47 26.62 19.25
CA LEU D 355 -3.17 27.38 20.28
C LEU D 355 -2.74 28.85 20.26
N ARG D 356 -1.43 29.09 20.18
CA ARG D 356 -0.93 30.45 20.13
C ARG D 356 -1.42 31.18 18.88
N SER D 357 -1.44 30.48 17.74
CA SER D 357 -1.95 31.07 16.52
C SER D 357 -3.41 31.48 16.67
N SER D 358 -4.22 30.61 17.28
CA SER D 358 -5.64 30.89 17.45
C SER D 358 -5.86 32.09 18.37
N MET D 359 -5.10 32.16 19.45
CA MET D 359 -5.19 33.31 20.35
C MET D 359 -4.77 34.59 19.64
N GLY D 360 -3.80 34.49 18.72
CA GLY D 360 -3.44 35.64 17.92
C GLY D 360 -4.57 36.11 17.04
N TYR D 361 -5.26 35.17 16.37
CA TYR D 361 -6.39 35.53 15.52
C TYR D 361 -7.51 36.19 16.32
N VAL D 362 -7.71 35.76 17.56
CA VAL D 362 -8.79 36.29 18.39
C VAL D 362 -8.38 37.56 19.12
N GLY D 363 -7.08 37.88 19.15
CA GLY D 363 -6.63 39.08 19.83
C GLY D 363 -6.41 38.91 21.31
N ALA D 364 -6.25 37.68 21.78
CA ALA D 364 -6.18 37.38 23.20
C ALA D 364 -4.74 37.35 23.68
N LYS D 365 -4.50 37.96 24.85
CA LYS D 365 -3.18 37.95 25.45
C LYS D 365 -2.97 36.78 26.40
N ASP D 366 -4.04 36.24 26.98
CA ASP D 366 -3.97 35.06 27.82
C ASP D 366 -5.28 34.29 27.67
N ILE D 367 -5.37 33.14 28.34
CA ILE D 367 -6.50 32.26 28.11
C ILE D 367 -7.79 32.86 28.69
N GLU D 368 -7.70 33.59 29.80
CA GLU D 368 -8.90 34.23 30.33
C GLU D 368 -9.44 35.29 29.39
N ASP D 369 -8.54 36.06 28.77
CA ASP D 369 -8.95 37.00 27.73
C ASP D 369 -9.43 36.26 26.48
N PHE D 370 -8.84 35.11 26.19
CA PHE D 370 -9.30 34.25 25.09
C PHE D 370 -10.77 33.89 25.27
N GLN D 371 -11.16 33.51 26.49
CA GLN D 371 -12.52 33.07 26.73
C GLN D 371 -13.52 34.22 26.71
N LYS D 372 -13.08 35.43 27.06
CA LYS D 372 -13.98 36.59 27.02
C LYS D 372 -14.21 37.11 25.61
N ARG D 373 -13.21 37.03 24.74
CA ARG D 373 -13.33 37.53 23.38
C ARG D 373 -13.96 36.53 22.42
N ALA D 374 -13.91 35.25 22.75
CA ALA D 374 -14.20 34.20 21.77
C ALA D 374 -15.66 34.26 21.30
N GLU D 375 -15.84 34.29 19.98
CA GLU D 375 -17.14 34.18 19.35
C GLU D 375 -17.08 33.12 18.26
N PHE D 376 -18.11 32.29 18.19
CA PHE D 376 -18.14 31.14 17.30
C PHE D 376 -19.18 31.35 16.20
N VAL D 377 -18.97 30.65 15.08
CA VAL D 377 -20.02 30.40 14.11
C VAL D 377 -20.25 28.89 14.06
N GLU D 378 -21.49 28.51 13.80
CA GLU D 378 -21.82 27.13 13.48
C GLU D 378 -21.69 26.95 11.97
N ILE D 379 -21.12 25.81 11.56
CA ILE D 379 -20.83 25.56 10.16
C ILE D 379 -21.55 24.29 9.70
N THR D 380 -21.52 24.07 8.39
CA THR D 380 -22.13 22.92 7.75
C THR D 380 -21.08 21.89 7.36
N THR D 381 -21.57 20.73 6.89
CA THR D 381 -20.69 19.70 6.36
C THR D 381 -19.83 20.25 5.23
N ALA D 382 -20.44 21.01 4.32
CA ALA D 382 -19.68 21.66 3.26
C ALA D 382 -18.65 22.62 3.83
N GLY D 383 -19.01 23.37 4.87
CA GLY D 383 -18.03 24.22 5.54
C GLY D 383 -16.88 23.43 6.13
N LEU D 384 -17.19 22.28 6.73
CA LEU D 384 -16.14 21.41 7.24
C LEU D 384 -15.19 20.98 6.13
N LYS D 385 -15.73 20.54 4.99
CA LYS D 385 -14.89 20.10 3.88
C LYS D 385 -14.03 21.24 3.35
N GLU D 386 -14.59 22.45 3.29
CA GLU D 386 -13.81 23.61 2.88
C GLU D 386 -12.72 23.93 3.89
N SER D 387 -12.98 23.70 5.18
CA SER D 387 -11.97 23.99 6.21
C SER D 387 -10.74 23.11 6.04
N HIS D 388 -10.95 21.82 5.80
CA HIS D 388 -9.84 20.91 5.58
C HIS D 388 -9.16 21.20 4.24
N VAL D 389 -8.03 20.54 4.02
CA VAL D 389 -7.44 20.52 2.69
C VAL D 389 -8.42 19.85 1.74
N HIS D 390 -8.59 20.43 0.55
CA HIS D 390 -9.55 19.90 -0.41
C HIS D 390 -9.04 20.11 -1.83
N ASP D 391 -9.28 19.11 -2.69
CA ASP D 391 -9.04 19.15 -4.12
C ASP D 391 -7.55 19.19 -4.49
N VAL D 392 -6.65 18.99 -3.54
CA VAL D 392 -5.23 18.94 -3.80
C VAL D 392 -4.66 17.72 -3.08
N THR D 393 -3.86 16.92 -3.79
CA THR D 393 -3.21 15.76 -3.18
C THR D 393 -1.99 16.19 -2.38
N ILE D 394 -1.96 15.82 -1.11
CA ILE D 394 -0.85 16.16 -0.23
C ILE D 394 0.33 15.26 -0.56
N THR D 395 1.50 15.86 -0.78
CA THR D 395 2.70 15.12 -1.16
C THR D 395 3.81 15.13 -0.12
N HIS D 396 3.82 16.11 0.79
CA HIS D 396 4.80 16.17 1.85
C HIS D 396 4.09 16.12 3.19
N GLU D 397 4.79 15.57 4.19
CA GLU D 397 4.23 15.49 5.53
C GLU D 397 4.16 16.87 6.16
N ALA D 398 3.02 17.15 6.78
CA ALA D 398 2.92 18.35 7.61
C ALA D 398 2.90 17.95 9.07
N PRO D 399 3.68 18.64 9.93
CA PRO D 399 3.79 18.19 11.32
C PRO D 399 2.51 18.35 12.12
N ASN D 400 1.56 19.18 11.67
CA ASN D 400 0.35 19.43 12.43
C ASN D 400 -0.93 19.11 11.65
N TYR D 401 -0.83 18.35 10.56
CA TYR D 401 -2.02 18.03 9.78
C TYR D 401 -1.86 16.67 9.11
N LYS D 402 -2.79 15.77 9.42
CA LYS D 402 -2.81 14.43 8.82
C LYS D 402 -4.25 13.98 8.57
N ALA E 24 29.17 -38.37 -19.65
CA ALA E 24 28.67 -37.30 -18.80
C ALA E 24 27.94 -36.25 -19.63
N MET E 25 27.25 -35.34 -18.94
CA MET E 25 26.39 -34.39 -19.63
C MET E 25 27.21 -33.34 -20.38
N LYS E 26 26.64 -32.86 -21.48
CA LYS E 26 27.31 -31.92 -22.38
C LYS E 26 26.86 -30.50 -22.04
N ILE E 27 27.73 -29.76 -21.35
CA ILE E 27 27.53 -28.33 -21.11
C ILE E 27 28.36 -27.58 -22.15
N VAL E 28 27.68 -26.82 -23.01
CA VAL E 28 28.35 -26.20 -24.14
C VAL E 28 29.11 -24.95 -23.73
N LYS E 29 28.53 -24.13 -22.87
CA LYS E 29 29.13 -22.86 -22.51
C LYS E 29 28.47 -22.34 -21.23
N ARG E 30 29.13 -21.37 -20.61
CA ARG E 30 28.55 -20.55 -19.56
C ARG E 30 27.90 -19.34 -20.22
N ALA E 31 26.58 -19.27 -20.18
CA ALA E 31 25.84 -18.27 -20.94
C ALA E 31 25.43 -17.10 -20.07
N LEU E 32 25.53 -15.89 -20.63
CA LEU E 32 25.31 -14.65 -19.91
C LEU E 32 24.09 -13.93 -20.47
N THR E 33 23.46 -13.12 -19.63
CA THR E 33 22.37 -12.24 -20.02
C THR E 33 22.74 -10.80 -19.69
N PHE E 34 21.78 -9.89 -19.86
CA PHE E 34 22.06 -8.45 -19.83
C PHE E 34 22.72 -8.03 -18.52
N GLU E 35 22.25 -8.54 -17.39
CA GLU E 35 22.73 -8.10 -16.10
C GLU E 35 24.13 -8.62 -15.77
N ASP E 36 24.69 -9.51 -16.59
CA ASP E 36 26.01 -10.06 -16.35
C ASP E 36 27.14 -9.21 -16.93
N VAL E 37 26.83 -8.25 -17.79
CA VAL E 37 27.86 -7.51 -18.51
C VAL E 37 27.56 -6.02 -18.47
N LEU E 38 28.62 -5.24 -18.70
CA LEU E 38 28.53 -3.80 -18.88
C LEU E 38 29.45 -3.39 -20.00
N LEU E 39 29.12 -2.27 -20.66
CA LEU E 39 29.99 -1.70 -21.66
C LEU E 39 31.06 -0.84 -21.02
N ARG E 40 32.27 -0.94 -21.55
CA ARG E 40 33.33 -0.05 -21.09
C ARG E 40 33.26 1.28 -21.85
N PRO E 41 33.43 2.41 -21.16
CA PRO E 41 33.55 3.68 -21.89
C PRO E 41 34.82 3.71 -22.72
N GLY E 42 34.73 4.40 -23.87
CA GLY E 42 35.89 4.60 -24.72
C GLY E 42 36.09 6.08 -24.98
N TYR E 43 37.19 6.39 -25.66
CA TYR E 43 37.44 7.77 -26.05
C TYR E 43 36.36 8.23 -27.03
N SER E 44 35.80 9.40 -26.78
CA SER E 44 34.64 9.87 -27.53
C SER E 44 34.86 11.29 -28.03
N GLU E 45 34.53 11.51 -29.31
CA GLU E 45 34.48 12.84 -29.90
C GLU E 45 33.07 13.18 -30.36
N VAL E 46 32.08 12.40 -29.98
CA VAL E 46 30.70 12.59 -30.41
C VAL E 46 29.83 12.89 -29.20
N LEU E 47 28.80 13.67 -29.44
CA LEU E 47 27.77 14.03 -28.47
C LEU E 47 26.57 13.11 -28.64
N PRO E 48 25.92 12.70 -27.54
CA PRO E 48 24.77 11.77 -27.66
C PRO E 48 23.70 12.23 -28.63
N LYS E 49 23.44 13.53 -28.71
CA LYS E 49 22.44 14.04 -29.64
C LYS E 49 22.90 13.99 -31.09
N GLU E 50 24.18 13.79 -31.34
CA GLU E 50 24.68 13.77 -32.71
C GLU E 50 24.78 12.37 -33.31
N VAL E 51 24.77 11.32 -32.48
CA VAL E 51 24.95 9.98 -33.02
C VAL E 51 23.74 9.58 -33.86
N LYS E 52 23.97 8.63 -34.77
CA LYS E 52 22.95 8.15 -35.69
C LYS E 52 22.51 6.76 -35.25
N ILE E 53 21.19 6.54 -35.25
CA ILE E 53 20.63 5.28 -34.79
C ILE E 53 19.78 4.60 -35.87
N HIS E 54 19.97 5.03 -37.11
CA HIS E 54 19.49 4.28 -38.28
C HIS E 54 20.06 2.86 -38.24
N THR E 55 19.24 1.88 -38.61
CA THR E 55 19.66 0.49 -38.59
C THR E 55 18.82 -0.33 -39.56
N LYS E 56 19.24 -1.57 -39.78
CA LYS E 56 18.55 -2.49 -40.68
C LYS E 56 17.54 -3.32 -39.91
N LEU E 57 16.33 -3.44 -40.46
CA LEU E 57 15.33 -4.36 -39.94
C LEU E 57 15.49 -5.74 -40.57
N THR E 58 15.56 -5.79 -41.89
CA THR E 58 15.81 -7.00 -42.66
C THR E 58 16.95 -6.73 -43.64
N LYS E 59 17.18 -7.69 -44.54
CA LYS E 59 18.19 -7.48 -45.58
C LYS E 59 17.82 -6.32 -46.49
N ASN E 60 16.52 -6.04 -46.66
CA ASN E 60 16.06 -5.05 -47.62
C ASN E 60 15.33 -3.87 -47.01
N ILE E 61 15.03 -3.88 -45.72
CA ILE E 61 14.26 -2.81 -45.08
C ILE E 61 15.07 -2.25 -43.92
N THR E 62 15.10 -0.93 -43.81
CA THR E 62 15.75 -0.26 -42.69
C THR E 62 14.72 0.38 -41.78
N LEU E 63 15.17 0.74 -40.58
CA LEU E 63 14.41 1.53 -39.63
C LEU E 63 15.18 2.81 -39.35
N ASN E 64 14.45 3.86 -38.97
CA ASN E 64 15.11 5.08 -38.54
C ASN E 64 15.53 5.03 -37.08
N MET E 65 14.92 4.13 -36.29
CA MET E 65 15.31 3.88 -34.92
C MET E 65 15.07 2.41 -34.61
N PRO E 66 15.84 1.81 -33.70
CA PRO E 66 15.92 0.34 -33.65
C PRO E 66 14.90 -0.37 -32.77
N LEU E 67 13.71 0.18 -32.58
CA LEU E 67 12.74 -0.40 -31.67
C LEU E 67 11.54 -0.95 -32.43
N ILE E 68 11.07 -2.12 -32.00
CA ILE E 68 9.93 -2.81 -32.59
C ILE E 68 8.99 -3.21 -31.46
N SER E 69 7.70 -2.90 -31.61
CA SER E 69 6.72 -3.30 -30.61
C SER E 69 6.29 -4.75 -30.86
N ALA E 70 6.14 -5.50 -29.77
CA ALA E 70 5.96 -6.95 -29.86
C ALA E 70 4.60 -7.32 -30.44
N ALA E 71 4.55 -8.49 -31.08
CA ALA E 71 3.35 -8.99 -31.74
C ALA E 71 2.44 -9.70 -30.72
N MET E 72 1.92 -8.90 -29.79
CA MET E 72 1.13 -9.41 -28.68
C MET E 72 -0.19 -8.67 -28.62
N ASP E 73 -1.24 -9.37 -28.18
CA ASP E 73 -2.56 -8.76 -28.14
C ASP E 73 -2.75 -7.82 -26.96
N THR E 74 -1.71 -7.62 -26.13
CA THR E 74 -1.71 -6.56 -25.13
C THR E 74 -0.67 -5.49 -25.45
N VAL E 75 -0.12 -5.48 -26.66
CA VAL E 75 0.92 -4.52 -27.02
C VAL E 75 0.59 -3.80 -28.32
N THR E 76 0.48 -4.54 -29.42
CA THR E 76 0.47 -3.92 -30.75
C THR E 76 -0.81 -4.23 -31.52
N GLU E 77 -1.66 -3.23 -31.68
CA GLU E 77 -2.62 -3.20 -32.77
C GLU E 77 -2.39 -1.91 -33.56
N HIS E 78 -3.40 -1.41 -34.27
CA HIS E 78 -3.11 -0.36 -35.25
C HIS E 78 -2.62 0.93 -34.59
N ARG E 79 -3.16 1.27 -33.42
CA ARG E 79 -2.78 2.52 -32.75
C ARG E 79 -1.30 2.50 -32.36
N ALA E 80 -0.87 1.44 -31.67
CA ALA E 80 0.53 1.34 -31.27
C ALA E 80 1.44 1.22 -32.48
N ALA E 81 0.97 0.55 -33.53
CA ALA E 81 1.78 0.38 -34.73
C ALA E 81 1.94 1.70 -35.48
N ILE E 82 0.90 2.53 -35.48
CA ILE E 82 1.01 3.85 -36.12
C ILE E 82 2.08 4.67 -35.43
N MET E 83 2.05 4.73 -34.09
CA MET E 83 2.99 5.57 -33.36
C MET E 83 4.43 5.09 -33.52
N MET E 84 4.64 3.77 -33.51
CA MET E 84 5.99 3.24 -33.66
C MET E 84 6.61 3.62 -35.00
N ALA E 85 5.83 3.51 -36.08
CA ALA E 85 6.34 3.88 -37.39
C ALA E 85 6.58 5.39 -37.47
N ARG E 86 5.69 6.19 -36.86
CA ARG E 86 5.86 7.64 -36.87
C ARG E 86 7.14 8.05 -36.16
N LEU E 87 7.55 7.31 -35.14
CA LEU E 87 8.77 7.60 -34.42
C LEU E 87 10.00 6.96 -35.05
N GLY E 88 9.82 6.23 -36.15
CA GLY E 88 10.95 5.68 -36.89
C GLY E 88 11.16 4.19 -36.75
N GLY E 89 10.41 3.52 -35.88
CA GLY E 89 10.53 2.09 -35.68
C GLY E 89 9.47 1.31 -36.42
N LEU E 90 8.92 0.29 -35.75
CA LEU E 90 7.94 -0.58 -36.40
C LEU E 90 7.04 -1.23 -35.36
N GLY E 91 5.80 -1.49 -35.76
CA GLY E 91 4.88 -2.28 -34.97
C GLY E 91 4.52 -3.56 -35.70
N VAL E 92 4.29 -4.63 -34.95
CA VAL E 92 3.91 -5.92 -35.52
C VAL E 92 2.51 -6.26 -35.02
N ILE E 93 1.54 -6.21 -35.92
CA ILE E 93 0.18 -6.59 -35.56
C ILE E 93 0.17 -8.06 -35.16
N HIS E 94 -0.41 -8.35 -34.00
CA HIS E 94 -0.46 -9.71 -33.52
C HIS E 94 -1.46 -10.53 -34.36
N LYS E 95 -1.37 -11.85 -34.23
CA LYS E 95 -2.14 -12.78 -35.03
C LYS E 95 -3.28 -13.44 -34.26
N ASN E 96 -3.54 -13.00 -33.04
CA ASN E 96 -4.59 -13.58 -32.22
C ASN E 96 -5.94 -12.95 -32.59
N MET E 97 -6.29 -13.10 -33.85
CA MET E 97 -7.49 -12.54 -34.44
C MET E 97 -7.65 -13.18 -35.81
N ASP E 98 -8.87 -13.12 -36.34
CA ASP E 98 -9.07 -13.77 -37.63
C ASP E 98 -8.44 -12.94 -38.75
N ILE E 99 -8.41 -13.54 -39.94
CA ILE E 99 -7.67 -12.94 -41.05
C ILE E 99 -8.23 -11.57 -41.40
N ALA E 100 -9.56 -11.46 -41.46
CA ALA E 100 -10.18 -10.18 -41.84
C ALA E 100 -9.81 -9.07 -40.88
N SER E 101 -9.72 -9.39 -39.58
CA SER E 101 -9.40 -8.37 -38.59
C SER E 101 -7.95 -7.90 -38.70
N GLN E 102 -7.02 -8.84 -38.94
CA GLN E 102 -5.62 -8.47 -39.10
C GLN E 102 -5.44 -7.60 -40.34
N VAL E 103 -6.17 -7.92 -41.41
CA VAL E 103 -6.15 -7.07 -42.60
C VAL E 103 -6.64 -5.66 -42.26
N ARG E 104 -7.75 -5.58 -41.51
CA ARG E 104 -8.29 -4.27 -41.15
C ARG E 104 -7.31 -3.47 -40.32
N GLU E 105 -6.61 -4.12 -39.39
CA GLU E 105 -5.60 -3.42 -38.61
C GLU E 105 -4.46 -2.94 -39.48
N VAL E 106 -4.00 -3.77 -40.41
CA VAL E 106 -2.92 -3.37 -41.32
C VAL E 106 -3.35 -2.18 -42.16
N LYS E 107 -4.56 -2.24 -42.72
CA LYS E 107 -5.05 -1.16 -43.56
C LYS E 107 -5.17 0.15 -42.78
N ARG E 108 -5.51 0.07 -41.50
CA ARG E 108 -5.62 1.29 -40.69
C ARG E 108 -4.26 1.96 -40.52
N VAL E 109 -3.18 1.18 -40.46
CA VAL E 109 -1.85 1.76 -40.38
C VAL E 109 -1.44 2.33 -41.74
N LYS E 110 -1.75 1.61 -42.83
CA LYS E 110 -1.35 2.06 -44.15
C LYS E 110 -2.08 3.33 -44.57
N LYS E 111 -3.29 3.55 -44.06
CA LYS E 111 -4.10 4.71 -44.44
C LYS E 111 -3.88 5.91 -43.54
N SER E 112 -3.04 5.80 -42.51
CA SER E 112 -2.90 6.89 -41.54
C SER E 112 -2.25 8.12 -42.16
N GLU E 113 -1.08 7.94 -42.76
CA GLU E 113 -0.39 9.05 -43.42
C GLU E 113 -0.35 8.84 -44.93
N ARG E 123 1.82 15.99 -39.50
CA ARG E 123 2.69 15.77 -40.65
C ARG E 123 4.12 16.17 -40.31
N LYS E 124 4.35 17.48 -40.19
CA LYS E 124 5.66 18.00 -39.80
C LYS E 124 6.07 17.56 -38.40
N GLU E 125 5.14 16.99 -37.63
CA GLU E 125 5.37 16.64 -36.24
C GLU E 125 6.26 15.41 -36.07
N TYR E 126 6.41 14.59 -37.11
CA TYR E 126 7.12 13.31 -37.03
C TYR E 126 8.16 13.22 -38.14
N PRO E 127 9.30 13.90 -37.96
CA PRO E 127 10.29 13.97 -39.06
C PRO E 127 10.98 12.65 -39.37
N ASP E 128 11.07 11.72 -38.41
CA ASP E 128 11.77 10.46 -38.60
C ASP E 128 10.83 9.31 -38.89
N ALA E 129 9.62 9.59 -39.37
CA ALA E 129 8.65 8.54 -39.64
C ALA E 129 9.20 7.53 -40.65
N ASN E 130 8.89 6.26 -40.43
CA ASN E 130 9.39 5.15 -41.24
C ASN E 130 8.30 4.76 -42.24
N LYS E 131 8.46 5.20 -43.49
CA LYS E 131 7.43 5.05 -44.51
C LYS E 131 7.96 4.30 -45.73
N ASP E 132 7.02 3.86 -46.57
CA ASP E 132 7.33 3.04 -47.73
C ASP E 132 7.41 3.88 -48.99
N ASN E 133 7.39 3.21 -50.15
CA ASN E 133 7.58 3.90 -51.43
C ASN E 133 6.49 4.93 -51.70
N PHE E 134 5.31 4.76 -51.10
CA PHE E 134 4.18 5.65 -51.33
C PHE E 134 3.99 6.67 -50.21
N GLY E 135 4.92 6.74 -49.27
CA GLY E 135 4.79 7.65 -48.14
C GLY E 135 3.85 7.17 -47.06
N ARG E 136 3.47 5.89 -47.08
CA ARG E 136 2.63 5.31 -46.04
C ARG E 136 3.49 4.73 -44.94
N LEU E 137 3.00 4.81 -43.71
CA LEU E 137 3.70 4.22 -42.58
C LEU E 137 3.87 2.72 -42.77
N ARG E 138 5.07 2.23 -42.47
CA ARG E 138 5.33 0.80 -42.59
C ARG E 138 4.72 0.06 -41.41
N VAL E 139 4.38 -1.22 -41.65
CA VAL E 139 3.77 -2.05 -40.62
C VAL E 139 4.16 -3.49 -40.87
N GLY E 140 4.28 -4.25 -39.79
CA GLY E 140 4.50 -5.69 -39.89
C GLY E 140 3.30 -6.46 -39.36
N ALA E 141 3.23 -7.75 -39.67
CA ALA E 141 2.13 -8.58 -39.23
C ALA E 141 2.63 -9.98 -38.92
N ALA E 142 2.11 -10.56 -37.85
CA ALA E 142 2.53 -11.89 -37.43
C ALA E 142 1.70 -12.96 -38.12
N ILE E 143 2.36 -14.09 -38.39
CA ILE E 143 1.72 -15.28 -38.96
C ILE E 143 2.31 -16.50 -38.29
N GLY E 144 1.61 -17.63 -38.44
CA GLY E 144 2.07 -18.91 -37.93
C GLY E 144 2.33 -19.89 -39.06
N VAL E 145 2.75 -21.09 -38.66
CA VAL E 145 3.02 -22.14 -39.64
C VAL E 145 1.75 -22.52 -40.36
N GLY E 146 1.85 -22.69 -41.68
CA GLY E 146 0.72 -23.18 -42.46
C GLY E 146 -0.44 -22.22 -42.54
N GLN E 147 -0.15 -20.92 -42.58
CA GLN E 147 -1.20 -19.92 -42.69
C GLN E 147 -1.05 -19.12 -43.98
N MET E 148 -1.01 -19.81 -45.13
CA MET E 148 -0.80 -19.12 -46.39
C MET E 148 -1.96 -18.20 -46.72
N ASP E 149 -3.19 -18.61 -46.40
CA ASP E 149 -4.35 -17.76 -46.60
C ASP E 149 -4.17 -16.42 -45.90
N ARG E 150 -3.61 -16.45 -44.68
CA ARG E 150 -3.34 -15.20 -43.96
C ARG E 150 -2.25 -14.39 -44.66
N VAL E 151 -1.20 -15.06 -45.15
CA VAL E 151 -0.13 -14.36 -45.86
C VAL E 151 -0.68 -13.71 -47.12
N ASP E 152 -1.50 -14.45 -47.87
CA ASP E 152 -2.11 -13.88 -49.08
C ASP E 152 -2.85 -12.59 -48.77
N ALA E 153 -3.69 -12.61 -47.73
CA ALA E 153 -4.50 -11.44 -47.42
C ALA E 153 -3.64 -10.25 -46.98
N LEU E 154 -2.58 -10.53 -46.21
CA LEU E 154 -1.75 -9.45 -45.69
C LEU E 154 -0.91 -8.81 -46.80
N VAL E 155 -0.44 -9.61 -47.75
CA VAL E 155 0.28 -9.05 -48.90
C VAL E 155 -0.63 -8.11 -49.67
N GLU E 156 -1.85 -8.57 -49.98
CA GLU E 156 -2.80 -7.74 -50.71
C GLU E 156 -3.13 -6.46 -49.94
N ALA E 157 -3.15 -6.52 -48.62
CA ALA E 157 -3.41 -5.34 -47.80
C ALA E 157 -2.22 -4.40 -47.71
N GLY E 158 -1.11 -4.74 -48.34
CA GLY E 158 0.05 -3.87 -48.36
C GLY E 158 1.00 -3.99 -47.19
N VAL E 159 1.01 -5.14 -46.50
CA VAL E 159 1.93 -5.30 -45.39
C VAL E 159 3.36 -5.21 -45.90
N ASP E 160 4.23 -4.62 -45.07
CA ASP E 160 5.61 -4.37 -45.46
C ASP E 160 6.55 -5.50 -45.07
N VAL E 161 6.21 -6.26 -44.03
CA VAL E 161 7.03 -7.37 -43.60
C VAL E 161 6.15 -8.34 -42.83
N VAL E 162 6.36 -9.62 -43.05
CA VAL E 162 5.64 -10.68 -42.37
C VAL E 162 6.56 -11.30 -41.33
N VAL E 163 6.05 -11.49 -40.11
CA VAL E 163 6.83 -12.02 -39.01
C VAL E 163 6.28 -13.41 -38.70
N LEU E 164 6.99 -14.43 -39.17
CA LEU E 164 6.61 -15.81 -38.90
C LEU E 164 7.15 -16.19 -37.52
N ASP E 165 6.28 -16.21 -36.51
CA ASP E 165 6.72 -16.53 -35.17
C ASP E 165 6.20 -17.89 -34.73
N SER E 166 7.03 -18.58 -33.97
CA SER E 166 6.74 -19.87 -33.37
C SER E 166 7.47 -19.94 -32.05
N ALA E 167 6.95 -20.76 -31.13
CA ALA E 167 7.70 -21.03 -29.90
C ALA E 167 9.07 -21.60 -30.22
N HIS E 168 9.19 -22.34 -31.33
CA HIS E 168 10.42 -23.03 -31.73
C HIS E 168 10.68 -22.78 -33.21
N GLY E 169 11.48 -21.75 -33.50
CA GLY E 169 11.75 -21.42 -34.90
C GLY E 169 12.62 -22.45 -35.61
N HIS E 170 13.45 -23.17 -34.86
CA HIS E 170 14.35 -24.17 -35.44
C HIS E 170 13.63 -25.51 -35.61
N SER E 171 12.59 -25.47 -36.45
CA SER E 171 11.73 -26.63 -36.64
C SER E 171 11.42 -26.78 -38.13
N LYS E 172 11.08 -28.03 -38.51
CA LYS E 172 10.83 -28.32 -39.92
C LYS E 172 9.59 -27.57 -40.43
N GLY E 173 8.58 -27.41 -39.58
CA GLY E 173 7.40 -26.67 -39.99
C GLY E 173 7.71 -25.22 -40.33
N ILE E 174 8.57 -24.58 -39.54
CA ILE E 174 8.93 -23.19 -39.82
C ILE E 174 9.82 -23.10 -41.06
N ILE E 175 10.78 -24.01 -41.18
CA ILE E 175 11.67 -24.01 -42.35
C ILE E 175 10.87 -24.20 -43.63
N ASP E 176 9.93 -25.17 -43.61
CA ASP E 176 9.10 -25.41 -44.78
C ASP E 176 8.25 -24.19 -45.12
N THR E 177 7.73 -23.51 -44.09
CA THR E 177 6.89 -22.35 -44.33
C THR E 177 7.70 -21.19 -44.90
N VAL E 178 8.94 -21.03 -44.44
CA VAL E 178 9.81 -20.00 -45.00
C VAL E 178 10.02 -20.23 -46.49
N LYS E 179 10.34 -21.48 -46.87
CA LYS E 179 10.56 -21.79 -48.27
C LYS E 179 9.31 -21.53 -49.11
N ALA E 180 8.14 -21.88 -48.60
CA ALA E 180 6.92 -21.74 -49.38
C ALA E 180 6.52 -20.27 -49.54
N ILE E 181 6.76 -19.45 -48.52
CA ILE E 181 6.46 -18.03 -48.62
C ILE E 181 7.44 -17.36 -49.58
N LYS E 182 8.73 -17.68 -49.45
CA LYS E 182 9.72 -17.06 -50.32
C LYS E 182 9.52 -17.48 -51.78
N ALA E 183 9.09 -18.72 -52.00
CA ALA E 183 8.82 -19.17 -53.37
C ALA E 183 7.66 -18.40 -53.98
N LYS E 184 6.58 -18.22 -53.23
CA LYS E 184 5.39 -17.56 -53.77
C LYS E 184 5.56 -16.05 -53.81
N TYR E 185 6.21 -15.46 -52.80
CA TYR E 185 6.37 -14.02 -52.69
C TYR E 185 7.85 -13.70 -52.55
N PRO E 186 8.60 -13.69 -53.66
CA PRO E 186 10.05 -13.48 -53.56
C PRO E 186 10.45 -12.12 -53.02
N ASN E 187 9.61 -11.10 -53.18
CA ASN E 187 9.95 -9.75 -52.75
C ASN E 187 9.31 -9.37 -51.42
N LEU E 188 8.65 -10.32 -50.76
CA LEU E 188 8.07 -10.07 -49.44
C LEU E 188 9.14 -10.27 -48.38
N ASP E 189 9.40 -9.23 -47.59
CA ASP E 189 10.37 -9.35 -46.51
C ASP E 189 9.81 -10.26 -45.42
N LEU E 190 10.61 -11.23 -45.01
CA LEU E 190 10.17 -12.30 -44.13
C LEU E 190 11.08 -12.36 -42.90
N ILE E 191 10.50 -12.22 -41.72
CA ILE E 191 11.19 -12.46 -40.46
C ILE E 191 10.69 -13.78 -39.89
N ALA E 192 11.61 -14.60 -39.38
CA ALA E 192 11.25 -15.86 -38.75
C ALA E 192 11.93 -15.96 -37.40
N GLY E 193 11.30 -16.69 -36.50
CA GLY E 193 11.79 -16.89 -35.15
C GLY E 193 10.81 -17.74 -34.38
N ASN E 194 11.10 -17.94 -33.09
CA ASN E 194 12.29 -17.41 -32.44
C ASN E 194 13.34 -18.50 -32.31
N ILE E 195 14.62 -18.10 -32.35
CA ILE E 195 15.72 -19.04 -32.27
C ILE E 195 16.65 -18.61 -31.13
N ALA E 196 17.60 -19.49 -30.81
CA ALA E 196 18.58 -19.17 -29.79
C ALA E 196 19.94 -19.79 -30.01
N THR E 197 20.19 -20.48 -31.13
CA THR E 197 21.49 -21.09 -31.41
C THR E 197 22.00 -20.69 -32.78
N ALA E 198 23.31 -20.86 -32.95
CA ALA E 198 23.94 -20.60 -34.25
C ALA E 198 23.40 -21.54 -35.31
N ALA E 199 23.23 -22.83 -34.96
CA ALA E 199 22.70 -23.80 -35.91
C ALA E 199 21.30 -23.42 -36.37
N ALA E 200 20.49 -22.89 -35.46
CA ALA E 200 19.18 -22.38 -35.84
C ALA E 200 19.30 -21.24 -36.83
N ALA E 201 20.22 -20.30 -36.58
CA ALA E 201 20.40 -19.16 -37.46
C ALA E 201 20.85 -19.60 -38.85
N LYS E 202 21.76 -20.57 -38.91
CA LYS E 202 22.24 -21.07 -40.19
C LYS E 202 21.10 -21.65 -41.02
N ALA E 203 20.24 -22.46 -40.38
CA ALA E 203 19.15 -23.12 -41.09
C ALA E 203 18.13 -22.10 -41.61
N LEU E 204 17.76 -21.13 -40.78
CA LEU E 204 16.81 -20.11 -41.23
C LEU E 204 17.39 -19.27 -42.36
N CYS E 205 18.66 -18.88 -42.24
CA CYS E 205 19.30 -18.10 -43.29
C CYS E 205 19.37 -18.88 -44.59
N GLU E 206 19.73 -20.17 -44.51
CA GLU E 206 19.77 -20.99 -45.71
C GLU E 206 18.38 -21.23 -46.28
N ALA E 207 17.35 -21.19 -45.44
CA ALA E 207 15.98 -21.35 -45.94
C ALA E 207 15.50 -20.09 -46.66
N GLY E 208 16.14 -18.95 -46.44
CA GLY E 208 15.82 -17.74 -47.16
C GLY E 208 15.22 -16.61 -46.37
N VAL E 209 15.37 -16.60 -45.04
CA VAL E 209 14.82 -15.48 -44.26
C VAL E 209 15.53 -14.19 -44.62
N ASP E 210 14.87 -13.08 -44.32
CA ASP E 210 15.48 -11.77 -44.44
C ASP E 210 15.92 -11.20 -43.09
N ALA E 211 15.47 -11.80 -41.99
CA ALA E 211 15.95 -11.51 -40.64
C ALA E 211 15.56 -12.65 -39.74
N VAL E 212 16.31 -12.84 -38.66
CA VAL E 212 15.99 -13.85 -37.65
C VAL E 212 15.72 -13.13 -36.33
N LYS E 213 14.75 -13.66 -35.58
CA LYS E 213 14.36 -13.10 -34.29
C LYS E 213 14.86 -14.04 -33.19
N VAL E 214 15.65 -13.50 -32.27
CA VAL E 214 16.37 -14.29 -31.27
C VAL E 214 15.72 -14.09 -29.91
N GLY E 215 15.39 -15.20 -29.26
CA GLY E 215 14.82 -15.13 -27.92
C GLY E 215 13.99 -16.34 -27.54
N ILE E 216 14.57 -17.23 -26.72
CA ILE E 216 13.86 -18.39 -26.18
C ILE E 216 13.94 -18.27 -24.67
N GLY E 217 12.87 -17.77 -24.04
CA GLY E 217 12.81 -17.67 -22.60
C GLY E 217 13.06 -16.33 -21.92
N PRO E 218 13.57 -15.30 -22.59
CA PRO E 218 13.91 -14.07 -21.85
C PRO E 218 12.72 -13.19 -21.51
N GLY E 219 11.57 -13.40 -22.16
CA GLY E 219 10.47 -12.47 -22.02
C GLY E 219 9.96 -12.38 -20.60
N SER E 220 9.48 -11.18 -20.24
CA SER E 220 9.04 -10.91 -18.87
C SER E 220 7.88 -11.83 -18.48
N ILE E 221 6.99 -12.14 -19.42
CA ILE E 221 5.82 -12.96 -19.14
C ILE E 221 6.03 -14.42 -19.53
N CYS E 222 7.26 -14.79 -19.87
CA CYS E 222 7.55 -16.11 -20.44
C CYS E 222 7.93 -17.10 -19.34
N THR E 223 7.37 -18.31 -19.42
CA THR E 223 7.73 -19.38 -18.50
C THR E 223 8.31 -20.59 -19.21
N THR E 224 8.68 -20.46 -20.49
CA THR E 224 9.20 -21.59 -21.25
C THR E 224 10.35 -22.27 -20.52
N ARG E 225 11.29 -21.48 -20.01
CA ARG E 225 12.45 -22.06 -19.35
C ARG E 225 12.07 -22.77 -18.07
N ILE E 226 10.98 -22.36 -17.42
CA ILE E 226 10.53 -23.04 -16.20
C ILE E 226 9.67 -24.25 -16.55
N VAL E 227 8.78 -24.11 -17.54
CA VAL E 227 7.88 -25.18 -17.91
C VAL E 227 8.62 -26.30 -18.63
N SER E 228 9.56 -25.95 -19.50
CA SER E 228 10.22 -26.91 -20.36
C SER E 228 11.70 -27.10 -20.07
N GLY E 229 12.30 -26.24 -19.25
CA GLY E 229 13.73 -26.33 -19.00
C GLY E 229 14.61 -25.86 -20.13
N VAL E 230 14.05 -25.24 -21.16
CA VAL E 230 14.76 -24.92 -22.38
C VAL E 230 14.90 -23.40 -22.51
N GLY E 231 16.09 -22.95 -22.85
CA GLY E 231 16.33 -21.54 -23.12
C GLY E 231 17.80 -21.26 -23.17
N VAL E 232 18.12 -20.06 -23.66
CA VAL E 232 19.51 -19.56 -23.65
C VAL E 232 19.50 -18.11 -23.20
N PRO E 233 20.26 -17.77 -22.16
CA PRO E 233 20.36 -16.37 -21.72
C PRO E 233 20.66 -15.43 -22.89
N GLN E 234 19.98 -14.29 -22.88
CA GLN E 234 19.74 -13.56 -24.13
C GLN E 234 21.00 -12.97 -24.72
N ILE E 235 21.94 -12.51 -23.88
CA ILE E 235 23.16 -11.92 -24.42
C ILE E 235 23.98 -12.97 -25.17
N SER E 236 24.13 -14.15 -24.58
CA SER E 236 24.81 -15.24 -25.27
C SER E 236 24.07 -15.64 -26.53
N ALA E 237 22.73 -15.63 -26.49
CA ALA E 237 21.94 -16.05 -27.64
C ALA E 237 22.10 -15.08 -28.80
N ILE E 238 22.05 -13.78 -28.53
CA ILE E 238 22.31 -12.78 -29.56
C ILE E 238 23.71 -12.96 -30.12
N ASP E 239 24.70 -13.07 -29.24
CA ASP E 239 26.09 -13.15 -29.65
C ASP E 239 26.33 -14.33 -30.58
N GLU E 240 25.80 -15.50 -30.22
CA GLU E 240 26.00 -16.70 -31.01
C GLU E 240 25.26 -16.62 -32.34
N CYS E 241 24.09 -15.98 -32.36
CA CYS E 241 23.30 -15.92 -33.59
C CYS E 241 23.79 -14.83 -34.53
N VAL E 242 24.22 -13.70 -33.99
CA VAL E 242 24.75 -12.62 -34.83
C VAL E 242 25.97 -13.10 -35.61
N GLU E 243 26.84 -13.87 -34.96
CA GLU E 243 28.05 -14.35 -35.62
C GLU E 243 27.72 -15.29 -36.78
N GLU E 244 26.65 -16.08 -36.64
CA GLU E 244 26.25 -16.97 -37.73
C GLU E 244 25.51 -16.21 -38.82
N ALA E 245 24.55 -15.35 -38.42
CA ALA E 245 23.72 -14.67 -39.41
C ALA E 245 24.50 -13.63 -40.21
N ASN E 246 25.53 -13.04 -39.60
CA ASN E 246 26.38 -12.09 -40.34
C ASN E 246 26.97 -12.72 -41.58
N LYS E 247 27.30 -14.02 -41.52
CA LYS E 247 27.85 -14.71 -42.68
C LYS E 247 26.89 -14.72 -43.86
N PHE E 248 25.59 -14.52 -43.62
CA PHE E 248 24.59 -14.45 -44.67
C PHE E 248 24.10 -13.03 -44.91
N GLY E 249 24.68 -12.05 -44.21
CA GLY E 249 24.19 -10.68 -44.29
C GLY E 249 22.80 -10.51 -43.75
N VAL E 250 22.42 -11.30 -42.75
CA VAL E 250 21.04 -11.38 -42.26
C VAL E 250 20.98 -10.70 -40.90
N PRO E 251 20.13 -9.68 -40.73
CA PRO E 251 20.05 -8.99 -39.43
C PRO E 251 19.40 -9.85 -38.36
N VAL E 252 19.79 -9.61 -37.11
CA VAL E 252 19.26 -10.32 -35.96
C VAL E 252 18.39 -9.36 -35.17
N ILE E 253 17.18 -9.80 -34.83
CA ILE E 253 16.29 -9.05 -33.95
C ILE E 253 16.39 -9.65 -32.56
N ALA E 254 16.69 -8.80 -31.57
CA ALA E 254 16.79 -9.22 -30.17
C ALA E 254 15.43 -9.01 -29.50
N ASP E 255 14.73 -10.11 -29.23
CA ASP E 255 13.33 -10.09 -28.82
C ASP E 255 13.20 -10.64 -27.39
N GLY E 256 12.93 -9.77 -26.43
CA GLY E 256 12.54 -10.21 -25.11
C GLY E 256 13.59 -9.90 -24.06
N GLY E 257 13.13 -9.67 -22.83
CA GLY E 257 14.03 -9.49 -21.72
C GLY E 257 14.55 -8.07 -21.52
N ILE E 258 14.13 -7.11 -22.35
CA ILE E 258 14.54 -5.73 -22.16
C ILE E 258 13.77 -5.16 -20.98
N LYS E 259 14.49 -4.70 -19.96
CA LYS E 259 13.89 -4.04 -18.81
C LYS E 259 14.26 -2.57 -18.70
N TYR E 260 15.42 -2.17 -19.19
CA TYR E 260 15.89 -0.80 -19.10
C TYR E 260 16.50 -0.40 -20.44
N SER E 261 16.62 0.91 -20.65
CA SER E 261 17.19 1.40 -21.91
C SER E 261 18.60 0.89 -22.12
N GLY E 262 19.34 0.65 -21.03
CA GLY E 262 20.68 0.09 -21.13
C GLY E 262 20.73 -1.30 -21.70
N ASP E 263 19.66 -2.09 -21.55
CA ASP E 263 19.63 -3.41 -22.18
C ASP E 263 19.53 -3.31 -23.69
N ILE E 264 18.88 -2.25 -24.19
CA ILE E 264 18.86 -2.00 -25.62
C ILE E 264 20.27 -1.77 -26.14
N ALA E 265 21.02 -0.92 -25.45
CA ALA E 265 22.40 -0.63 -25.85
C ALA E 265 23.25 -1.90 -25.87
N LYS E 266 23.12 -2.73 -24.83
CA LYS E 266 23.91 -3.96 -24.78
C LYS E 266 23.55 -4.89 -25.93
N ALA E 267 22.26 -5.09 -26.17
CA ALA E 267 21.82 -5.95 -27.27
C ALA E 267 22.38 -5.48 -28.61
N LEU E 268 22.29 -4.16 -28.86
CA LEU E 268 22.78 -3.61 -30.12
C LEU E 268 24.30 -3.63 -30.20
N ALA E 269 24.99 -3.39 -29.08
CA ALA E 269 26.45 -3.42 -29.09
C ALA E 269 26.98 -4.82 -29.35
N VAL E 270 26.27 -5.85 -28.87
CA VAL E 270 26.69 -7.23 -29.11
C VAL E 270 26.52 -7.61 -30.57
N GLY E 271 25.62 -6.95 -31.30
CA GLY E 271 25.52 -7.18 -32.73
C GLY E 271 24.11 -7.23 -33.27
N ALA E 272 23.12 -7.20 -32.39
CA ALA E 272 21.74 -7.14 -32.85
C ALA E 272 21.51 -5.87 -33.66
N SER E 273 20.64 -5.96 -34.65
CA SER E 273 20.33 -4.81 -35.48
C SER E 273 19.09 -4.07 -35.01
N SER E 274 18.20 -4.73 -34.28
CA SER E 274 17.00 -4.10 -33.74
C SER E 274 16.57 -4.88 -32.51
N VAL E 275 15.62 -4.33 -31.77
CA VAL E 275 15.16 -4.91 -30.52
C VAL E 275 13.63 -4.91 -30.49
N MET E 276 13.03 -6.05 -30.14
CA MET E 276 11.59 -6.15 -29.98
C MET E 276 11.24 -6.05 -28.50
N ILE E 277 10.23 -5.24 -28.19
CA ILE E 277 9.91 -4.88 -26.81
C ILE E 277 8.43 -5.11 -26.57
N GLY E 278 8.11 -5.74 -25.44
CA GLY E 278 6.73 -5.96 -25.04
C GLY E 278 6.33 -5.20 -23.78
N SER E 279 6.88 -5.60 -22.64
CA SER E 279 6.39 -5.13 -21.35
C SER E 279 6.48 -3.61 -21.22
N LEU E 280 7.57 -3.02 -21.71
CA LEU E 280 7.77 -1.58 -21.57
C LEU E 280 6.75 -0.76 -22.35
N LEU E 281 6.07 -1.36 -23.32
CA LEU E 281 5.10 -0.64 -24.14
C LEU E 281 3.66 -1.00 -23.79
N ALA E 282 3.45 -2.00 -22.92
CA ALA E 282 2.10 -2.51 -22.70
C ALA E 282 1.24 -1.54 -21.89
N GLY E 283 1.85 -0.70 -21.05
CA GLY E 283 1.09 0.19 -20.22
C GLY E 283 0.91 1.58 -20.80
N THR E 284 1.04 1.70 -22.12
CA THR E 284 0.93 3.00 -22.77
C THR E 284 -0.48 3.27 -23.25
N ASP E 285 -0.76 4.54 -23.54
CA ASP E 285 -2.06 4.92 -24.08
C ASP E 285 -2.42 4.08 -25.29
N GLU E 286 -1.46 3.83 -26.18
CA GLU E 286 -1.71 3.28 -27.49
C GLU E 286 -1.77 1.76 -27.52
N SER E 287 -1.48 1.08 -26.42
CA SER E 287 -1.62 -0.36 -26.42
C SER E 287 -3.11 -0.75 -26.40
N PRO E 288 -3.46 -1.91 -26.96
CA PRO E 288 -4.88 -2.21 -27.21
C PRO E 288 -5.69 -2.50 -25.94
N GLY E 289 -5.06 -2.91 -24.85
CA GLY E 289 -5.80 -3.20 -23.64
C GLY E 289 -6.48 -1.98 -23.06
N GLU E 290 -7.41 -2.23 -22.16
CA GLU E 290 -8.13 -1.15 -21.50
C GLU E 290 -7.45 -0.75 -20.19
N LEU E 291 -7.66 0.50 -19.82
CA LEU E 291 -7.17 1.02 -18.55
C LEU E 291 -8.11 0.64 -17.42
N PHE E 292 -7.55 0.21 -16.30
CA PHE E 292 -8.34 -0.05 -15.12
C PHE E 292 -7.56 0.36 -13.89
N THR E 293 -8.28 0.54 -12.79
CA THR E 293 -7.70 0.95 -11.52
C THR E 293 -7.74 -0.21 -10.54
N TYR E 294 -6.60 -0.48 -9.90
CA TYR E 294 -6.50 -1.45 -8.82
C TYR E 294 -5.82 -0.79 -7.65
N GLN E 295 -6.56 -0.60 -6.56
CA GLN E 295 -6.03 -0.08 -5.31
C GLN E 295 -5.28 1.24 -5.51
N GLY E 296 -5.96 2.18 -6.17
CA GLY E 296 -5.49 3.54 -6.29
C GLY E 296 -4.65 3.85 -7.51
N ARG E 297 -4.12 2.85 -8.19
CA ARG E 297 -3.20 3.07 -9.31
C ARG E 297 -3.80 2.50 -10.58
N GLN E 298 -3.38 3.07 -11.71
CA GLN E 298 -3.87 2.65 -13.02
C GLN E 298 -2.92 1.64 -13.64
N TYR E 299 -3.49 0.59 -14.21
CA TYR E 299 -2.76 -0.50 -14.81
C TYR E 299 -3.34 -0.83 -16.17
N LYS E 300 -2.58 -1.60 -16.94
CA LYS E 300 -3.07 -2.27 -18.12
C LYS E 300 -2.71 -3.74 -18.01
N SER E 301 -3.51 -4.60 -18.63
CA SER E 301 -3.20 -6.01 -18.64
C SER E 301 -2.08 -6.29 -19.62
N TYR E 302 -1.25 -7.27 -19.28
CA TYR E 302 -0.16 -7.72 -20.14
C TYR E 302 -0.01 -9.22 -19.92
N ARG E 303 0.03 -9.98 -21.01
CA ARG E 303 -0.01 -11.42 -20.87
C ARG E 303 0.77 -12.06 -22.01
N GLY E 304 1.34 -13.22 -21.72
CA GLY E 304 1.98 -13.99 -22.76
C GLY E 304 0.98 -14.49 -23.79
N MET E 305 1.44 -14.58 -25.03
CA MET E 305 0.60 -15.15 -26.08
C MET E 305 0.45 -16.66 -25.92
N GLY E 306 1.32 -17.28 -25.12
CA GLY E 306 1.17 -18.68 -24.79
C GLY E 306 0.58 -18.87 -23.41
N SER E 307 -0.11 -17.86 -22.90
CA SER E 307 -0.82 -17.99 -21.64
C SER E 307 -2.22 -18.55 -21.89
N LEU E 308 -2.83 -19.06 -20.82
CA LEU E 308 -4.18 -19.61 -20.91
C LEU E 308 -5.15 -18.59 -21.49
N GLY E 309 -5.10 -17.36 -20.98
CA GLY E 309 -6.03 -16.35 -21.44
C GLY E 309 -5.92 -16.04 -22.91
N ALA E 310 -4.68 -15.97 -23.43
CA ALA E 310 -4.48 -15.65 -24.84
C ALA E 310 -4.91 -16.81 -25.73
N MET E 311 -4.64 -18.05 -25.31
CA MET E 311 -4.96 -19.21 -26.13
C MET E 311 -6.45 -19.52 -26.14
N GLN E 312 -7.22 -19.03 -25.17
CA GLN E 312 -8.67 -19.16 -25.19
C GLN E 312 -9.30 -18.04 -26.00
N LYS E 313 -8.82 -16.82 -25.80
CA LYS E 313 -8.99 -15.76 -26.78
C LYS E 313 -8.54 -16.22 -28.15
N LYS E 328 -6.26 -30.65 -21.52
CA LYS E 328 -6.14 -29.25 -21.12
C LYS E 328 -4.87 -28.63 -21.71
N LEU E 329 -4.90 -27.31 -21.85
CA LEU E 329 -3.76 -26.60 -22.41
C LEU E 329 -2.60 -26.55 -21.41
N VAL E 330 -1.38 -26.61 -21.92
CA VAL E 330 -0.17 -26.48 -21.12
C VAL E 330 0.50 -25.17 -21.49
N PRO E 331 0.29 -24.10 -20.72
CA PRO E 331 0.77 -22.78 -21.15
C PRO E 331 2.27 -22.60 -20.92
N GLU E 332 2.83 -21.62 -21.64
CA GLU E 332 4.22 -21.22 -21.47
C GLU E 332 4.31 -19.73 -21.23
N GLY E 333 3.30 -19.17 -20.57
CA GLY E 333 3.27 -17.76 -20.23
C GLY E 333 2.20 -17.49 -19.20
N ILE E 334 2.27 -16.31 -18.59
CA ILE E 334 1.37 -15.93 -17.53
C ILE E 334 0.55 -14.73 -17.97
N GLU E 335 -0.55 -14.48 -17.25
CA GLU E 335 -1.36 -13.28 -17.44
C GLU E 335 -1.09 -12.33 -16.30
N GLY E 336 -0.83 -11.07 -16.62
CA GLY E 336 -0.50 -10.10 -15.61
C GLY E 336 -0.94 -8.69 -15.90
N ARG E 337 -0.32 -7.73 -15.22
CA ARG E 337 -0.63 -6.31 -15.41
C ARG E 337 0.63 -5.50 -15.20
N VAL E 338 0.71 -4.36 -15.87
CA VAL E 338 1.83 -3.45 -15.74
C VAL E 338 1.29 -2.05 -15.47
N PRO E 339 2.03 -1.20 -14.76
CA PRO E 339 1.51 0.13 -14.47
C PRO E 339 1.31 0.96 -15.73
N TYR E 340 0.30 1.83 -15.68
CA TYR E 340 0.12 2.83 -16.72
C TYR E 340 1.29 3.80 -16.70
N VAL E 341 1.82 4.11 -17.89
CA VAL E 341 3.01 4.96 -18.00
C VAL E 341 2.79 6.14 -18.92
N GLY E 342 1.63 6.29 -19.53
CA GLY E 342 1.40 7.41 -20.42
C GLY E 342 1.60 7.06 -21.89
N SER E 343 2.21 7.97 -22.63
CA SER E 343 2.30 7.84 -24.08
C SER E 343 3.48 6.98 -24.51
N ILE E 344 3.30 6.26 -25.60
CA ILE E 344 4.40 5.54 -26.24
C ILE E 344 5.54 6.49 -26.56
N ARG E 345 5.19 7.70 -27.02
CA ARG E 345 6.19 8.69 -27.39
C ARG E 345 7.13 9.00 -26.23
N SER E 346 6.59 9.14 -25.01
CA SER E 346 7.43 9.46 -23.87
C SER E 346 8.33 8.29 -23.49
N VAL E 347 7.80 7.06 -23.55
CA VAL E 347 8.63 5.89 -23.27
C VAL E 347 9.74 5.77 -24.31
N VAL E 348 9.38 5.91 -25.59
CA VAL E 348 10.35 5.73 -26.67
C VAL E 348 11.48 6.77 -26.56
N HIS E 349 11.14 8.00 -26.18
CA HIS E 349 12.15 9.05 -26.08
C HIS E 349 13.18 8.74 -25.01
N GLN E 350 12.73 8.18 -23.89
CA GLN E 350 13.66 7.80 -22.82
C GLN E 350 14.52 6.62 -23.23
N LEU E 351 13.93 5.62 -23.88
CA LEU E 351 14.69 4.45 -24.32
C LEU E 351 15.75 4.85 -25.34
N LEU E 352 15.36 5.66 -26.33
CA LEU E 352 16.33 6.11 -27.33
C LEU E 352 17.37 7.03 -26.72
N GLY E 353 16.96 7.86 -25.75
CA GLY E 353 17.93 8.72 -25.07
C GLY E 353 18.98 7.92 -24.32
N GLY E 354 18.57 6.81 -23.72
CA GLY E 354 19.55 5.93 -23.09
C GLY E 354 20.51 5.33 -24.08
N LEU E 355 20.01 4.97 -25.27
CA LEU E 355 20.88 4.41 -26.31
C LEU E 355 21.87 5.45 -26.81
N ARG E 356 21.40 6.68 -27.02
CA ARG E 356 22.30 7.74 -27.47
C ARG E 356 23.37 8.03 -26.43
N SER E 357 23.00 8.05 -25.15
CA SER E 357 23.98 8.23 -24.09
C SER E 357 25.05 7.14 -24.14
N SER E 358 24.61 5.89 -24.32
CA SER E 358 25.55 4.78 -24.40
C SER E 358 26.55 4.96 -25.53
N MET E 359 26.05 5.27 -26.73
CA MET E 359 26.93 5.45 -27.88
C MET E 359 27.88 6.61 -27.67
N GLY E 360 27.41 7.68 -27.01
CA GLY E 360 28.31 8.76 -26.63
C GLY E 360 29.42 8.29 -25.70
N TYR E 361 29.09 7.44 -24.73
CA TYR E 361 30.11 6.90 -23.82
C TYR E 361 31.14 6.07 -24.56
N VAL E 362 30.69 5.29 -25.57
CA VAL E 362 31.58 4.39 -26.27
C VAL E 362 32.37 5.11 -27.37
N GLY E 363 31.91 6.29 -27.78
CA GLY E 363 32.59 7.03 -28.83
C GLY E 363 32.13 6.70 -30.23
N ALA E 364 30.91 6.18 -30.39
CA ALA E 364 30.42 5.68 -31.65
C ALA E 364 29.54 6.72 -32.32
N LYS E 365 29.73 6.91 -33.63
CA LYS E 365 28.91 7.85 -34.38
C LYS E 365 27.68 7.20 -35.01
N ASP E 366 27.63 5.87 -35.07
CA ASP E 366 26.46 5.17 -35.60
C ASP E 366 26.45 3.74 -35.06
N ILE E 367 25.39 2.99 -35.40
CA ILE E 367 25.21 1.65 -34.86
C ILE E 367 26.37 0.74 -35.27
N GLU E 368 26.75 0.80 -36.55
CA GLU E 368 27.85 -0.03 -37.04
C GLU E 368 29.14 0.27 -36.27
N ASP E 369 29.43 1.56 -36.06
CA ASP E 369 30.60 1.95 -35.28
C ASP E 369 30.46 1.53 -33.83
N PHE E 370 29.24 1.59 -33.29
CA PHE E 370 28.95 1.10 -31.94
C PHE E 370 29.38 -0.35 -31.79
N GLN E 371 29.00 -1.19 -32.76
CA GLN E 371 29.32 -2.60 -32.67
C GLN E 371 30.80 -2.87 -32.90
N LYS E 372 31.47 -2.00 -33.66
CA LYS E 372 32.90 -2.19 -33.90
C LYS E 372 33.74 -1.87 -32.68
N ARG E 373 33.33 -0.87 -31.88
CA ARG E 373 34.15 -0.39 -30.77
C ARG E 373 33.84 -1.08 -29.44
N ALA E 374 32.64 -1.65 -29.31
CA ALA E 374 32.14 -2.10 -28.01
C ALA E 374 33.08 -3.11 -27.35
N GLU E 375 33.41 -2.86 -26.08
CA GLU E 375 34.12 -3.81 -25.24
C GLU E 375 33.38 -3.92 -23.91
N PHE E 376 33.21 -5.15 -23.43
CA PHE E 376 32.42 -5.43 -22.24
C PHE E 376 33.31 -5.89 -21.09
N VAL E 377 32.77 -5.75 -19.89
CA VAL E 377 33.28 -6.45 -18.72
C VAL E 377 32.16 -7.32 -18.18
N GLU E 378 32.54 -8.49 -17.66
CA GLU E 378 31.62 -9.31 -16.88
C GLU E 378 31.65 -8.84 -15.44
N ILE E 379 30.48 -8.79 -14.81
CA ILE E 379 30.36 -8.29 -13.45
C ILE E 379 29.76 -9.37 -12.55
N THR E 380 29.81 -9.10 -11.26
CA THR E 380 29.26 -10.00 -10.25
C THR E 380 27.92 -9.46 -9.74
N THR E 381 27.27 -10.27 -8.91
CA THR E 381 26.04 -9.82 -8.26
C THR E 381 26.28 -8.54 -7.46
N ALA E 382 27.42 -8.45 -6.79
CA ALA E 382 27.75 -7.22 -6.06
C ALA E 382 27.92 -6.05 -7.03
N GLY E 383 28.47 -6.32 -8.22
CA GLY E 383 28.58 -5.25 -9.22
C GLY E 383 27.24 -4.78 -9.73
N LEU E 384 26.28 -5.69 -9.87
CA LEU E 384 24.93 -5.31 -10.27
C LEU E 384 24.26 -4.46 -9.20
N LYS E 385 24.40 -4.86 -7.93
CA LYS E 385 23.85 -4.07 -6.84
C LYS E 385 24.46 -2.66 -6.83
N GLU E 386 25.75 -2.54 -7.11
CA GLU E 386 26.39 -1.24 -7.18
C GLU E 386 25.91 -0.45 -8.39
N SER E 387 25.60 -1.13 -9.50
CA SER E 387 25.16 -0.42 -10.70
C SER E 387 23.78 0.20 -10.50
N HIS E 388 22.88 -0.51 -9.84
CA HIS E 388 21.57 0.03 -9.54
C HIS E 388 21.69 1.11 -8.47
N VAL E 389 20.57 1.80 -8.23
CA VAL E 389 20.48 2.68 -7.07
C VAL E 389 20.57 1.84 -5.80
N HIS E 390 21.39 2.29 -4.86
CA HIS E 390 21.57 1.54 -3.62
C HIS E 390 21.69 2.50 -2.44
N ASP E 391 21.17 2.06 -1.29
CA ASP E 391 21.34 2.72 0.00
C ASP E 391 20.71 4.11 0.05
N VAL E 392 19.82 4.44 -0.88
CA VAL E 392 19.12 5.72 -0.89
C VAL E 392 17.67 5.47 -1.30
N THR E 393 16.73 5.97 -0.51
CA THR E 393 15.31 5.81 -0.80
C THR E 393 14.88 6.80 -1.88
N ILE E 394 14.44 6.28 -3.02
CA ILE E 394 13.95 7.14 -4.10
C ILE E 394 12.63 7.78 -3.67
N THR E 395 12.51 9.09 -3.86
CA THR E 395 11.32 9.83 -3.46
C THR E 395 10.59 10.48 -4.62
N HIS E 396 11.21 10.59 -5.79
CA HIS E 396 10.57 11.14 -6.97
C HIS E 396 10.68 10.13 -8.10
N GLU E 397 9.74 10.20 -9.04
CA GLU E 397 9.79 9.30 -10.18
C GLU E 397 10.92 9.71 -11.13
N ALA E 398 11.73 8.72 -11.52
CA ALA E 398 12.59 9.02 -12.65
C ALA E 398 11.99 8.43 -13.91
N PRO E 399 11.98 9.18 -15.02
CA PRO E 399 11.29 8.70 -16.23
C PRO E 399 11.88 7.42 -16.81
N ASN E 400 13.15 7.11 -16.53
CA ASN E 400 13.81 5.95 -17.14
C ASN E 400 14.30 4.93 -16.13
N TYR E 401 13.84 4.98 -14.86
CA TYR E 401 14.33 4.06 -13.86
C TYR E 401 13.24 3.80 -12.83
N LYS E 402 12.73 2.57 -12.82
CA LYS E 402 11.75 2.10 -11.84
C LYS E 402 12.34 0.93 -11.06
N VAL E 403 11.56 0.44 -10.09
CA VAL E 403 11.92 -0.70 -9.24
C VAL E 403 13.35 -0.59 -8.71
N ALA F 24 45.59 -28.76 1.45
CA ALA F 24 44.26 -28.16 1.52
C ALA F 24 43.18 -29.24 1.56
N MET F 25 41.98 -28.84 1.95
CA MET F 25 40.81 -29.70 1.86
C MET F 25 40.63 -30.18 0.41
N LYS F 26 40.06 -31.37 0.28
CA LYS F 26 39.87 -31.98 -1.04
C LYS F 26 38.49 -31.60 -1.57
N ILE F 27 38.46 -30.66 -2.50
CA ILE F 27 37.23 -30.23 -3.15
C ILE F 27 37.16 -30.94 -4.49
N VAL F 28 36.24 -31.90 -4.60
CA VAL F 28 36.24 -32.81 -5.75
C VAL F 28 35.77 -32.10 -7.01
N LYS F 29 34.70 -31.30 -6.91
CA LYS F 29 34.16 -30.63 -8.08
C LYS F 29 33.29 -29.47 -7.63
N ARG F 30 32.92 -28.64 -8.59
CA ARG F 30 31.87 -27.64 -8.41
C ARG F 30 30.58 -28.27 -8.94
N ALA F 31 29.63 -28.50 -8.04
CA ALA F 31 28.44 -29.26 -8.36
C ALA F 31 27.25 -28.34 -8.62
N LEU F 32 26.44 -28.71 -9.60
CA LEU F 32 25.33 -27.90 -10.07
C LEU F 32 24.00 -28.57 -9.77
N THR F 33 22.95 -27.76 -9.65
CA THR F 33 21.59 -28.27 -9.53
C THR F 33 20.75 -27.70 -10.68
N PHE F 34 19.43 -27.90 -10.58
CA PHE F 34 18.54 -27.66 -11.71
C PHE F 34 18.62 -26.22 -12.21
N GLU F 35 18.52 -25.25 -11.29
CA GLU F 35 18.47 -23.86 -11.68
C GLU F 35 19.78 -23.36 -12.25
N ASP F 36 20.86 -24.15 -12.20
CA ASP F 36 22.14 -23.73 -12.75
C ASP F 36 22.28 -24.01 -14.24
N VAL F 37 21.38 -24.79 -14.84
CA VAL F 37 21.53 -25.22 -16.22
C VAL F 37 20.22 -25.06 -16.97
N LEU F 38 20.34 -24.91 -18.29
CA LEU F 38 19.21 -24.88 -19.20
C LEU F 38 19.52 -25.75 -20.41
N LEU F 39 18.48 -26.35 -20.98
CA LEU F 39 18.61 -27.13 -22.20
C LEU F 39 18.60 -26.20 -23.42
N ARG F 40 19.52 -26.44 -24.36
CA ARG F 40 19.51 -25.67 -25.58
C ARG F 40 18.47 -26.24 -26.54
N PRO F 41 17.80 -25.40 -27.32
CA PRO F 41 16.92 -25.92 -28.37
C PRO F 41 17.74 -26.57 -29.47
N GLY F 42 17.12 -27.52 -30.18
CA GLY F 42 17.75 -28.16 -31.31
C GLY F 42 16.77 -28.27 -32.46
N TYR F 43 17.31 -28.64 -33.62
CA TYR F 43 16.45 -28.82 -34.79
C TYR F 43 15.43 -29.92 -34.53
N SER F 44 14.16 -29.61 -34.79
CA SER F 44 13.07 -30.49 -34.40
C SER F 44 12.14 -30.77 -35.56
N GLU F 45 11.83 -32.05 -35.76
CA GLU F 45 10.80 -32.49 -36.70
C GLU F 45 9.63 -33.17 -36.00
N VAL F 46 9.59 -33.12 -34.66
CA VAL F 46 8.54 -33.77 -33.89
C VAL F 46 7.72 -32.70 -33.19
N LEU F 47 6.46 -33.00 -33.01
CA LEU F 47 5.62 -32.13 -32.21
C LEU F 47 5.46 -32.71 -30.81
N PRO F 48 5.26 -31.86 -29.79
CA PRO F 48 5.17 -32.37 -28.41
C PRO F 48 4.12 -33.46 -28.22
N LYS F 49 2.99 -33.40 -28.91
CA LYS F 49 1.97 -34.42 -28.74
C LYS F 49 2.31 -35.73 -29.43
N GLU F 50 3.42 -35.79 -30.17
CA GLU F 50 3.80 -37.01 -30.88
C GLU F 50 4.97 -37.75 -30.23
N VAL F 51 5.75 -37.09 -29.38
CA VAL F 51 6.88 -37.76 -28.75
C VAL F 51 6.39 -38.88 -27.83
N LYS F 52 7.26 -39.87 -27.63
CA LYS F 52 6.96 -41.01 -26.78
C LYS F 52 7.73 -40.88 -25.48
N ILE F 53 7.04 -41.04 -24.35
CA ILE F 53 7.61 -40.80 -23.04
C ILE F 53 7.67 -42.07 -22.19
N HIS F 54 7.51 -43.24 -22.81
CA HIS F 54 7.78 -44.49 -22.12
C HIS F 54 9.23 -44.54 -21.69
N THR F 55 9.49 -45.25 -20.59
CA THR F 55 10.84 -45.35 -20.06
C THR F 55 10.96 -46.62 -19.23
N LYS F 56 12.15 -46.84 -18.67
CA LYS F 56 12.43 -47.99 -17.84
C LYS F 56 12.47 -47.59 -16.37
N LEU F 57 11.85 -48.41 -15.53
CA LEU F 57 11.92 -48.23 -14.08
C LEU F 57 13.12 -48.99 -13.51
N THR F 58 13.15 -50.30 -13.72
CA THR F 58 14.27 -51.16 -13.39
C THR F 58 14.78 -51.83 -14.66
N LYS F 59 15.74 -52.74 -14.48
CA LYS F 59 16.26 -53.50 -15.63
C LYS F 59 15.16 -54.26 -16.35
N ASN F 60 14.08 -54.62 -15.65
CA ASN F 60 13.06 -55.48 -16.22
C ASN F 60 11.64 -54.93 -16.15
N ILE F 61 11.41 -53.79 -15.50
CA ILE F 61 10.08 -53.21 -15.40
C ILE F 61 10.07 -51.88 -16.12
N THR F 62 9.11 -51.71 -17.02
CA THR F 62 8.96 -50.49 -17.81
C THR F 62 7.89 -49.59 -17.20
N LEU F 63 7.90 -48.34 -17.64
CA LEU F 63 6.83 -47.40 -17.39
C LEU F 63 6.35 -46.83 -18.71
N ASN F 64 5.10 -46.41 -18.75
CA ASN F 64 4.59 -45.70 -19.91
C ASN F 64 4.79 -44.19 -19.81
N MET F 65 5.18 -43.70 -18.64
CA MET F 65 5.54 -42.31 -18.41
C MET F 65 6.43 -42.27 -17.18
N PRO F 66 7.32 -41.26 -17.07
CA PRO F 66 8.48 -41.41 -16.17
C PRO F 66 8.32 -40.93 -14.73
N LEU F 67 7.10 -40.86 -14.18
CA LEU F 67 6.90 -40.28 -12.86
C LEU F 67 6.54 -41.34 -11.83
N ILE F 68 7.16 -41.24 -10.65
CA ILE F 68 6.87 -42.10 -9.51
C ILE F 68 6.50 -41.20 -8.34
N SER F 69 5.43 -41.54 -7.63
CA SER F 69 5.05 -40.80 -6.45
C SER F 69 5.85 -41.28 -5.24
N ALA F 70 6.19 -40.34 -4.36
CA ALA F 70 7.17 -40.61 -3.32
C ALA F 70 6.62 -41.49 -2.22
N ALA F 71 7.51 -42.24 -1.59
CA ALA F 71 7.15 -43.20 -0.53
C ALA F 71 7.10 -42.49 0.82
N MET F 72 6.12 -41.60 0.96
CA MET F 72 5.94 -40.82 2.17
C MET F 72 4.48 -40.88 2.60
N ASP F 73 4.26 -40.85 3.91
CA ASP F 73 2.93 -41.03 4.45
C ASP F 73 2.01 -39.83 4.25
N THR F 74 2.48 -38.77 3.57
CA THR F 74 1.59 -37.70 3.12
C THR F 74 1.52 -37.62 1.60
N VAL F 75 1.95 -38.66 0.89
CA VAL F 75 1.90 -38.65 -0.57
C VAL F 75 1.22 -39.90 -1.12
N THR F 76 1.77 -41.09 -0.86
CA THR F 76 1.34 -42.30 -1.56
C THR F 76 0.85 -43.38 -0.61
N GLU F 77 -0.46 -43.58 -0.56
CA GLU F 77 -1.03 -44.84 -0.13
C GLU F 77 -1.79 -45.43 -1.33
N HIS F 78 -2.75 -46.31 -1.08
CA HIS F 78 -3.33 -47.09 -2.18
C HIS F 78 -4.03 -46.21 -3.22
N ARG F 79 -4.71 -45.15 -2.77
CA ARG F 79 -5.47 -44.34 -3.71
C ARG F 79 -4.56 -43.59 -4.66
N ALA F 80 -3.46 -43.02 -4.15
CA ALA F 80 -2.53 -42.32 -5.03
C ALA F 80 -1.80 -43.29 -5.95
N ALA F 81 -1.45 -44.47 -5.44
CA ALA F 81 -0.72 -45.43 -6.25
C ALA F 81 -1.57 -45.97 -7.39
N ILE F 82 -2.89 -46.05 -7.20
CA ILE F 82 -3.76 -46.52 -8.28
C ILE F 82 -3.75 -45.53 -9.44
N MET F 83 -3.86 -44.23 -9.12
CA MET F 83 -3.91 -43.22 -10.17
C MET F 83 -2.59 -43.14 -10.94
N MET F 84 -1.45 -43.16 -10.22
CA MET F 84 -0.16 -43.09 -10.90
C MET F 84 0.03 -44.29 -11.83
N ALA F 85 -0.39 -45.48 -11.39
CA ALA F 85 -0.33 -46.65 -12.27
C ALA F 85 -1.28 -46.48 -13.45
N ARG F 86 -2.50 -45.97 -13.19
CA ARG F 86 -3.47 -45.79 -14.26
C ARG F 86 -2.97 -44.82 -15.32
N LEU F 87 -2.25 -43.78 -14.90
CA LEU F 87 -1.71 -42.80 -15.84
C LEU F 87 -0.39 -43.25 -16.45
N GLY F 88 0.11 -44.44 -16.11
CA GLY F 88 1.28 -45.00 -16.74
C GLY F 88 2.53 -45.01 -15.89
N GLY F 89 2.51 -44.38 -14.73
CA GLY F 89 3.67 -44.33 -13.86
C GLY F 89 3.59 -45.36 -12.76
N LEU F 90 3.90 -44.94 -11.53
CA LEU F 90 4.00 -45.88 -10.44
C LEU F 90 3.91 -45.13 -9.11
N GLY F 91 3.31 -45.79 -8.12
CA GLY F 91 3.30 -45.30 -6.76
C GLY F 91 4.04 -46.27 -5.86
N VAL F 92 4.64 -45.73 -4.81
CA VAL F 92 5.40 -46.52 -3.84
C VAL F 92 4.73 -46.35 -2.49
N ILE F 93 4.04 -47.40 -2.02
CA ILE F 93 3.42 -47.36 -0.70
C ILE F 93 4.50 -47.20 0.36
N HIS F 94 4.34 -46.20 1.22
CA HIS F 94 5.31 -45.92 2.26
C HIS F 94 5.30 -47.02 3.32
N LYS F 95 6.31 -46.97 4.19
CA LYS F 95 6.55 -48.03 5.17
C LYS F 95 6.28 -47.60 6.60
N ASN F 96 5.72 -46.41 6.82
CA ASN F 96 5.43 -45.93 8.17
C ASN F 96 4.09 -46.49 8.65
N MET F 97 4.02 -47.82 8.63
CA MET F 97 2.84 -48.56 9.03
C MET F 97 3.26 -50.00 9.30
N ASP F 98 2.40 -50.75 9.97
CA ASP F 98 2.72 -52.15 10.24
C ASP F 98 2.66 -52.96 8.95
N ILE F 99 3.15 -54.20 9.04
CA ILE F 99 3.26 -55.03 7.84
C ILE F 99 1.88 -55.36 7.27
N ALA F 100 0.92 -55.67 8.14
CA ALA F 100 -0.43 -55.98 7.67
C ALA F 100 -1.06 -54.78 6.97
N SER F 101 -0.78 -53.57 7.45
CA SER F 101 -1.32 -52.38 6.82
C SER F 101 -0.73 -52.18 5.43
N GLN F 102 0.58 -52.43 5.29
CA GLN F 102 1.23 -52.19 4.00
C GLN F 102 0.85 -53.25 2.96
N VAL F 103 0.65 -54.50 3.39
CA VAL F 103 0.25 -55.51 2.42
C VAL F 103 -1.19 -55.27 1.97
N ARG F 104 -2.04 -54.72 2.84
CA ARG F 104 -3.41 -54.42 2.44
C ARG F 104 -3.43 -53.27 1.44
N GLU F 105 -2.60 -52.25 1.65
CA GLU F 105 -2.49 -51.17 0.67
C GLU F 105 -2.04 -51.71 -0.68
N VAL F 106 -1.05 -52.61 -0.68
CA VAL F 106 -0.59 -53.22 -1.92
C VAL F 106 -1.72 -53.99 -2.57
N LYS F 107 -2.48 -54.75 -1.78
CA LYS F 107 -3.55 -55.57 -2.35
C LYS F 107 -4.66 -54.71 -2.93
N ARG F 108 -4.93 -53.55 -2.32
CA ARG F 108 -5.95 -52.66 -2.86
C ARG F 108 -5.58 -52.20 -4.26
N VAL F 109 -4.29 -51.96 -4.52
CA VAL F 109 -3.86 -51.57 -5.84
C VAL F 109 -3.91 -52.76 -6.80
N LYS F 110 -3.45 -53.93 -6.35
CA LYS F 110 -3.42 -55.10 -7.23
C LYS F 110 -4.82 -55.58 -7.58
N LYS F 111 -5.79 -55.40 -6.69
CA LYS F 111 -7.16 -55.85 -6.93
C LYS F 111 -8.06 -54.74 -7.44
N SER F 112 -7.50 -53.56 -7.74
CA SER F 112 -8.30 -52.51 -8.36
C SER F 112 -8.81 -52.93 -9.71
N GLU F 113 -8.00 -53.66 -10.47
CA GLU F 113 -8.39 -54.23 -11.76
C GLU F 113 -7.79 -55.63 -11.86
N SER F 114 -8.46 -56.50 -12.61
CA SER F 114 -8.08 -57.91 -12.68
C SER F 114 -8.07 -58.45 -14.10
N GLY F 115 -8.11 -57.57 -15.10
CA GLY F 115 -8.14 -58.01 -16.49
C GLY F 115 -9.34 -58.89 -16.79
N ASP F 119 -14.12 -54.36 -16.21
CA ASP F 119 -13.05 -53.37 -16.29
C ASP F 119 -12.84 -52.88 -17.71
N LEU F 120 -13.85 -53.07 -18.57
CA LEU F 120 -13.69 -52.69 -19.97
C LEU F 120 -13.70 -51.19 -20.16
N LYS F 121 -14.44 -50.45 -19.33
CA LYS F 121 -14.50 -49.00 -19.49
C LYS F 121 -13.28 -48.31 -18.89
N LYS F 122 -12.75 -48.81 -17.78
CA LYS F 122 -11.53 -48.25 -17.22
C LYS F 122 -10.31 -48.56 -18.06
N ARG F 123 -10.40 -49.57 -18.94
CA ARG F 123 -9.30 -49.89 -19.83
C ARG F 123 -9.22 -48.93 -21.01
N LYS F 124 -10.34 -48.31 -21.39
CA LYS F 124 -10.35 -47.27 -22.40
C LYS F 124 -10.29 -45.87 -21.80
N GLU F 125 -10.62 -45.72 -20.51
CA GLU F 125 -10.47 -44.45 -19.83
C GLU F 125 -9.01 -44.18 -19.45
N TYR F 126 -8.25 -45.23 -19.16
CA TYR F 126 -6.83 -45.13 -18.84
C TYR F 126 -6.06 -46.05 -19.78
N PRO F 127 -5.90 -45.64 -21.05
CA PRO F 127 -5.29 -46.54 -22.05
C PRO F 127 -3.78 -46.71 -21.90
N ASP F 128 -3.11 -45.90 -21.07
CA ASP F 128 -1.68 -46.05 -20.83
C ASP F 128 -1.39 -46.64 -19.45
N ALA F 129 -2.34 -47.37 -18.88
CA ALA F 129 -2.15 -47.97 -17.56
C ALA F 129 -0.91 -48.85 -17.54
N ASN F 130 -0.16 -48.79 -16.45
CA ASN F 130 1.07 -49.56 -16.26
C ASN F 130 0.70 -50.84 -15.50
N LYS F 131 0.67 -51.96 -16.22
CA LYS F 131 0.14 -53.21 -15.67
C LYS F 131 1.15 -54.33 -15.79
N ASP F 132 0.97 -55.34 -14.94
CA ASP F 132 1.79 -56.54 -14.99
C ASP F 132 1.25 -57.51 -16.04
N ASN F 133 1.85 -58.70 -16.10
CA ASN F 133 1.46 -59.70 -17.10
C ASN F 133 0.05 -60.24 -16.89
N PHE F 134 -0.60 -59.91 -15.78
CA PHE F 134 -1.94 -60.41 -15.47
C PHE F 134 -3.01 -59.33 -15.61
N GLY F 135 -2.65 -58.14 -16.10
CA GLY F 135 -3.60 -57.06 -16.26
C GLY F 135 -3.87 -56.25 -15.01
N ARG F 136 -3.11 -56.46 -13.94
CA ARG F 136 -3.27 -55.72 -12.70
C ARG F 136 -2.32 -54.54 -12.65
N LEU F 137 -2.77 -53.46 -12.01
CA LEU F 137 -1.94 -52.28 -11.85
C LEU F 137 -0.66 -52.61 -11.08
N ARG F 138 0.45 -52.06 -11.54
CA ARG F 138 1.73 -52.24 -10.87
C ARG F 138 1.83 -51.32 -9.65
N VAL F 139 2.62 -51.75 -8.68
CA VAL F 139 2.78 -50.99 -7.44
C VAL F 139 4.13 -51.33 -6.82
N GLY F 140 4.70 -50.34 -6.13
CA GLY F 140 5.88 -50.55 -5.33
C GLY F 140 5.58 -50.36 -3.85
N ALA F 141 6.53 -50.79 -3.03
CA ALA F 141 6.41 -50.66 -1.59
C ALA F 141 7.79 -50.48 -0.99
N ALA F 142 7.88 -49.61 0.02
CA ALA F 142 9.16 -49.29 0.63
C ALA F 142 9.43 -50.19 1.83
N ILE F 143 10.71 -50.47 2.05
CA ILE F 143 11.18 -51.24 3.18
C ILE F 143 12.43 -50.57 3.74
N GLY F 144 12.76 -50.92 4.98
CA GLY F 144 14.02 -50.54 5.58
C GLY F 144 14.99 -51.71 5.62
N VAL F 145 16.14 -51.45 6.23
CA VAL F 145 17.12 -52.51 6.42
C VAL F 145 16.63 -53.47 7.50
N GLY F 146 17.01 -54.74 7.37
CA GLY F 146 16.63 -55.74 8.35
C GLY F 146 15.14 -55.94 8.50
N GLN F 147 14.41 -55.94 7.39
CA GLN F 147 12.96 -56.11 7.38
C GLN F 147 12.55 -57.19 6.39
N MET F 148 13.19 -58.35 6.47
CA MET F 148 12.87 -59.43 5.55
C MET F 148 11.43 -59.90 5.72
N ASP F 149 10.95 -59.95 6.95
CA ASP F 149 9.56 -60.35 7.16
C ASP F 149 8.61 -59.46 6.36
N ARG F 150 8.90 -58.16 6.31
CA ARG F 150 8.12 -57.26 5.48
C ARG F 150 8.27 -57.59 4.00
N VAL F 151 9.50 -57.91 3.56
CA VAL F 151 9.72 -58.34 2.18
C VAL F 151 8.89 -59.57 1.87
N ASP F 152 8.94 -60.56 2.75
CA ASP F 152 8.21 -61.81 2.52
C ASP F 152 6.72 -61.56 2.35
N ALA F 153 6.14 -60.71 3.21
CA ALA F 153 4.71 -60.44 3.11
C ALA F 153 4.37 -59.64 1.86
N LEU F 154 5.23 -58.68 1.51
CA LEU F 154 4.97 -57.86 0.32
C LEU F 154 5.07 -58.70 -0.95
N VAL F 155 5.97 -59.68 -0.98
CA VAL F 155 6.15 -60.49 -2.18
C VAL F 155 4.91 -61.34 -2.45
N GLU F 156 4.37 -61.97 -1.41
CA GLU F 156 3.20 -62.84 -1.60
C GLU F 156 1.96 -62.03 -1.98
N ALA F 157 1.89 -60.78 -1.52
CA ALA F 157 0.82 -59.89 -1.94
C ALA F 157 0.98 -59.44 -3.39
N GLY F 158 2.03 -59.87 -4.07
CA GLY F 158 2.18 -59.57 -5.48
C GLY F 158 2.76 -58.20 -5.78
N VAL F 159 3.56 -57.65 -4.87
CA VAL F 159 4.21 -56.37 -5.16
C VAL F 159 5.13 -56.56 -6.37
N ASP F 160 5.19 -55.52 -7.20
CA ASP F 160 5.97 -55.59 -8.43
C ASP F 160 7.41 -55.16 -8.24
N VAL F 161 7.68 -54.35 -7.23
CA VAL F 161 9.04 -53.84 -6.99
C VAL F 161 9.13 -53.40 -5.54
N VAL F 162 10.23 -53.74 -4.89
CA VAL F 162 10.49 -53.31 -3.52
C VAL F 162 11.53 -52.19 -3.58
N VAL F 163 11.31 -51.14 -2.80
CA VAL F 163 12.16 -49.96 -2.79
C VAL F 163 12.84 -49.92 -1.43
N LEU F 164 14.12 -50.25 -1.40
CA LEU F 164 14.88 -50.28 -0.15
C LEU F 164 15.36 -48.87 0.16
N ASP F 165 14.69 -48.21 1.09
CA ASP F 165 14.92 -46.80 1.41
C ASP F 165 15.87 -46.68 2.60
N SER F 166 16.80 -45.74 2.50
CA SER F 166 17.66 -45.37 3.62
C SER F 166 18.15 -43.95 3.41
N ALA F 167 18.47 -43.28 4.52
CA ALA F 167 19.09 -41.97 4.42
C ALA F 167 20.47 -42.05 3.78
N HIS F 168 21.12 -43.21 3.87
CA HIS F 168 22.45 -43.40 3.30
C HIS F 168 22.49 -44.78 2.63
N GLY F 169 22.27 -44.82 1.32
CA GLY F 169 22.30 -46.08 0.62
C GLY F 169 23.70 -46.68 0.51
N HIS F 170 24.73 -45.84 0.53
CA HIS F 170 26.12 -46.31 0.42
C HIS F 170 26.65 -46.78 1.78
N SER F 171 25.97 -47.78 2.33
CA SER F 171 26.29 -48.27 3.66
C SER F 171 26.25 -49.79 3.69
N LYS F 172 27.06 -50.37 4.59
CA LYS F 172 27.13 -51.83 4.69
C LYS F 172 25.77 -52.45 5.00
N GLY F 173 24.94 -51.74 5.76
CA GLY F 173 23.62 -52.27 6.06
C GLY F 173 22.74 -52.41 4.83
N ILE F 174 22.80 -51.41 3.94
CA ILE F 174 22.02 -51.48 2.70
C ILE F 174 22.59 -52.56 1.78
N ILE F 175 23.91 -52.60 1.64
CA ILE F 175 24.54 -53.54 0.71
C ILE F 175 24.20 -54.97 1.10
N ASP F 176 24.32 -55.30 2.39
CA ASP F 176 24.01 -56.65 2.84
C ASP F 176 22.54 -56.99 2.64
N THR F 177 21.65 -56.02 2.91
CA THR F 177 20.23 -56.23 2.67
C THR F 177 19.95 -56.50 1.20
N VAL F 178 20.62 -55.77 0.30
CA VAL F 178 20.45 -56.00 -1.14
C VAL F 178 20.86 -57.44 -1.49
N LYS F 179 21.99 -57.86 -0.99
CA LYS F 179 22.47 -59.19 -1.29
C LYS F 179 21.51 -60.27 -0.80
N ALA F 180 20.94 -60.08 0.38
CA ALA F 180 20.05 -61.09 0.94
C ALA F 180 18.73 -61.15 0.20
N ILE F 181 18.23 -60.01 -0.26
CA ILE F 181 16.94 -59.99 -0.96
C ILE F 181 17.07 -60.66 -2.33
N LYS F 182 18.08 -60.27 -3.10
CA LYS F 182 18.29 -60.87 -4.42
C LYS F 182 18.67 -62.34 -4.33
N ALA F 183 19.12 -62.81 -3.16
CA ALA F 183 19.45 -64.23 -3.01
C ALA F 183 18.21 -65.04 -2.65
N LYS F 184 17.31 -64.47 -1.85
CA LYS F 184 16.07 -65.17 -1.52
C LYS F 184 15.01 -64.99 -2.60
N TYR F 185 14.98 -63.85 -3.26
CA TYR F 185 14.00 -63.55 -4.31
C TYR F 185 14.75 -63.10 -5.55
N PRO F 186 15.35 -64.04 -6.30
CA PRO F 186 16.18 -63.63 -7.45
C PRO F 186 15.41 -62.90 -8.53
N ASN F 187 14.12 -63.18 -8.70
CA ASN F 187 13.32 -62.57 -9.76
C ASN F 187 12.50 -61.38 -9.26
N LEU F 188 12.74 -60.92 -8.04
CA LEU F 188 12.04 -59.75 -7.52
C LEU F 188 12.86 -58.50 -7.82
N ASP F 189 12.24 -57.53 -8.48
CA ASP F 189 12.92 -56.29 -8.82
C ASP F 189 13.15 -55.46 -7.56
N LEU F 190 14.36 -54.95 -7.40
CA LEU F 190 14.77 -54.27 -6.17
C LEU F 190 15.40 -52.93 -6.50
N ILE F 191 14.81 -51.85 -5.99
CA ILE F 191 15.39 -50.52 -6.05
C ILE F 191 16.05 -50.23 -4.70
N ALA F 192 17.21 -49.57 -4.73
CA ALA F 192 17.90 -49.21 -3.51
C ALA F 192 18.41 -47.78 -3.59
N GLY F 193 18.44 -47.11 -2.44
CA GLY F 193 18.88 -45.73 -2.34
C GLY F 193 18.83 -45.31 -0.88
N ASN F 194 19.11 -44.03 -0.64
CA ASN F 194 19.47 -43.06 -1.68
C ASN F 194 20.98 -42.84 -1.71
N ILE F 195 21.49 -42.46 -2.87
CA ILE F 195 22.92 -42.28 -3.10
C ILE F 195 23.13 -40.96 -3.83
N ALA F 196 24.41 -40.60 -4.01
CA ALA F 196 24.74 -39.35 -4.68
C ALA F 196 26.11 -39.38 -5.36
N THR F 197 26.85 -40.49 -5.31
CA THR F 197 28.19 -40.57 -5.89
C THR F 197 28.27 -41.75 -6.85
N ALA F 198 29.23 -41.66 -7.77
CA ALA F 198 29.49 -42.77 -8.69
C ALA F 198 29.99 -43.99 -7.94
N ALA F 199 30.84 -43.78 -6.93
CA ALA F 199 31.29 -44.90 -6.10
C ALA F 199 30.12 -45.62 -5.46
N ALA F 200 29.10 -44.87 -5.03
CA ALA F 200 27.92 -45.49 -4.42
C ALA F 200 27.12 -46.29 -5.45
N ALA F 201 26.94 -45.72 -6.66
CA ALA F 201 26.21 -46.44 -7.69
C ALA F 201 26.91 -47.72 -8.08
N LYS F 202 28.24 -47.70 -8.15
CA LYS F 202 29.00 -48.90 -8.49
C LYS F 202 28.80 -49.99 -7.43
N ALA F 203 28.79 -49.60 -6.16
CA ALA F 203 28.60 -50.58 -5.09
C ALA F 203 27.22 -51.22 -5.16
N LEU F 204 26.19 -50.40 -5.35
CA LEU F 204 24.82 -50.92 -5.39
C LEU F 204 24.59 -51.82 -6.61
N CYS F 205 25.17 -51.45 -7.76
CA CYS F 205 25.00 -52.27 -8.95
C CYS F 205 25.72 -53.61 -8.80
N GLU F 206 26.94 -53.60 -8.28
CA GLU F 206 27.65 -54.85 -8.04
C GLU F 206 26.93 -55.69 -6.98
N ALA F 207 26.24 -55.04 -6.04
CA ALA F 207 25.42 -55.76 -5.07
C ALA F 207 24.20 -56.39 -5.73
N GLY F 208 23.86 -55.97 -6.94
CA GLY F 208 22.80 -56.58 -7.71
C GLY F 208 21.47 -55.86 -7.77
N VAL F 209 21.43 -54.54 -7.51
CA VAL F 209 20.15 -53.84 -7.59
C VAL F 209 19.66 -53.79 -9.03
N ASP F 210 18.37 -53.49 -9.17
CA ASP F 210 17.77 -53.33 -10.48
C ASP F 210 17.55 -51.86 -10.85
N ALA F 211 17.79 -50.95 -9.90
CA ALA F 211 17.78 -49.52 -10.12
C ALA F 211 18.37 -48.85 -8.87
N VAL F 212 19.02 -47.71 -9.08
CA VAL F 212 19.53 -46.89 -7.99
C VAL F 212 18.70 -45.61 -7.93
N LYS F 213 18.43 -45.15 -6.71
CA LYS F 213 17.66 -43.93 -6.49
C LYS F 213 18.61 -42.86 -5.96
N VAL F 214 18.72 -41.76 -6.70
CA VAL F 214 19.74 -40.75 -6.47
C VAL F 214 19.10 -39.51 -5.86
N GLY F 215 19.64 -39.06 -4.73
CA GLY F 215 19.17 -37.85 -4.07
C GLY F 215 19.49 -37.79 -2.59
N ILE F 216 20.55 -37.06 -2.23
CA ILE F 216 20.91 -36.81 -0.83
C ILE F 216 20.85 -35.31 -0.63
N GLY F 217 19.75 -34.83 -0.04
CA GLY F 217 19.62 -33.42 0.26
C GLY F 217 18.70 -32.54 -0.57
N PRO F 218 18.30 -32.93 -1.79
CA PRO F 218 17.56 -31.97 -2.63
C PRO F 218 16.10 -31.82 -2.27
N GLY F 219 15.54 -32.71 -1.44
CA GLY F 219 14.10 -32.74 -1.24
C GLY F 219 13.59 -31.47 -0.60
N SER F 220 12.34 -31.12 -0.93
CA SER F 220 11.74 -29.86 -0.48
C SER F 220 11.68 -29.80 1.05
N ILE F 221 11.44 -30.93 1.70
CA ILE F 221 11.32 -30.96 3.16
C ILE F 221 12.60 -31.41 3.84
N CYS F 222 13.67 -31.56 3.08
CA CYS F 222 14.91 -32.14 3.59
C CYS F 222 15.77 -31.07 4.25
N THR F 223 16.34 -31.42 5.41
CA THR F 223 17.31 -30.57 6.08
C THR F 223 18.65 -31.27 6.28
N THR F 224 18.86 -32.42 5.60
CA THR F 224 20.08 -33.19 5.78
C THR F 224 21.32 -32.34 5.54
N ARG F 225 21.31 -31.54 4.47
CA ARG F 225 22.47 -30.71 4.15
C ARG F 225 22.70 -29.61 5.18
N ILE F 226 21.66 -29.21 5.91
CA ILE F 226 21.79 -28.20 6.95
C ILE F 226 22.16 -28.82 8.29
N VAL F 227 21.56 -29.97 8.62
CA VAL F 227 21.80 -30.61 9.90
C VAL F 227 23.16 -31.29 9.92
N SER F 228 23.54 -31.92 8.81
CA SER F 228 24.78 -32.68 8.75
C SER F 228 25.83 -32.13 7.78
N GLY F 229 25.49 -31.13 6.97
CA GLY F 229 26.45 -30.59 6.03
C GLY F 229 26.78 -31.50 4.85
N VAL F 230 26.03 -32.58 4.66
CA VAL F 230 26.31 -33.59 3.65
C VAL F 230 25.29 -33.47 2.52
N GLY F 231 25.74 -33.66 1.28
CA GLY F 231 24.84 -33.67 0.15
C GLY F 231 25.56 -33.31 -1.13
N VAL F 232 24.88 -33.59 -2.24
CA VAL F 232 25.39 -33.26 -3.57
C VAL F 232 24.26 -32.63 -4.38
N PRO F 233 24.45 -31.43 -4.93
CA PRO F 233 23.43 -30.83 -5.81
C PRO F 233 22.97 -31.80 -6.89
N GLN F 234 21.66 -31.74 -7.17
CA GLN F 234 20.99 -32.90 -7.77
C GLN F 234 21.39 -33.14 -9.21
N ILE F 235 21.64 -32.09 -9.99
CA ILE F 235 22.03 -32.31 -11.39
C ILE F 235 23.37 -33.03 -11.46
N SER F 236 24.33 -32.60 -10.65
CA SER F 236 25.63 -33.27 -10.62
C SER F 236 25.50 -34.69 -10.06
N ALA F 237 24.64 -34.87 -9.06
CA ALA F 237 24.45 -36.20 -8.48
C ALA F 237 23.95 -37.18 -9.52
N ILE F 238 22.92 -36.80 -10.28
CA ILE F 238 22.39 -37.66 -11.33
C ILE F 238 23.45 -37.93 -12.39
N ASP F 239 24.13 -36.87 -12.84
CA ASP F 239 25.14 -37.01 -13.89
C ASP F 239 26.20 -38.03 -13.49
N GLU F 240 26.73 -37.89 -12.28
CA GLU F 240 27.78 -38.77 -11.80
C GLU F 240 27.29 -40.21 -11.70
N CYS F 241 26.08 -40.42 -11.18
CA CYS F 241 25.59 -41.77 -10.94
C CYS F 241 25.15 -42.44 -12.23
N VAL F 242 24.56 -41.66 -13.16
CA VAL F 242 24.12 -42.23 -14.43
C VAL F 242 25.31 -42.81 -15.19
N GLU F 243 26.40 -42.05 -15.27
CA GLU F 243 27.58 -42.50 -16.00
C GLU F 243 28.09 -43.83 -15.46
N GLU F 244 28.00 -44.04 -14.15
CA GLU F 244 28.47 -45.29 -13.56
C GLU F 244 27.43 -46.40 -13.71
N ALA F 245 26.17 -46.09 -13.41
CA ALA F 245 25.13 -47.12 -13.47
C ALA F 245 24.89 -47.61 -14.89
N ASN F 246 25.15 -46.76 -15.89
CA ASN F 246 25.00 -47.17 -17.28
C ASN F 246 25.91 -48.34 -17.62
N LYS F 247 27.10 -48.39 -17.03
CA LYS F 247 28.02 -49.50 -17.27
C LYS F 247 27.40 -50.83 -16.87
N PHE F 248 26.52 -50.83 -15.87
CA PHE F 248 25.83 -52.03 -15.42
C PHE F 248 24.44 -52.16 -16.01
N GLY F 249 24.08 -51.28 -16.95
CA GLY F 249 22.74 -51.31 -17.52
C GLY F 249 21.63 -51.12 -16.51
N VAL F 250 21.88 -50.32 -15.47
CA VAL F 250 20.97 -50.15 -14.34
C VAL F 250 20.39 -48.75 -14.40
N PRO F 251 19.07 -48.58 -14.42
CA PRO F 251 18.49 -47.24 -14.51
C PRO F 251 18.65 -46.45 -13.21
N VAL F 252 18.59 -45.13 -13.35
CA VAL F 252 18.71 -44.19 -12.24
C VAL F 252 17.37 -43.50 -12.04
N ILE F 253 16.89 -43.46 -10.80
CA ILE F 253 15.70 -42.70 -10.44
C ILE F 253 16.15 -41.40 -9.77
N ALA F 254 15.75 -40.28 -10.35
CA ALA F 254 16.05 -38.96 -9.79
C ALA F 254 15.00 -38.63 -8.73
N ASP F 255 15.42 -38.58 -7.47
CA ASP F 255 14.50 -38.47 -6.35
C ASP F 255 14.74 -37.18 -5.59
N GLY F 256 13.83 -36.23 -5.74
CA GLY F 256 13.82 -35.07 -4.87
C GLY F 256 14.25 -33.80 -5.61
N GLY F 257 13.71 -32.67 -5.16
CA GLY F 257 14.09 -31.38 -5.68
C GLY F 257 13.34 -30.91 -6.90
N ILE F 258 12.37 -31.69 -7.39
CA ILE F 258 11.56 -31.26 -8.52
C ILE F 258 10.61 -30.18 -8.03
N LYS F 259 10.74 -28.97 -8.57
CA LYS F 259 9.82 -27.88 -8.29
C LYS F 259 8.90 -27.57 -9.47
N TYR F 260 9.40 -27.73 -10.70
CA TYR F 260 8.67 -27.37 -11.90
C TYR F 260 8.83 -28.49 -12.91
N SER F 261 7.93 -28.51 -13.91
CA SER F 261 8.01 -29.54 -14.94
C SER F 261 9.34 -29.49 -15.68
N GLY F 262 9.93 -28.29 -15.81
CA GLY F 262 11.23 -28.18 -16.44
C GLY F 262 12.32 -28.93 -15.71
N ASP F 263 12.17 -29.10 -14.39
CA ASP F 263 13.13 -29.90 -13.65
C ASP F 263 13.08 -31.37 -14.06
N ILE F 264 11.88 -31.87 -14.38
CA ILE F 264 11.74 -33.25 -14.83
C ILE F 264 12.46 -33.46 -16.14
N ALA F 265 12.25 -32.56 -17.10
CA ALA F 265 12.96 -32.63 -18.38
C ALA F 265 14.47 -32.58 -18.16
N LYS F 266 14.94 -31.66 -17.33
CA LYS F 266 16.37 -31.57 -17.05
C LYS F 266 16.90 -32.88 -16.51
N ALA F 267 16.18 -33.49 -15.55
CA ALA F 267 16.67 -34.68 -14.89
C ALA F 267 16.77 -35.86 -15.87
N LEU F 268 15.76 -36.02 -16.73
CA LEU F 268 15.80 -37.09 -17.73
C LEU F 268 16.82 -36.80 -18.81
N ALA F 269 16.93 -35.54 -19.22
CA ALA F 269 17.92 -35.18 -20.23
C ALA F 269 19.33 -35.53 -19.79
N VAL F 270 19.62 -35.35 -18.49
CA VAL F 270 20.96 -35.62 -17.99
C VAL F 270 21.27 -37.12 -18.02
N GLY F 271 20.26 -37.96 -17.87
CA GLY F 271 20.48 -39.39 -17.98
C GLY F 271 19.55 -40.25 -17.15
N ALA F 272 18.83 -39.63 -16.22
CA ALA F 272 17.92 -40.38 -15.36
C ALA F 272 16.85 -41.05 -16.20
N SER F 273 16.39 -42.21 -15.73
CA SER F 273 15.35 -42.95 -16.42
C SER F 273 13.95 -42.59 -15.93
N SER F 274 13.82 -42.12 -14.70
CA SER F 274 12.52 -41.73 -14.16
C SER F 274 12.76 -40.76 -13.00
N VAL F 275 11.68 -40.15 -12.55
CA VAL F 275 11.73 -39.08 -11.55
C VAL F 275 10.74 -39.40 -10.43
N MET F 276 11.20 -39.31 -9.19
CA MET F 276 10.34 -39.47 -8.03
C MET F 276 9.98 -38.10 -7.48
N ILE F 277 8.69 -37.88 -7.23
CA ILE F 277 8.17 -36.57 -6.86
C ILE F 277 7.34 -36.70 -5.58
N GLY F 278 7.56 -35.80 -4.64
CA GLY F 278 6.78 -35.78 -3.41
C GLY F 278 5.93 -34.54 -3.25
N SER F 279 6.58 -33.37 -3.15
CA SER F 279 5.88 -32.14 -2.78
C SER F 279 4.79 -31.79 -3.80
N LEU F 280 5.06 -32.00 -5.09
CA LEU F 280 4.09 -31.63 -6.10
C LEU F 280 2.86 -32.52 -6.13
N LEU F 281 2.88 -33.65 -5.44
CA LEU F 281 1.73 -34.55 -5.38
C LEU F 281 1.10 -34.63 -4.00
N ALA F 282 1.66 -33.92 -3.01
CA ALA F 282 1.15 -34.03 -1.65
C ALA F 282 -0.21 -33.36 -1.48
N GLY F 283 -0.47 -32.30 -2.24
CA GLY F 283 -1.69 -31.54 -2.04
C GLY F 283 -2.86 -31.97 -2.91
N THR F 284 -2.88 -33.24 -3.32
CA THR F 284 -3.90 -33.74 -4.21
C THR F 284 -5.00 -34.49 -3.44
N ASP F 285 -6.10 -34.76 -4.15
CA ASP F 285 -7.19 -35.54 -3.58
C ASP F 285 -6.70 -36.89 -3.07
N GLU F 286 -5.90 -37.57 -3.89
CA GLU F 286 -5.57 -38.97 -3.71
C GLU F 286 -4.50 -39.21 -2.65
N SER F 287 -3.82 -38.17 -2.21
CA SER F 287 -2.80 -38.36 -1.18
C SER F 287 -3.46 -38.60 0.18
N PRO F 288 -2.77 -39.30 1.07
CA PRO F 288 -3.30 -39.49 2.43
C PRO F 288 -3.48 -38.17 3.15
N GLY F 289 -4.07 -38.25 4.33
CA GLY F 289 -4.37 -37.06 5.12
C GLY F 289 -5.62 -36.35 4.64
N GLU F 290 -6.19 -35.49 5.48
CA GLU F 290 -7.36 -34.73 5.09
C GLU F 290 -6.97 -33.30 4.75
N LEU F 291 -7.94 -32.57 4.18
CA LEU F 291 -7.76 -31.15 3.95
C LEU F 291 -8.01 -30.38 5.25
N PHE F 292 -7.40 -29.20 5.34
CA PHE F 292 -7.66 -28.29 6.44
C PHE F 292 -7.47 -26.87 5.94
N THR F 293 -8.09 -25.93 6.64
CA THR F 293 -8.13 -24.54 6.21
C THR F 293 -7.34 -23.66 7.17
N TYR F 294 -6.39 -22.90 6.62
CA TYR F 294 -5.60 -21.94 7.39
C TYR F 294 -5.66 -20.60 6.68
N GLN F 295 -6.15 -19.58 7.40
CA GLN F 295 -6.35 -18.25 6.84
C GLN F 295 -7.27 -18.30 5.61
N GLY F 296 -8.33 -19.09 5.70
CA GLY F 296 -9.30 -19.17 4.63
C GLY F 296 -8.78 -19.78 3.35
N ARG F 297 -7.74 -20.61 3.45
CA ARG F 297 -7.15 -21.29 2.31
C ARG F 297 -7.02 -22.78 2.64
N GLN F 298 -7.16 -23.64 1.65
CA GLN F 298 -7.13 -25.08 1.88
C GLN F 298 -5.72 -25.63 1.65
N TYR F 299 -5.28 -26.48 2.57
CA TYR F 299 -3.96 -27.08 2.53
C TYR F 299 -4.06 -28.56 2.86
N LYS F 300 -2.93 -29.25 2.70
CA LYS F 300 -2.77 -30.62 3.17
C LYS F 300 -1.38 -30.75 3.77
N SER F 301 -1.26 -31.66 4.74
CA SER F 301 0.01 -31.86 5.43
C SER F 301 1.05 -32.45 4.47
N TYR F 302 2.30 -32.02 4.65
CA TYR F 302 3.43 -32.57 3.90
C TYR F 302 4.65 -32.50 4.80
N ARG F 303 5.28 -33.65 5.04
CA ARG F 303 6.33 -33.71 6.04
C ARG F 303 7.38 -34.72 5.60
N GLY F 304 8.60 -34.52 6.09
CA GLY F 304 9.66 -35.48 5.84
C GLY F 304 9.47 -36.73 6.67
N MET F 305 9.84 -37.87 6.09
CA MET F 305 9.83 -39.12 6.84
C MET F 305 10.85 -39.10 7.97
N GLY F 306 11.81 -38.19 7.92
CA GLY F 306 12.76 -37.96 8.99
C GLY F 306 12.41 -36.80 9.90
N SER F 307 11.18 -36.28 9.84
CA SER F 307 10.74 -35.27 10.78
C SER F 307 10.27 -35.94 12.07
N LEU F 308 10.10 -35.12 13.11
CA LEU F 308 9.65 -35.67 14.39
C LEU F 308 8.24 -36.22 14.30
N GLY F 309 7.36 -35.57 13.52
CA GLY F 309 5.99 -36.05 13.41
C GLY F 309 5.90 -37.41 12.76
N ALA F 310 6.73 -37.67 11.77
CA ALA F 310 6.71 -38.96 11.08
C ALA F 310 7.39 -40.05 11.89
N MET F 311 8.42 -39.71 12.66
CA MET F 311 9.14 -40.70 13.45
C MET F 311 8.41 -41.11 14.71
N GLN F 312 7.42 -40.32 15.14
CA GLN F 312 6.67 -40.64 16.35
C GLN F 312 5.27 -41.16 16.02
N LYS F 328 16.95 -38.26 22.75
CA LYS F 328 15.97 -37.53 21.95
C LYS F 328 16.33 -37.59 20.47
N LEU F 329 15.32 -37.44 19.61
CA LEU F 329 15.52 -37.57 18.18
C LEU F 329 16.15 -36.31 17.60
N VAL F 330 16.92 -36.51 16.53
CA VAL F 330 17.54 -35.43 15.78
C VAL F 330 17.02 -35.53 14.34
N PRO F 331 16.01 -34.72 13.99
CA PRO F 331 15.37 -34.90 12.68
C PRO F 331 16.24 -34.41 11.53
N GLU F 332 15.91 -34.91 10.34
CA GLU F 332 16.53 -34.46 9.10
C GLU F 332 15.46 -34.09 8.07
N GLY F 333 14.29 -33.68 8.55
CA GLY F 333 13.23 -33.19 7.71
C GLY F 333 12.29 -32.36 8.56
N ILE F 334 11.47 -31.57 7.89
CA ILE F 334 10.54 -30.67 8.57
C ILE F 334 9.11 -31.15 8.36
N GLU F 335 8.20 -30.64 9.18
CA GLU F 335 6.77 -30.81 9.00
C GLU F 335 6.19 -29.53 8.42
N GLY F 336 5.39 -29.66 7.38
CA GLY F 336 4.87 -28.48 6.72
C GLY F 336 3.52 -28.65 6.05
N ARG F 337 3.22 -27.76 5.12
CA ARG F 337 1.93 -27.74 4.44
C ARG F 337 2.12 -27.35 2.98
N VAL F 338 1.25 -27.83 2.12
CA VAL F 338 1.23 -27.46 0.72
C VAL F 338 -0.18 -27.06 0.33
N PRO F 339 -0.36 -26.18 -0.65
CA PRO F 339 -1.72 -25.81 -1.06
C PRO F 339 -2.43 -26.97 -1.74
N TYR F 340 -3.75 -26.99 -1.59
CA TYR F 340 -4.58 -27.97 -2.28
C TYR F 340 -4.58 -27.69 -3.77
N VAL F 341 -4.24 -28.70 -4.58
CA VAL F 341 -4.08 -28.52 -6.01
C VAL F 341 -5.04 -29.39 -6.81
N GLY F 342 -6.00 -30.02 -6.16
CA GLY F 342 -6.98 -30.82 -6.88
C GLY F 342 -6.52 -32.22 -7.20
N SER F 343 -6.88 -32.73 -8.38
CA SER F 343 -6.65 -34.12 -8.72
C SER F 343 -5.19 -34.37 -9.09
N ILE F 344 -4.72 -35.59 -8.79
CA ILE F 344 -3.42 -36.04 -9.28
C ILE F 344 -3.38 -35.96 -10.80
N ARG F 345 -4.48 -36.32 -11.45
CA ARG F 345 -4.53 -36.33 -12.91
C ARG F 345 -4.21 -34.97 -13.50
N SER F 346 -4.75 -33.90 -12.92
CA SER F 346 -4.50 -32.57 -13.46
C SER F 346 -3.05 -32.13 -13.22
N VAL F 347 -2.48 -32.50 -12.06
CA VAL F 347 -1.08 -32.20 -11.81
C VAL F 347 -0.19 -32.95 -12.79
N VAL F 348 -0.44 -34.25 -12.97
CA VAL F 348 0.38 -35.06 -13.85
C VAL F 348 0.28 -34.58 -15.29
N HIS F 349 -0.91 -34.16 -15.71
CA HIS F 349 -1.09 -33.68 -17.08
C HIS F 349 -0.16 -32.52 -17.39
N GLN F 350 -0.10 -31.53 -16.50
CA GLN F 350 0.76 -30.38 -16.72
C GLN F 350 2.23 -30.78 -16.69
N LEU F 351 2.62 -31.63 -15.74
CA LEU F 351 4.01 -32.08 -15.65
C LEU F 351 4.45 -32.77 -16.93
N LEU F 352 3.64 -33.72 -17.41
CA LEU F 352 3.98 -34.42 -18.65
C LEU F 352 3.91 -33.49 -19.85
N GLY F 353 3.00 -32.52 -19.84
CA GLY F 353 2.95 -31.54 -20.92
C GLY F 353 4.21 -30.69 -20.99
N GLY F 354 4.79 -30.36 -19.85
CA GLY F 354 6.06 -29.66 -19.85
C GLY F 354 7.18 -30.50 -20.42
N LEU F 355 7.20 -31.79 -20.09
CA LEU F 355 8.23 -32.68 -20.61
C LEU F 355 8.08 -32.86 -22.12
N ARG F 356 6.84 -32.97 -22.60
CA ARG F 356 6.61 -33.12 -24.03
C ARG F 356 7.05 -31.87 -24.78
N SER F 357 6.80 -30.69 -24.22
CA SER F 357 7.27 -29.45 -24.84
C SER F 357 8.79 -29.43 -24.90
N SER F 358 9.46 -29.87 -23.84
CA SER F 358 10.91 -29.89 -23.81
C SER F 358 11.48 -30.78 -24.91
N MET F 359 10.98 -32.01 -25.01
CA MET F 359 11.43 -32.91 -26.07
C MET F 359 11.13 -32.33 -27.44
N GLY F 360 10.02 -31.60 -27.58
CA GLY F 360 9.77 -30.88 -28.82
C GLY F 360 10.84 -29.85 -29.11
N TYR F 361 11.24 -29.08 -28.10
CA TYR F 361 12.29 -28.09 -28.29
C TYR F 361 13.61 -28.74 -28.67
N VAL F 362 13.90 -29.91 -28.11
CA VAL F 362 15.17 -30.58 -28.37
C VAL F 362 15.12 -31.42 -29.65
N GLY F 363 13.93 -31.74 -30.15
CA GLY F 363 13.81 -32.53 -31.35
C GLY F 363 13.83 -34.02 -31.13
N ALA F 364 13.50 -34.47 -29.93
CA ALA F 364 13.65 -35.86 -29.55
C ALA F 364 12.34 -36.60 -29.71
N LYS F 365 12.39 -37.73 -30.43
CA LYS F 365 11.19 -38.55 -30.61
C LYS F 365 10.89 -39.42 -29.40
N ASP F 366 11.88 -39.73 -28.57
CA ASP F 366 11.65 -40.47 -27.34
C ASP F 366 12.71 -40.05 -26.31
N ILE F 367 12.63 -40.65 -25.12
CA ILE F 367 13.48 -40.23 -24.02
C ILE F 367 14.93 -40.63 -24.27
N GLU F 368 15.15 -41.78 -24.89
CA GLU F 368 16.50 -42.17 -25.27
C GLU F 368 17.09 -41.17 -26.26
N ASP F 369 16.31 -40.78 -27.27
CA ASP F 369 16.74 -39.75 -28.20
C ASP F 369 16.91 -38.41 -27.50
N PHE F 370 16.09 -38.15 -26.47
CA PHE F 370 16.23 -36.94 -25.66
C PHE F 370 17.62 -36.85 -25.05
N GLN F 371 18.08 -37.95 -24.45
CA GLN F 371 19.38 -37.96 -23.78
C GLN F 371 20.53 -37.88 -24.76
N LYS F 372 20.36 -38.47 -25.96
CA LYS F 372 21.43 -38.44 -26.94
C LYS F 372 21.64 -37.03 -27.49
N ARG F 373 20.56 -36.28 -27.72
CA ARG F 373 20.66 -34.97 -28.33
C ARG F 373 20.97 -33.86 -27.34
N ALA F 374 20.69 -34.07 -26.05
CA ALA F 374 20.61 -32.97 -25.10
C ALA F 374 21.95 -32.26 -24.93
N GLU F 375 21.92 -30.94 -25.06
CA GLU F 375 23.06 -30.08 -24.76
C GLU F 375 22.60 -28.97 -23.82
N PHE F 376 23.44 -28.66 -22.83
CA PHE F 376 23.09 -27.71 -21.79
C PHE F 376 23.97 -26.47 -21.90
N VAL F 377 23.46 -25.37 -21.35
CA VAL F 377 24.27 -24.22 -20.98
C VAL F 377 24.19 -24.07 -19.47
N GLU F 378 25.28 -23.61 -18.87
CA GLU F 378 25.25 -23.14 -17.50
C GLU F 378 24.90 -21.66 -17.50
N ILE F 379 24.06 -21.25 -16.55
CA ILE F 379 23.58 -19.88 -16.48
C ILE F 379 24.02 -19.28 -15.14
N THR F 380 23.77 -17.99 -15.00
CA THR F 380 24.09 -17.24 -13.80
C THR F 380 22.82 -16.93 -13.02
N THR F 381 22.99 -16.30 -11.85
CA THR F 381 21.85 -15.83 -11.07
C THR F 381 20.95 -14.94 -11.91
N ALA F 382 21.55 -14.01 -12.65
CA ALA F 382 20.77 -13.12 -13.50
C ALA F 382 20.05 -13.88 -14.61
N GLY F 383 20.66 -14.94 -15.13
CA GLY F 383 19.99 -15.75 -16.14
C GLY F 383 18.78 -16.46 -15.58
N LEU F 384 18.85 -16.88 -14.31
CA LEU F 384 17.71 -17.52 -13.67
C LEU F 384 16.57 -16.53 -13.45
N LYS F 385 16.89 -15.32 -13.00
CA LYS F 385 15.88 -14.28 -12.85
C LYS F 385 15.23 -13.96 -14.19
N GLU F 386 16.03 -13.90 -15.25
CA GLU F 386 15.47 -13.68 -16.59
C GLU F 386 14.59 -14.84 -17.02
N SER F 387 14.88 -16.06 -16.56
CA SER F 387 14.11 -17.22 -16.96
C SER F 387 12.72 -17.23 -16.31
N HIS F 388 12.65 -16.86 -15.04
CA HIS F 388 11.37 -16.78 -14.36
C HIS F 388 10.57 -15.58 -14.89
N VAL F 389 9.32 -15.48 -14.43
CA VAL F 389 8.56 -14.27 -14.66
C VAL F 389 9.20 -13.12 -13.89
N HIS F 390 9.35 -11.97 -14.55
CA HIS F 390 10.00 -10.83 -13.93
C HIS F 390 9.32 -9.54 -14.38
N ASP F 391 9.37 -8.53 -13.50
CA ASP F 391 8.92 -7.17 -13.79
C ASP F 391 7.43 -7.05 -14.07
N VAL F 392 6.67 -8.14 -13.97
CA VAL F 392 5.25 -8.12 -14.25
C VAL F 392 4.50 -8.79 -13.10
N THR F 393 3.45 -8.12 -12.61
CA THR F 393 2.62 -8.65 -11.55
C THR F 393 1.70 -9.73 -12.11
N ILE F 394 1.79 -10.94 -11.57
CA ILE F 394 0.96 -12.04 -12.05
C ILE F 394 -0.45 -11.89 -11.49
N THR F 395 -1.44 -11.82 -12.38
CA THR F 395 -2.83 -11.64 -12.01
C THR F 395 -3.59 -12.96 -11.88
N HIS F 396 -3.42 -13.85 -12.85
CA HIS F 396 -4.10 -15.14 -12.90
C HIS F 396 -3.13 -16.26 -12.54
N GLU F 397 -3.66 -17.29 -11.90
CA GLU F 397 -2.85 -18.43 -11.48
C GLU F 397 -2.64 -19.36 -12.67
N ALA F 398 -1.38 -19.53 -13.08
CA ALA F 398 -1.07 -20.49 -14.13
C ALA F 398 -1.05 -21.90 -13.56
N PRO F 399 -1.55 -22.89 -14.30
CA PRO F 399 -1.61 -24.25 -13.76
C PRO F 399 -0.24 -24.90 -13.57
N ASN F 400 0.79 -24.40 -14.26
CA ASN F 400 2.12 -24.99 -14.19
C ASN F 400 3.17 -24.01 -13.68
N TYR F 401 2.76 -22.91 -13.07
CA TYR F 401 3.71 -21.91 -12.59
C TYR F 401 3.11 -21.18 -11.40
N LYS F 402 3.64 -21.46 -10.21
CA LYS F 402 3.19 -20.79 -8.99
C LYS F 402 4.38 -20.42 -8.12
N ALA G 24 49.39 -4.13 -10.07
CA ALA G 24 47.95 -4.27 -9.81
C ALA G 24 47.71 -4.84 -8.40
N MET G 25 46.45 -4.79 -7.96
CA MET G 25 46.12 -5.30 -6.64
C MET G 25 46.40 -6.80 -6.55
N LYS G 26 46.73 -7.25 -5.35
CA LYS G 26 47.13 -8.64 -5.12
C LYS G 26 45.96 -9.40 -4.51
N ILE G 27 45.31 -10.23 -5.32
CA ILE G 27 44.23 -11.10 -4.88
C ILE G 27 44.82 -12.51 -4.75
N VAL G 28 45.06 -12.95 -3.51
CA VAL G 28 45.82 -14.18 -3.31
C VAL G 28 44.97 -15.41 -3.65
N LYS G 29 43.66 -15.35 -3.42
CA LYS G 29 42.82 -16.52 -3.64
C LYS G 29 41.36 -16.11 -3.60
N ARG G 30 40.51 -17.06 -3.99
CA ARG G 30 39.07 -16.98 -3.84
C ARG G 30 38.70 -17.82 -2.61
N ALA G 31 38.19 -17.17 -1.57
CA ALA G 31 37.97 -17.79 -0.28
C ALA G 31 36.51 -18.19 -0.11
N LEU G 32 36.29 -19.35 0.50
CA LEU G 32 34.96 -19.93 0.70
C LEU G 32 34.59 -19.90 2.17
N THR G 33 33.28 -19.90 2.42
CA THR G 33 32.76 -20.11 3.76
C THR G 33 31.80 -21.29 3.75
N PHE G 34 31.16 -21.53 4.91
CA PHE G 34 30.40 -22.77 5.13
C PHE G 34 29.37 -23.01 4.03
N GLU G 35 28.62 -21.97 3.66
CA GLU G 35 27.53 -22.13 2.70
C GLU G 35 28.00 -22.47 1.30
N ASP G 36 29.30 -22.35 1.02
CA ASP G 36 29.83 -22.62 -0.31
C ASP G 36 30.15 -24.08 -0.57
N VAL G 37 30.13 -24.94 0.47
CA VAL G 37 30.59 -26.31 0.33
C VAL G 37 29.61 -27.27 1.00
N LEU G 38 29.68 -28.52 0.57
CA LEU G 38 28.96 -29.62 1.20
C LEU G 38 29.87 -30.84 1.24
N LEU G 39 29.67 -31.68 2.24
CA LEU G 39 30.39 -32.94 2.32
C LEU G 39 29.77 -33.97 1.39
N ARG G 40 30.63 -34.76 0.75
CA ARG G 40 30.15 -35.86 -0.06
C ARG G 40 29.95 -37.10 0.80
N PRO G 41 28.85 -37.83 0.59
CA PRO G 41 28.69 -39.11 1.29
C PRO G 41 29.79 -40.08 0.87
N GLY G 42 30.12 -41.00 1.78
CA GLY G 42 31.09 -42.03 1.47
C GLY G 42 30.60 -43.37 2.00
N TYR G 43 31.27 -44.44 1.57
CA TYR G 43 30.91 -45.76 2.04
C TYR G 43 31.05 -45.85 3.54
N SER G 44 29.98 -46.23 4.23
CA SER G 44 29.93 -46.20 5.68
C SER G 44 29.63 -47.58 6.24
N GLU G 45 30.41 -47.97 7.25
CA GLU G 45 30.12 -49.15 8.05
C GLU G 45 29.85 -48.79 9.50
N VAL G 46 29.57 -47.51 9.78
CA VAL G 46 29.35 -47.04 11.14
C VAL G 46 27.96 -46.44 11.22
N LEU G 47 27.42 -46.43 12.43
CA LEU G 47 26.16 -45.79 12.75
C LEU G 47 26.41 -44.53 13.55
N PRO G 48 25.61 -43.48 13.33
CA PRO G 48 25.85 -42.21 14.05
C PRO G 48 25.93 -42.37 15.56
N LYS G 49 25.14 -43.27 16.14
CA LYS G 49 25.16 -43.46 17.60
C LYS G 49 26.48 -44.06 18.09
N GLU G 50 27.26 -44.67 17.21
CA GLU G 50 28.45 -45.42 17.62
C GLU G 50 29.75 -44.72 17.30
N VAL G 51 29.73 -43.56 16.65
CA VAL G 51 30.97 -42.84 16.38
C VAL G 51 31.46 -42.16 17.65
N LYS G 52 32.75 -41.84 17.66
CA LYS G 52 33.40 -41.17 18.79
C LYS G 52 33.68 -39.73 18.41
N ILE G 53 33.34 -38.80 19.31
CA ILE G 53 33.49 -37.38 19.03
C ILE G 53 34.47 -36.70 20.00
N HIS G 54 35.31 -37.48 20.67
CA HIS G 54 36.38 -36.88 21.44
C HIS G 54 37.36 -36.18 20.51
N THR G 55 38.05 -35.18 21.07
CA THR G 55 38.98 -34.38 20.28
C THR G 55 39.95 -33.71 21.25
N LYS G 56 40.82 -32.88 20.69
CA LYS G 56 41.85 -32.18 21.46
C LYS G 56 41.52 -30.69 21.50
N LEU G 57 41.48 -30.14 22.71
CA LEU G 57 41.34 -28.70 22.87
C LEU G 57 42.68 -28.01 22.64
N THR G 58 43.71 -28.47 23.34
CA THR G 58 45.08 -28.01 23.15
C THR G 58 45.98 -29.21 22.96
N LYS G 59 47.30 -28.99 22.97
CA LYS G 59 48.23 -30.10 22.85
C LYS G 59 48.10 -31.09 24.01
N ASN G 60 47.69 -30.61 25.19
CA ASN G 60 47.68 -31.44 26.38
C ASN G 60 46.29 -31.61 27.01
N ILE G 61 45.26 -30.98 26.48
CA ILE G 61 43.92 -31.05 27.06
C ILE G 61 42.95 -31.63 26.03
N THR G 62 42.25 -32.68 26.44
CA THR G 62 41.28 -33.37 25.59
C THR G 62 39.87 -32.88 25.91
N LEU G 63 39.01 -32.93 24.90
CA LEU G 63 37.58 -32.76 25.08
C LEU G 63 36.88 -34.08 24.75
N ASN G 64 35.76 -34.34 25.42
CA ASN G 64 34.95 -35.51 25.09
C ASN G 64 33.95 -35.23 23.99
N MET G 65 33.72 -33.95 23.67
CA MET G 65 32.85 -33.49 22.59
C MET G 65 33.55 -32.20 22.09
N PRO G 66 33.36 -31.77 20.84
CA PRO G 66 34.21 -30.70 20.31
C PRO G 66 33.64 -29.29 20.36
N LEU G 67 32.82 -28.96 21.37
CA LEU G 67 32.15 -27.66 21.41
C LEU G 67 32.66 -26.80 22.57
N ILE G 68 32.90 -25.52 22.28
CA ILE G 68 33.31 -24.54 23.27
C ILE G 68 32.32 -23.38 23.24
N SER G 69 31.84 -22.98 24.41
CA SER G 69 30.98 -21.79 24.47
C SER G 69 31.84 -20.53 24.50
N ALA G 70 31.37 -19.49 23.83
CA ALA G 70 32.21 -18.35 23.52
C ALA G 70 32.42 -17.46 24.74
N ALA G 71 33.55 -16.75 24.74
CA ALA G 71 33.98 -15.92 25.86
C ALA G 71 33.30 -14.54 25.78
N MET G 72 31.98 -14.55 25.95
CA MET G 72 31.20 -13.33 25.85
C MET G 72 30.24 -13.21 27.03
N ASP G 73 29.98 -11.95 27.42
CA ASP G 73 29.21 -11.61 28.60
C ASP G 73 27.71 -11.84 28.43
N THR G 74 27.27 -12.21 27.23
CA THR G 74 25.92 -12.70 27.00
C THR G 74 25.90 -14.20 26.71
N VAL G 75 27.03 -14.89 26.92
CA VAL G 75 27.08 -16.32 26.61
C VAL G 75 27.55 -17.17 27.80
N THR G 76 28.79 -16.95 28.28
CA THR G 76 29.40 -17.88 29.23
C THR G 76 29.84 -17.16 30.51
N GLU G 77 29.12 -17.42 31.60
CA GLU G 77 29.67 -17.28 32.94
C GLU G 77 29.64 -18.66 33.59
N HIS G 78 29.66 -18.74 34.92
CA HIS G 78 29.92 -20.04 35.54
C HIS G 78 28.84 -21.06 35.22
N ARG G 79 27.58 -20.63 35.16
CA ARG G 79 26.49 -21.58 34.93
C ARG G 79 26.58 -22.21 33.55
N ALA G 80 26.94 -21.44 32.53
CA ALA G 80 27.13 -22.01 31.20
C ALA G 80 28.38 -22.86 31.13
N ALA G 81 29.45 -22.42 31.81
CA ALA G 81 30.70 -23.19 31.79
C ALA G 81 30.54 -24.54 32.46
N ILE G 82 29.72 -24.60 33.53
CA ILE G 82 29.51 -25.86 34.22
C ILE G 82 28.81 -26.86 33.31
N MET G 83 27.78 -26.41 32.59
CA MET G 83 27.02 -27.32 31.74
C MET G 83 27.85 -27.79 30.54
N MET G 84 28.64 -26.89 29.95
CA MET G 84 29.50 -27.26 28.83
C MET G 84 30.45 -28.39 29.22
N ALA G 85 31.11 -28.26 30.37
CA ALA G 85 32.03 -29.29 30.82
C ALA G 85 31.30 -30.58 31.16
N ARG G 86 30.11 -30.47 31.76
CA ARG G 86 29.35 -31.67 32.14
C ARG G 86 29.01 -32.50 30.91
N LEU G 87 28.69 -31.86 29.80
CA LEU G 87 28.40 -32.58 28.56
C LEU G 87 29.64 -32.91 27.76
N GLY G 88 30.82 -32.49 28.20
CA GLY G 88 32.09 -32.92 27.63
C GLY G 88 32.91 -31.84 26.96
N GLY G 89 32.39 -30.64 26.79
CA GLY G 89 33.12 -29.56 26.13
C GLY G 89 33.78 -28.63 27.11
N LEU G 90 33.69 -27.33 26.84
CA LEU G 90 34.35 -26.34 27.68
C LEU G 90 33.67 -25.00 27.51
N GLY G 91 33.66 -24.23 28.60
CA GLY G 91 33.23 -22.85 28.57
C GLY G 91 34.42 -21.95 28.88
N VAL G 92 34.43 -20.77 28.28
CA VAL G 92 35.49 -19.78 28.49
C VAL G 92 34.87 -18.57 29.17
N ILE G 93 35.19 -18.36 30.44
CA ILE G 93 34.67 -17.22 31.17
C ILE G 93 35.17 -15.94 30.52
N HIS G 94 34.25 -15.02 30.25
CA HIS G 94 34.60 -13.79 29.56
C HIS G 94 35.38 -12.85 30.47
N LYS G 95 36.02 -11.86 29.86
CA LYS G 95 36.96 -10.98 30.55
C LYS G 95 36.41 -9.57 30.75
N ASN G 96 35.14 -9.34 30.45
CA ASN G 96 34.56 -8.03 30.72
C ASN G 96 34.06 -7.96 32.16
N MET G 97 34.97 -8.22 33.09
CA MET G 97 34.72 -8.13 34.51
C MET G 97 36.08 -8.02 35.19
N ASP G 98 36.08 -7.52 36.42
CA ASP G 98 37.34 -7.36 37.11
C ASP G 98 37.96 -8.72 37.42
N ILE G 99 39.21 -8.69 37.86
CA ILE G 99 39.98 -9.92 38.07
C ILE G 99 39.33 -10.80 39.13
N ALA G 100 38.99 -10.20 40.28
CA ALA G 100 38.44 -10.97 41.38
C ALA G 100 37.11 -11.63 41.02
N SER G 101 36.31 -10.97 40.18
CA SER G 101 35.05 -11.55 39.75
C SER G 101 35.27 -12.72 38.80
N GLN G 102 36.26 -12.62 37.91
CA GLN G 102 36.60 -13.73 37.04
C GLN G 102 37.13 -14.92 37.84
N VAL G 103 37.93 -14.66 38.87
CA VAL G 103 38.42 -15.72 39.72
C VAL G 103 37.26 -16.39 40.44
N ARG G 104 36.27 -15.60 40.85
CA ARG G 104 35.10 -16.16 41.51
C ARG G 104 34.30 -17.06 40.56
N GLU G 105 34.19 -16.68 39.29
CA GLU G 105 33.48 -17.51 38.33
C GLU G 105 34.22 -18.82 38.08
N VAL G 106 35.56 -18.76 37.99
CA VAL G 106 36.35 -19.96 37.73
C VAL G 106 36.25 -20.92 38.91
N LYS G 107 36.43 -20.40 40.12
CA LYS G 107 36.37 -21.26 41.32
C LYS G 107 35.02 -21.97 41.42
N ARG G 108 33.93 -21.28 41.09
CA ARG G 108 32.63 -21.90 41.19
C ARG G 108 32.46 -23.04 40.19
N VAL G 109 33.12 -22.95 39.04
CA VAL G 109 33.09 -24.06 38.08
C VAL G 109 33.92 -25.22 38.61
N LYS G 110 35.15 -24.94 39.07
CA LYS G 110 36.02 -26.01 39.52
C LYS G 110 35.52 -26.68 40.79
N LYS G 111 34.71 -26.00 41.60
CA LYS G 111 34.17 -26.65 42.79
C LYS G 111 32.73 -27.11 42.61
N SER G 112 32.24 -27.13 41.37
CA SER G 112 30.91 -27.68 41.10
C SER G 112 30.86 -29.16 41.43
N GLU G 113 31.84 -29.92 40.97
CA GLU G 113 31.89 -31.35 41.25
C GLU G 113 33.31 -31.91 41.19
N LYS G 124 26.84 -40.60 36.85
CA LYS G 124 25.96 -41.36 35.97
C LYS G 124 25.11 -40.43 35.11
N GLU G 125 24.66 -39.33 35.71
CA GLU G 125 23.84 -38.37 34.97
C GLU G 125 24.67 -37.64 33.92
N TYR G 126 25.95 -37.42 34.18
CA TYR G 126 26.86 -36.74 33.25
C TYR G 126 28.09 -37.61 33.04
N PRO G 127 27.93 -38.75 32.36
CA PRO G 127 29.06 -39.68 32.21
C PRO G 127 30.15 -39.20 31.28
N ASP G 128 29.94 -38.10 30.56
CA ASP G 128 30.91 -37.57 29.62
C ASP G 128 31.54 -36.27 30.11
N ALA G 129 31.48 -36.00 31.41
CA ALA G 129 32.01 -34.76 31.94
C ALA G 129 33.51 -34.65 31.66
N ASN G 130 33.93 -33.44 31.31
CA ASN G 130 35.33 -33.15 30.97
C ASN G 130 36.01 -32.64 32.24
N LYS G 131 36.78 -33.51 32.90
CA LYS G 131 37.38 -33.19 34.19
C LYS G 131 38.90 -33.17 34.11
N ASP G 132 39.50 -32.54 35.12
CA ASP G 132 40.95 -32.52 35.25
C ASP G 132 41.40 -33.76 36.03
N ASN G 133 42.70 -33.82 36.34
CA ASN G 133 43.26 -34.95 37.08
C ASN G 133 42.72 -35.08 38.49
N PHE G 134 42.11 -34.01 39.03
CA PHE G 134 41.58 -34.02 40.38
C PHE G 134 40.08 -34.27 40.42
N GLY G 135 39.47 -34.60 39.28
CA GLY G 135 38.05 -34.83 39.21
C GLY G 135 37.18 -33.59 39.15
N ARG G 136 37.78 -32.42 38.91
CA ARG G 136 37.06 -31.17 38.84
C ARG G 136 36.74 -30.81 37.40
N LEU G 137 35.55 -30.26 37.18
CA LEU G 137 35.16 -29.81 35.84
C LEU G 137 36.19 -28.82 35.30
N ARG G 138 36.53 -28.96 34.03
CA ARG G 138 37.48 -28.07 33.40
C ARG G 138 36.80 -26.77 32.99
N VAL G 139 37.60 -25.70 32.93
CA VAL G 139 37.09 -24.38 32.56
C VAL G 139 38.24 -23.57 32.00
N GLY G 140 37.94 -22.70 31.04
CA GLY G 140 38.87 -21.73 30.53
C GLY G 140 38.49 -20.32 30.97
N ALA G 141 39.40 -19.38 30.72
CA ALA G 141 39.17 -18.00 31.07
C ALA G 141 39.88 -17.10 30.07
N ALA G 142 39.22 -16.01 29.71
CA ALA G 142 39.72 -15.10 28.69
C ALA G 142 40.55 -13.99 29.32
N ILE G 143 41.61 -13.57 28.61
CA ILE G 143 42.46 -12.46 29.02
C ILE G 143 42.79 -11.63 27.79
N GLY G 144 43.28 -10.42 28.04
CA GLY G 144 43.72 -9.52 27.00
C GLY G 144 45.24 -9.32 27.03
N VAL G 145 45.69 -8.46 26.11
CA VAL G 145 47.11 -8.16 26.01
C VAL G 145 47.61 -7.54 27.30
N GLY G 146 48.73 -8.04 27.80
CA GLY G 146 49.40 -7.43 28.94
C GLY G 146 48.64 -7.50 30.24
N GLN G 147 47.93 -8.60 30.48
CA GLN G 147 47.20 -8.76 31.73
C GLN G 147 47.81 -9.90 32.55
N MET G 148 49.06 -9.74 32.96
CA MET G 148 49.75 -10.77 33.73
C MET G 148 49.10 -10.97 35.10
N ASP G 149 48.71 -9.86 35.75
CA ASP G 149 48.05 -9.97 37.05
C ASP G 149 46.79 -10.82 36.96
N ARG G 150 46.04 -10.66 35.88
CA ARG G 150 44.85 -11.49 35.67
C ARG G 150 45.24 -12.96 35.53
N VAL G 151 46.34 -13.24 34.82
CA VAL G 151 46.76 -14.63 34.62
C VAL G 151 47.18 -15.25 35.95
N ASP G 152 48.02 -14.54 36.71
CA ASP G 152 48.46 -15.04 38.01
C ASP G 152 47.27 -15.45 38.88
N ALA G 153 46.24 -14.59 38.92
CA ALA G 153 45.06 -14.90 39.72
C ALA G 153 44.28 -16.07 39.14
N LEU G 154 44.26 -16.21 37.81
CA LEU G 154 43.50 -17.30 37.21
C LEU G 154 44.20 -18.64 37.42
N VAL G 155 45.53 -18.66 37.34
CA VAL G 155 46.29 -19.89 37.57
C VAL G 155 46.15 -20.33 39.02
N GLU G 156 46.26 -19.37 39.94
CA GLU G 156 46.05 -19.66 41.35
C GLU G 156 44.65 -20.21 41.59
N ALA G 157 43.65 -19.69 40.87
CA ALA G 157 42.27 -20.15 41.04
C ALA G 157 42.03 -21.53 40.44
N GLY G 158 43.00 -22.08 39.71
CA GLY G 158 42.85 -23.41 39.15
C GLY G 158 42.32 -23.49 37.74
N VAL G 159 42.44 -22.40 36.96
CA VAL G 159 41.95 -22.43 35.59
C VAL G 159 42.71 -23.49 34.80
N ASP G 160 42.00 -24.20 33.93
CA ASP G 160 42.62 -25.27 33.15
C ASP G 160 43.30 -24.74 31.90
N VAL G 161 42.81 -23.63 31.34
CA VAL G 161 43.37 -23.06 30.13
C VAL G 161 43.04 -21.58 30.10
N VAL G 162 43.98 -20.78 29.62
CA VAL G 162 43.80 -19.34 29.46
C VAL G 162 43.66 -19.05 27.98
N VAL G 163 42.67 -18.23 27.63
CA VAL G 163 42.34 -17.92 26.24
C VAL G 163 42.68 -16.46 26.00
N LEU G 164 43.82 -16.22 25.35
CA LEU G 164 44.30 -14.87 25.07
C LEU G 164 43.61 -14.38 23.80
N ASP G 165 42.68 -13.45 23.96
CA ASP G 165 41.88 -12.93 22.87
C ASP G 165 42.38 -11.56 22.42
N SER G 166 42.23 -11.32 21.12
CA SER G 166 42.43 -10.01 20.53
C SER G 166 41.66 -9.94 19.22
N ALA G 167 41.34 -8.72 18.79
CA ALA G 167 40.77 -8.55 17.46
C ALA G 167 41.76 -8.97 16.38
N HIS G 168 43.06 -8.83 16.66
CA HIS G 168 44.13 -9.13 15.71
C HIS G 168 45.19 -9.94 16.44
N GLY G 169 45.07 -11.27 16.39
CA GLY G 169 46.03 -12.13 17.07
C GLY G 169 47.43 -12.05 16.48
N HIS G 170 47.54 -11.76 15.19
CA HIS G 170 48.83 -11.68 14.52
C HIS G 170 49.44 -10.29 14.72
N SER G 171 49.84 -10.04 15.97
CA SER G 171 50.31 -8.71 16.35
C SER G 171 51.41 -8.84 17.40
N LYS G 172 52.28 -7.82 17.45
CA LYS G 172 53.42 -7.86 18.35
C LYS G 172 53.00 -7.96 19.81
N GLY G 173 51.92 -7.26 20.18
CA GLY G 173 51.45 -7.31 21.56
C GLY G 173 51.01 -8.71 21.97
N ILE G 174 50.35 -9.42 21.06
CA ILE G 174 49.88 -10.77 21.37
C ILE G 174 51.06 -11.75 21.43
N ILE G 175 51.98 -11.66 20.46
CA ILE G 175 53.13 -12.53 20.46
C ILE G 175 53.95 -12.35 21.74
N ASP G 176 54.21 -11.10 22.12
CA ASP G 176 54.97 -10.84 23.34
C ASP G 176 54.24 -11.34 24.57
N THR G 177 52.90 -11.27 24.56
CA THR G 177 52.14 -11.78 25.70
C THR G 177 52.21 -13.30 25.78
N VAL G 178 52.14 -13.98 24.63
CA VAL G 178 52.29 -15.43 24.62
C VAL G 178 53.65 -15.83 25.18
N LYS G 179 54.72 -15.20 24.68
CA LYS G 179 56.06 -15.50 25.16
C LYS G 179 56.17 -15.24 26.66
N ALA G 180 55.60 -14.13 27.14
CA ALA G 180 55.68 -13.80 28.55
C ALA G 180 54.95 -14.84 29.40
N ILE G 181 53.76 -15.23 28.98
CA ILE G 181 52.98 -16.21 29.75
C ILE G 181 53.65 -17.57 29.71
N LYS G 182 54.10 -18.01 28.54
CA LYS G 182 54.74 -19.31 28.43
C LYS G 182 56.06 -19.37 29.20
N ALA G 183 56.75 -18.23 29.32
CA ALA G 183 57.99 -18.21 30.09
C ALA G 183 57.70 -18.29 31.59
N LYS G 184 56.68 -17.57 32.06
CA LYS G 184 56.36 -17.59 33.48
C LYS G 184 55.64 -18.87 33.88
N TYR G 185 54.73 -19.37 33.02
CA TYR G 185 53.91 -20.55 33.31
C TYR G 185 54.10 -21.57 32.20
N PRO G 186 55.19 -22.35 32.25
CA PRO G 186 55.47 -23.28 31.14
C PRO G 186 54.45 -24.38 31.00
N ASN G 187 53.80 -24.79 32.09
CA ASN G 187 52.86 -25.91 32.07
C ASN G 187 51.42 -25.45 31.96
N LEU G 188 51.16 -24.16 31.80
CA LEU G 188 49.81 -23.65 31.61
C LEU G 188 49.48 -23.66 30.13
N ASP G 189 48.44 -24.41 29.76
CA ASP G 189 48.03 -24.46 28.37
C ASP G 189 47.40 -23.14 27.97
N LEU G 190 47.82 -22.61 26.82
CA LEU G 190 47.47 -21.26 26.39
C LEU G 190 46.89 -21.29 24.99
N ILE G 191 45.68 -20.75 24.84
CA ILE G 191 45.04 -20.52 23.55
C ILE G 191 45.23 -19.05 23.19
N ALA G 192 45.50 -18.78 21.91
CA ALA G 192 45.62 -17.40 21.44
C ALA G 192 44.91 -17.24 20.10
N GLY G 193 44.36 -16.05 19.91
CA GLY G 193 43.65 -15.70 18.68
C GLY G 193 43.28 -14.23 18.75
N ASN G 194 42.57 -13.76 17.74
CA ASN G 194 42.12 -14.57 16.62
C ASN G 194 42.94 -14.29 15.36
N ILE G 195 43.01 -15.29 14.48
CA ILE G 195 43.86 -15.24 13.30
C ILE G 195 43.06 -15.74 12.11
N ALA G 196 43.63 -15.53 10.91
CA ALA G 196 42.98 -16.01 9.70
C ALA G 196 43.96 -16.34 8.58
N THR G 197 45.27 -16.37 8.83
CA THR G 197 46.25 -16.66 7.80
C THR G 197 47.29 -17.66 8.30
N ALA G 198 47.91 -18.35 7.34
CA ALA G 198 48.94 -19.34 7.69
C ALA G 198 50.13 -18.67 8.36
N ALA G 199 50.56 -17.52 7.86
CA ALA G 199 51.66 -16.79 8.49
C ALA G 199 51.32 -16.46 9.95
N ALA G 200 50.06 -16.14 10.23
CA ALA G 200 49.64 -15.89 11.60
C ALA G 200 49.67 -17.17 12.44
N ALA G 201 49.22 -18.28 11.86
CA ALA G 201 49.23 -19.54 12.58
C ALA G 201 50.66 -19.94 12.95
N LYS G 202 51.61 -19.69 12.06
CA LYS G 202 53.00 -20.07 12.33
C LYS G 202 53.61 -19.19 13.40
N ALA G 203 53.36 -17.88 13.34
CA ALA G 203 53.91 -16.97 14.34
C ALA G 203 53.43 -17.33 15.74
N LEU G 204 52.14 -17.63 15.89
CA LEU G 204 51.62 -18.03 17.18
C LEU G 204 52.20 -19.36 17.64
N CYS G 205 52.32 -20.33 16.71
CA CYS G 205 52.87 -21.63 17.08
C CYS G 205 54.34 -21.50 17.49
N GLU G 206 55.11 -20.68 16.77
CA GLU G 206 56.51 -20.47 17.14
C GLU G 206 56.63 -19.74 18.47
N ALA G 207 55.67 -18.88 18.80
CA ALA G 207 55.68 -18.20 20.09
C ALA G 207 55.34 -19.16 21.23
N GLY G 208 54.75 -20.31 20.93
CA GLY G 208 54.55 -21.36 21.90
C GLY G 208 53.13 -21.62 22.36
N VAL G 209 52.11 -21.18 21.60
CA VAL G 209 50.74 -21.47 22.01
C VAL G 209 50.48 -22.97 21.95
N ASP G 210 49.47 -23.40 22.70
CA ASP G 210 49.02 -24.78 22.67
C ASP G 210 47.79 -24.97 21.79
N ALA G 211 47.22 -23.88 21.28
CA ALA G 211 46.17 -23.91 20.28
C ALA G 211 46.02 -22.51 19.71
N VAL G 212 45.62 -22.44 18.44
CA VAL G 212 45.27 -21.18 17.80
C VAL G 212 43.78 -21.17 17.55
N LYS G 213 43.17 -19.99 17.69
CA LYS G 213 41.74 -19.80 17.48
C LYS G 213 41.54 -18.96 16.22
N VAL G 214 40.79 -19.51 15.26
CA VAL G 214 40.70 -18.95 13.92
C VAL G 214 39.33 -18.31 13.74
N GLY G 215 39.31 -17.09 13.21
CA GLY G 215 38.07 -16.39 12.93
C GLY G 215 38.21 -14.88 12.97
N ILE G 216 38.35 -14.26 11.80
CA ILE G 216 38.38 -12.81 11.68
C ILE G 216 37.19 -12.42 10.81
N GLY G 217 36.12 -11.95 11.44
CA GLY G 217 34.96 -11.51 10.71
C GLY G 217 33.75 -12.43 10.56
N PRO G 218 33.84 -13.73 10.87
CA PRO G 218 32.69 -14.60 10.61
C PRO G 218 31.57 -14.49 11.63
N GLY G 219 31.81 -13.84 12.77
CA GLY G 219 30.84 -13.87 13.86
C GLY G 219 29.53 -13.23 13.48
N SER G 220 28.45 -13.79 14.02
CA SER G 220 27.11 -13.31 13.70
C SER G 220 26.92 -11.86 14.09
N ILE G 221 27.51 -11.45 15.22
CA ILE G 221 27.39 -10.08 15.70
C ILE G 221 28.57 -9.22 15.29
N CYS G 222 29.40 -9.71 14.38
CA CYS G 222 30.66 -9.05 14.03
C CYS G 222 30.48 -8.12 12.84
N THR G 223 31.05 -6.92 12.93
CA THR G 223 31.06 -5.97 11.83
C THR G 223 32.47 -5.61 11.38
N THR G 224 33.48 -6.40 11.79
CA THR G 224 34.86 -6.08 11.44
C THR G 224 35.05 -5.94 9.94
N ARG G 225 34.50 -6.89 9.17
CA ARG G 225 34.68 -6.87 7.73
C ARG G 225 34.01 -5.67 7.08
N ILE G 226 32.95 -5.15 7.71
CA ILE G 226 32.25 -3.99 7.18
C ILE G 226 32.93 -2.69 7.61
N VAL G 227 33.34 -2.64 8.87
CA VAL G 227 33.92 -1.41 9.43
C VAL G 227 35.33 -1.18 8.90
N SER G 228 36.10 -2.26 8.76
CA SER G 228 37.51 -2.18 8.39
C SER G 228 37.84 -2.80 7.04
N GLY G 229 36.95 -3.59 6.46
CA GLY G 229 37.25 -4.24 5.19
C GLY G 229 38.12 -5.47 5.30
N VAL G 230 38.38 -5.98 6.50
CA VAL G 230 39.35 -7.04 6.75
C VAL G 230 38.61 -8.31 7.14
N GLY G 231 39.01 -9.43 6.54
CA GLY G 231 38.44 -10.71 6.91
C GLY G 231 38.83 -11.79 5.92
N VAL G 232 38.60 -13.03 6.34
CA VAL G 232 38.77 -14.20 5.49
C VAL G 232 37.59 -15.13 5.74
N PRO G 233 36.82 -15.49 4.70
CA PRO G 233 35.71 -16.44 4.89
C PRO G 233 36.18 -17.71 5.61
N GLN G 234 35.30 -18.26 6.45
CA GLN G 234 35.77 -19.09 7.55
C GLN G 234 36.30 -20.45 7.09
N ILE G 235 35.74 -21.04 6.02
CA ILE G 235 36.23 -22.34 5.58
C ILE G 235 37.66 -22.23 5.08
N SER G 236 37.93 -21.22 4.24
CA SER G 236 39.29 -21.02 3.76
C SER G 236 40.24 -20.66 4.90
N ALA G 237 39.77 -19.83 5.84
CA ALA G 237 40.61 -19.45 6.98
C ALA G 237 41.03 -20.68 7.79
N ILE G 238 40.07 -21.55 8.10
CA ILE G 238 40.39 -22.79 8.80
C ILE G 238 41.38 -23.62 7.98
N ASP G 239 41.05 -23.85 6.70
CA ASP G 239 41.88 -24.68 5.84
C ASP G 239 43.33 -24.20 5.82
N GLU G 240 43.52 -22.88 5.70
CA GLU G 240 44.86 -22.32 5.59
C GLU G 240 45.62 -22.42 6.90
N CYS G 241 44.93 -22.19 8.03
CA CYS G 241 45.60 -22.22 9.32
C CYS G 241 45.83 -23.64 9.82
N VAL G 242 44.92 -24.57 9.49
CA VAL G 242 45.12 -25.96 9.90
C VAL G 242 46.37 -26.54 9.26
N GLU G 243 46.54 -26.31 7.96
CA GLU G 243 47.71 -26.82 7.25
C GLU G 243 49.01 -26.35 7.89
N GLU G 244 49.03 -25.13 8.42
CA GLU G 244 50.25 -24.61 9.04
C GLU G 244 50.41 -25.10 10.48
N ALA G 245 49.33 -25.11 11.26
CA ALA G 245 49.43 -25.50 12.65
C ALA G 245 49.68 -27.00 12.83
N ASN G 246 49.32 -27.82 11.84
CA ASN G 246 49.59 -29.26 11.95
C ASN G 246 51.09 -29.54 12.00
N LYS G 247 51.89 -28.76 11.26
CA LYS G 247 53.34 -28.92 11.31
C LYS G 247 53.89 -28.77 12.71
N PHE G 248 53.19 -28.04 13.59
CA PHE G 248 53.58 -27.90 14.98
C PHE G 248 52.78 -28.82 15.90
N GLY G 249 51.86 -29.60 15.35
CA GLY G 249 50.97 -30.40 16.17
C GLY G 249 50.10 -29.58 17.09
N VAL G 250 49.66 -28.42 16.62
CA VAL G 250 48.89 -27.46 17.42
C VAL G 250 47.44 -27.47 16.92
N PRO G 251 46.46 -27.71 17.77
CA PRO G 251 45.07 -27.75 17.31
C PRO G 251 44.58 -26.37 16.89
N VAL G 252 43.57 -26.37 16.01
CA VAL G 252 42.91 -25.15 15.55
C VAL G 252 41.49 -25.14 16.10
N ILE G 253 41.09 -24.02 16.69
CA ILE G 253 39.72 -23.80 17.15
C ILE G 253 39.01 -22.93 16.11
N ALA G 254 37.90 -23.42 15.58
CA ALA G 254 37.11 -22.68 14.61
C ALA G 254 36.09 -21.83 15.37
N ASP G 255 36.30 -20.52 15.40
CA ASP G 255 35.55 -19.61 16.25
C ASP G 255 34.71 -18.66 15.40
N GLY G 256 33.41 -18.83 15.44
CA GLY G 256 32.51 -17.85 14.87
C GLY G 256 31.88 -18.32 13.57
N GLY G 257 30.70 -17.78 13.27
CA GLY G 257 30.02 -18.05 12.03
C GLY G 257 29.27 -19.35 11.97
N ILE G 258 29.16 -20.07 13.08
CA ILE G 258 28.42 -21.32 13.11
C ILE G 258 26.93 -21.01 13.20
N LYS G 259 26.18 -21.42 12.18
CA LYS G 259 24.74 -21.21 12.15
C LYS G 259 23.93 -22.48 12.34
N TYR G 260 24.45 -23.63 11.89
CA TYR G 260 23.73 -24.90 11.97
C TYR G 260 24.71 -25.99 12.36
N SER G 261 24.16 -27.12 12.82
CA SER G 261 25.01 -28.25 13.19
C SER G 261 25.87 -28.69 12.01
N GLY G 262 25.34 -28.60 10.80
CA GLY G 262 26.12 -28.95 9.63
C GLY G 262 27.39 -28.14 9.49
N ASP G 263 27.38 -26.88 9.93
CA ASP G 263 28.59 -26.06 9.90
C ASP G 263 29.65 -26.58 10.85
N ILE G 264 29.24 -27.12 12.01
CA ILE G 264 30.19 -27.76 12.92
C ILE G 264 30.89 -28.90 12.20
N ALA G 265 30.11 -29.74 11.52
CA ALA G 265 30.68 -30.87 10.78
C ALA G 265 31.65 -30.38 9.70
N LYS G 266 31.27 -29.35 8.96
CA LYS G 266 32.16 -28.82 7.93
C LYS G 266 33.46 -28.30 8.54
N ALA G 267 33.36 -27.55 9.64
CA ALA G 267 34.56 -26.98 10.26
C ALA G 267 35.50 -28.08 10.72
N LEU G 268 34.97 -29.11 11.39
CA LEU G 268 35.82 -30.19 11.88
C LEU G 268 36.40 -31.00 10.73
N ALA G 269 35.61 -31.24 9.67
CA ALA G 269 36.08 -32.05 8.56
C ALA G 269 37.18 -31.35 7.77
N VAL G 270 37.18 -30.01 7.74
CA VAL G 270 38.26 -29.28 7.10
C VAL G 270 39.55 -29.39 7.90
N GLY G 271 39.46 -29.67 9.20
CA GLY G 271 40.65 -29.96 9.96
C GLY G 271 40.71 -29.29 11.32
N ALA G 272 39.72 -28.48 11.65
CA ALA G 272 39.65 -27.90 12.98
C ALA G 272 39.42 -28.99 14.01
N SER G 273 39.99 -28.80 15.20
CA SER G 273 39.84 -29.77 16.27
C SER G 273 38.64 -29.48 17.17
N SER G 274 38.17 -28.24 17.20
CA SER G 274 37.04 -27.86 18.03
C SER G 274 36.40 -26.62 17.42
N VAL G 275 35.22 -26.29 17.95
CA VAL G 275 34.41 -25.20 17.44
C VAL G 275 33.94 -24.35 18.62
N MET G 276 34.06 -23.03 18.48
CA MET G 276 33.55 -22.10 19.48
C MET G 276 32.27 -21.46 18.97
N ILE G 277 31.26 -21.39 19.82
CA ILE G 277 29.92 -20.99 19.42
C ILE G 277 29.41 -19.90 20.36
N GLY G 278 28.82 -18.85 19.80
CA GLY G 278 28.21 -17.81 20.59
C GLY G 278 26.71 -17.74 20.47
N SER G 279 26.21 -17.40 19.27
CA SER G 279 24.80 -17.05 19.12
C SER G 279 23.88 -18.23 19.45
N LEU G 280 24.31 -19.46 19.14
CA LEU G 280 23.45 -20.62 19.34
C LEU G 280 23.21 -20.95 20.81
N LEU G 281 24.06 -20.44 21.71
CA LEU G 281 23.94 -20.70 23.14
C LEU G 281 23.55 -19.47 23.94
N ALA G 282 23.47 -18.30 23.32
CA ALA G 282 23.11 -17.08 24.04
C ALA G 282 21.66 -17.04 24.45
N GLY G 283 20.78 -17.77 23.77
CA GLY G 283 19.39 -17.82 24.11
C GLY G 283 19.00 -18.85 25.14
N THR G 284 19.96 -19.43 25.86
CA THR G 284 19.70 -20.54 26.76
C THR G 284 19.50 -20.08 28.20
N ASP G 285 19.00 -21.00 29.02
CA ASP G 285 18.80 -20.72 30.44
C ASP G 285 20.11 -20.37 31.13
N GLU G 286 21.18 -21.09 30.79
CA GLU G 286 22.43 -21.00 31.54
C GLU G 286 23.28 -19.79 31.17
N SER G 287 23.01 -19.12 30.05
CA SER G 287 23.78 -17.96 29.69
C SER G 287 23.43 -16.79 30.63
N PRO G 288 24.35 -15.84 30.83
CA PRO G 288 24.06 -14.72 31.72
C PRO G 288 22.94 -13.85 31.19
N GLY G 289 22.39 -13.03 32.08
CA GLY G 289 21.27 -12.18 31.71
C GLY G 289 19.97 -12.96 31.65
N GLU G 290 18.85 -12.27 31.86
CA GLU G 290 17.55 -12.93 31.96
C GLU G 290 16.72 -12.67 30.71
N LEU G 291 15.58 -13.36 30.67
CA LEU G 291 14.67 -13.25 29.54
C LEU G 291 13.93 -11.91 29.56
N PHE G 292 13.57 -11.44 28.37
CA PHE G 292 12.62 -10.36 28.22
C PHE G 292 11.70 -10.70 27.06
N THR G 293 10.58 -9.99 27.00
CA THR G 293 9.54 -10.23 26.00
C THR G 293 9.44 -9.04 25.07
N TYR G 294 9.37 -9.31 23.77
CA TYR G 294 9.10 -8.28 22.78
C TYR G 294 8.09 -8.83 21.78
N GLN G 295 6.93 -8.18 21.69
CA GLN G 295 5.86 -8.59 20.78
C GLN G 295 5.47 -10.06 21.01
N GLY G 296 5.27 -10.41 22.27
CA GLY G 296 4.77 -11.72 22.61
C GLY G 296 5.73 -12.87 22.37
N ARG G 297 7.03 -12.60 22.34
CA ARG G 297 8.05 -13.62 22.18
C ARG G 297 9.16 -13.37 23.20
N GLN G 298 9.80 -14.45 23.65
CA GLN G 298 10.85 -14.37 24.65
C GLN G 298 12.22 -14.35 23.98
N TYR G 299 13.10 -13.50 24.50
CA TYR G 299 14.43 -13.30 23.92
C TYR G 299 15.46 -13.16 25.04
N LYS G 300 16.72 -13.21 24.64
CA LYS G 300 17.84 -12.82 25.49
C LYS G 300 18.72 -11.85 24.73
N SER G 301 19.46 -11.04 25.47
CA SER G 301 20.41 -10.13 24.84
C SER G 301 21.61 -10.91 24.30
N TYR G 302 22.10 -10.50 23.14
CA TYR G 302 23.32 -11.05 22.57
C TYR G 302 24.03 -9.93 21.84
N ARG G 303 25.29 -9.68 22.21
CA ARG G 303 26.01 -8.54 21.69
C ARG G 303 27.47 -8.91 21.54
N GLY G 304 28.12 -8.25 20.58
CA GLY G 304 29.55 -8.43 20.40
C GLY G 304 30.33 -7.74 21.50
N MET G 305 31.49 -8.30 21.80
CA MET G 305 32.39 -7.71 22.78
C MET G 305 33.00 -6.40 22.31
N GLY G 306 32.90 -6.11 21.02
CA GLY G 306 33.37 -4.85 20.48
C GLY G 306 32.24 -3.91 20.13
N SER G 307 31.05 -4.15 20.67
CA SER G 307 29.93 -3.24 20.51
C SER G 307 30.03 -2.13 21.55
N LEU G 308 29.29 -1.03 21.31
CA LEU G 308 29.32 0.09 22.23
C LEU G 308 28.90 -0.32 23.63
N GLY G 309 27.89 -1.19 23.74
CA GLY G 309 27.38 -1.56 25.05
C GLY G 309 28.39 -2.37 25.85
N ALA G 310 29.01 -3.37 25.22
CA ALA G 310 29.98 -4.21 25.92
C ALA G 310 31.18 -3.40 26.39
N MET G 311 31.50 -2.31 25.71
CA MET G 311 32.66 -1.49 26.05
C MET G 311 32.36 -0.44 27.11
N GLN G 312 31.15 -0.42 27.67
CA GLN G 312 30.78 0.60 28.65
C GLN G 312 30.27 -0.03 29.94
N LYS G 328 35.23 9.46 20.43
CA LYS G 328 34.34 8.38 20.85
C LYS G 328 34.75 7.05 20.23
N LEU G 329 34.14 5.96 20.69
CA LEU G 329 34.56 4.62 20.31
C LEU G 329 34.10 4.27 18.90
N VAL G 330 34.89 3.43 18.25
CA VAL G 330 34.56 2.92 16.91
C VAL G 330 34.30 1.42 17.03
N PRO G 331 33.05 1.00 17.17
CA PRO G 331 32.77 -0.41 17.47
C PRO G 331 33.02 -1.32 16.28
N GLU G 332 33.14 -2.62 16.58
CA GLU G 332 33.26 -3.66 15.57
C GLU G 332 32.31 -4.81 15.84
N GLY G 333 31.26 -4.56 16.63
CA GLY G 333 30.17 -5.50 16.82
C GLY G 333 28.90 -4.72 17.06
N ILE G 334 27.77 -5.44 17.10
CA ILE G 334 26.47 -4.83 17.30
C ILE G 334 25.83 -5.40 18.55
N GLU G 335 24.75 -4.76 18.98
CA GLU G 335 23.97 -5.19 20.14
C GLU G 335 22.61 -5.67 19.65
N GLY G 336 22.28 -6.92 19.97
CA GLY G 336 21.04 -7.49 19.50
C GLY G 336 20.36 -8.47 20.45
N ARG G 337 19.47 -9.29 19.90
CA ARG G 337 18.72 -10.27 20.68
C ARG G 337 18.55 -11.54 19.86
N VAL G 338 18.50 -12.66 20.58
CA VAL G 338 18.25 -13.97 19.97
C VAL G 338 17.03 -14.56 20.65
N PRO G 339 16.31 -15.45 19.97
CA PRO G 339 15.16 -16.11 20.60
C PRO G 339 15.60 -17.04 21.73
N TYR G 340 14.72 -17.18 22.73
CA TYR G 340 14.97 -18.07 23.85
C TYR G 340 14.74 -19.52 23.41
N VAL G 341 15.78 -20.35 23.53
CA VAL G 341 15.77 -21.69 22.97
C VAL G 341 15.76 -22.79 24.02
N GLY G 342 15.69 -22.44 25.30
CA GLY G 342 15.61 -23.44 26.34
C GLY G 342 16.93 -23.76 27.01
N SER G 343 17.15 -25.03 27.33
CA SER G 343 18.36 -25.42 28.03
C SER G 343 19.51 -25.61 27.07
N ILE G 344 20.73 -25.38 27.58
CA ILE G 344 21.94 -25.69 26.82
C ILE G 344 21.99 -27.15 26.45
N ARG G 345 21.55 -28.02 27.37
CA ARG G 345 21.54 -29.46 27.13
C ARG G 345 20.79 -29.79 25.84
N SER G 346 19.60 -29.21 25.67
CA SER G 346 18.82 -29.48 24.46
C SER G 346 19.49 -28.95 23.22
N VAL G 347 20.09 -27.76 23.30
CA VAL G 347 20.79 -27.20 22.14
C VAL G 347 21.96 -28.10 21.77
N VAL G 348 22.77 -28.46 22.76
CA VAL G 348 24.00 -29.21 22.51
C VAL G 348 23.68 -30.60 21.96
N HIS G 349 22.62 -31.24 22.46
CA HIS G 349 22.23 -32.55 21.98
C HIS G 349 21.91 -32.51 20.48
N GLN G 350 21.15 -31.50 20.04
CA GLN G 350 20.83 -31.37 18.62
C GLN G 350 22.09 -31.15 17.80
N LEU G 351 23.00 -30.29 18.28
CA LEU G 351 24.20 -29.97 17.52
C LEU G 351 25.05 -31.22 17.28
N LEU G 352 25.27 -32.01 18.33
CA LEU G 352 26.12 -33.20 18.18
C LEU G 352 25.41 -34.32 17.45
N GLY G 353 24.09 -34.39 17.54
CA GLY G 353 23.35 -35.31 16.70
C GLY G 353 23.57 -35.07 15.23
N GLY G 354 23.72 -33.80 14.84
CA GLY G 354 24.04 -33.50 13.45
C GLY G 354 25.47 -33.85 13.09
N LEU G 355 26.40 -33.68 14.03
CA LEU G 355 27.78 -34.06 13.78
C LEU G 355 27.91 -35.58 13.69
N ARG G 356 27.22 -36.31 14.55
CA ARG G 356 27.22 -37.77 14.49
C ARG G 356 26.65 -38.26 13.16
N SER G 357 25.50 -37.72 12.76
CA SER G 357 24.90 -38.08 11.48
C SER G 357 25.85 -37.79 10.33
N SER G 358 26.57 -36.66 10.40
CA SER G 358 27.52 -36.32 9.35
C SER G 358 28.65 -37.33 9.27
N MET G 359 29.18 -37.76 10.42
CA MET G 359 30.25 -38.75 10.42
C MET G 359 29.73 -40.10 9.92
N GLY G 360 28.48 -40.42 10.22
CA GLY G 360 27.89 -41.62 9.64
C GLY G 360 27.84 -41.57 8.12
N TYR G 361 27.47 -40.41 7.58
CA TYR G 361 27.42 -40.24 6.12
C TYR G 361 28.81 -40.39 5.51
N VAL G 362 29.85 -39.93 6.20
CA VAL G 362 31.19 -39.97 5.65
C VAL G 362 31.85 -41.33 5.90
N GLY G 363 31.31 -42.12 6.81
CA GLY G 363 31.89 -43.40 7.15
C GLY G 363 33.00 -43.34 8.19
N ALA G 364 33.02 -42.28 9.00
CA ALA G 364 34.11 -42.02 9.92
C ALA G 364 33.75 -42.48 11.32
N LYS G 365 34.67 -43.20 11.96
CA LYS G 365 34.49 -43.68 13.31
C LYS G 365 34.94 -42.68 14.37
N ASP G 366 35.75 -41.68 14.01
CA ASP G 366 36.17 -40.65 14.94
C ASP G 366 36.55 -39.41 14.12
N ILE G 367 36.82 -38.31 14.83
CA ILE G 367 37.08 -37.03 14.14
C ILE G 367 38.30 -37.14 13.25
N GLU G 368 39.35 -37.80 13.74
CA GLU G 368 40.57 -37.98 12.96
C GLU G 368 40.28 -38.68 11.63
N ASP G 369 39.52 -39.79 11.70
CA ASP G 369 39.09 -40.49 10.49
C ASP G 369 38.18 -39.60 9.64
N PHE G 370 37.31 -38.84 10.28
CA PHE G 370 36.46 -37.87 9.59
C PHE G 370 37.30 -36.94 8.72
N GLN G 371 38.42 -36.46 9.24
CA GLN G 371 39.23 -35.50 8.51
C GLN G 371 40.00 -36.16 7.37
N LYS G 372 40.28 -37.46 7.47
CA LYS G 372 41.03 -38.11 6.40
C LYS G 372 40.12 -38.51 5.25
N ARG G 373 38.88 -38.90 5.55
CA ARG G 373 37.95 -39.34 4.51
C ARG G 373 37.22 -38.19 3.82
N ALA G 374 37.23 -37.00 4.41
CA ALA G 374 36.33 -35.94 4.00
C ALA G 374 36.65 -35.45 2.58
N GLU G 375 35.63 -35.40 1.74
CA GLU G 375 35.71 -34.81 0.41
C GLU G 375 34.53 -33.86 0.23
N PHE G 376 34.80 -32.70 -0.35
CA PHE G 376 33.79 -31.66 -0.50
C PHE G 376 33.44 -31.46 -1.97
N VAL G 377 32.25 -30.87 -2.18
CA VAL G 377 31.92 -30.21 -3.44
C VAL G 377 31.67 -28.75 -3.12
N GLU G 378 32.07 -27.86 -4.03
CA GLU G 378 31.63 -26.48 -3.97
C GLU G 378 30.27 -26.37 -4.66
N ILE G 379 29.40 -25.53 -4.12
CA ILE G 379 28.05 -25.40 -4.63
C ILE G 379 27.77 -23.96 -5.00
N THR G 380 26.67 -23.77 -5.71
CA THR G 380 26.20 -22.46 -6.16
C THR G 380 25.11 -21.95 -5.23
N THR G 381 24.70 -20.70 -5.48
CA THR G 381 23.57 -20.13 -4.75
C THR G 381 22.34 -21.02 -4.88
N ALA G 382 22.06 -21.48 -6.10
CA ALA G 382 20.92 -22.36 -6.31
C ALA G 382 21.09 -23.69 -5.57
N GLY G 383 22.32 -24.17 -5.42
CA GLY G 383 22.56 -25.35 -4.62
C GLY G 383 22.31 -25.12 -3.15
N LEU G 384 22.53 -23.89 -2.68
CA LEU G 384 22.23 -23.53 -1.30
C LEU G 384 20.72 -23.50 -1.07
N LYS G 385 19.98 -22.86 -1.97
CA LYS G 385 18.53 -22.80 -1.86
C LYS G 385 17.91 -24.19 -1.87
N GLU G 386 18.51 -25.11 -2.65
CA GLU G 386 18.00 -26.48 -2.71
C GLU G 386 18.34 -27.26 -1.44
N SER G 387 19.42 -26.87 -0.74
CA SER G 387 19.83 -27.55 0.48
C SER G 387 18.92 -27.21 1.64
N HIS G 388 18.49 -25.95 1.74
CA HIS G 388 17.53 -25.55 2.76
C HIS G 388 16.15 -26.08 2.42
N VAL G 389 15.23 -25.94 3.38
CA VAL G 389 13.83 -26.20 3.08
C VAL G 389 13.35 -25.19 2.04
N HIS G 390 12.72 -25.69 0.98
CA HIS G 390 12.27 -24.81 -0.09
C HIS G 390 10.86 -25.19 -0.53
N ASP G 391 10.07 -24.18 -0.87
CA ASP G 391 8.74 -24.30 -1.47
C ASP G 391 7.69 -24.88 -0.53
N VAL G 392 7.99 -25.05 0.75
CA VAL G 392 7.06 -25.64 1.70
C VAL G 392 7.06 -24.80 2.97
N THR G 393 5.88 -24.31 3.35
CA THR G 393 5.73 -23.58 4.60
C THR G 393 5.95 -24.52 5.78
N ILE G 394 6.95 -24.23 6.61
CA ILE G 394 7.18 -25.02 7.81
C ILE G 394 6.12 -24.65 8.83
N THR G 395 5.33 -25.64 9.25
CA THR G 395 4.28 -25.38 10.25
C THR G 395 4.82 -25.50 11.67
N HIS G 396 5.49 -26.60 11.99
CA HIS G 396 5.98 -26.85 13.34
C HIS G 396 7.49 -26.64 13.43
N GLU G 397 7.93 -26.16 14.59
CA GLU G 397 9.33 -25.85 14.80
C GLU G 397 10.17 -27.13 14.88
N ALA G 398 11.24 -27.17 14.08
CA ALA G 398 12.21 -28.26 14.16
C ALA G 398 13.28 -27.93 15.21
N PRO G 399 13.69 -28.91 16.02
CA PRO G 399 14.65 -28.61 17.09
C PRO G 399 16.02 -28.19 16.59
N ASN G 400 16.38 -28.52 15.35
CA ASN G 400 17.73 -28.22 14.85
C ASN G 400 17.70 -27.44 13.54
N TYR G 401 16.58 -26.81 13.21
CA TYR G 401 16.47 -26.08 11.95
C TYR G 401 15.70 -24.78 12.18
N LYS G 402 16.40 -23.67 12.03
CA LYS G 402 15.77 -22.36 12.00
C LYS G 402 15.62 -21.88 10.55
N ALA H 24 32.38 -13.00 -32.21
CA ALA H 24 31.87 -12.93 -30.85
C ALA H 24 32.09 -11.55 -30.23
N MET H 25 31.55 -11.35 -29.04
CA MET H 25 31.70 -10.08 -28.31
C MET H 25 32.98 -10.09 -27.52
N LYS H 26 33.55 -8.90 -27.32
CA LYS H 26 34.82 -8.75 -26.64
C LYS H 26 34.57 -8.47 -25.16
N ILE H 27 34.78 -9.48 -24.32
CA ILE H 27 34.71 -9.35 -22.87
C ILE H 27 36.14 -9.27 -22.36
N VAL H 28 36.53 -8.10 -21.85
CA VAL H 28 37.93 -7.84 -21.55
C VAL H 28 38.37 -8.49 -20.24
N LYS H 29 37.49 -8.53 -19.25
CA LYS H 29 37.85 -9.03 -17.92
C LYS H 29 36.59 -9.21 -17.10
N ARG H 30 36.73 -9.88 -15.97
CA ARG H 30 35.66 -10.02 -14.99
C ARG H 30 35.94 -9.02 -13.87
N ALA H 31 35.17 -7.93 -13.85
CA ALA H 31 35.46 -6.81 -12.98
C ALA H 31 34.75 -6.95 -11.64
N LEU H 32 35.43 -6.55 -10.57
CA LEU H 32 34.93 -6.67 -9.21
C LEU H 32 34.71 -5.31 -8.59
N THR H 33 33.87 -5.28 -7.54
CA THR H 33 33.70 -4.07 -6.75
C THR H 33 33.92 -4.38 -5.27
N PHE H 34 33.57 -3.43 -4.39
CA PHE H 34 34.00 -3.47 -2.99
C PHE H 34 33.57 -4.76 -2.31
N GLU H 35 32.30 -5.13 -2.46
CA GLU H 35 31.74 -6.27 -1.74
C GLU H 35 32.24 -7.61 -2.25
N ASP H 36 33.04 -7.63 -3.33
CA ASP H 36 33.61 -8.85 -3.85
C ASP H 36 34.92 -9.25 -3.17
N VAL H 37 35.53 -8.36 -2.37
CA VAL H 37 36.87 -8.59 -1.86
C VAL H 37 36.95 -8.21 -0.38
N LEU H 38 37.97 -8.74 0.28
CA LEU H 38 38.29 -8.42 1.65
C LEU H 38 39.80 -8.35 1.81
N LEU H 39 40.25 -7.48 2.71
CA LEU H 39 41.67 -7.38 3.00
C LEU H 39 42.10 -8.51 3.93
N ARG H 40 43.25 -9.09 3.63
CA ARG H 40 43.81 -10.07 4.53
C ARG H 40 44.51 -9.38 5.70
N PRO H 41 44.36 -9.89 6.91
CA PRO H 41 45.14 -9.36 8.03
C PRO H 41 46.62 -9.66 7.83
N GLY H 42 47.46 -8.74 8.31
CA GLY H 42 48.89 -8.93 8.26
C GLY H 42 49.51 -8.63 9.62
N TYR H 43 50.72 -9.15 9.81
CA TYR H 43 51.43 -8.94 11.06
C TYR H 43 51.58 -7.45 11.33
N SER H 44 51.24 -7.04 12.54
CA SER H 44 51.13 -5.62 12.86
C SER H 44 51.94 -5.27 14.10
N GLU H 45 52.66 -4.15 14.01
CA GLU H 45 53.35 -3.57 15.16
C GLU H 45 52.86 -2.15 15.43
N VAL H 46 51.78 -1.73 14.79
CA VAL H 46 51.25 -0.37 14.91
C VAL H 46 49.83 -0.45 15.44
N LEU H 47 49.49 0.49 16.29
CA LEU H 47 48.11 0.53 16.74
C LEU H 47 47.32 1.51 15.88
N PRO H 48 46.01 1.27 15.71
CA PRO H 48 45.18 2.18 14.91
C PRO H 48 45.34 3.64 15.32
N LYS H 49 45.41 3.91 16.63
CA LYS H 49 45.62 5.27 17.13
C LYS H 49 46.90 5.89 16.58
N GLU H 50 47.87 5.08 16.17
CA GLU H 50 49.21 5.56 15.82
C GLU H 50 49.46 5.69 14.32
N VAL H 51 48.61 5.09 13.47
CA VAL H 51 48.84 5.20 12.04
C VAL H 51 48.56 6.63 11.57
N LYS H 52 49.25 7.04 10.51
CA LYS H 52 49.13 8.38 9.95
C LYS H 52 48.44 8.28 8.60
N ILE H 53 47.43 9.13 8.40
CA ILE H 53 46.51 9.00 7.28
C ILE H 53 46.58 10.20 6.34
N HIS H 54 47.69 10.93 6.37
CA HIS H 54 47.94 11.96 5.37
C HIS H 54 48.13 11.29 4.00
N THR H 55 47.81 12.04 2.96
CA THR H 55 47.88 11.56 1.59
C THR H 55 47.92 12.76 0.65
N LYS H 56 47.87 12.50 -0.65
CA LYS H 56 47.94 13.53 -1.67
C LYS H 56 46.60 13.66 -2.38
N LEU H 57 46.10 14.89 -2.46
CA LEU H 57 44.95 15.18 -3.30
C LEU H 57 45.35 15.28 -4.77
N THR H 58 46.40 16.06 -5.04
CA THR H 58 46.95 16.20 -6.38
C THR H 58 48.45 16.04 -6.27
N LYS H 59 49.16 16.32 -7.37
CA LYS H 59 50.62 16.27 -7.34
C LYS H 59 51.22 17.35 -6.45
N ASN H 60 50.50 18.45 -6.21
CA ASN H 60 51.03 19.58 -5.45
C ASN H 60 50.25 19.93 -4.19
N ILE H 61 49.07 19.35 -3.96
CA ILE H 61 48.27 19.63 -2.77
C ILE H 61 48.18 18.36 -1.93
N THR H 62 48.41 18.50 -0.63
CA THR H 62 48.32 17.41 0.31
C THR H 62 47.00 17.47 1.08
N LEU H 63 46.61 16.32 1.61
CA LEU H 63 45.51 16.22 2.57
C LEU H 63 46.05 15.61 3.86
N ASN H 64 45.49 16.05 4.99
CA ASN H 64 45.84 15.43 6.27
C ASN H 64 44.99 14.21 6.57
N MET H 65 43.91 14.00 5.84
CA MET H 65 43.02 12.83 5.94
C MET H 65 42.52 12.60 4.51
N PRO H 66 42.11 11.38 4.13
CA PRO H 66 41.84 11.13 2.70
C PRO H 66 40.38 11.25 2.25
N LEU H 67 39.60 12.17 2.83
CA LEU H 67 38.17 12.25 2.53
C LEU H 67 37.83 13.57 1.84
N ILE H 68 37.08 13.47 0.75
CA ILE H 68 36.56 14.62 0.01
C ILE H 68 35.05 14.51 -0.05
N SER H 69 34.35 15.60 0.27
CA SER H 69 32.90 15.62 0.14
C SER H 69 32.53 15.97 -1.31
N ALA H 70 31.49 15.34 -1.81
CA ALA H 70 31.17 15.37 -3.24
C ALA H 70 30.66 16.74 -3.67
N ALA H 71 30.85 17.04 -4.95
CA ALA H 71 30.44 18.31 -5.54
C ALA H 71 28.98 18.22 -5.99
N MET H 72 28.10 18.17 -4.99
CA MET H 72 26.68 17.97 -5.21
C MET H 72 25.88 19.02 -4.43
N ASP H 73 24.74 19.43 -4.99
CA ASP H 73 24.00 20.51 -4.36
C ASP H 73 23.19 20.04 -3.14
N THR H 74 23.31 18.77 -2.75
CA THR H 74 22.79 18.30 -1.48
C THR H 74 23.91 17.82 -0.56
N VAL H 75 25.17 18.13 -0.88
CA VAL H 75 26.29 17.66 -0.07
C VAL H 75 27.21 18.82 0.34
N THR H 76 27.80 19.52 -0.63
CA THR H 76 28.88 20.45 -0.33
C THR H 76 28.56 21.87 -0.80
N GLU H 77 28.25 22.73 0.16
CA GLU H 77 28.44 24.16 -0.02
C GLU H 77 29.45 24.62 1.04
N HIS H 78 29.50 25.92 1.36
CA HIS H 78 30.62 26.42 2.14
C HIS H 78 30.67 25.81 3.54
N ARG H 79 29.52 25.53 4.15
CA ARG H 79 29.51 25.01 5.51
C ARG H 79 30.13 23.62 5.58
N ALA H 80 29.76 22.75 4.63
CA ALA H 80 30.35 21.41 4.60
C ALA H 80 31.82 21.47 4.21
N ALA H 81 32.18 22.37 3.27
CA ALA H 81 33.56 22.47 2.84
C ALA H 81 34.46 22.96 3.96
N ILE H 82 33.95 23.87 4.80
CA ILE H 82 34.75 24.39 5.92
C ILE H 82 35.08 23.29 6.91
N MET H 83 34.07 22.48 7.26
CA MET H 83 34.31 21.39 8.22
C MET H 83 35.28 20.36 7.64
N MET H 84 35.09 19.99 6.38
CA MET H 84 35.97 19.01 5.74
C MET H 84 37.42 19.46 5.79
N ALA H 85 37.68 20.73 5.46
CA ALA H 85 39.05 21.24 5.52
C ALA H 85 39.54 21.29 6.95
N ARG H 86 38.67 21.65 7.90
CA ARG H 86 39.08 21.72 9.30
C ARG H 86 39.50 20.36 9.82
N LEU H 87 38.84 19.30 9.37
CA LEU H 87 39.16 17.95 9.81
C LEU H 87 40.30 17.32 9.03
N GLY H 88 40.89 18.04 8.07
CA GLY H 88 42.05 17.56 7.35
C GLY H 88 41.79 17.20 5.90
N GLY H 89 40.55 17.20 5.46
CA GLY H 89 40.19 16.81 4.11
C GLY H 89 39.86 18.02 3.24
N LEU H 90 38.83 17.88 2.42
CA LEU H 90 38.52 18.90 1.42
C LEU H 90 37.06 18.78 1.01
N GLY H 91 36.45 19.93 0.75
CA GLY H 91 35.12 19.99 0.14
C GLY H 91 35.23 20.62 -1.23
N VAL H 92 34.40 20.16 -2.16
CA VAL H 92 34.32 20.72 -3.51
C VAL H 92 32.96 21.36 -3.67
N ILE H 93 32.94 22.69 -3.79
CA ILE H 93 31.70 23.41 -4.04
C ILE H 93 31.13 23.00 -5.39
N HIS H 94 29.84 22.67 -5.41
CA HIS H 94 29.19 22.23 -6.63
C HIS H 94 28.97 23.41 -7.58
N LYS H 95 28.70 23.09 -8.84
CA LYS H 95 28.59 24.07 -9.91
C LYS H 95 27.14 24.35 -10.33
N ASN H 96 26.17 23.81 -9.60
CA ASN H 96 24.76 24.06 -9.93
C ASN H 96 24.32 25.39 -9.36
N MET H 97 25.07 26.44 -9.66
CA MET H 97 24.78 27.80 -9.22
C MET H 97 25.50 28.73 -10.18
N ASP H 98 25.18 30.02 -10.08
CA ASP H 98 25.82 31.01 -10.95
C ASP H 98 27.26 31.23 -10.53
N ILE H 99 28.03 31.87 -11.42
CA ILE H 99 29.44 32.11 -11.16
C ILE H 99 29.63 32.95 -9.91
N ALA H 100 28.85 34.05 -9.82
CA ALA H 100 28.95 34.91 -8.64
C ALA H 100 28.67 34.14 -7.35
N SER H 101 27.67 33.25 -7.38
CA SER H 101 27.32 32.50 -6.17
C SER H 101 28.41 31.50 -5.80
N GLN H 102 29.03 30.85 -6.78
CA GLN H 102 30.11 29.91 -6.47
C GLN H 102 31.34 30.65 -5.94
N VAL H 103 31.65 31.80 -6.53
CA VAL H 103 32.74 32.64 -6.01
C VAL H 103 32.49 32.97 -4.54
N ARG H 104 31.27 33.42 -4.24
CA ARG H 104 30.90 33.76 -2.87
C ARG H 104 31.08 32.56 -1.93
N GLU H 105 30.71 31.37 -2.38
CA GLU H 105 30.89 30.18 -1.55
C GLU H 105 32.37 29.91 -1.29
N VAL H 106 33.21 30.05 -2.31
CA VAL H 106 34.64 29.79 -2.16
C VAL H 106 35.27 30.80 -1.21
N LYS H 107 34.86 32.06 -1.32
CA LYS H 107 35.42 33.09 -0.45
C LYS H 107 35.10 32.84 1.01
N ARG H 108 33.87 32.38 1.30
CA ARG H 108 33.49 32.11 2.68
C ARG H 108 34.39 31.07 3.31
N VAL H 109 34.79 30.05 2.53
CA VAL H 109 35.70 29.04 3.06
C VAL H 109 37.10 29.64 3.26
N LYS H 110 37.57 30.43 2.29
CA LYS H 110 38.92 30.97 2.39
C LYS H 110 39.04 31.99 3.52
N LYS H 111 37.94 32.64 3.90
CA LYS H 111 37.96 33.66 4.93
C LYS H 111 37.58 33.11 6.30
N SER H 112 37.37 31.80 6.41
CA SER H 112 36.96 31.20 7.68
C SER H 112 38.06 31.32 8.73
N GLU H 113 39.32 31.32 8.32
CA GLU H 113 40.42 31.48 9.26
C GLU H 113 41.43 32.51 8.78
N LYS H 122 41.03 28.36 18.01
CA LYS H 122 40.66 26.98 17.80
C LYS H 122 41.75 26.22 17.05
N ARG H 123 42.98 26.73 17.16
CA ARG H 123 44.14 25.92 16.80
C ARG H 123 44.23 24.68 17.68
N LYS H 124 43.68 24.76 18.89
CA LYS H 124 43.54 23.60 19.76
C LYS H 124 42.46 22.65 19.26
N GLU H 125 41.41 23.21 18.64
CA GLU H 125 40.19 22.48 18.31
C GLU H 125 40.31 21.71 17.00
N TYR H 126 40.97 22.29 16.00
CA TYR H 126 41.10 21.68 14.68
C TYR H 126 42.59 21.62 14.31
N PRO H 127 43.36 20.78 14.99
CA PRO H 127 44.81 20.78 14.77
C PRO H 127 45.25 20.12 13.47
N ASP H 128 44.37 19.34 12.85
CA ASP H 128 44.67 18.68 11.58
C ASP H 128 44.12 19.45 10.39
N ALA H 129 43.71 20.70 10.59
CA ALA H 129 43.14 21.48 9.50
C ALA H 129 44.11 21.59 8.33
N ASN H 130 43.57 21.45 7.12
CA ASN H 130 44.34 21.50 5.88
C ASN H 130 44.26 22.92 5.33
N LYS H 131 45.40 23.59 5.25
CA LYS H 131 45.44 24.99 4.87
C LYS H 131 46.45 25.22 3.75
N ASP H 132 46.31 26.36 3.08
CA ASP H 132 47.28 26.77 2.07
C ASP H 132 48.46 27.45 2.76
N ASN H 133 49.29 28.15 1.98
CA ASN H 133 50.48 28.78 2.53
C ASN H 133 50.14 29.98 3.41
N PHE H 134 48.96 30.57 3.27
CA PHE H 134 48.56 31.74 4.03
C PHE H 134 47.74 31.40 5.27
N GLY H 135 47.63 30.12 5.61
CA GLY H 135 46.83 29.72 6.75
C GLY H 135 45.34 29.73 6.52
N ARG H 136 44.90 29.77 5.26
CA ARG H 136 43.49 29.71 4.91
C ARG H 136 43.11 28.28 4.54
N LEU H 137 41.90 27.88 4.92
CA LEU H 137 41.41 26.55 4.61
C LEU H 137 41.39 26.32 3.11
N ARG H 138 41.74 25.10 2.70
CA ARG H 138 41.71 24.73 1.30
C ARG H 138 40.27 24.42 0.87
N VAL H 139 39.97 24.72 -0.39
CA VAL H 139 38.66 24.43 -0.95
C VAL H 139 38.82 24.13 -2.43
N GLY H 140 37.95 23.27 -2.94
CA GLY H 140 37.82 23.02 -4.36
C GLY H 140 36.48 23.54 -4.87
N ALA H 141 36.39 23.61 -6.19
CA ALA H 141 35.16 24.04 -6.86
C ALA H 141 35.06 23.33 -8.18
N ALA H 142 33.83 22.92 -8.52
CA ALA H 142 33.59 22.17 -9.75
C ALA H 142 33.33 23.10 -10.92
N ILE H 143 33.76 22.66 -12.10
CA ILE H 143 33.46 23.33 -13.35
C ILE H 143 33.08 22.27 -14.38
N GLY H 144 32.53 22.73 -15.51
CA GLY H 144 32.27 21.89 -16.65
C GLY H 144 33.03 22.38 -17.88
N VAL H 145 32.80 21.67 -18.99
CA VAL H 145 33.50 22.00 -20.23
C VAL H 145 33.10 23.39 -20.72
N GLY H 146 34.06 24.07 -21.32
CA GLY H 146 33.79 25.37 -21.92
C GLY H 146 33.32 26.44 -20.95
N GLN H 147 33.79 26.38 -19.70
CA GLN H 147 33.40 27.36 -18.71
C GLN H 147 34.60 28.17 -18.23
N MET H 148 35.38 28.71 -19.19
CA MET H 148 36.59 29.44 -18.84
C MET H 148 36.28 30.67 -17.99
N ASP H 149 35.15 31.33 -18.24
CA ASP H 149 34.77 32.48 -17.41
C ASP H 149 34.61 32.07 -15.95
N ARG H 150 33.99 30.91 -15.71
CA ARG H 150 33.85 30.42 -14.35
C ARG H 150 35.22 30.15 -13.72
N VAL H 151 36.15 29.58 -14.50
CA VAL H 151 37.49 29.32 -13.98
C VAL H 151 38.18 30.63 -13.59
N ASP H 152 38.12 31.63 -14.48
CA ASP H 152 38.74 32.92 -14.21
C ASP H 152 38.30 33.47 -12.86
N ALA H 153 37.00 33.44 -12.58
CA ALA H 153 36.49 34.04 -11.35
C ALA H 153 36.90 33.23 -10.12
N LEU H 154 36.92 31.90 -10.23
CA LEU H 154 37.30 31.08 -9.08
C LEU H 154 38.79 31.18 -8.78
N VAL H 155 39.63 31.30 -9.80
CA VAL H 155 41.04 31.56 -9.58
C VAL H 155 41.22 32.90 -8.86
N GLU H 156 40.52 33.94 -9.34
CA GLU H 156 40.60 35.24 -8.71
C GLU H 156 40.06 35.21 -7.28
N ALA H 157 39.10 34.33 -7.01
CA ALA H 157 38.58 34.19 -5.65
C ALA H 157 39.51 33.39 -4.76
N GLY H 158 40.62 32.88 -5.29
CA GLY H 158 41.56 32.13 -4.48
C GLY H 158 41.25 30.65 -4.38
N VAL H 159 40.61 30.06 -5.39
CA VAL H 159 40.36 28.63 -5.39
C VAL H 159 41.69 27.90 -5.23
N ASP H 160 41.68 26.79 -4.49
CA ASP H 160 42.87 25.98 -4.34
C ASP H 160 42.96 24.89 -5.40
N VAL H 161 41.82 24.40 -5.88
CA VAL H 161 41.82 23.36 -6.90
C VAL H 161 40.50 23.43 -7.67
N VAL H 162 40.58 23.34 -8.99
CA VAL H 162 39.42 23.30 -9.85
C VAL H 162 39.15 21.85 -10.24
N VAL H 163 37.92 21.40 -10.05
CA VAL H 163 37.53 20.02 -10.31
C VAL H 163 36.69 20.02 -11.59
N LEU H 164 37.29 19.57 -12.69
CA LEU H 164 36.61 19.53 -13.98
C LEU H 164 35.78 18.25 -14.05
N ASP H 165 34.45 18.40 -13.94
CA ASP H 165 33.55 17.28 -13.78
C ASP H 165 32.73 17.06 -15.05
N SER H 166 32.64 15.80 -15.47
CA SER H 166 31.81 15.42 -16.62
C SER H 166 31.35 13.99 -16.44
N ALA H 167 30.22 13.65 -17.07
CA ALA H 167 29.76 12.27 -17.08
C ALA H 167 30.78 11.36 -17.77
N HIS H 168 31.50 11.88 -18.75
CA HIS H 168 32.47 11.11 -19.55
C HIS H 168 33.77 11.90 -19.64
N GLY H 169 34.69 11.62 -18.71
CA GLY H 169 35.96 12.33 -18.72
C GLY H 169 36.84 12.01 -19.91
N HIS H 170 36.69 10.80 -20.47
CA HIS H 170 37.51 10.36 -21.60
C HIS H 170 36.92 10.87 -22.92
N SER H 171 36.84 12.19 -23.02
CA SER H 171 36.16 12.82 -24.15
C SER H 171 36.98 13.99 -24.67
N LYS H 172 36.80 14.30 -25.95
CA LYS H 172 37.51 15.41 -26.58
C LYS H 172 37.26 16.72 -25.84
N GLY H 173 36.01 16.97 -25.47
CA GLY H 173 35.68 18.21 -24.78
C GLY H 173 36.46 18.40 -23.49
N ILE H 174 36.54 17.34 -22.69
CA ILE H 174 37.24 17.43 -21.41
C ILE H 174 38.74 17.60 -21.62
N ILE H 175 39.31 16.84 -22.55
CA ILE H 175 40.75 16.91 -22.79
C ILE H 175 41.13 18.29 -23.32
N ASP H 176 40.32 18.85 -24.21
CA ASP H 176 40.59 20.19 -24.72
C ASP H 176 40.48 21.23 -23.62
N THR H 177 39.49 21.07 -22.72
CA THR H 177 39.37 21.98 -21.60
C THR H 177 40.54 21.83 -20.63
N VAL H 178 41.06 20.61 -20.47
CA VAL H 178 42.25 20.41 -19.64
C VAL H 178 43.43 21.19 -20.21
N LYS H 179 43.69 21.02 -21.51
CA LYS H 179 44.82 21.70 -22.14
C LYS H 179 44.71 23.21 -22.01
N ALA H 180 43.49 23.75 -22.22
CA ALA H 180 43.33 25.21 -22.20
C ALA H 180 43.50 25.77 -20.80
N ILE H 181 43.00 25.08 -19.78
CA ILE H 181 43.13 25.57 -18.42
C ILE H 181 44.59 25.55 -17.99
N LYS H 182 45.31 24.48 -18.35
CA LYS H 182 46.72 24.39 -17.99
C LYS H 182 47.57 25.38 -18.79
N ALA H 183 47.15 25.70 -20.01
CA ALA H 183 47.82 26.75 -20.78
C ALA H 183 47.65 28.10 -20.10
N LYS H 184 46.43 28.41 -19.64
CA LYS H 184 46.16 29.72 -19.07
C LYS H 184 46.66 29.84 -17.65
N TYR H 185 46.48 28.80 -16.83
CA TYR H 185 46.83 28.83 -15.41
C TYR H 185 47.79 27.68 -15.13
N PRO H 186 49.08 27.84 -15.44
CA PRO H 186 50.02 26.72 -15.29
C PRO H 186 50.16 26.22 -13.87
N ASN H 187 49.94 27.07 -12.87
CA ASN H 187 50.13 26.72 -11.47
C ASN H 187 48.82 26.41 -10.75
N LEU H 188 47.72 26.29 -11.48
CA LEU H 188 46.43 25.94 -10.88
C LEU H 188 46.26 24.42 -10.94
N ASP H 189 46.11 23.80 -9.77
CA ASP H 189 45.89 22.37 -9.72
C ASP H 189 44.53 22.03 -10.33
N LEU H 190 44.51 20.99 -11.16
CA LEU H 190 43.33 20.63 -11.93
C LEU H 190 43.02 19.15 -11.73
N ILE H 191 41.82 18.86 -11.25
CA ILE H 191 41.29 17.50 -11.17
C ILE H 191 40.29 17.32 -12.30
N ALA H 192 40.34 16.16 -12.96
CA ALA H 192 39.44 15.88 -14.07
C ALA H 192 38.85 14.48 -13.94
N GLY H 193 37.62 14.33 -14.42
CA GLY H 193 36.95 13.05 -14.36
C GLY H 193 35.54 13.16 -14.92
N ASN H 194 34.76 12.09 -14.79
CA ASN H 194 35.25 10.83 -14.26
C ASN H 194 35.57 9.82 -15.35
N ILE H 195 36.49 8.91 -15.05
CA ILE H 195 36.96 7.90 -15.99
C ILE H 195 36.85 6.54 -15.31
N ALA H 196 37.07 5.48 -16.10
CA ALA H 196 37.08 4.14 -15.53
C ALA H 196 37.99 3.17 -16.29
N THR H 197 38.90 3.66 -17.13
CA THR H 197 39.81 2.79 -17.86
C THR H 197 41.22 3.36 -17.84
N ALA H 198 42.20 2.48 -17.97
CA ALA H 198 43.60 2.88 -18.05
C ALA H 198 43.83 3.84 -19.22
N ALA H 199 43.24 3.52 -20.38
CA ALA H 199 43.38 4.38 -21.55
C ALA H 199 42.89 5.79 -21.26
N ALA H 200 41.79 5.91 -20.51
CA ALA H 200 41.29 7.22 -20.12
C ALA H 200 42.24 7.91 -19.15
N ALA H 201 42.83 7.15 -18.23
CA ALA H 201 43.79 7.72 -17.29
C ALA H 201 45.01 8.27 -18.04
N LYS H 202 45.47 7.54 -19.05
CA LYS H 202 46.65 7.98 -19.80
C LYS H 202 46.35 9.24 -20.60
N ALA H 203 45.15 9.34 -21.17
CA ALA H 203 44.80 10.51 -21.97
C ALA H 203 44.72 11.76 -21.11
N LEU H 204 44.19 11.63 -19.88
CA LEU H 204 44.06 12.81 -19.03
C LEU H 204 45.41 13.21 -18.45
N CYS H 205 46.25 12.25 -18.10
CA CYS H 205 47.59 12.57 -17.60
C CYS H 205 48.43 13.26 -18.68
N GLU H 206 48.38 12.75 -19.91
CA GLU H 206 49.10 13.40 -21.00
C GLU H 206 48.56 14.79 -21.28
N ALA H 207 47.26 15.00 -21.05
CA ALA H 207 46.68 16.33 -21.22
C ALA H 207 47.09 17.29 -20.11
N GLY H 208 47.64 16.79 -19.01
CA GLY H 208 48.25 17.62 -17.99
C GLY H 208 47.54 17.70 -16.65
N VAL H 209 46.57 16.81 -16.38
CA VAL H 209 45.83 16.90 -15.12
C VAL H 209 46.78 16.63 -13.95
N ASP H 210 46.38 17.12 -12.77
CA ASP H 210 47.11 16.88 -11.53
C ASP H 210 46.49 15.78 -10.68
N ALA H 211 45.29 15.32 -11.04
CA ALA H 211 44.66 14.15 -10.44
C ALA H 211 43.50 13.74 -11.33
N VAL H 212 43.25 12.44 -11.39
CA VAL H 212 42.11 11.89 -12.11
C VAL H 212 41.10 11.38 -11.09
N LYS H 213 39.82 11.54 -11.41
CA LYS H 213 38.74 11.08 -10.57
C LYS H 213 38.08 9.88 -11.24
N VAL H 214 37.99 8.77 -10.52
CA VAL H 214 37.60 7.48 -11.08
C VAL H 214 36.22 7.13 -10.55
N GLY H 215 35.31 6.80 -11.47
CA GLY H 215 33.98 6.37 -11.10
C GLY H 215 32.94 6.61 -12.18
N ILE H 216 32.55 5.54 -12.88
CA ILE H 216 31.44 5.59 -13.84
C ILE H 216 30.40 4.60 -13.37
N GLY H 217 29.33 5.10 -12.76
CA GLY H 217 28.26 4.24 -12.33
C GLY H 217 28.14 3.81 -10.87
N PRO H 218 29.19 3.94 -10.03
CA PRO H 218 29.08 3.34 -8.69
C PRO H 218 28.25 4.15 -7.72
N GLY H 219 27.92 5.40 -8.04
CA GLY H 219 27.28 6.27 -7.06
C GLY H 219 25.95 5.71 -6.58
N SER H 220 25.66 5.95 -5.30
CA SER H 220 24.41 5.48 -4.71
C SER H 220 23.19 5.98 -5.47
N ILE H 221 23.24 7.21 -5.98
CA ILE H 221 22.12 7.82 -6.67
C ILE H 221 22.24 7.69 -8.18
N CYS H 222 23.23 6.95 -8.67
CA CYS H 222 23.56 6.92 -10.09
C CYS H 222 22.81 5.81 -10.81
N THR H 223 22.27 6.13 -11.98
CA THR H 223 21.62 5.14 -12.83
C THR H 223 22.32 4.98 -14.18
N THR H 224 23.50 5.57 -14.34
CA THR H 224 24.20 5.55 -15.63
C THR H 224 24.33 4.12 -16.17
N ARG H 225 24.76 3.19 -15.31
CA ARG H 225 24.97 1.82 -15.76
C ARG H 225 23.66 1.17 -16.20
N ILE H 226 22.54 1.56 -15.60
CA ILE H 226 21.25 0.98 -15.97
C ILE H 226 20.70 1.65 -17.21
N VAL H 227 20.78 2.98 -17.27
CA VAL H 227 20.19 3.74 -18.36
C VAL H 227 21.01 3.59 -19.64
N SER H 228 22.33 3.50 -19.51
CA SER H 228 23.22 3.45 -20.65
C SER H 228 23.93 2.12 -20.83
N GLY H 229 23.92 1.23 -19.84
CA GLY H 229 24.67 -0.01 -19.95
C GLY H 229 26.17 0.14 -19.83
N VAL H 230 26.66 1.32 -19.47
CA VAL H 230 28.09 1.62 -19.47
C VAL H 230 28.56 1.78 -18.03
N GLY H 231 29.66 1.11 -17.69
CA GLY H 231 30.25 1.27 -16.38
C GLY H 231 31.31 0.22 -16.14
N VAL H 232 32.09 0.45 -15.08
CA VAL H 232 33.09 -0.50 -14.60
C VAL H 232 32.98 -0.62 -13.09
N PRO H 233 32.78 -1.82 -12.54
CA PRO H 233 32.77 -1.99 -11.09
C PRO H 233 33.98 -1.32 -10.44
N GLN H 234 33.72 -0.62 -9.33
CA GLN H 234 34.61 0.44 -8.88
C GLN H 234 35.97 -0.07 -8.45
N ILE H 235 36.05 -1.26 -7.86
CA ILE H 235 37.35 -1.77 -7.42
C ILE H 235 38.25 -2.04 -8.61
N SER H 236 37.71 -2.67 -9.66
CA SER H 236 38.50 -2.92 -10.86
C SER H 236 38.84 -1.61 -11.57
N ALA H 237 37.94 -0.64 -11.53
CA ALA H 237 38.18 0.65 -12.16
C ALA H 237 39.34 1.38 -11.49
N ILE H 238 39.31 1.46 -10.15
CA ILE H 238 40.42 2.06 -9.40
C ILE H 238 41.72 1.36 -9.75
N ASP H 239 41.74 0.04 -9.62
CA ASP H 239 42.94 -0.76 -9.85
C ASP H 239 43.53 -0.47 -11.24
N GLU H 240 42.68 -0.51 -12.26
CA GLU H 240 43.14 -0.27 -13.64
C GLU H 240 43.70 1.14 -13.79
N CYS H 241 43.01 2.13 -13.21
CA CYS H 241 43.42 3.52 -13.41
C CYS H 241 44.64 3.88 -12.56
N VAL H 242 44.74 3.33 -11.35
CA VAL H 242 45.92 3.57 -10.51
C VAL H 242 47.18 3.11 -11.23
N GLU H 243 47.14 1.89 -11.78
CA GLU H 243 48.32 1.33 -12.45
C GLU H 243 48.80 2.23 -13.58
N GLU H 244 47.87 2.86 -14.30
CA GLU H 244 48.27 3.76 -15.38
C GLU H 244 48.72 5.11 -14.85
N ALA H 245 47.92 5.72 -13.97
CA ALA H 245 48.22 7.07 -13.50
C ALA H 245 49.50 7.12 -12.67
N ASN H 246 49.86 6.00 -12.03
CA ASN H 246 51.14 5.95 -11.31
C ASN H 246 52.31 6.17 -12.24
N LYS H 247 52.18 5.80 -13.51
CA LYS H 247 53.25 6.02 -14.48
C LYS H 247 53.52 7.50 -14.72
N PHE H 248 52.56 8.36 -14.40
CA PHE H 248 52.74 9.81 -14.52
C PHE H 248 52.89 10.49 -13.16
N GLY H 249 52.90 9.72 -12.08
CA GLY H 249 52.93 10.30 -10.75
C GLY H 249 51.69 11.08 -10.38
N VAL H 250 50.55 10.72 -10.94
CA VAL H 250 49.31 11.48 -10.80
C VAL H 250 48.37 10.71 -9.87
N PRO H 251 47.86 11.34 -8.81
CA PRO H 251 46.99 10.61 -7.87
C PRO H 251 45.63 10.29 -8.48
N VAL H 252 44.97 9.29 -7.88
CA VAL H 252 43.65 8.84 -8.29
C VAL H 252 42.68 9.09 -7.14
N ILE H 253 41.55 9.71 -7.44
CA ILE H 253 40.47 9.92 -6.47
C ILE H 253 39.38 8.90 -6.76
N ALA H 254 39.04 8.10 -5.74
CA ALA H 254 38.01 7.09 -5.86
C ALA H 254 36.66 7.72 -5.53
N ASP H 255 35.79 7.85 -6.53
CA ASP H 255 34.58 8.65 -6.43
C ASP H 255 33.34 7.76 -6.57
N GLY H 256 32.64 7.54 -5.47
CA GLY H 256 31.32 6.96 -5.50
C GLY H 256 31.32 5.51 -5.02
N GLY H 257 30.15 5.08 -4.56
CA GLY H 257 29.96 3.70 -4.16
C GLY H 257 30.42 3.36 -2.77
N ILE H 258 31.01 4.29 -2.05
CA ILE H 258 31.43 4.06 -0.67
C ILE H 258 30.19 3.92 0.19
N LYS H 259 29.97 2.73 0.76
CA LYS H 259 28.83 2.49 1.62
C LYS H 259 29.21 2.47 3.10
N TYR H 260 30.37 1.91 3.42
CA TYR H 260 30.83 1.78 4.79
C TYR H 260 32.27 2.24 4.88
N SER H 261 32.75 2.44 6.12
CA SER H 261 34.15 2.81 6.31
C SER H 261 35.09 1.79 5.72
N GLY H 262 34.70 0.50 5.73
CA GLY H 262 35.54 -0.53 5.15
C GLY H 262 35.80 -0.33 3.67
N ASP H 263 34.83 0.23 2.94
CA ASP H 263 35.03 0.50 1.53
C ASP H 263 36.12 1.54 1.31
N ILE H 264 36.20 2.53 2.21
CA ILE H 264 37.27 3.52 2.13
C ILE H 264 38.63 2.84 2.22
N ALA H 265 38.77 1.92 3.17
CA ALA H 265 40.04 1.23 3.36
C ALA H 265 40.39 0.38 2.15
N LYS H 266 39.40 -0.31 1.56
CA LYS H 266 39.65 -1.10 0.37
C LYS H 266 40.09 -0.22 -0.79
N ALA H 267 39.43 0.93 -0.96
CA ALA H 267 39.75 1.83 -2.08
C ALA H 267 41.17 2.35 -1.96
N LEU H 268 41.60 2.73 -0.76
CA LEU H 268 42.96 3.21 -0.57
C LEU H 268 43.95 2.06 -0.70
N ALA H 269 43.61 0.88 -0.20
CA ALA H 269 44.51 -0.26 -0.29
C ALA H 269 44.79 -0.64 -1.75
N VAL H 270 43.78 -0.51 -2.60
CA VAL H 270 43.95 -0.83 -4.02
C VAL H 270 44.89 0.17 -4.69
N GLY H 271 44.95 1.40 -4.21
CA GLY H 271 45.90 2.35 -4.74
C GLY H 271 45.37 3.76 -4.91
N ALA H 272 44.10 3.98 -4.58
CA ALA H 272 43.57 5.34 -4.59
C ALA H 272 44.29 6.18 -3.55
N SER H 273 44.47 7.46 -3.87
CA SER H 273 45.07 8.39 -2.94
C SER H 273 44.04 9.06 -2.04
N SER H 274 42.80 9.20 -2.51
CA SER H 274 41.75 9.80 -1.70
C SER H 274 40.41 9.24 -2.16
N VAL H 275 39.37 9.54 -1.38
CA VAL H 275 38.04 8.99 -1.60
C VAL H 275 37.03 10.13 -1.54
N MET H 276 36.18 10.22 -2.56
CA MET H 276 35.11 11.21 -2.59
C MET H 276 33.80 10.55 -2.20
N ILE H 277 33.06 11.18 -1.30
CA ILE H 277 31.89 10.57 -0.66
C ILE H 277 30.70 11.50 -0.82
N GLY H 278 29.56 10.95 -1.24
CA GLY H 278 28.34 11.73 -1.36
C GLY H 278 27.29 11.37 -0.33
N SER H 279 26.73 10.17 -0.43
CA SER H 279 25.55 9.80 0.37
C SER H 279 25.85 9.81 1.86
N LEU H 280 27.06 9.43 2.27
CA LEU H 280 27.36 9.34 3.70
C LEU H 280 27.42 10.70 4.39
N LEU H 281 27.48 11.79 3.62
CA LEU H 281 27.55 13.13 4.19
C LEU H 281 26.32 13.98 3.91
N ALA H 282 25.36 13.45 3.16
CA ALA H 282 24.19 14.24 2.75
C ALA H 282 23.20 14.46 3.88
N GLY H 283 23.23 13.62 4.92
CA GLY H 283 22.27 13.74 6.00
C GLY H 283 22.84 14.42 7.23
N THR H 284 23.89 15.22 7.05
CA THR H 284 24.54 15.89 8.15
C THR H 284 23.98 17.30 8.36
N ASP H 285 24.34 17.90 9.48
CA ASP H 285 23.97 19.29 9.73
C ASP H 285 24.50 20.20 8.62
N GLU H 286 25.74 19.97 8.20
CA GLU H 286 26.48 20.95 7.40
C GLU H 286 26.13 20.90 5.92
N SER H 287 25.50 19.84 5.43
CA SER H 287 25.12 19.80 4.03
C SER H 287 23.95 20.76 3.78
N PRO H 288 23.80 21.26 2.55
CA PRO H 288 22.69 22.18 2.27
C PRO H 288 21.36 21.45 2.33
N GLY H 289 20.29 22.24 2.36
CA GLY H 289 18.98 21.64 2.51
C GLY H 289 18.56 21.54 3.96
N GLU H 290 17.25 21.53 4.18
CA GLU H 290 16.69 21.50 5.51
C GLU H 290 16.33 20.07 5.91
N LEU H 291 16.30 19.84 7.21
CA LEU H 291 15.74 18.61 7.75
C LEU H 291 14.25 18.53 7.44
N PHE H 292 13.75 17.30 7.30
CA PHE H 292 12.31 17.10 7.26
C PHE H 292 11.98 15.77 7.90
N THR H 293 10.73 15.64 8.34
CA THR H 293 10.26 14.47 9.08
C THR H 293 9.41 13.59 8.18
N TYR H 294 9.65 12.28 8.24
CA TYR H 294 8.83 11.30 7.55
C TYR H 294 8.60 10.12 8.49
N GLN H 295 7.33 9.90 8.85
CA GLN H 295 6.91 8.81 9.71
C GLN H 295 7.79 8.71 10.96
N GLY H 296 7.88 9.83 11.67
CA GLY H 296 8.51 9.88 12.97
C GLY H 296 10.01 10.08 12.99
N ARG H 297 10.67 10.06 11.83
CA ARG H 297 12.12 10.18 11.75
C ARG H 297 12.51 11.30 10.78
N GLN H 298 13.73 11.78 10.94
CA GLN H 298 14.22 12.95 10.20
C GLN H 298 15.10 12.53 9.05
N TYR H 299 15.01 13.28 7.95
CA TYR H 299 15.76 12.98 6.73
C TYR H 299 16.22 14.30 6.11
N LYS H 300 17.12 14.16 5.14
CA LYS H 300 17.49 15.26 4.24
C LYS H 300 17.43 14.77 2.81
N SER H 301 17.19 15.69 1.89
CA SER H 301 17.18 15.34 0.48
C SER H 301 18.59 14.97 0.01
N TYR H 302 18.65 14.01 -0.90
CA TYR H 302 19.90 13.64 -1.56
C TYR H 302 19.56 13.21 -2.97
N ARG H 303 20.17 13.85 -3.97
CA ARG H 303 19.83 13.62 -5.35
C ARG H 303 21.09 13.68 -6.20
N GLY H 304 21.06 12.95 -7.31
CA GLY H 304 22.13 13.03 -8.27
C GLY H 304 22.10 14.34 -9.03
N MET H 305 23.28 14.77 -9.46
CA MET H 305 23.38 15.99 -10.26
C MET H 305 22.88 15.77 -11.68
N GLY H 306 22.72 14.53 -12.10
CA GLY H 306 22.07 14.17 -13.33
C GLY H 306 20.62 13.78 -13.18
N SER H 307 20.02 14.03 -12.02
CA SER H 307 18.59 13.79 -11.85
C SER H 307 17.78 14.97 -12.37
N LEU H 308 16.49 14.74 -12.58
CA LEU H 308 15.62 15.78 -13.14
C LEU H 308 15.62 17.02 -12.26
N GLY H 309 15.44 16.84 -10.95
CA GLY H 309 15.29 18.00 -10.07
C GLY H 309 16.54 18.87 -10.04
N ALA H 310 17.72 18.26 -10.04
CA ALA H 310 18.96 19.03 -10.04
C ALA H 310 19.16 19.76 -11.36
N MET H 311 18.81 19.13 -12.48
CA MET H 311 19.00 19.73 -13.78
C MET H 311 17.99 20.83 -14.09
N GLN H 312 16.89 20.90 -13.35
CA GLN H 312 15.85 21.90 -13.61
C GLN H 312 15.97 23.08 -12.66
N LYS H 328 13.32 17.22 -24.07
CA LYS H 328 13.02 16.67 -22.74
C LYS H 328 14.23 15.86 -22.24
N LEU H 329 14.52 16.01 -20.96
CA LEU H 329 15.75 15.49 -20.38
C LEU H 329 15.69 13.97 -20.19
N VAL H 330 16.83 13.33 -20.35
CA VAL H 330 17.01 11.91 -20.07
C VAL H 330 18.01 11.77 -18.93
N PRO H 331 17.54 11.61 -17.70
CA PRO H 331 18.42 11.69 -16.54
C PRO H 331 19.29 10.45 -16.37
N GLU H 332 20.29 10.59 -15.50
CA GLU H 332 21.17 9.49 -15.13
C GLU H 332 21.40 9.48 -13.63
N GLY H 333 20.42 9.98 -12.88
CA GLY H 333 20.42 9.91 -11.43
C GLY H 333 19.00 10.02 -10.92
N ILE H 334 18.83 9.77 -9.62
CA ILE H 334 17.52 9.83 -8.99
C ILE H 334 17.53 10.90 -7.91
N GLU H 335 16.33 11.27 -7.47
CA GLU H 335 16.13 12.15 -6.33
C GLU H 335 15.61 11.33 -5.17
N GLY H 336 16.30 11.39 -4.04
CA GLY H 336 15.90 10.61 -2.88
C GLY H 336 16.12 11.31 -1.56
N ARG H 337 16.27 10.51 -0.50
CA ARG H 337 16.47 11.04 0.85
C ARG H 337 17.33 10.07 1.64
N VAL H 338 18.06 10.60 2.61
CA VAL H 338 18.89 9.78 3.49
C VAL H 338 18.55 10.16 4.93
N PRO H 339 18.81 9.25 5.88
CA PRO H 339 18.55 9.57 7.29
C PRO H 339 19.44 10.70 7.77
N TYR H 340 18.87 11.54 8.65
CA TYR H 340 19.66 12.52 9.38
C TYR H 340 20.64 11.81 10.30
N VAL H 341 21.93 12.16 10.20
CA VAL H 341 22.98 11.47 10.92
C VAL H 341 23.77 12.40 11.84
N GLY H 342 23.35 13.65 11.99
CA GLY H 342 24.01 14.55 12.91
C GLY H 342 25.13 15.35 12.28
N SER H 343 26.22 15.55 13.03
CA SER H 343 27.31 16.41 12.57
C SER H 343 28.21 15.67 11.61
N ILE H 344 28.73 16.41 10.62
CA ILE H 344 29.79 15.89 9.75
C ILE H 344 30.96 15.40 10.57
N ARG H 345 31.27 16.09 11.67
CA ARG H 345 32.40 15.71 12.51
C ARG H 345 32.24 14.29 13.04
N SER H 346 31.04 13.94 13.51
CA SER H 346 30.82 12.60 14.04
C SER H 346 30.86 11.54 12.93
N VAL H 347 30.39 11.89 11.74
CA VAL H 347 30.45 10.94 10.62
C VAL H 347 31.90 10.67 10.24
N VAL H 348 32.69 11.73 10.12
CA VAL H 348 34.09 11.58 9.71
C VAL H 348 34.88 10.82 10.75
N HIS H 349 34.56 11.02 12.03
CA HIS H 349 35.28 10.30 13.09
C HIS H 349 35.08 8.79 12.96
N GLN H 350 33.87 8.36 12.64
CA GLN H 350 33.62 6.93 12.48
C GLN H 350 34.31 6.39 11.24
N LEU H 351 34.18 7.09 10.11
CA LEU H 351 34.80 6.63 8.87
C LEU H 351 36.31 6.53 9.01
N LEU H 352 36.95 7.56 9.57
CA LEU H 352 38.39 7.52 9.77
C LEU H 352 38.77 6.47 10.82
N GLY H 353 37.91 6.23 11.80
CA GLY H 353 38.19 5.19 12.78
C GLY H 353 38.27 3.81 12.16
N GLY H 354 37.34 3.50 11.24
CA GLY H 354 37.40 2.24 10.55
C GLY H 354 38.64 2.09 9.68
N LEU H 355 39.01 3.17 8.97
CA LEU H 355 40.23 3.16 8.20
C LEU H 355 41.44 2.87 9.08
N ARG H 356 41.53 3.56 10.22
CA ARG H 356 42.63 3.32 11.15
C ARG H 356 42.66 1.87 11.63
N SER H 357 41.49 1.33 11.99
CA SER H 357 41.43 -0.07 12.39
C SER H 357 41.90 -0.98 11.27
N SER H 358 41.58 -0.62 10.02
CA SER H 358 42.00 -1.44 8.88
C SER H 358 43.51 -1.46 8.73
N MET H 359 44.15 -0.29 8.82
CA MET H 359 45.60 -0.24 8.69
C MET H 359 46.30 -0.96 9.84
N GLY H 360 45.72 -0.91 11.04
CA GLY H 360 46.23 -1.73 12.11
C GLY H 360 46.16 -3.22 11.80
N TYR H 361 45.04 -3.65 11.22
CA TYR H 361 44.89 -5.06 10.85
C TYR H 361 45.92 -5.47 9.81
N VAL H 362 46.25 -4.57 8.88
CA VAL H 362 47.19 -4.89 7.82
C VAL H 362 48.63 -4.70 8.27
N GLY H 363 48.86 -3.89 9.30
CA GLY H 363 50.19 -3.67 9.80
C GLY H 363 50.87 -2.43 9.24
N ALA H 364 50.12 -1.49 8.71
CA ALA H 364 50.66 -0.36 7.99
C ALA H 364 50.69 0.88 8.88
N LYS H 365 51.83 1.58 8.88
CA LYS H 365 51.95 2.80 9.65
C LYS H 365 51.43 4.03 8.91
N ASP H 366 51.28 3.96 7.58
CA ASP H 366 50.70 5.05 6.82
C ASP H 366 50.11 4.49 5.52
N ILE H 367 49.54 5.39 4.72
CA ILE H 367 48.82 4.99 3.51
C ILE H 367 49.76 4.32 2.52
N GLU H 368 50.93 4.92 2.30
CA GLU H 368 51.87 4.38 1.33
C GLU H 368 52.27 2.94 1.68
N ASP H 369 52.50 2.68 2.98
CA ASP H 369 52.78 1.32 3.44
C ASP H 369 51.57 0.43 3.28
N PHE H 370 50.37 0.97 3.57
CA PHE H 370 49.12 0.25 3.39
C PHE H 370 49.02 -0.36 1.99
N GLN H 371 49.25 0.46 0.96
CA GLN H 371 49.08 0.01 -0.42
C GLN H 371 50.13 -1.03 -0.80
N LYS H 372 51.31 -1.01 -0.17
CA LYS H 372 52.34 -1.99 -0.51
C LYS H 372 52.16 -3.30 0.23
N ARG H 373 51.60 -3.27 1.44
CA ARG H 373 51.42 -4.50 2.20
C ARG H 373 50.13 -5.24 1.84
N ALA H 374 49.11 -4.51 1.42
CA ALA H 374 47.76 -5.04 1.40
C ALA H 374 47.61 -6.18 0.40
N GLU H 375 46.97 -7.25 0.85
CA GLU H 375 46.58 -8.37 0.00
C GLU H 375 45.11 -8.67 0.20
N PHE H 376 44.47 -9.12 -0.88
CA PHE H 376 43.03 -9.33 -0.90
C PHE H 376 42.69 -10.79 -1.11
N VAL H 377 41.53 -11.19 -0.60
CA VAL H 377 40.87 -12.42 -1.02
C VAL H 377 39.58 -12.01 -1.73
N GLU H 378 39.25 -12.73 -2.79
CA GLU H 378 37.93 -12.62 -3.42
C GLU H 378 36.97 -13.53 -2.67
N ILE H 379 35.75 -13.05 -2.46
CA ILE H 379 34.76 -13.77 -1.67
C ILE H 379 33.54 -14.07 -2.53
N THR H 380 32.64 -14.87 -1.97
CA THR H 380 31.39 -15.25 -2.61
C THR H 380 30.22 -14.53 -1.95
N THR H 381 29.05 -14.63 -2.59
CA THR H 381 27.84 -14.05 -2.03
C THR H 381 27.59 -14.55 -0.61
N ALA H 382 27.81 -15.85 -0.37
CA ALA H 382 27.65 -16.39 0.97
C ALA H 382 28.70 -15.84 1.93
N GLY H 383 29.89 -15.51 1.43
CA GLY H 383 30.90 -14.89 2.26
C GLY H 383 30.53 -13.48 2.67
N LEU H 384 29.82 -12.75 1.80
CA LEU H 384 29.36 -11.41 2.14
C LEU H 384 28.26 -11.46 3.19
N LYS H 385 27.36 -12.44 3.10
CA LYS H 385 26.36 -12.63 4.15
C LYS H 385 27.02 -12.95 5.48
N GLU H 386 28.11 -13.73 5.45
CA GLU H 386 28.86 -14.01 6.67
C GLU H 386 29.55 -12.77 7.21
N SER H 387 29.95 -11.86 6.32
CA SER H 387 30.69 -10.68 6.74
C SER H 387 29.80 -9.65 7.42
N HIS H 388 28.57 -9.51 6.95
CA HIS H 388 27.60 -8.64 7.62
C HIS H 388 27.11 -9.32 8.89
N VAL H 389 26.24 -8.61 9.61
CA VAL H 389 25.54 -9.21 10.74
C VAL H 389 24.49 -10.18 10.22
N HIS H 390 24.47 -11.38 10.80
CA HIS H 390 23.56 -12.42 10.32
C HIS H 390 22.96 -13.19 11.48
N ASP H 391 21.73 -13.66 11.29
CA ASP H 391 20.99 -14.52 12.21
C ASP H 391 20.70 -13.86 13.56
N VAL H 392 20.94 -12.56 13.68
CA VAL H 392 20.73 -11.83 14.93
C VAL H 392 20.00 -10.54 14.64
N THR H 393 18.94 -10.25 15.40
CA THR H 393 18.19 -9.01 15.25
C THR H 393 18.90 -7.89 16.00
N ILE H 394 19.20 -6.79 15.30
CA ILE H 394 19.87 -5.66 15.92
C ILE H 394 18.86 -4.86 16.73
N THR H 395 19.26 -4.45 17.93
CA THR H 395 18.40 -3.71 18.85
C THR H 395 18.79 -2.25 19.01
N HIS H 396 20.07 -1.93 18.91
CA HIS H 396 20.57 -0.58 19.12
C HIS H 396 21.20 -0.06 17.84
N GLU H 397 21.29 1.26 17.74
CA GLU H 397 21.85 1.90 16.55
C GLU H 397 23.38 1.96 16.70
N ALA H 398 24.07 1.22 15.85
CA ALA H 398 25.52 1.34 15.81
C ALA H 398 25.93 2.57 15.01
N PRO H 399 26.95 3.31 15.45
CA PRO H 399 27.32 4.54 14.74
C PRO H 399 27.98 4.30 13.39
N ASN H 400 28.54 3.12 13.15
CA ASN H 400 29.23 2.83 11.91
C ASN H 400 28.62 1.66 11.14
N TYR H 401 27.42 1.22 11.50
CA TYR H 401 26.79 0.09 10.82
C TYR H 401 25.28 0.25 10.90
N LYS H 402 24.63 0.32 9.75
CA LYS H 402 23.19 0.53 9.69
C LYS H 402 22.55 -0.45 8.70
#